data_7M05
#
_entry.id   7M05
#
_cell.length_a   1.00
_cell.length_b   1.00
_cell.length_c   1.00
_cell.angle_alpha   90.00
_cell.angle_beta   90.00
_cell.angle_gamma   90.00
#
_symmetry.space_group_name_H-M   'P 1'
#
loop_
_entity.id
_entity.type
_entity.pdbx_description
1 polymer 'Protein arginine N-methyltransferase 5'
2 polymer 'Methylosome protein 50'
3 non-polymer 2-(5-chloro-6-oxopyridazin-1(6H)-yl)-N-(4-methyl-3-{[2-(pyridin-2-yl)ethyl]sulfamoyl}phenyl)acetamide
#
loop_
_entity_poly.entity_id
_entity_poly.type
_entity_poly.pdbx_seq_one_letter_code
_entity_poly.pdbx_strand_id
1 'polypeptide(L)'
;MAAMAVGGAGGSRVSSGRDLNCVPEIADTLGAVAKQGFDFLCMPVFHPRFKREFIQEPAKNRPGPQTRSDLLLSGRDWNT
LIVGKLSPWIRPDSKVEKIRRNSEAAMLQELNFGAYLGLPAFLLPLNQEDNTNLARVLTNHIHTGHHSSMFWMRVPLVAP
EDLRDDIIENAPTTHTEEYSGEEKTWMWWHNFRTLCDYSKRIAVALEIGADLPSNHVIDRWLGEPIKAAILPTSIFLTNK
KGFPVLSKMHQRLIFRLLKLEVQFIITGTNHHSEKEFCSYLQYLEYLSQNRPPPNAYELFAKGYEDYLQSPLQPLMDNLE
SQTYEVFEKDPIKYSQYQQAIYKCLLDRVPEEEKDTNVQVLMVLGAGRGPLVNASLRAAKQADRRIKLYAVEKNPNAVVT
LENWQFEEWGSQVTVVSSDMREWVAPEKADIIVSELLGSFADNELSPECLDGAQHFLKDDGVSIPGEYTSFLAPISSSKL
YNEVRACREKDRDPEAQFEMPYVVRLHNFHQLSAPQPCFTFSHPNRDPMIDNNRYCTLEFPVEVNTVLHGFAGYFETVLY
QDITLSIRPETHSPGMFSWFPILFPIKQPITVREGQTICVRFWRCSNSKKVWYEWAVTAPVCSAIHNPTGRSYTIGL
;
A,C,E,G
2 'polypeptide(L)'
;PRKETPPPLVPPAAREWNLPPNAPACMERQLEAARYRSDGALLLGASSLSGRCWAGSLWLFKDPCAAPNEGFCSAGVQTE
AGVADLTWVGERGILVASDSGAVELWELDENETLIVSKFCKYEHDDIVSTVSVLSSGTQAVSGSKDICIKVWDLAQQVVL
SSYRAHAAQVTCVAASPHKDSVFLSCSEDNRILLWDTRCPKPASQIGCSAPGYLPTSLAWHPQQSEVFVFGDENGTVSLV
DTKSTSCVLSSAVHSQCVTGLVFSPHSVPFLASLSEDCSLAVLDSSLSELFRSQAHRDFVRDATWSPLNHSLLTTVGWDH
QVVHHVVPTEPLPAPGPASVTE
;
B,D,F,H
#
loop_
_chem_comp.id
_chem_comp.type
_chem_comp.name
_chem_comp.formula
YJG non-polymer 2-(5-chloro-6-oxopyridazin-1(6H)-yl)-N-(4-methyl-3-{[2-(pyridin-2-yl)ethyl]sulfamoyl}phenyl)acetamide 'C20 H20 Cl N5 O4 S'
#
# COMPACT_ATOMS: atom_id res chain seq x y z
N ARG A 13 -30.21 6.72 32.88
CA ARG A 13 -31.23 5.65 33.04
C ARG A 13 -31.10 4.68 31.89
N VAL A 14 -32.05 3.77 31.78
CA VAL A 14 -32.10 2.87 30.64
C VAL A 14 -32.96 3.49 29.55
N SER A 15 -32.69 3.07 28.32
CA SER A 15 -33.35 3.62 27.14
C SER A 15 -34.30 2.57 26.56
N SER A 16 -35.44 3.04 26.08
CA SER A 16 -36.45 2.14 25.58
C SER A 16 -37.23 2.84 24.48
N GLY A 17 -37.88 2.03 23.65
CA GLY A 17 -38.64 2.52 22.53
C GLY A 17 -39.91 1.72 22.31
N ARG A 18 -40.69 2.20 21.36
CA ARG A 18 -42.00 1.66 21.05
C ARG A 18 -42.03 1.22 19.60
N ASP A 19 -42.51 0.01 19.37
CA ASP A 19 -42.67 -0.55 18.04
C ASP A 19 -44.12 -0.49 17.62
N LEU A 20 -44.37 0.04 16.43
CA LEU A 20 -45.72 0.23 15.93
C LEU A 20 -45.78 -0.16 14.48
N ASN A 21 -47.01 -0.44 14.03
CA ASN A 21 -47.28 -0.68 12.62
C ASN A 21 -48.48 0.10 12.12
N CYS A 22 -49.04 0.97 12.95
CA CYS A 22 -50.13 1.86 12.55
C CYS A 22 -49.79 3.25 13.04
N VAL A 23 -49.51 4.14 12.09
CA VAL A 23 -49.20 5.52 12.40
C VAL A 23 -50.04 6.39 11.47
N PRO A 24 -51.22 6.78 11.90
CA PRO A 24 -52.09 7.61 11.05
C PRO A 24 -51.61 9.05 10.89
N GLU A 25 -51.26 9.67 12.00
CA GLU A 25 -50.63 10.98 12.01
C GLU A 25 -49.33 10.86 12.81
N ILE A 26 -48.23 11.27 12.19
CA ILE A 26 -46.91 11.00 12.73
C ILE A 26 -46.63 11.87 13.96
N ALA A 27 -47.07 13.12 13.92
CA ALA A 27 -46.74 14.06 14.99
C ALA A 27 -47.48 13.73 16.27
N ASP A 28 -48.79 13.56 16.20
CA ASP A 28 -49.57 13.17 17.36
C ASP A 28 -49.02 11.89 17.98
N THR A 29 -48.69 10.91 17.14
CA THR A 29 -48.23 9.62 17.63
C THR A 29 -46.92 9.77 18.37
N LEU A 30 -45.96 10.49 17.77
CA LEU A 30 -44.68 10.69 18.41
C LEU A 30 -44.83 11.47 19.70
N GLY A 31 -45.76 12.43 19.73
CA GLY A 31 -46.02 13.14 20.96
C GLY A 31 -46.46 12.22 22.08
N ALA A 32 -47.50 11.42 21.83
CA ALA A 32 -47.96 10.48 22.83
C ALA A 32 -46.86 9.52 23.28
N VAL A 33 -46.08 9.02 22.33
CA VAL A 33 -44.96 8.14 22.62
C VAL A 33 -44.03 8.78 23.63
N ALA A 34 -43.53 9.98 23.29
CA ALA A 34 -42.63 10.68 24.20
C ALA A 34 -43.30 10.98 25.53
N LYS A 35 -44.62 11.15 25.52
CA LYS A 35 -45.33 11.44 26.76
C LYS A 35 -45.25 10.27 27.73
N GLN A 36 -45.58 9.06 27.26
CA GLN A 36 -45.48 7.92 28.15
C GLN A 36 -44.07 7.66 28.64
N GLY A 37 -43.08 8.31 28.05
CA GLY A 37 -41.72 8.20 28.52
C GLY A 37 -40.78 7.41 27.63
N PHE A 38 -41.19 7.19 26.39
CA PHE A 38 -40.37 6.45 25.44
C PHE A 38 -39.37 7.38 24.78
N ASP A 39 -38.21 6.83 24.43
CA ASP A 39 -37.16 7.64 23.82
C ASP A 39 -37.21 7.60 22.30
N PHE A 40 -37.50 6.46 21.70
CA PHE A 40 -37.61 6.40 20.25
C PHE A 40 -38.80 5.55 19.83
N LEU A 41 -39.15 5.69 18.56
CA LEU A 41 -40.23 4.99 17.91
C LEU A 41 -39.72 4.32 16.63
N CYS A 42 -40.19 3.10 16.39
CA CYS A 42 -39.88 2.33 15.19
C CYS A 42 -41.15 2.17 14.38
N MET A 43 -41.09 2.52 13.09
CA MET A 43 -42.29 2.65 12.28
C MET A 43 -41.94 2.46 10.82
N PRO A 44 -42.94 2.18 9.98
CA PRO A 44 -42.69 2.04 8.54
C PRO A 44 -42.49 3.38 7.85
N VAL A 45 -41.68 3.35 6.80
CA VAL A 45 -41.45 4.56 6.01
C VAL A 45 -42.45 4.67 4.88
N PHE A 46 -42.87 3.55 4.33
CA PHE A 46 -43.98 3.45 3.41
C PHE A 46 -45.16 2.80 4.12
N HIS A 47 -46.27 2.78 3.46
CA HIS A 47 -47.39 2.04 4.02
C HIS A 47 -47.18 0.54 3.81
N PRO A 48 -47.45 -0.28 4.83
CA PRO A 48 -47.12 -1.70 4.74
C PRO A 48 -48.01 -2.51 3.81
N ARG A 49 -49.22 -2.06 3.52
CA ARG A 49 -50.15 -2.77 2.64
C ARG A 49 -50.18 -2.20 1.24
N PHE A 50 -49.22 -1.37 0.90
CA PHE A 50 -49.19 -0.64 -0.37
C PHE A 50 -48.10 -1.26 -1.25
N LYS A 51 -48.46 -2.32 -1.94
CA LYS A 51 -47.51 -2.98 -2.83
C LYS A 51 -47.31 -2.17 -4.09
N ARG A 52 -46.06 -2.10 -4.50
CA ARG A 52 -45.63 -1.35 -5.68
C ARG A 52 -45.24 -2.30 -6.78
N GLU A 53 -45.57 -1.94 -8.01
CA GLU A 53 -45.15 -2.62 -9.21
C GLU A 53 -44.14 -1.76 -9.94
N PHE A 54 -43.06 -2.38 -10.39
CA PHE A 54 -41.97 -1.66 -11.04
C PHE A 54 -41.76 -2.06 -12.48
N ILE A 55 -42.11 -3.29 -12.84
CA ILE A 55 -41.76 -3.84 -14.13
C ILE A 55 -42.94 -3.81 -15.09
N GLN A 56 -44.12 -4.18 -14.62
CA GLN A 56 -45.26 -4.46 -15.48
C GLN A 56 -46.29 -3.34 -15.44
N GLU A 57 -46.94 -3.15 -16.55
CA GLU A 57 -48.02 -2.20 -16.73
C GLU A 57 -49.35 -2.85 -16.49
N PRO A 58 -50.41 -2.06 -16.27
CA PRO A 58 -50.47 -0.60 -16.18
C PRO A 58 -50.16 -0.04 -14.79
N ALA A 59 -49.88 -0.90 -13.83
CA ALA A 59 -49.69 -0.49 -12.45
C ALA A 59 -48.33 0.14 -12.21
N LYS A 60 -47.37 -0.13 -13.10
CA LYS A 60 -46.07 0.53 -13.06
C LYS A 60 -46.19 2.05 -12.98
N ASN A 61 -47.21 2.62 -13.61
CA ASN A 61 -47.38 4.08 -13.71
C ASN A 61 -48.44 4.60 -12.76
N ARG A 62 -48.52 4.02 -11.57
CA ARG A 62 -49.43 4.52 -10.56
C ARG A 62 -49.03 5.95 -10.18
N PRO A 63 -49.98 6.88 -10.08
CA PRO A 63 -49.62 8.26 -9.76
C PRO A 63 -49.18 8.43 -8.32
N GLY A 64 -48.26 9.36 -8.13
CA GLY A 64 -47.79 9.71 -6.81
C GLY A 64 -48.71 10.69 -6.13
N PRO A 65 -48.35 11.05 -4.89
CA PRO A 65 -47.14 10.64 -4.20
C PRO A 65 -47.18 9.22 -3.65
N GLN A 66 -46.00 8.62 -3.56
CA GLN A 66 -45.86 7.25 -3.10
C GLN A 66 -45.73 7.15 -1.58
N THR A 67 -45.43 8.26 -0.90
CA THR A 67 -45.29 8.25 0.54
C THR A 67 -45.55 9.66 1.06
N ARG A 68 -45.56 9.78 2.38
CA ARG A 68 -45.64 11.07 3.05
C ARG A 68 -44.26 11.74 3.06
N SER A 69 -44.26 13.05 3.26
CA SER A 69 -43.10 13.88 3.01
C SER A 69 -42.12 13.90 4.17
N ASP A 70 -40.96 14.47 3.90
CA ASP A 70 -39.92 14.66 4.90
C ASP A 70 -40.14 15.90 5.75
N LEU A 71 -40.84 16.89 5.23
CA LEU A 71 -41.05 18.16 5.91
C LEU A 71 -42.07 18.08 7.03
N LEU A 72 -42.51 16.89 7.41
CA LEU A 72 -43.45 16.77 8.51
C LEU A 72 -42.77 16.87 9.86
N LEU A 73 -41.53 16.42 9.96
CA LEU A 73 -40.73 16.56 11.15
C LEU A 73 -39.52 17.43 10.85
N SER A 74 -38.62 17.49 11.81
CA SER A 74 -37.38 18.25 11.74
C SER A 74 -36.21 17.30 11.58
N GLY A 75 -35.15 17.81 10.97
CA GLY A 75 -33.99 16.99 10.70
C GLY A 75 -33.48 16.25 11.92
N ARG A 76 -33.40 16.95 13.05
CA ARG A 76 -32.88 16.32 14.25
C ARG A 76 -33.83 15.29 14.81
N ASP A 77 -35.13 15.48 14.61
CA ASP A 77 -36.10 14.50 15.07
C ASP A 77 -36.00 13.21 14.27
N TRP A 78 -35.98 13.32 12.94
CA TRP A 78 -35.60 12.19 12.10
C TRP A 78 -34.34 11.51 12.61
N ASN A 79 -33.30 12.31 12.84
CA ASN A 79 -31.98 11.78 13.13
C ASN A 79 -31.89 11.09 14.48
N THR A 80 -32.72 11.48 15.44
CA THR A 80 -32.58 10.97 16.80
C THR A 80 -33.71 10.06 17.24
N LEU A 81 -34.93 10.22 16.72
CA LEU A 81 -36.11 9.62 17.31
C LEU A 81 -36.82 8.57 16.48
N ILE A 82 -36.31 8.18 15.33
CA ILE A 82 -37.05 7.33 14.41
C ILE A 82 -36.15 6.22 13.91
N VAL A 83 -36.59 4.98 14.08
CA VAL A 83 -35.96 3.81 13.48
C VAL A 83 -36.88 3.29 12.39
N GLY A 84 -36.29 2.91 11.28
CA GLY A 84 -37.05 2.48 10.15
C GLY A 84 -37.34 1.00 10.11
N LYS A 85 -38.31 0.64 9.29
CA LYS A 85 -38.79 -0.72 9.16
C LYS A 85 -39.11 -1.05 7.71
N LEU A 86 -38.80 -2.29 7.33
CA LEU A 86 -39.08 -2.77 6.00
C LEU A 86 -40.46 -3.42 5.95
N SER A 87 -41.14 -3.22 4.83
CA SER A 87 -42.51 -3.67 4.70
C SER A 87 -42.59 -5.19 4.61
N PRO A 88 -43.66 -5.79 5.14
CA PRO A 88 -43.70 -7.24 5.26
C PRO A 88 -43.85 -7.97 3.95
N TRP A 89 -44.53 -7.38 2.97
CA TRP A 89 -44.76 -8.06 1.71
C TRP A 89 -43.51 -8.23 0.88
N ILE A 90 -42.37 -7.76 1.35
CA ILE A 90 -41.14 -7.81 0.58
C ILE A 90 -40.39 -9.08 0.93
N ARG A 91 -40.17 -9.93 -0.08
CA ARG A 91 -39.61 -11.26 0.10
C ARG A 91 -38.61 -11.57 -1.01
N PRO A 92 -37.34 -11.21 -0.84
CA PRO A 92 -36.36 -11.40 -1.92
C PRO A 92 -35.95 -12.84 -2.15
N ASP A 93 -36.23 -13.76 -1.25
CA ASP A 93 -35.82 -15.14 -1.39
C ASP A 93 -36.98 -16.05 -1.75
N SER A 94 -38.04 -15.46 -2.30
CA SER A 94 -39.13 -16.21 -2.88
C SER A 94 -38.64 -17.10 -4.01
N LYS A 95 -39.49 -18.05 -4.41
CA LYS A 95 -39.23 -18.92 -5.54
C LYS A 95 -39.92 -18.47 -6.80
N VAL A 96 -40.69 -17.38 -6.76
CA VAL A 96 -41.37 -16.83 -7.93
C VAL A 96 -40.57 -15.63 -8.41
N GLU A 97 -39.95 -15.78 -9.59
CA GLU A 97 -39.00 -14.80 -10.09
C GLU A 97 -39.57 -13.39 -10.07
N LYS A 98 -40.81 -13.22 -10.50
CA LYS A 98 -41.41 -11.90 -10.58
C LYS A 98 -41.43 -11.23 -9.22
N ILE A 99 -41.94 -11.94 -8.23
CA ILE A 99 -42.02 -11.43 -6.87
C ILE A 99 -40.63 -11.06 -6.37
N ARG A 100 -39.65 -11.91 -6.67
CA ARG A 100 -38.29 -11.68 -6.19
C ARG A 100 -37.70 -10.41 -6.77
N ARG A 101 -37.96 -10.16 -8.05
CA ARG A 101 -37.42 -8.97 -8.71
C ARG A 101 -38.07 -7.70 -8.18
N ASN A 102 -39.40 -7.74 -8.06
CA ASN A 102 -40.11 -6.61 -7.47
C ASN A 102 -39.64 -6.34 -6.05
N SER A 103 -39.38 -7.40 -5.29
CA SER A 103 -38.91 -7.26 -3.93
C SER A 103 -37.54 -6.60 -3.87
N GLU A 104 -36.62 -7.02 -4.72
CA GLU A 104 -35.33 -6.36 -4.83
C GLU A 104 -35.48 -4.85 -5.04
N ALA A 105 -36.30 -4.48 -6.03
CA ALA A 105 -36.45 -3.07 -6.35
C ALA A 105 -37.05 -2.30 -5.18
N ALA A 106 -38.11 -2.83 -4.59
CA ALA A 106 -38.75 -2.15 -3.47
C ALA A 106 -37.82 -2.01 -2.28
N MET A 107 -37.02 -3.04 -2.02
CA MET A 107 -36.10 -3.00 -0.90
C MET A 107 -35.10 -1.88 -1.07
N LEU A 108 -34.49 -1.79 -2.24
CA LEU A 108 -33.55 -0.70 -2.47
C LEU A 108 -34.23 0.64 -2.31
N GLN A 109 -35.43 0.78 -2.87
CA GLN A 109 -36.17 2.03 -2.77
C GLN A 109 -36.34 2.47 -1.31
N GLU A 110 -36.80 1.56 -0.46
CA GLU A 110 -37.04 1.91 0.94
C GLU A 110 -35.73 2.24 1.66
N LEU A 111 -34.66 1.51 1.35
CA LEU A 111 -33.39 1.78 2.00
C LEU A 111 -32.85 3.14 1.61
N ASN A 112 -33.06 3.54 0.36
CA ASN A 112 -32.55 4.81 -0.10
C ASN A 112 -33.37 5.97 0.41
N PHE A 113 -34.67 5.80 0.56
CA PHE A 113 -35.46 6.82 1.24
C PHE A 113 -35.02 6.99 2.68
N GLY A 114 -34.74 5.88 3.36
CA GLY A 114 -34.15 5.97 4.69
C GLY A 114 -32.88 6.81 4.72
N ALA A 115 -31.94 6.48 3.86
CA ALA A 115 -30.72 7.27 3.73
C ALA A 115 -31.01 8.75 3.52
N TYR A 116 -31.93 9.06 2.59
CA TYR A 116 -32.34 10.42 2.34
C TYR A 116 -32.86 11.11 3.60
N LEU A 117 -33.52 10.38 4.49
CA LEU A 117 -34.01 10.99 5.72
C LEU A 117 -32.97 11.08 6.83
N GLY A 118 -31.82 10.44 6.69
CA GLY A 118 -30.83 10.40 7.75
C GLY A 118 -31.25 9.67 9.00
N LEU A 119 -31.75 8.46 8.86
CA LEU A 119 -32.19 7.69 10.01
C LEU A 119 -31.00 7.02 10.70
N PRO A 120 -31.08 6.84 12.01
CA PRO A 120 -29.96 6.22 12.73
C PRO A 120 -29.91 4.71 12.64
N ALA A 121 -31.00 4.05 12.30
CA ALA A 121 -31.00 2.60 12.18
C ALA A 121 -32.27 2.15 11.46
N PHE A 122 -32.23 0.90 10.99
CA PHE A 122 -33.29 0.34 10.17
C PHE A 122 -33.46 -1.14 10.50
N LEU A 123 -34.71 -1.54 10.74
CA LEU A 123 -35.04 -2.90 11.15
C LEU A 123 -35.32 -3.81 9.96
N LEU A 124 -34.70 -4.98 9.96
CA LEU A 124 -34.89 -5.98 8.92
C LEU A 124 -35.06 -7.38 9.51
N PRO A 125 -35.99 -8.17 8.99
CA PRO A 125 -36.30 -9.48 9.58
C PRO A 125 -35.51 -10.66 9.03
N LEU A 126 -35.19 -11.59 9.93
CA LEU A 126 -34.78 -12.95 9.61
C LEU A 126 -35.78 -13.92 10.22
N ASN A 127 -36.61 -14.52 9.37
CA ASN A 127 -37.61 -15.47 9.83
C ASN A 127 -37.53 -16.80 9.08
N GLN A 128 -36.42 -17.07 8.41
CA GLN A 128 -36.23 -18.34 7.73
C GLN A 128 -34.75 -18.55 7.46
N GLU A 129 -34.45 -19.68 6.84
CA GLU A 129 -33.07 -20.16 6.73
C GLU A 129 -32.32 -19.52 5.57
N ASP A 130 -32.96 -19.34 4.42
CA ASP A 130 -32.30 -18.87 3.21
C ASP A 130 -32.56 -17.38 3.01
N ASN A 131 -31.54 -16.57 3.28
CA ASN A 131 -31.58 -15.13 3.05
C ASN A 131 -30.33 -14.67 2.33
N THR A 132 -30.02 -15.37 1.24
CA THR A 132 -28.81 -15.13 0.46
C THR A 132 -28.95 -13.87 -0.40
N ASN A 133 -30.08 -13.73 -1.09
CA ASN A 133 -30.29 -12.61 -1.97
C ASN A 133 -30.56 -11.32 -1.20
N LEU A 134 -31.22 -11.41 -0.06
CA LEU A 134 -31.35 -10.28 0.84
C LEU A 134 -29.99 -9.72 1.24
N ALA A 135 -29.11 -10.61 1.67
CA ALA A 135 -27.77 -10.20 2.04
C ALA A 135 -27.06 -9.57 0.86
N ARG A 136 -27.28 -10.09 -0.33
CA ARG A 136 -26.66 -9.51 -1.51
C ARG A 136 -27.12 -8.09 -1.75
N VAL A 137 -28.43 -7.87 -1.69
CA VAL A 137 -28.99 -6.56 -1.95
C VAL A 137 -28.46 -5.55 -0.93
N LEU A 138 -28.45 -5.93 0.35
CA LEU A 138 -27.98 -5.02 1.37
C LEU A 138 -26.49 -4.74 1.21
N THR A 139 -25.71 -5.77 0.90
CA THR A 139 -24.28 -5.60 0.68
C THR A 139 -24.00 -4.65 -0.47
N ASN A 140 -24.78 -4.73 -1.55
CA ASN A 140 -24.71 -3.74 -2.62
C ASN A 140 -24.97 -2.34 -2.08
N HIS A 141 -26.05 -2.17 -1.33
CA HIS A 141 -26.38 -0.87 -0.78
C HIS A 141 -25.23 -0.29 0.03
N ILE A 142 -24.61 -1.11 0.88
CA ILE A 142 -23.57 -0.61 1.77
C ILE A 142 -22.38 -0.07 1.00
N HIS A 143 -21.99 -0.73 -0.08
CA HIS A 143 -20.83 -0.31 -0.86
C HIS A 143 -21.26 0.62 -2.00
N THR A 144 -22.06 1.61 -1.62
CA THR A 144 -22.60 2.57 -2.56
C THR A 144 -22.65 3.94 -1.90
N SER A 149 -25.80 4.79 8.47
CA SER A 149 -26.88 4.21 9.25
C SER A 149 -26.57 2.77 9.61
N MET A 150 -27.03 2.36 10.76
CA MET A 150 -26.87 0.97 11.17
C MET A 150 -28.09 0.16 10.76
N PHE A 151 -27.93 -1.15 10.77
CA PHE A 151 -28.95 -2.07 10.33
C PHE A 151 -29.17 -3.14 11.40
N TRP A 152 -30.38 -3.20 11.91
CA TRP A 152 -30.75 -4.07 13.02
C TRP A 152 -31.52 -5.26 12.48
N MET A 153 -30.98 -6.45 12.71
CA MET A 153 -31.55 -7.68 12.19
C MET A 153 -32.43 -8.33 13.24
N ARG A 154 -33.70 -8.53 12.90
CA ARG A 154 -34.71 -9.03 13.83
C ARG A 154 -34.70 -10.55 13.77
N VAL A 155 -34.18 -11.16 14.83
CA VAL A 155 -34.00 -12.61 14.86
C VAL A 155 -34.45 -13.16 16.22
N PRO A 156 -35.30 -14.18 16.24
CA PRO A 156 -35.83 -14.69 17.49
C PRO A 156 -34.99 -15.80 18.11
N LEU A 157 -35.24 -16.00 19.40
CA LEU A 157 -34.60 -17.11 20.12
C LEU A 157 -35.18 -18.46 19.70
N VAL A 158 -36.47 -18.52 19.47
CA VAL A 158 -37.14 -19.75 19.09
C VAL A 158 -37.85 -19.53 17.77
N ALA A 159 -37.72 -20.50 16.89
CA ALA A 159 -38.36 -20.42 15.60
C ALA A 159 -39.87 -20.53 15.74
N PRO A 160 -40.61 -19.87 14.85
CA PRO A 160 -42.07 -19.86 14.98
C PRO A 160 -42.70 -21.21 14.69
N GLU A 161 -42.04 -22.07 13.93
CA GLU A 161 -42.56 -23.42 13.73
C GLU A 161 -42.44 -24.26 15.00
N ASP A 162 -41.38 -24.04 15.78
CA ASP A 162 -41.21 -24.72 17.05
C ASP A 162 -41.94 -24.03 18.17
N LEU A 163 -42.95 -23.24 17.83
CA LEU A 163 -43.62 -22.36 18.77
C LEU A 163 -45.13 -22.51 18.76
N ARG A 164 -45.67 -23.22 17.78
CA ARG A 164 -47.10 -23.37 17.61
C ARG A 164 -47.66 -24.41 18.57
N ASP A 165 -48.98 -24.47 18.63
CA ASP A 165 -49.71 -25.35 19.53
C ASP A 165 -50.04 -26.67 18.86
N ASP A 166 -50.22 -27.70 19.70
CA ASP A 166 -50.58 -29.03 19.23
C ASP A 166 -52.10 -29.10 19.12
N ILE A 167 -52.60 -28.75 17.94
CA ILE A 167 -54.04 -28.72 17.70
C ILE A 167 -54.32 -29.15 16.27
N ILE A 168 -53.31 -29.68 15.59
CA ILE A 168 -53.47 -30.31 14.28
C ILE A 168 -53.23 -31.79 14.47
N GLU A 169 -54.22 -32.60 14.08
CA GLU A 169 -54.16 -34.03 14.36
C GLU A 169 -53.18 -34.75 13.45
N ASN A 170 -53.21 -34.44 12.16
CA ASN A 170 -52.34 -35.09 11.19
C ASN A 170 -51.08 -34.29 10.87
N ALA A 171 -50.54 -33.59 11.86
CA ALA A 171 -49.25 -32.91 11.73
C ALA A 171 -48.75 -32.58 13.13
N PRO A 172 -48.24 -33.56 13.85
CA PRO A 172 -47.97 -33.39 15.28
C PRO A 172 -46.69 -32.61 15.54
N THR A 173 -46.53 -32.25 16.81
CA THR A 173 -45.41 -31.45 17.30
C THR A 173 -44.35 -32.35 17.92
N THR A 174 -43.11 -31.91 17.86
CA THR A 174 -41.99 -32.66 18.42
C THR A 174 -42.07 -32.75 19.95
N GLY A 181 -31.47 -28.13 17.49
CA GLY A 181 -32.79 -27.60 17.22
C GLY A 181 -33.07 -26.34 17.99
N GLU A 182 -32.36 -26.18 19.09
CA GLU A 182 -32.30 -24.91 19.81
C GLU A 182 -31.27 -23.97 19.20
N GLU A 183 -30.54 -24.41 18.18
CA GLU A 183 -29.39 -23.70 17.67
C GLU A 183 -29.55 -23.22 16.23
N LYS A 184 -30.73 -23.36 15.63
CA LYS A 184 -30.88 -23.05 14.22
C LYS A 184 -30.96 -21.55 13.98
N THR A 185 -31.59 -20.83 14.89
CA THR A 185 -31.75 -19.39 14.74
C THR A 185 -30.44 -18.65 14.87
N TRP A 186 -29.47 -19.20 15.61
CA TRP A 186 -28.16 -18.60 15.66
C TRP A 186 -27.39 -18.86 14.37
N MET A 187 -27.58 -20.03 13.77
CA MET A 187 -26.94 -20.37 12.52
C MET A 187 -27.43 -19.48 11.40
N TRP A 188 -28.72 -19.14 11.41
CA TRP A 188 -29.24 -18.17 10.46
C TRP A 188 -28.39 -16.90 10.45
N TRP A 189 -28.28 -16.28 11.63
CA TRP A 189 -27.55 -15.03 11.77
C TRP A 189 -26.09 -15.19 11.37
N HIS A 190 -25.50 -16.31 11.77
CA HIS A 190 -24.09 -16.50 11.51
C HIS A 190 -23.80 -16.57 10.02
N ASN A 191 -24.63 -17.30 9.29
CA ASN A 191 -24.45 -17.42 7.86
C ASN A 191 -24.69 -16.09 7.15
N PHE A 192 -25.73 -15.38 7.56
CA PHE A 192 -25.96 -14.04 7.04
C PHE A 192 -24.74 -13.15 7.16
N ARG A 193 -24.26 -12.99 8.40
CA ARG A 193 -23.13 -12.11 8.64
C ARG A 193 -21.88 -12.56 7.92
N THR A 194 -21.68 -13.87 7.80
CA THR A 194 -20.57 -14.37 7.00
C THR A 194 -20.69 -13.92 5.55
N LEU A 195 -21.86 -14.06 4.96
CA LEU A 195 -22.07 -13.57 3.59
C LEU A 195 -21.75 -12.09 3.48
N CYS A 196 -22.20 -11.27 4.44
CA CYS A 196 -21.93 -9.84 4.42
C CYS A 196 -20.53 -9.46 4.86
N ASP A 197 -19.73 -10.41 5.34
CA ASP A 197 -18.32 -10.22 5.63
C ASP A 197 -18.09 -9.41 6.90
N TYR A 198 -18.74 -9.85 7.98
CA TYR A 198 -18.51 -9.32 9.31
C TYR A 198 -18.49 -7.80 9.33
N SER A 199 -19.51 -7.20 8.75
CA SER A 199 -19.57 -5.76 8.64
C SER A 199 -19.95 -5.10 9.96
N LYS A 200 -19.45 -3.87 10.13
CA LYS A 200 -19.68 -3.12 11.35
C LYS A 200 -21.09 -2.57 11.43
N ARG A 201 -21.67 -2.24 10.29
CA ARG A 201 -22.97 -1.61 10.24
C ARG A 201 -24.13 -2.58 10.36
N ILE A 202 -23.87 -3.81 10.81
CA ILE A 202 -24.86 -4.87 10.87
C ILE A 202 -24.86 -5.45 12.28
N ALA A 203 -26.05 -5.53 12.88
CA ALA A 203 -26.16 -5.86 14.29
C ALA A 203 -27.44 -6.64 14.54
N VAL A 204 -27.55 -7.18 15.74
CA VAL A 204 -28.62 -8.08 16.14
C VAL A 204 -29.71 -7.31 16.89
N ALA A 205 -30.96 -7.70 16.62
CA ALA A 205 -32.11 -7.29 17.43
C ALA A 205 -32.86 -8.55 17.86
N LEU A 206 -32.62 -8.98 19.09
CA LEU A 206 -33.09 -10.26 19.60
C LEU A 206 -34.51 -10.18 20.11
N GLU A 207 -35.39 -11.01 19.56
CA GLU A 207 -36.76 -11.12 20.04
C GLU A 207 -36.87 -12.21 21.08
N ILE A 208 -37.67 -11.93 22.11
CA ILE A 208 -37.80 -12.82 23.25
C ILE A 208 -39.25 -13.25 23.39
N GLY A 209 -39.45 -14.46 23.88
CA GLY A 209 -40.79 -14.99 24.06
C GLY A 209 -41.00 -15.64 25.41
N ALA A 210 -42.05 -16.43 25.51
CA ALA A 210 -42.50 -16.95 26.79
C ALA A 210 -41.53 -17.98 27.35
N ASP A 211 -41.28 -19.05 26.61
CA ASP A 211 -40.37 -20.09 27.05
C ASP A 211 -38.97 -19.77 26.58
N LEU A 212 -38.00 -20.12 27.40
CA LEU A 212 -36.62 -19.77 27.16
C LEU A 212 -35.78 -21.00 26.90
N PRO A 213 -34.74 -20.88 26.09
CA PRO A 213 -33.88 -22.04 25.84
C PRO A 213 -33.02 -22.40 27.03
N SER A 214 -31.94 -23.13 26.79
CA SER A 214 -31.11 -23.64 27.86
C SER A 214 -30.28 -22.54 28.49
N ASN A 215 -28.97 -22.65 28.42
CA ASN A 215 -28.10 -21.77 29.19
C ASN A 215 -26.75 -21.60 28.52
N HIS A 216 -26.16 -22.70 28.08
CA HIS A 216 -25.02 -22.61 27.16
C HIS A 216 -25.39 -21.79 25.94
N VAL A 217 -26.66 -21.87 25.53
CA VAL A 217 -27.19 -21.10 24.42
C VAL A 217 -27.12 -19.61 24.72
N ILE A 218 -27.83 -19.18 25.76
CA ILE A 218 -27.80 -17.78 26.16
C ILE A 218 -26.37 -17.28 26.23
N ASP A 219 -25.45 -18.13 26.69
CA ASP A 219 -24.05 -17.76 26.66
C ASP A 219 -23.53 -17.64 25.22
N ARG A 220 -24.08 -18.43 24.30
CA ARG A 220 -23.66 -18.35 22.91
C ARG A 220 -23.93 -16.96 22.34
N TRP A 221 -25.09 -16.40 22.64
CA TRP A 221 -25.42 -15.07 22.18
C TRP A 221 -24.55 -14.03 22.86
N LEU A 222 -23.74 -14.46 23.81
CA LEU A 222 -22.60 -13.65 24.22
C LEU A 222 -21.61 -13.57 23.07
N GLY A 223 -20.92 -12.46 22.99
CA GLY A 223 -20.02 -12.22 21.91
C GLY A 223 -20.65 -11.59 20.70
N GLU A 224 -21.94 -11.75 20.52
CA GLU A 224 -22.60 -11.21 19.36
C GLU A 224 -22.96 -9.75 19.54
N PRO A 225 -22.94 -8.98 18.47
CA PRO A 225 -23.24 -7.54 18.57
C PRO A 225 -24.73 -7.26 18.69
N ILE A 226 -25.19 -7.39 19.92
CA ILE A 226 -26.58 -7.15 20.28
C ILE A 226 -26.74 -5.70 20.67
N LYS A 227 -27.57 -4.97 19.92
CA LYS A 227 -27.87 -3.58 20.21
C LYS A 227 -29.23 -3.34 20.80
N ALA A 228 -30.17 -4.28 20.64
CA ALA A 228 -31.52 -4.07 21.11
C ALA A 228 -32.16 -5.40 21.46
N ALA A 229 -33.09 -5.34 22.40
CA ALA A 229 -33.90 -6.47 22.80
C ALA A 229 -35.37 -6.09 22.73
N ILE A 230 -36.19 -7.01 22.26
CA ILE A 230 -37.60 -6.76 21.98
C ILE A 230 -38.43 -7.55 22.97
N LEU A 231 -39.26 -6.85 23.73
CA LEU A 231 -40.10 -7.43 24.75
C LEU A 231 -41.56 -7.27 24.40
N PRO A 232 -42.31 -8.35 24.25
CA PRO A 232 -43.76 -8.24 24.07
C PRO A 232 -44.50 -8.10 25.38
N THR A 233 -45.69 -7.51 25.27
CA THR A 233 -46.56 -7.33 26.43
C THR A 233 -47.04 -8.65 27.00
N SER A 234 -46.94 -9.73 26.25
CA SER A 234 -47.54 -10.98 26.61
C SER A 234 -46.68 -11.83 27.53
N ILE A 235 -45.49 -11.36 27.90
CA ILE A 235 -44.67 -12.07 28.86
C ILE A 235 -44.73 -11.46 30.24
N PHE A 236 -45.33 -10.27 30.36
CA PHE A 236 -45.52 -9.64 31.65
C PHE A 236 -46.73 -10.25 32.33
N LEU A 237 -46.50 -10.90 33.46
CA LEU A 237 -47.60 -11.34 34.32
C LEU A 237 -48.23 -10.13 34.99
N THR A 238 -49.32 -10.37 35.69
CA THR A 238 -50.03 -9.33 36.42
C THR A 238 -49.94 -9.62 37.91
N ASN A 239 -49.61 -8.58 38.67
CA ASN A 239 -49.49 -8.68 40.11
C ASN A 239 -50.88 -8.70 40.76
N LYS A 240 -50.90 -8.94 42.06
CA LYS A 240 -52.17 -8.93 42.79
C LYS A 240 -52.81 -7.55 42.77
N LYS A 241 -52.00 -6.50 42.89
CA LYS A 241 -52.49 -5.14 42.72
C LYS A 241 -52.94 -4.85 41.30
N GLY A 242 -52.46 -5.63 40.33
CA GLY A 242 -52.77 -5.37 38.94
C GLY A 242 -51.65 -4.73 38.15
N PHE A 243 -50.47 -4.73 38.67
CA PHE A 243 -49.33 -4.18 37.95
C PHE A 243 -48.64 -5.27 37.13
N PRO A 244 -47.83 -4.88 36.15
CA PRO A 244 -47.09 -5.88 35.37
C PRO A 244 -45.78 -6.25 36.03
N VAL A 245 -45.42 -7.52 35.92
CA VAL A 245 -44.20 -8.08 36.48
C VAL A 245 -43.69 -9.16 35.55
N LEU A 246 -42.54 -9.74 35.91
CA LEU A 246 -41.93 -10.81 35.13
C LEU A 246 -41.55 -11.97 36.03
N SER A 247 -41.29 -13.10 35.39
CA SER A 247 -40.78 -14.27 36.08
C SER A 247 -39.32 -14.05 36.42
N LYS A 248 -38.78 -14.98 37.21
CA LYS A 248 -37.42 -14.81 37.70
C LYS A 248 -36.37 -15.16 36.65
N MET A 249 -36.61 -16.15 35.80
CA MET A 249 -35.65 -16.43 34.74
C MET A 249 -35.57 -15.27 33.76
N HIS A 250 -36.72 -14.68 33.44
CA HIS A 250 -36.72 -13.47 32.63
C HIS A 250 -35.93 -12.37 33.30
N GLN A 251 -36.06 -12.25 34.62
CA GLN A 251 -35.32 -11.22 35.35
C GLN A 251 -33.82 -11.47 35.25
N ARG A 252 -33.41 -12.72 35.37
CA ARG A 252 -31.99 -13.05 35.22
C ARG A 252 -31.48 -12.62 33.84
N LEU A 253 -32.23 -12.98 32.80
CA LEU A 253 -31.81 -12.62 31.45
C LEU A 253 -31.72 -11.11 31.28
N ILE A 254 -32.69 -10.38 31.83
CA ILE A 254 -32.67 -8.92 31.76
C ILE A 254 -31.42 -8.38 32.45
N PHE A 255 -31.10 -8.94 33.61
CA PHE A 255 -29.90 -8.52 34.31
C PHE A 255 -28.67 -8.70 33.44
N ARG A 256 -28.58 -9.83 32.75
CA ARG A 256 -27.42 -10.08 31.90
C ARG A 256 -27.37 -9.13 30.74
N LEU A 257 -28.52 -8.81 30.15
CA LEU A 257 -28.55 -7.88 29.03
C LEU A 257 -28.21 -6.46 29.45
N LEU A 258 -28.59 -6.07 30.66
CA LEU A 258 -28.35 -4.69 31.09
C LEU A 258 -26.88 -4.35 31.12
N LYS A 259 -26.02 -5.35 31.32
CA LYS A 259 -24.59 -5.11 31.32
C LYS A 259 -24.11 -4.68 29.94
N LEU A 260 -24.44 -5.46 28.92
CA LEU A 260 -24.09 -5.11 27.55
C LEU A 260 -24.61 -3.74 27.15
N GLU A 261 -25.57 -3.20 27.89
CA GLU A 261 -26.07 -1.84 27.67
C GLU A 261 -26.90 -1.75 26.39
N VAL A 262 -27.91 -2.60 26.29
CA VAL A 262 -28.78 -2.61 25.12
C VAL A 262 -29.97 -1.70 25.36
N GLN A 263 -30.63 -1.34 24.27
CA GLN A 263 -31.90 -0.65 24.30
C GLN A 263 -33.04 -1.65 24.17
N PHE A 264 -34.08 -1.44 24.95
CA PHE A 264 -35.23 -2.33 24.97
C PHE A 264 -36.37 -1.73 24.14
N ILE A 265 -37.10 -2.59 23.46
CA ILE A 265 -38.27 -2.20 22.69
C ILE A 265 -39.47 -3.01 23.15
N ILE A 266 -40.58 -2.30 23.36
CA ILE A 266 -41.84 -2.89 23.72
C ILE A 266 -42.70 -3.02 22.47
N THR A 267 -43.25 -4.21 22.24
CA THR A 267 -44.13 -4.43 21.11
C THR A 267 -45.43 -5.07 21.59
N GLY A 268 -46.50 -4.75 20.87
CA GLY A 268 -47.80 -5.36 21.04
C GLY A 268 -48.77 -4.45 21.76
N THR A 269 -49.90 -5.05 22.13
CA THR A 269 -51.03 -4.33 22.68
C THR A 269 -51.00 -4.32 24.21
N ASN A 270 -51.53 -3.24 24.76
CA ASN A 270 -51.71 -3.11 26.21
C ASN A 270 -52.85 -3.99 26.66
N HIS A 271 -52.52 -5.18 27.17
CA HIS A 271 -53.53 -6.09 27.66
C HIS A 271 -54.09 -5.66 29.01
N HIS A 272 -53.31 -4.90 29.78
CA HIS A 272 -53.75 -4.35 31.06
C HIS A 272 -54.27 -2.94 30.83
N SER A 273 -55.39 -2.86 30.12
CA SER A 273 -55.93 -1.58 29.69
C SER A 273 -56.06 -0.59 30.85
N GLU A 274 -56.05 -1.08 32.09
CA GLU A 274 -56.05 -0.20 33.24
C GLU A 274 -54.74 0.56 33.41
N LYS A 275 -53.62 -0.01 32.94
CA LYS A 275 -52.30 0.52 33.25
C LYS A 275 -51.62 0.97 31.96
N GLU A 276 -51.24 2.24 31.91
CA GLU A 276 -50.52 2.78 30.77
C GLU A 276 -49.14 2.17 30.66
N PHE A 277 -48.53 2.35 29.49
CA PHE A 277 -47.21 1.80 29.24
C PHE A 277 -46.17 2.32 30.21
N CYS A 278 -46.44 3.46 30.85
CA CYS A 278 -45.47 4.04 31.77
C CYS A 278 -45.13 3.08 32.90
N SER A 279 -46.04 2.17 33.23
CA SER A 279 -45.83 1.25 34.34
C SER A 279 -44.82 0.17 33.97
N TYR A 280 -44.89 -0.34 32.75
CA TYR A 280 -43.85 -1.26 32.26
C TYR A 280 -42.48 -0.62 32.40
N LEU A 281 -42.33 0.61 31.93
CA LEU A 281 -41.05 1.29 31.99
C LEU A 281 -40.58 1.50 33.42
N GLN A 282 -41.52 1.79 34.33
CA GLN A 282 -41.11 1.97 35.70
C GLN A 282 -40.67 0.67 36.33
N TYR A 283 -41.32 -0.44 35.99
CA TYR A 283 -40.82 -1.74 36.40
C TYR A 283 -39.40 -1.96 35.91
N LEU A 284 -39.14 -1.60 34.65
CA LEU A 284 -37.80 -1.78 34.12
C LEU A 284 -36.77 -0.96 34.88
N GLU A 285 -37.09 0.31 35.16
CA GLU A 285 -36.18 1.15 35.93
C GLU A 285 -35.96 0.60 37.32
N TYR A 286 -37.03 0.16 37.98
CA TYR A 286 -36.90 -0.47 39.28
C TYR A 286 -35.93 -1.64 39.23
N LEU A 287 -36.10 -2.52 38.26
CA LEU A 287 -35.16 -3.63 38.09
C LEU A 287 -33.73 -3.12 37.96
N SER A 288 -33.53 -2.09 37.13
CA SER A 288 -32.18 -1.58 36.91
C SER A 288 -31.57 -1.06 38.21
N GLN A 289 -32.34 -0.31 38.98
CA GLN A 289 -31.80 0.31 40.18
C GLN A 289 -31.31 -0.73 41.18
N ASN A 290 -32.15 -1.71 41.49
CA ASN A 290 -31.77 -2.78 42.39
C ASN A 290 -30.95 -3.82 41.64
N ARG A 291 -29.66 -3.54 41.56
CA ARG A 291 -28.67 -4.47 41.03
C ARG A 291 -27.42 -4.40 41.89
N PRO A 292 -26.67 -5.50 41.98
CA PRO A 292 -25.38 -5.46 42.68
C PRO A 292 -24.49 -4.37 42.10
N PRO A 293 -24.28 -3.27 42.82
CA PRO A 293 -23.60 -2.12 42.23
C PRO A 293 -22.21 -2.47 41.74
N PRO A 294 -21.53 -1.55 41.06
CA PRO A 294 -20.21 -1.87 40.50
C PRO A 294 -19.11 -1.76 41.56
N ASN A 295 -18.21 -2.75 41.57
CA ASN A 295 -17.11 -2.75 42.52
C ASN A 295 -16.16 -1.60 42.22
N ALA A 296 -14.96 -1.65 42.78
CA ALA A 296 -13.95 -0.65 42.46
C ALA A 296 -13.30 -0.92 41.10
N TYR A 297 -13.15 -2.19 40.75
CA TYR A 297 -12.63 -2.54 39.44
C TYR A 297 -13.60 -2.15 38.34
N GLU A 298 -14.79 -2.75 38.36
CA GLU A 298 -15.81 -2.44 37.36
C GLU A 298 -15.96 -0.94 37.18
N LEU A 299 -15.81 -0.19 38.27
CA LEU A 299 -15.85 1.25 38.21
C LEU A 299 -14.65 1.79 37.45
N PHE A 300 -13.45 1.47 37.93
CA PHE A 300 -12.22 1.85 37.23
C PHE A 300 -12.26 1.39 35.79
N ALA A 301 -12.89 0.24 35.54
CA ALA A 301 -12.94 -0.36 34.22
C ALA A 301 -14.03 0.26 33.34
N LYS A 302 -14.43 1.49 33.65
CA LYS A 302 -15.49 2.18 32.92
C LYS A 302 -14.88 3.02 31.82
N GLY A 303 -15.33 2.80 30.59
CA GLY A 303 -14.85 3.50 29.43
C GLY A 303 -13.80 2.77 28.64
N TYR A 304 -13.36 1.60 29.10
CA TYR A 304 -12.33 0.84 28.44
C TYR A 304 -12.83 -0.46 27.85
N GLU A 305 -14.10 -0.76 28.02
CA GLU A 305 -14.66 -2.02 27.54
C GLU A 305 -14.35 -2.21 26.06
N ASP A 306 -13.64 -3.30 25.77
CA ASP A 306 -13.33 -3.67 24.40
C ASP A 306 -12.56 -2.57 23.67
N TYR A 307 -11.57 -1.99 24.36
CA TYR A 307 -10.69 -0.99 23.78
C TYR A 307 -9.29 -1.56 23.71
N LEU A 308 -8.80 -1.73 22.48
CA LEU A 308 -7.52 -2.37 22.26
C LEU A 308 -6.37 -1.42 22.56
N GLN A 309 -5.33 -1.96 23.20
CA GLN A 309 -4.17 -1.19 23.57
C GLN A 309 -2.91 -1.94 23.20
N SER A 310 -1.89 -1.20 22.92
CA SER A 310 -0.57 -1.76 22.68
C SER A 310 0.16 -1.99 24.00
N PRO A 311 0.78 -3.16 24.19
CA PRO A 311 1.50 -3.40 25.44
C PRO A 311 2.70 -2.48 25.61
N LEU A 312 3.00 -2.17 26.86
CA LEU A 312 4.12 -1.33 27.20
C LEU A 312 5.44 -2.09 27.17
N GLN A 313 6.49 -1.36 26.82
CA GLN A 313 7.85 -1.89 26.79
C GLN A 313 8.75 -0.95 27.59
N PRO A 314 8.91 -1.20 28.89
CA PRO A 314 9.71 -0.30 29.72
C PRO A 314 11.21 -0.57 29.73
N LEU A 315 11.71 -1.36 28.79
CA LEU A 315 13.13 -1.53 28.58
C LEU A 315 13.61 -0.77 27.36
N MET A 316 12.87 -0.89 26.26
CA MET A 316 13.24 -0.23 25.02
C MET A 316 12.80 1.22 25.01
N ASP A 317 11.76 1.54 25.75
CA ASP A 317 11.21 2.88 25.82
C ASP A 317 11.32 3.41 27.22
N ASN A 318 11.06 4.71 27.35
CA ASN A 318 11.06 5.40 28.62
C ASN A 318 9.70 6.01 28.85
N LEU A 319 9.18 5.80 30.05
CA LEU A 319 7.80 6.11 30.36
C LEU A 319 7.62 7.52 30.89
N GLU A 320 6.42 8.02 30.67
CA GLU A 320 5.94 9.32 31.11
C GLU A 320 5.56 9.31 32.58
N SER A 321 5.40 10.51 33.13
CA SER A 321 5.04 10.67 34.54
C SER A 321 3.62 10.20 34.81
N GLN A 322 2.71 10.42 33.86
CA GLN A 322 1.33 9.97 34.02
C GLN A 322 1.24 8.46 34.18
N THR A 323 1.95 7.72 33.34
CA THR A 323 2.01 6.28 33.46
C THR A 323 2.40 5.85 34.87
N TYR A 324 3.51 6.41 35.38
CA TYR A 324 3.93 6.08 36.73
C TYR A 324 2.85 6.42 37.74
N GLU A 325 2.13 7.52 37.51
CA GLU A 325 1.08 7.92 38.44
C GLU A 325 -0.04 6.89 38.47
N VAL A 326 -0.45 6.41 37.30
CA VAL A 326 -1.50 5.41 37.24
C VAL A 326 -1.03 4.11 37.88
N PHE A 327 0.23 3.76 37.68
CA PHE A 327 0.76 2.55 38.28
C PHE A 327 0.65 2.58 39.79
N GLU A 328 0.91 3.73 40.40
CA GLU A 328 1.10 3.84 41.83
C GLU A 328 -0.19 3.90 42.61
N LYS A 329 -1.32 3.84 41.93
CA LYS A 329 -2.63 4.06 42.51
C LYS A 329 -3.31 2.79 43.04
N ASP A 330 -2.79 1.60 42.74
CA ASP A 330 -3.37 0.36 43.25
C ASP A 330 -2.68 -0.06 44.54
N PRO A 331 -3.34 0.03 45.70
CA PRO A 331 -2.66 -0.23 46.97
C PRO A 331 -2.59 -1.69 47.38
N ILE A 332 -3.45 -2.53 46.79
CA ILE A 332 -3.42 -3.96 47.10
C ILE A 332 -2.04 -4.54 46.85
N LYS A 333 -1.50 -4.29 45.65
CA LYS A 333 -0.21 -4.85 45.28
C LYS A 333 0.89 -4.42 46.23
N TYR A 334 0.88 -3.15 46.66
CA TYR A 334 1.96 -2.65 47.51
C TYR A 334 1.81 -3.14 48.93
N SER A 335 0.58 -3.29 49.40
CA SER A 335 0.37 -3.94 50.69
C SER A 335 0.90 -5.37 50.67
N GLN A 336 0.65 -6.09 49.59
CA GLN A 336 1.15 -7.46 49.47
C GLN A 336 2.66 -7.51 49.47
N TYR A 337 3.29 -6.65 48.66
CA TYR A 337 4.74 -6.57 48.65
C TYR A 337 5.28 -6.28 50.05
N GLN A 338 4.67 -5.32 50.75
CA GLN A 338 5.09 -4.98 52.11
C GLN A 338 5.02 -6.19 53.02
N GLN A 339 3.91 -6.91 52.99
CA GLN A 339 3.74 -8.08 53.83
C GLN A 339 4.80 -9.13 53.55
N ALA A 340 5.05 -9.37 52.27
CA ALA A 340 6.05 -10.36 51.90
C ALA A 340 7.44 -9.99 52.41
N ILE A 341 7.81 -8.71 52.28
CA ILE A 341 9.10 -8.26 52.78
C ILE A 341 9.19 -8.45 54.29
N TYR A 342 8.16 -8.00 55.00
CA TYR A 342 8.06 -8.17 56.43
C TYR A 342 8.33 -9.62 56.83
N LYS A 343 7.61 -10.54 56.20
CA LYS A 343 7.74 -11.95 56.52
C LYS A 343 9.15 -12.47 56.24
N CYS A 344 9.68 -12.14 55.06
CA CYS A 344 11.03 -12.58 54.72
C CYS A 344 12.04 -12.14 55.78
N LEU A 345 11.93 -10.89 56.22
CA LEU A 345 12.94 -10.39 57.15
C LEU A 345 12.77 -11.00 58.52
N LEU A 346 11.53 -11.21 58.96
CA LEU A 346 11.34 -11.90 60.22
C LEU A 346 11.95 -13.29 60.18
N ASP A 347 11.86 -13.95 59.02
CA ASP A 347 12.37 -15.30 58.91
C ASP A 347 13.88 -15.36 58.67
N ARG A 348 14.50 -14.27 58.26
CA ARG A 348 15.92 -14.29 57.95
C ARG A 348 16.80 -13.85 59.11
N VAL A 349 16.29 -13.03 60.02
CA VAL A 349 17.10 -12.42 61.06
C VAL A 349 16.47 -12.77 62.41
N PRO A 350 17.15 -13.54 63.25
CA PRO A 350 16.56 -13.91 64.55
C PRO A 350 16.28 -12.71 65.45
N GLU A 351 15.49 -12.94 66.48
CA GLU A 351 15.07 -11.90 67.40
C GLU A 351 16.16 -11.49 68.38
N GLU A 352 17.35 -12.06 68.28
CA GLU A 352 18.41 -11.80 69.24
C GLU A 352 19.56 -10.99 68.66
N GLU A 353 19.69 -10.93 67.33
CA GLU A 353 20.68 -10.11 66.68
C GLU A 353 20.04 -8.90 65.99
N LYS A 354 18.91 -8.45 66.54
CA LYS A 354 18.17 -7.33 65.95
C LYS A 354 19.06 -6.13 65.67
N ASP A 355 20.11 -5.94 66.46
CA ASP A 355 20.88 -4.72 66.46
C ASP A 355 22.32 -4.95 66.00
N THR A 356 22.53 -5.87 65.07
CA THR A 356 23.86 -6.18 64.60
C THR A 356 23.83 -6.58 63.14
N ASN A 357 22.84 -7.37 62.78
CA ASN A 357 22.73 -7.90 61.43
C ASN A 357 21.92 -6.93 60.58
N VAL A 358 22.60 -6.25 59.66
CA VAL A 358 21.97 -5.33 58.72
C VAL A 358 21.81 -6.04 57.39
N GLN A 359 20.59 -6.06 56.88
CA GLN A 359 20.31 -6.74 55.63
C GLN A 359 20.36 -5.75 54.48
N VAL A 360 20.97 -6.19 53.38
CA VAL A 360 21.14 -5.39 52.18
C VAL A 360 20.01 -5.74 51.22
N LEU A 361 19.17 -4.77 50.92
CA LEU A 361 18.10 -4.92 49.95
C LEU A 361 18.42 -4.13 48.69
N MET A 362 17.77 -4.52 47.61
CA MET A 362 17.93 -3.88 46.32
C MET A 362 16.57 -3.83 45.63
N VAL A 363 16.15 -2.65 45.23
CA VAL A 363 15.01 -2.46 44.37
C VAL A 363 15.54 -2.25 42.96
N LEU A 364 15.24 -3.17 42.07
CA LEU A 364 15.69 -3.13 40.69
C LEU A 364 14.49 -2.79 39.82
N GLY A 365 14.51 -1.59 39.26
CA GLY A 365 13.38 -1.04 38.55
C GLY A 365 12.54 -0.21 39.48
N ALA A 366 13.19 0.75 40.10
CA ALA A 366 12.63 1.50 41.20
C ALA A 366 11.65 2.58 40.78
N GLY A 367 11.66 2.97 39.52
CA GLY A 367 10.70 3.94 39.05
C GLY A 367 10.76 5.24 39.83
N ARG A 368 9.64 5.62 40.44
CA ARG A 368 9.54 6.79 41.29
C ARG A 368 9.54 6.46 42.77
N GLY A 369 9.62 5.18 43.15
CA GLY A 369 9.93 4.78 44.49
C GLY A 369 8.77 4.52 45.43
N PRO A 370 7.78 3.75 45.01
CA PRO A 370 6.80 3.25 45.97
C PRO A 370 7.23 1.95 46.62
N LEU A 371 7.97 1.12 45.89
CA LEU A 371 8.55 -0.08 46.49
C LEU A 371 9.54 0.25 47.59
N VAL A 372 10.37 1.26 47.35
CA VAL A 372 11.33 1.71 48.35
C VAL A 372 10.63 2.09 49.65
N ASN A 373 9.54 2.85 49.54
CA ASN A 373 8.80 3.26 50.72
C ASN A 373 8.13 2.07 51.39
N ALA A 374 7.57 1.17 50.58
CA ALA A 374 6.96 -0.03 51.13
C ALA A 374 7.98 -0.84 51.91
N SER A 375 9.21 -0.87 51.41
CA SER A 375 10.28 -1.60 52.07
C SER A 375 10.64 -0.97 53.40
N LEU A 376 10.75 0.36 53.44
CA LEU A 376 11.02 1.03 54.70
C LEU A 376 9.92 0.79 55.71
N ARG A 377 8.66 0.96 55.28
CA ARG A 377 7.51 0.65 56.12
C ARG A 377 7.61 -0.76 56.70
N ALA A 378 7.95 -1.71 55.84
CA ALA A 378 7.99 -3.10 56.27
C ALA A 378 9.10 -3.35 57.28
N ALA A 379 10.28 -2.78 57.05
CA ALA A 379 11.36 -2.96 58.00
C ALA A 379 11.00 -2.39 59.35
N LYS A 380 10.33 -1.24 59.35
CA LYS A 380 9.84 -0.70 60.62
C LYS A 380 8.88 -1.68 61.28
N GLN A 381 7.79 -2.02 60.57
CA GLN A 381 6.85 -3.02 61.03
C GLN A 381 7.54 -4.20 61.70
N ALA A 382 8.54 -4.77 61.04
CA ALA A 382 9.28 -5.89 61.59
C ALA A 382 10.27 -5.47 62.66
N ASP A 383 10.64 -4.19 62.71
CA ASP A 383 11.62 -3.71 63.67
C ASP A 383 12.96 -4.41 63.46
N ARG A 384 13.46 -4.32 62.23
CA ARG A 384 14.81 -4.74 61.91
C ARG A 384 15.55 -3.61 61.20
N ARG A 385 16.70 -3.92 60.61
CA ARG A 385 17.58 -2.91 60.02
C ARG A 385 17.95 -3.35 58.61
N ILE A 386 17.87 -2.42 57.67
CA ILE A 386 18.14 -2.71 56.26
C ILE A 386 19.05 -1.63 55.68
N LYS A 387 19.34 -1.79 54.40
CA LYS A 387 20.25 -0.90 53.68
C LYS A 387 19.89 -1.01 52.21
N LEU A 388 19.40 0.08 51.62
CA LEU A 388 18.72 0.06 50.35
C LEU A 388 19.57 0.60 49.22
N TYR A 389 19.57 -0.12 48.10
CA TYR A 389 20.09 0.35 46.83
C TYR A 389 18.93 0.41 45.84
N ALA A 390 18.88 1.48 45.04
CA ALA A 390 17.85 1.65 44.03
C ALA A 390 18.52 1.82 42.67
N VAL A 391 18.06 1.06 41.69
CA VAL A 391 18.61 1.07 40.35
C VAL A 391 17.49 1.40 39.37
N GLU A 392 17.72 2.42 38.55
CA GLU A 392 16.77 2.84 37.54
C GLU A 392 17.53 3.40 36.35
N LYS A 393 17.17 2.94 35.15
CA LYS A 393 17.87 3.32 33.94
C LYS A 393 17.24 4.49 33.22
N ASN A 394 16.11 4.99 33.69
CA ASN A 394 15.50 6.16 33.13
C ASN A 394 15.95 7.39 33.91
N PRO A 395 16.57 8.38 33.26
CA PRO A 395 17.11 9.52 34.01
C PRO A 395 16.05 10.46 34.54
N ASN A 396 14.93 10.59 33.84
CA ASN A 396 13.90 11.52 34.24
C ASN A 396 13.26 11.10 35.55
N ALA A 397 13.13 9.80 35.76
CA ALA A 397 12.66 9.27 37.04
C ALA A 397 13.73 9.34 38.12
N VAL A 398 14.98 9.17 37.73
CA VAL A 398 16.10 9.38 38.64
C VAL A 398 16.09 10.77 39.22
N VAL A 399 15.64 11.76 38.45
CA VAL A 399 15.51 13.12 38.98
C VAL A 399 14.60 13.13 40.19
N THR A 400 13.40 12.58 40.03
CA THR A 400 12.44 12.47 41.12
C THR A 400 13.02 11.72 42.30
N LEU A 401 13.74 10.64 42.03
CA LEU A 401 14.31 9.83 43.10
C LEU A 401 15.34 10.61 43.89
N GLU A 402 16.23 11.32 43.21
CA GLU A 402 17.26 12.07 43.89
C GLU A 402 16.69 13.22 44.71
N ASN A 403 15.62 13.84 44.22
CA ASN A 403 14.96 14.85 45.02
C ASN A 403 14.38 14.25 46.30
N TRP A 404 13.57 13.20 46.16
CA TRP A 404 12.97 12.56 47.33
C TRP A 404 14.03 12.04 48.29
N GLN A 405 15.16 11.58 47.79
CA GLN A 405 16.28 11.18 48.62
C GLN A 405 16.86 12.33 49.42
N PHE A 406 17.25 13.41 48.75
CA PHE A 406 17.81 14.55 49.46
C PHE A 406 16.85 15.08 50.51
N GLU A 407 15.55 15.07 50.24
CA GLU A 407 14.59 15.68 51.15
C GLU A 407 14.16 14.76 52.29
N GLU A 408 14.26 13.44 52.14
CA GLU A 408 13.61 12.55 53.09
C GLU A 408 14.42 11.31 53.45
N TRP A 409 14.60 10.42 52.49
CA TRP A 409 15.17 9.11 52.74
C TRP A 409 16.49 9.21 53.48
N GLY A 410 17.44 9.93 52.90
CA GLY A 410 18.71 10.16 53.55
C GLY A 410 19.80 9.20 53.14
N SER A 411 20.59 8.77 54.12
CA SER A 411 21.73 7.91 53.87
C SER A 411 21.38 6.45 53.77
N GLN A 412 20.27 6.02 54.39
CA GLN A 412 19.77 4.68 54.18
C GLN A 412 19.81 4.30 52.71
N VAL A 413 19.39 5.22 51.86
CA VAL A 413 19.12 4.94 50.46
C VAL A 413 20.24 5.48 49.59
N THR A 414 20.75 4.62 48.71
CA THR A 414 21.69 4.98 47.66
C THR A 414 21.03 4.79 46.31
N VAL A 415 21.01 5.85 45.50
CA VAL A 415 20.43 5.80 44.17
C VAL A 415 21.50 5.50 43.14
N VAL A 416 21.13 4.69 42.16
CA VAL A 416 22.01 4.27 41.08
C VAL A 416 21.28 4.45 39.76
N SER A 417 21.93 5.13 38.82
CA SER A 417 21.40 5.31 37.48
C SER A 417 22.16 4.37 36.55
N SER A 418 21.57 3.23 36.25
CA SER A 418 22.22 2.22 35.43
C SER A 418 21.21 1.14 35.07
N ASP A 419 21.64 0.26 34.19
CA ASP A 419 20.92 -0.96 33.87
C ASP A 419 21.42 -2.09 34.75
N MET A 420 20.48 -2.89 35.26
CA MET A 420 20.76 -4.10 36.01
C MET A 420 21.92 -4.89 35.41
N ARG A 421 21.91 -5.01 34.10
CA ARG A 421 22.78 -5.92 33.38
C ARG A 421 24.16 -5.35 33.13
N GLU A 422 24.43 -4.12 33.57
CA GLU A 422 25.71 -3.47 33.35
C GLU A 422 26.32 -2.92 34.63
N TRP A 423 25.60 -2.93 35.72
CA TRP A 423 26.05 -2.33 36.97
C TRP A 423 27.02 -3.21 37.71
N VAL A 424 28.10 -2.61 38.17
CA VAL A 424 29.09 -3.27 39.00
C VAL A 424 28.76 -2.95 40.45
N ALA A 425 28.25 -3.92 41.15
CA ALA A 425 27.79 -3.67 42.50
C ALA A 425 28.95 -3.56 43.47
N PRO A 426 28.82 -2.77 44.50
CA PRO A 426 29.87 -2.70 45.52
C PRO A 426 29.93 -3.96 46.36
N GLU A 427 28.77 -4.42 46.83
CA GLU A 427 28.70 -5.56 47.74
C GLU A 427 27.57 -6.47 47.28
N LYS A 428 27.25 -7.45 48.12
CA LYS A 428 26.24 -8.45 47.84
C LYS A 428 24.95 -8.12 48.57
N ALA A 429 23.85 -8.62 48.02
CA ALA A 429 22.53 -8.39 48.58
C ALA A 429 21.96 -9.66 49.19
N ASP A 430 21.07 -9.44 50.15
CA ASP A 430 20.30 -10.52 50.76
C ASP A 430 18.97 -10.75 50.05
N ILE A 431 18.34 -9.68 49.58
CA ILE A 431 17.01 -9.72 48.99
C ILE A 431 17.01 -8.80 47.77
N ILE A 432 16.24 -9.18 46.76
CA ILE A 432 16.04 -8.37 45.57
C ILE A 432 14.56 -8.38 45.26
N VAL A 433 14.09 -7.28 44.67
CA VAL A 433 12.68 -6.98 44.55
C VAL A 433 12.44 -6.31 43.21
N SER A 434 11.40 -6.74 42.51
CA SER A 434 11.15 -6.24 41.16
C SER A 434 9.66 -6.23 40.88
N GLU A 435 9.27 -5.34 39.97
CA GLU A 435 7.90 -5.18 39.50
C GLU A 435 7.79 -5.37 38.00
N LEU A 436 8.75 -6.06 37.40
CA LEU A 436 8.79 -6.25 35.97
C LEU A 436 7.78 -7.27 35.48
N LEU A 437 6.50 -7.11 35.80
CA LEU A 437 5.47 -8.05 35.38
C LEU A 437 4.42 -7.34 34.54
N GLY A 438 4.17 -7.90 33.36
CA GLY A 438 3.06 -7.49 32.53
C GLY A 438 1.88 -8.45 32.62
N SER A 439 0.97 -8.27 31.67
CA SER A 439 -0.28 -9.03 31.69
C SER A 439 -0.06 -10.52 31.45
N PHE A 440 0.94 -10.89 30.65
CA PHE A 440 1.27 -12.28 30.38
C PHE A 440 2.51 -12.72 31.14
N ALA A 441 2.75 -12.12 32.30
CA ALA A 441 3.89 -12.42 33.16
C ALA A 441 5.22 -12.02 32.53
N ASP A 442 5.67 -12.79 31.55
CA ASP A 442 7.05 -12.71 31.07
C ASP A 442 7.25 -11.78 29.90
N ASN A 443 6.21 -11.11 29.43
CA ASN A 443 6.25 -10.37 28.19
C ASN A 443 6.92 -9.00 28.30
N GLU A 444 7.43 -8.63 29.47
CA GLU A 444 8.22 -7.41 29.62
C GLU A 444 9.68 -7.70 29.90
N LEU A 445 10.05 -8.97 30.02
CA LEU A 445 11.43 -9.44 30.01
C LEU A 445 12.05 -9.51 31.39
N SER A 446 11.26 -9.91 32.37
CA SER A 446 11.79 -10.14 33.71
C SER A 446 12.83 -11.24 33.77
N PRO A 447 12.67 -12.39 33.09
CA PRO A 447 13.69 -13.43 33.19
C PRO A 447 15.06 -12.97 32.73
N GLU A 448 15.13 -12.36 31.55
CA GLU A 448 16.38 -11.84 31.03
C GLU A 448 17.08 -10.94 32.04
N CYS A 449 16.34 -9.97 32.58
CA CYS A 449 16.94 -8.99 33.46
C CYS A 449 17.39 -9.61 34.77
N LEU A 450 16.52 -10.37 35.41
CA LEU A 450 16.89 -10.95 36.69
C LEU A 450 17.99 -11.98 36.55
N ASP A 451 18.11 -12.61 35.40
CA ASP A 451 19.23 -13.50 35.15
C ASP A 451 20.51 -12.71 34.96
N GLY A 452 20.41 -11.55 34.32
CA GLY A 452 21.56 -10.66 34.25
C GLY A 452 21.90 -10.01 35.58
N ALA A 453 21.06 -10.19 36.59
CA ALA A 453 21.31 -9.59 37.88
C ALA A 453 21.67 -10.58 38.99
N GLN A 454 21.57 -11.88 38.75
CA GLN A 454 21.61 -12.82 39.86
C GLN A 454 23.01 -13.03 40.42
N HIS A 455 24.03 -12.44 39.82
CA HIS A 455 25.38 -12.71 40.27
C HIS A 455 25.78 -11.89 41.49
N PHE A 456 25.23 -10.68 41.65
CA PHE A 456 25.43 -9.94 42.89
C PHE A 456 24.33 -10.23 43.91
N LEU A 457 23.64 -11.33 43.74
CA LEU A 457 22.88 -11.95 44.81
C LEU A 457 23.70 -13.10 45.39
N LYS A 458 23.66 -13.24 46.70
CA LYS A 458 24.48 -14.24 47.35
C LYS A 458 23.77 -15.60 47.38
N ASP A 459 24.41 -16.55 48.06
CA ASP A 459 23.95 -17.94 48.01
C ASP A 459 22.62 -18.11 48.73
N ASP A 460 22.50 -17.57 49.93
CA ASP A 460 21.27 -17.68 50.71
C ASP A 460 20.32 -16.53 50.37
N GLY A 461 20.45 -16.05 49.15
CA GLY A 461 19.65 -14.95 48.66
C GLY A 461 18.23 -15.33 48.30
N VAL A 462 17.36 -14.32 48.35
CA VAL A 462 15.95 -14.47 48.07
C VAL A 462 15.55 -13.47 47.00
N SER A 463 14.73 -13.92 46.06
CA SER A 463 14.10 -13.05 45.08
C SER A 463 12.62 -12.90 45.37
N ILE A 464 12.13 -11.70 45.12
CA ILE A 464 10.72 -11.37 45.24
C ILE A 464 10.31 -10.60 43.99
N PRO A 465 9.51 -11.19 43.09
CA PRO A 465 8.94 -12.54 43.12
C PRO A 465 9.92 -13.67 42.97
N GLY A 466 9.50 -14.85 43.38
CA GLY A 466 10.25 -16.07 43.19
C GLY A 466 9.69 -16.95 42.10
N GLU A 467 8.41 -16.78 41.80
CA GLU A 467 7.70 -17.65 40.87
C GLU A 467 6.63 -16.86 40.15
N TYR A 468 6.41 -17.21 38.88
CA TYR A 468 5.26 -16.69 38.16
C TYR A 468 4.89 -17.64 37.04
N THR A 469 3.60 -17.62 36.69
CA THR A 469 3.00 -18.56 35.76
C THR A 469 1.94 -17.85 34.93
N SER A 470 1.86 -18.22 33.65
CA SER A 470 0.89 -17.67 32.72
C SER A 470 -0.16 -18.70 32.36
N PHE A 471 -1.27 -18.20 31.79
CA PHE A 471 -2.43 -19.02 31.50
C PHE A 471 -3.05 -18.57 30.18
N LEU A 472 -3.74 -19.51 29.53
CA LEU A 472 -4.37 -19.27 28.25
C LEU A 472 -5.72 -19.95 28.20
N ALA A 473 -6.66 -19.32 27.49
CA ALA A 473 -8.00 -19.86 27.32
C ALA A 473 -8.58 -19.38 26.01
N PRO A 474 -9.45 -20.15 25.38
CA PRO A 474 -10.07 -19.72 24.13
C PRO A 474 -11.35 -18.93 24.29
N ILE A 475 -11.65 -18.16 23.26
CA ILE A 475 -12.79 -17.25 23.25
C ILE A 475 -13.38 -17.15 21.86
N SER A 476 -14.58 -16.59 21.80
CA SER A 476 -15.24 -16.18 20.59
C SER A 476 -15.74 -14.75 20.75
N SER A 477 -15.55 -13.93 19.72
CA SER A 477 -16.09 -12.58 19.74
C SER A 477 -15.97 -11.85 18.41
N SER A 478 -17.11 -11.63 17.75
CA SER A 478 -17.13 -10.85 16.52
C SER A 478 -16.66 -9.43 16.74
N LYS A 479 -17.07 -8.81 17.84
CA LYS A 479 -16.70 -7.43 18.11
C LYS A 479 -15.19 -7.25 18.10
N LEU A 480 -14.48 -8.12 18.82
CA LEU A 480 -13.03 -8.01 18.88
C LEU A 480 -12.38 -8.31 17.54
N TYR A 481 -12.89 -9.31 16.83
CA TYR A 481 -12.35 -9.64 15.52
C TYR A 481 -12.48 -8.46 14.57
N ASN A 482 -13.56 -7.71 14.68
CA ASN A 482 -13.77 -6.58 13.81
C ASN A 482 -12.96 -5.38 14.26
N GLU A 483 -12.69 -5.27 15.56
CA GLU A 483 -11.79 -4.22 16.02
C GLU A 483 -10.36 -4.49 15.58
N VAL A 484 -9.97 -5.75 15.49
CA VAL A 484 -8.68 -6.10 14.92
C VAL A 484 -8.65 -5.77 13.44
N ARG A 485 -9.64 -6.24 12.68
CA ARG A 485 -9.80 -5.88 11.27
C ARG A 485 -9.50 -4.41 11.04
N ALA A 486 -9.90 -3.57 11.98
CA ALA A 486 -9.80 -2.13 11.83
C ALA A 486 -8.41 -1.60 12.14
N CYS A 487 -7.57 -2.36 12.82
CA CYS A 487 -6.23 -1.88 13.16
C CYS A 487 -5.27 -1.95 11.99
N ARG A 488 -5.79 -2.00 10.77
CA ARG A 488 -4.93 -1.98 9.61
C ARG A 488 -4.36 -0.59 9.39
N GLU A 489 -3.16 -0.53 8.85
CA GLU A 489 -2.49 0.74 8.61
C GLU A 489 -1.56 0.58 7.42
N LYS A 490 -1.32 1.70 6.77
CA LYS A 490 -0.55 1.73 5.55
C LYS A 490 0.94 1.50 5.81
N ASP A 491 1.61 1.00 4.78
CA ASP A 491 3.05 0.79 4.77
C ASP A 491 3.44 -0.42 5.60
N ARG A 492 2.68 -1.50 5.47
CA ARG A 492 3.03 -2.76 6.10
C ARG A 492 2.13 -3.86 5.56
N ASP A 493 2.42 -5.07 5.98
CA ASP A 493 1.65 -6.24 5.61
C ASP A 493 0.18 -6.06 6.02
N PRO A 494 -0.77 -6.36 5.13
CA PRO A 494 -2.18 -6.16 5.47
C PRO A 494 -2.76 -7.22 6.38
N GLU A 495 -1.93 -8.10 6.94
CA GLU A 495 -2.37 -9.12 7.87
C GLU A 495 -1.54 -9.09 9.15
N ALA A 496 -0.72 -8.07 9.32
CA ALA A 496 0.16 -7.98 10.48
C ALA A 496 -0.61 -7.74 11.77
N GLN A 497 -1.73 -7.03 11.71
CA GLN A 497 -2.54 -6.77 12.89
C GLN A 497 -3.12 -8.03 13.51
N PHE A 498 -3.09 -9.15 12.80
CA PHE A 498 -3.52 -10.42 13.35
C PHE A 498 -2.38 -11.19 13.99
N GLU A 499 -1.16 -10.68 13.89
CA GLU A 499 0.04 -11.39 14.29
C GLU A 499 0.70 -10.73 15.49
N MET A 500 -0.08 -10.02 16.29
CA MET A 500 0.44 -9.27 17.39
C MET A 500 -0.60 -9.18 18.49
N PRO A 501 -0.19 -9.19 19.75
CA PRO A 501 -1.14 -9.18 20.86
C PRO A 501 -1.59 -7.78 21.27
N TYR A 502 -2.56 -7.77 22.16
CA TYR A 502 -3.22 -6.57 22.61
C TYR A 502 -3.63 -6.74 24.05
N VAL A 503 -3.62 -5.63 24.77
CA VAL A 503 -4.12 -5.55 26.13
C VAL A 503 -5.47 -4.89 26.08
N VAL A 504 -6.45 -5.50 26.72
CA VAL A 504 -7.83 -5.14 26.49
C VAL A 504 -8.69 -5.68 27.63
N ARG A 505 -9.59 -4.83 28.11
CA ARG A 505 -10.60 -5.21 29.09
C ARG A 505 -11.74 -5.91 28.37
N LEU A 506 -11.77 -7.24 28.48
CA LEU A 506 -12.74 -8.04 27.75
C LEU A 506 -14.12 -7.94 28.37
N HIS A 507 -15.13 -7.79 27.52
CA HIS A 507 -16.48 -7.55 27.98
C HIS A 507 -17.49 -8.40 27.23
N ASN A 508 -17.76 -8.05 25.97
CA ASN A 508 -18.71 -8.78 25.15
C ASN A 508 -17.98 -9.90 24.41
N PHE A 509 -18.00 -11.08 25.01
CA PHE A 509 -17.24 -12.21 24.50
C PHE A 509 -17.75 -13.47 25.16
N HIS A 510 -17.39 -14.61 24.58
CA HIS A 510 -17.72 -15.91 25.15
C HIS A 510 -16.47 -16.74 25.30
N GLN A 511 -16.28 -17.28 26.51
CA GLN A 511 -15.19 -18.18 26.80
C GLN A 511 -15.62 -19.62 26.61
N LEU A 512 -14.78 -20.38 25.92
CA LEU A 512 -15.13 -21.71 25.46
C LEU A 512 -14.61 -22.84 26.33
N SER A 513 -13.66 -22.56 27.22
CA SER A 513 -13.12 -23.61 28.08
C SER A 513 -12.17 -22.98 29.07
N ALA A 514 -12.01 -23.66 30.21
CA ALA A 514 -11.24 -23.15 31.31
C ALA A 514 -9.81 -22.82 30.87
N PRO A 515 -9.09 -22.04 31.66
CA PRO A 515 -7.70 -21.74 31.32
C PRO A 515 -6.74 -22.81 31.82
N GLN A 516 -5.69 -23.03 31.04
CA GLN A 516 -4.68 -24.01 31.35
C GLN A 516 -3.32 -23.34 31.38
N PRO A 517 -2.36 -23.90 32.11
CA PRO A 517 -1.07 -23.24 32.28
C PRO A 517 -0.17 -23.36 31.06
N CYS A 518 0.58 -22.29 30.80
CA CYS A 518 1.43 -22.19 29.63
C CYS A 518 2.88 -22.24 30.10
N PHE A 519 3.50 -21.11 30.42
CA PHE A 519 4.90 -21.06 30.76
C PHE A 519 5.10 -20.63 32.20
N THR A 520 6.22 -21.04 32.77
CA THR A 520 6.51 -20.83 34.18
C THR A 520 7.99 -20.48 34.36
N PHE A 521 8.26 -19.55 35.26
CA PHE A 521 9.61 -19.15 35.60
C PHE A 521 9.78 -19.04 37.10
N SER A 522 11.00 -19.25 37.55
CA SER A 522 11.33 -19.23 38.96
C SER A 522 12.71 -18.65 39.16
N HIS A 523 12.86 -17.83 40.20
CA HIS A 523 14.10 -17.13 40.46
C HIS A 523 14.52 -17.32 41.91
N PRO A 524 15.82 -17.51 42.18
CA PRO A 524 16.92 -17.57 41.21
C PRO A 524 17.02 -18.89 40.46
N ASN A 525 17.70 -18.84 39.33
CA ASN A 525 17.90 -19.99 38.46
C ASN A 525 19.30 -20.53 38.66
N ARG A 526 19.39 -21.67 39.35
CA ARG A 526 20.68 -22.25 39.71
C ARG A 526 21.01 -23.40 38.76
N ASP A 527 21.20 -23.03 37.49
CA ASP A 527 21.47 -24.01 36.45
C ASP A 527 22.44 -23.45 35.43
N PRO A 528 23.48 -24.19 35.06
CA PRO A 528 24.39 -23.70 34.01
C PRO A 528 23.70 -23.50 32.69
N MET A 529 22.69 -24.30 32.38
CA MET A 529 21.94 -24.20 31.14
C MET A 529 20.75 -23.27 31.38
N ILE A 530 21.00 -21.97 31.27
CA ILE A 530 19.92 -21.00 31.31
C ILE A 530 19.33 -20.90 29.91
N ASP A 531 18.12 -21.43 29.74
CA ASP A 531 17.35 -21.28 28.51
C ASP A 531 15.97 -20.79 28.86
N ASN A 532 15.67 -19.55 28.50
CA ASN A 532 14.36 -18.96 28.70
C ASN A 532 13.43 -19.22 27.52
N ASN A 533 13.86 -20.04 26.58
CA ASN A 533 13.02 -20.44 25.46
C ASN A 533 12.15 -21.63 25.84
N ARG A 534 10.95 -21.67 25.26
CA ARG A 534 9.90 -22.58 25.73
C ARG A 534 9.03 -23.03 24.57
N TYR A 535 8.41 -24.19 24.76
CA TYR A 535 7.49 -24.80 23.83
C TYR A 535 6.41 -25.53 24.62
N CYS A 536 5.14 -25.26 24.29
CA CYS A 536 4.04 -25.89 25.00
C CYS A 536 2.93 -26.28 24.04
N THR A 537 2.18 -27.30 24.45
CA THR A 537 1.04 -27.82 23.72
C THR A 537 -0.11 -27.99 24.69
N LEU A 538 -1.32 -27.65 24.23
CA LEU A 538 -2.49 -27.66 25.10
C LEU A 538 -3.72 -28.14 24.33
N GLU A 539 -4.59 -28.85 25.03
CA GLU A 539 -5.84 -29.37 24.47
C GLU A 539 -7.01 -28.91 25.32
N PHE A 540 -7.99 -28.31 24.66
CA PHE A 540 -9.16 -27.74 25.33
C PHE A 540 -10.43 -28.44 24.86
N PRO A 541 -11.19 -29.09 25.74
CA PRO A 541 -12.48 -29.64 25.32
C PRO A 541 -13.57 -28.61 25.15
N VAL A 542 -14.45 -28.89 24.20
CA VAL A 542 -15.54 -28.01 23.82
C VAL A 542 -16.86 -28.71 24.07
N GLU A 543 -17.89 -27.92 24.38
CA GLU A 543 -19.21 -28.45 24.72
C GLU A 543 -20.33 -27.67 24.03
N VAL A 544 -20.04 -26.97 22.95
CA VAL A 544 -21.04 -26.20 22.24
C VAL A 544 -20.53 -25.93 20.84
N ASN A 545 -21.44 -25.74 19.91
CA ASN A 545 -21.05 -25.30 18.57
C ASN A 545 -20.84 -23.80 18.55
N THR A 546 -19.87 -23.36 17.77
CA THR A 546 -19.45 -21.97 17.85
C THR A 546 -18.32 -21.62 16.89
N VAL A 547 -17.66 -20.50 17.16
CA VAL A 547 -16.50 -20.07 16.41
C VAL A 547 -15.35 -19.82 17.37
N LEU A 548 -14.13 -19.88 16.83
CA LEU A 548 -12.92 -19.55 17.55
C LEU A 548 -12.31 -18.30 16.95
N HIS A 549 -12.04 -17.32 17.80
CA HIS A 549 -11.50 -16.04 17.37
C HIS A 549 -10.19 -15.68 18.02
N GLY A 550 -9.85 -16.30 19.15
CA GLY A 550 -8.56 -16.04 19.74
C GLY A 550 -8.39 -16.73 21.07
N PHE A 551 -7.32 -16.36 21.73
CA PHE A 551 -6.95 -16.88 23.03
C PHE A 551 -6.68 -15.72 23.97
N ALA A 552 -7.20 -15.81 25.19
CA ALA A 552 -6.95 -14.81 26.22
C ALA A 552 -5.94 -15.31 27.23
N GLY A 553 -5.24 -14.38 27.86
CA GLY A 553 -4.12 -14.69 28.73
C GLY A 553 -4.24 -14.07 30.09
N TYR A 554 -3.63 -14.73 31.08
CA TYR A 554 -3.67 -14.32 32.47
C TYR A 554 -2.35 -14.70 33.13
N PHE A 555 -2.29 -14.57 34.45
CA PHE A 555 -1.09 -14.95 35.17
C PHE A 555 -1.34 -14.92 36.67
N GLU A 556 -0.54 -15.69 37.37
CA GLU A 556 -0.51 -15.77 38.83
C GLU A 556 0.94 -15.69 39.27
N THR A 557 1.18 -15.05 40.40
CA THR A 557 2.53 -14.94 40.93
C THR A 557 2.57 -15.27 42.41
N VAL A 558 3.71 -15.80 42.82
CA VAL A 558 4.00 -16.06 44.22
C VAL A 558 5.12 -15.12 44.64
N LEU A 559 4.79 -14.20 45.55
CA LEU A 559 5.78 -13.25 46.02
C LEU A 559 6.70 -13.87 47.07
N TYR A 560 6.10 -14.40 48.13
CA TYR A 560 6.86 -15.10 49.15
C TYR A 560 5.91 -16.07 49.84
N GLN A 561 6.09 -17.35 49.58
CA GLN A 561 5.29 -18.38 50.21
C GLN A 561 3.81 -18.17 49.98
N ASP A 562 3.09 -17.70 50.97
CA ASP A 562 1.63 -17.62 50.92
C ASP A 562 1.11 -16.31 50.36
N ILE A 563 1.96 -15.34 50.06
CA ILE A 563 1.53 -14.08 49.48
C ILE A 563 1.54 -14.21 47.97
N THR A 564 0.40 -13.89 47.35
CA THR A 564 0.17 -14.20 45.94
C THR A 564 -0.62 -13.08 45.28
N LEU A 565 -0.52 -13.02 43.96
CA LEU A 565 -1.32 -12.12 43.14
C LEU A 565 -1.79 -12.82 41.88
N SER A 566 -3.02 -12.55 41.48
CA SER A 566 -3.63 -13.19 40.33
C SER A 566 -4.60 -12.26 39.63
N ILE A 567 -4.64 -12.35 38.31
CA ILE A 567 -5.70 -11.76 37.49
C ILE A 567 -6.54 -12.84 36.84
N ARG A 568 -6.28 -14.09 37.15
CA ARG A 568 -7.08 -15.20 36.68
C ARG A 568 -8.53 -15.03 37.15
N PRO A 569 -9.51 -15.17 36.26
CA PRO A 569 -10.89 -14.83 36.64
C PRO A 569 -11.46 -15.72 37.72
N GLU A 570 -10.84 -16.85 38.01
CA GLU A 570 -11.31 -17.75 39.06
C GLU A 570 -10.69 -17.43 40.40
N THR A 571 -9.53 -16.79 40.41
CA THR A 571 -8.77 -16.53 41.62
C THR A 571 -8.32 -15.08 41.68
N HIS A 572 -9.05 -14.19 41.03
CA HIS A 572 -8.63 -12.80 40.94
C HIS A 572 -8.47 -12.21 42.33
N SER A 573 -7.51 -11.33 42.44
CA SER A 573 -7.32 -10.65 43.71
C SER A 573 -8.30 -9.49 43.83
N PRO A 574 -8.89 -9.27 45.00
CA PRO A 574 -9.92 -8.24 45.12
C PRO A 574 -9.35 -6.84 45.03
N GLY A 575 -10.01 -6.01 44.22
CA GLY A 575 -9.66 -4.61 44.09
C GLY A 575 -8.31 -4.32 43.46
N MET A 576 -7.73 -5.31 42.81
CA MET A 576 -6.42 -5.18 42.17
C MET A 576 -6.65 -4.97 40.68
N PHE A 577 -6.60 -3.71 40.24
CA PHE A 577 -6.97 -3.34 38.88
C PHE A 577 -5.78 -2.84 38.07
N SER A 578 -4.56 -3.19 38.47
CA SER A 578 -3.38 -2.72 37.75
C SER A 578 -3.30 -3.30 36.34
N TRP A 579 -3.66 -4.56 36.18
CA TRP A 579 -3.49 -5.29 34.94
C TRP A 579 -4.83 -5.65 34.31
N PHE A 580 -4.88 -5.59 33.01
CA PHE A 580 -5.95 -6.14 32.20
C PHE A 580 -5.47 -7.41 31.52
N PRO A 581 -6.37 -8.14 30.86
CA PRO A 581 -5.96 -9.35 30.15
C PRO A 581 -5.25 -9.02 28.84
N ILE A 582 -4.67 -10.06 28.25
CA ILE A 582 -3.99 -9.96 26.97
C ILE A 582 -4.65 -10.89 25.97
N LEU A 583 -4.79 -10.40 24.75
CA LEU A 583 -5.44 -11.13 23.66
C LEU A 583 -4.47 -11.42 22.53
N PHE A 584 -4.37 -12.68 22.18
CA PHE A 584 -3.71 -13.21 21.00
C PHE A 584 -4.74 -13.58 19.95
N PRO A 585 -4.66 -13.04 18.74
CA PRO A 585 -5.66 -13.37 17.73
C PRO A 585 -5.19 -14.39 16.70
N ILE A 586 -6.10 -14.83 15.83
CA ILE A 586 -5.77 -15.62 14.65
C ILE A 586 -6.38 -14.95 13.44
N LYS A 587 -5.87 -15.33 12.26
CA LYS A 587 -6.23 -14.67 11.02
C LYS A 587 -7.63 -15.03 10.57
N GLN A 588 -7.91 -16.32 10.46
CA GLN A 588 -9.18 -16.80 10.00
C GLN A 588 -9.92 -17.47 11.14
N PRO A 589 -11.21 -17.21 11.29
CA PRO A 589 -11.98 -17.92 12.31
C PRO A 589 -12.11 -19.39 11.98
N ILE A 590 -12.23 -20.20 13.02
CA ILE A 590 -12.30 -21.64 12.91
C ILE A 590 -13.61 -22.11 13.52
N THR A 591 -14.34 -22.93 12.77
CA THR A 591 -15.62 -23.46 13.25
C THR A 591 -15.38 -24.70 14.08
N VAL A 592 -16.05 -24.78 15.21
CA VAL A 592 -15.93 -25.89 16.13
C VAL A 592 -17.31 -26.47 16.39
N ARG A 593 -17.33 -27.75 16.73
CA ARG A 593 -18.55 -28.46 17.07
C ARG A 593 -18.42 -29.09 18.45
N GLU A 594 -19.57 -29.38 19.03
CA GLU A 594 -19.63 -29.95 20.36
C GLU A 594 -18.89 -31.28 20.42
N GLY A 595 -18.11 -31.47 21.47
CA GLY A 595 -17.35 -32.66 21.66
C GLY A 595 -15.96 -32.63 21.05
N GLN A 596 -15.73 -31.75 20.09
CA GLN A 596 -14.41 -31.64 19.47
C GLN A 596 -13.41 -31.15 20.51
N THR A 597 -12.19 -30.88 20.06
CA THR A 597 -11.11 -30.51 20.97
C THR A 597 -10.14 -29.60 20.26
N ILE A 598 -10.01 -28.36 20.74
CA ILE A 598 -9.04 -27.42 20.21
C ILE A 598 -7.68 -27.72 20.79
N CYS A 599 -6.68 -27.81 19.92
CA CYS A 599 -5.28 -27.90 20.33
C CYS A 599 -4.54 -26.68 19.80
N VAL A 600 -3.52 -26.25 20.53
CA VAL A 600 -2.78 -25.05 20.22
C VAL A 600 -1.35 -25.22 20.67
N ARG A 601 -0.43 -24.64 19.90
CA ARG A 601 0.99 -24.65 20.20
C ARG A 601 1.47 -23.21 20.35
N PHE A 602 2.32 -23.00 21.35
CA PHE A 602 2.97 -21.72 21.57
C PHE A 602 4.47 -21.95 21.72
N TRP A 603 5.23 -20.99 21.20
CA TRP A 603 6.67 -20.97 21.32
C TRP A 603 7.09 -19.65 21.91
N ARG A 604 8.17 -19.69 22.67
CA ARG A 604 8.84 -18.49 23.11
C ARG A 604 10.27 -18.54 22.61
N CYS A 605 10.63 -17.54 21.81
CA CYS A 605 11.82 -17.56 20.99
C CYS A 605 12.67 -16.34 21.32
N SER A 606 13.85 -16.28 20.72
CA SER A 606 14.88 -15.39 21.22
C SER A 606 16.01 -15.27 20.21
N ASN A 607 16.71 -14.15 20.32
CA ASN A 607 18.06 -13.99 19.81
C ASN A 607 18.75 -13.00 20.74
N SER A 608 19.99 -12.63 20.41
CA SER A 608 20.70 -11.68 21.25
C SER A 608 20.07 -10.31 21.26
N LYS A 609 19.17 -10.03 20.33
CA LYS A 609 18.56 -8.73 20.20
C LYS A 609 17.10 -8.66 20.60
N LYS A 610 16.35 -9.75 20.48
CA LYS A 610 14.90 -9.70 20.55
C LYS A 610 14.33 -10.97 21.15
N VAL A 611 13.11 -10.83 21.66
CA VAL A 611 12.27 -11.93 22.12
C VAL A 611 10.93 -11.81 21.42
N TRP A 612 10.27 -12.95 21.19
CA TRP A 612 8.94 -12.94 20.60
C TRP A 612 8.23 -14.27 20.88
N TYR A 613 7.00 -14.35 20.38
CA TYR A 613 6.12 -15.49 20.52
C TYR A 613 5.60 -15.92 19.16
N GLU A 614 5.29 -17.21 19.04
CA GLU A 614 4.64 -17.78 17.89
C GLU A 614 3.59 -18.77 18.35
N TRP A 615 2.46 -18.81 17.65
CA TRP A 615 1.35 -19.66 18.02
C TRP A 615 0.67 -20.20 16.77
N ALA A 616 0.00 -21.34 16.94
CA ALA A 616 -0.70 -22.00 15.86
C ALA A 616 -1.72 -22.99 16.41
N VAL A 617 -2.80 -23.16 15.68
CA VAL A 617 -3.83 -24.13 15.98
C VAL A 617 -3.61 -25.36 15.10
N THR A 618 -3.72 -26.54 15.70
CA THR A 618 -3.56 -27.82 15.03
C THR A 618 -4.87 -28.56 14.85
N ALA A 619 -5.69 -28.60 15.88
CA ALA A 619 -6.98 -29.25 15.88
C ALA A 619 -8.06 -28.27 16.31
N PRO A 620 -9.29 -28.41 15.79
CA PRO A 620 -9.76 -29.49 14.91
C PRO A 620 -9.33 -29.33 13.48
N VAL A 621 -9.01 -28.12 13.10
CA VAL A 621 -8.43 -27.82 11.80
C VAL A 621 -7.13 -27.07 12.04
N CYS A 622 -6.25 -27.13 11.05
CA CYS A 622 -4.96 -26.49 11.17
C CYS A 622 -5.02 -25.05 10.70
N SER A 623 -4.17 -24.23 11.30
CA SER A 623 -3.98 -22.85 10.89
C SER A 623 -2.55 -22.67 10.40
N ALA A 624 -2.21 -21.43 10.07
CA ALA A 624 -0.84 -21.05 9.82
C ALA A 624 -0.12 -20.71 11.12
N ILE A 625 1.19 -20.73 11.03
CA ILE A 625 2.03 -20.25 12.13
C ILE A 625 2.02 -18.73 12.13
N HIS A 626 1.69 -18.16 13.28
CA HIS A 626 1.59 -16.73 13.46
C HIS A 626 2.90 -16.15 13.98
N ASN A 627 3.41 -15.12 13.28
CA ASN A 627 4.53 -14.26 13.62
C ASN A 627 5.87 -14.98 13.59
N PRO A 628 6.22 -15.63 12.48
CA PRO A 628 7.56 -16.18 12.34
C PRO A 628 8.63 -15.10 12.28
N THR A 629 9.73 -15.36 12.99
CA THR A 629 10.90 -14.50 13.09
C THR A 629 10.59 -13.13 13.65
N GLY A 630 9.46 -12.98 14.32
CA GLY A 630 9.09 -11.70 14.86
C GLY A 630 8.81 -10.65 13.81
N ARG A 631 8.36 -11.07 12.62
CA ARG A 631 8.13 -10.14 11.51
C ARG A 631 7.04 -9.12 11.79
N SER A 632 6.30 -9.24 12.89
CA SER A 632 5.24 -8.29 13.17
C SER A 632 5.26 -7.78 14.60
N TYR A 633 5.78 -8.57 15.52
CA TYR A 633 5.89 -8.15 16.91
C TYR A 633 7.20 -8.65 17.48
N THR A 634 7.95 -7.72 18.07
CA THR A 634 9.19 -8.01 18.75
C THR A 634 9.24 -7.23 20.05
N ILE A 635 9.89 -7.81 21.05
CA ILE A 635 10.16 -7.18 22.33
C ILE A 635 11.66 -6.91 22.38
N GLY A 636 12.02 -5.64 22.27
CA GLY A 636 13.42 -5.29 22.13
C GLY A 636 14.17 -5.37 23.45
N LEU A 637 15.35 -5.95 23.40
CA LEU A 637 16.23 -6.00 24.55
C LEU A 637 16.98 -4.70 24.74
N ALA B 23 -71.34 13.87 6.81
CA ALA B 23 -70.37 12.85 6.33
C ALA B 23 -69.11 13.52 5.80
N PRO B 24 -68.04 12.75 5.67
CA PRO B 24 -66.76 13.32 5.22
C PRO B 24 -66.91 14.14 3.95
N ALA B 25 -65.91 15.00 3.71
CA ALA B 25 -65.96 15.88 2.56
C ALA B 25 -65.45 15.18 1.32
N CYS B 26 -64.28 14.56 1.41
CA CYS B 26 -63.67 13.84 0.31
C CYS B 26 -63.58 12.36 0.66
N MET B 27 -63.42 11.54 -0.37
CA MET B 27 -63.23 10.10 -0.18
C MET B 27 -61.78 9.74 -0.40
N GLU B 28 -61.36 8.66 0.25
CA GLU B 28 -60.02 8.14 0.08
C GLU B 28 -59.88 7.51 -1.30
N ARG B 29 -58.66 7.54 -1.81
CA ARG B 29 -58.43 7.17 -3.20
C ARG B 29 -58.33 5.66 -3.41
N GLN B 30 -57.99 4.91 -2.37
CA GLN B 30 -57.85 3.46 -2.46
C GLN B 30 -59.12 2.80 -1.94
N LEU B 31 -59.78 2.05 -2.80
CA LEU B 31 -61.02 1.35 -2.48
C LEU B 31 -60.74 -0.13 -2.37
N GLU B 32 -61.16 -0.73 -1.27
CA GLU B 32 -60.78 -2.10 -0.96
C GLU B 32 -61.94 -3.09 -0.92
N ALA B 33 -63.11 -2.70 -0.42
CA ALA B 33 -64.21 -3.64 -0.27
C ALA B 33 -65.51 -3.09 -0.82
N ALA B 34 -66.35 -3.99 -1.33
CA ALA B 34 -67.64 -3.66 -1.94
C ALA B 34 -68.59 -4.83 -1.75
N ARG B 35 -69.70 -4.61 -1.05
CA ARG B 35 -70.62 -5.69 -0.72
C ARG B 35 -72.07 -5.26 -0.86
N TYR B 36 -72.82 -5.98 -1.68
CA TYR B 36 -74.26 -5.80 -1.81
C TYR B 36 -74.98 -6.48 -0.66
N ARG B 37 -76.10 -5.89 -0.27
CA ARG B 37 -77.02 -6.53 0.64
C ARG B 37 -78.28 -6.95 -0.12
N SER B 38 -79.20 -7.57 0.62
CA SER B 38 -80.36 -8.21 0.02
C SER B 38 -81.18 -7.23 -0.81
N ASP B 39 -81.65 -6.15 -0.19
CA ASP B 39 -82.54 -5.21 -0.85
C ASP B 39 -81.87 -4.45 -2.00
N GLY B 40 -80.58 -4.63 -2.22
CA GLY B 40 -79.88 -4.02 -3.34
C GLY B 40 -78.91 -2.92 -2.98
N ALA B 41 -78.89 -2.46 -1.75
CA ALA B 41 -77.97 -1.38 -1.39
C ALA B 41 -76.53 -1.86 -1.43
N LEU B 42 -75.61 -0.91 -1.50
CA LEU B 42 -74.20 -1.18 -1.72
C LEU B 42 -73.35 -0.57 -0.62
N LEU B 43 -72.42 -1.36 -0.11
CA LEU B 43 -71.49 -0.96 0.94
C LEU B 43 -70.09 -0.84 0.36
N LEU B 44 -69.43 0.27 0.65
CA LEU B 44 -68.09 0.54 0.15
C LEU B 44 -67.11 0.79 1.31
N GLY B 45 -65.86 0.41 1.09
CA GLY B 45 -64.80 0.65 2.05
C GLY B 45 -63.56 1.23 1.42
N ALA B 46 -63.00 2.28 2.02
CA ALA B 46 -61.85 2.96 1.47
C ALA B 46 -60.81 3.22 2.56
N SER B 47 -59.56 3.35 2.12
CA SER B 47 -58.47 3.77 2.99
C SER B 47 -57.51 4.65 2.21
N SER B 48 -56.80 5.49 2.95
CA SER B 48 -55.68 6.25 2.42
C SER B 48 -54.38 5.49 2.69
N LEU B 49 -53.59 5.30 1.65
CA LEU B 49 -52.33 4.60 1.76
C LEU B 49 -51.11 5.44 1.45
N SER B 50 -51.30 6.69 1.01
CA SER B 50 -50.19 7.58 0.75
C SER B 50 -50.58 8.98 1.20
N GLY B 51 -49.55 9.81 1.34
CA GLY B 51 -49.75 11.18 1.76
C GLY B 51 -49.74 11.36 3.27
N ARG B 52 -50.27 12.50 3.68
CA ARG B 52 -50.10 12.96 5.05
C ARG B 52 -50.80 12.05 6.05
N CYS B 53 -52.07 11.76 5.84
CA CYS B 53 -52.88 11.03 6.80
C CYS B 53 -53.30 9.69 6.24
N TRP B 54 -53.05 8.64 7.01
CA TRP B 54 -53.42 7.27 6.65
C TRP B 54 -54.60 6.84 7.52
N ALA B 55 -55.81 6.92 6.96
CA ALA B 55 -57.03 6.63 7.71
C ALA B 55 -58.04 5.96 6.79
N GLY B 56 -59.30 5.89 7.23
CA GLY B 56 -60.31 5.13 6.53
C GLY B 56 -61.68 5.78 6.58
N SER B 57 -62.60 5.15 5.84
CA SER B 57 -63.97 5.63 5.74
C SER B 57 -64.86 4.51 5.21
N LEU B 58 -66.13 4.57 5.61
CA LEU B 58 -67.16 3.66 5.14
C LEU B 58 -68.29 4.42 4.48
N TRP B 59 -69.04 3.73 3.62
CA TRP B 59 -70.01 4.39 2.75
C TRP B 59 -71.14 3.43 2.39
N LEU B 60 -72.35 3.96 2.38
CA LEU B 60 -73.53 3.23 1.92
C LEU B 60 -74.17 3.99 0.76
N PHE B 61 -74.40 3.27 -0.33
CA PHE B 61 -75.07 3.80 -1.52
C PHE B 61 -76.29 2.95 -1.83
N LYS B 62 -77.48 3.54 -1.69
CA LYS B 62 -78.69 2.87 -2.11
C LYS B 62 -78.79 2.77 -3.63
N ASP B 63 -78.42 3.85 -4.34
CA ASP B 63 -78.26 3.81 -5.78
C ASP B 63 -76.80 3.55 -6.13
N PRO B 64 -76.44 2.34 -6.51
CA PRO B 64 -75.02 2.02 -6.72
C PRO B 64 -74.42 2.65 -7.97
N CYS B 65 -75.23 3.08 -8.93
CA CYS B 65 -74.68 3.67 -10.13
C CYS B 65 -74.24 5.11 -9.92
N ALA B 66 -74.54 5.69 -8.77
CA ALA B 66 -74.10 7.02 -8.39
C ALA B 66 -72.79 7.03 -7.62
N ALA B 67 -72.09 5.92 -7.55
CA ALA B 67 -70.82 5.86 -6.87
C ALA B 67 -69.67 6.04 -7.86
N PRO B 68 -68.52 6.52 -7.38
CA PRO B 68 -68.17 6.89 -6.01
C PRO B 68 -68.23 8.39 -5.74
N ASN B 69 -69.43 8.97 -5.79
CA ASN B 69 -69.63 10.38 -5.55
C ASN B 69 -70.14 10.61 -4.14
N GLU B 70 -69.39 11.39 -3.36
CA GLU B 70 -69.68 11.56 -1.94
C GLU B 70 -70.92 12.41 -1.69
N GLY B 71 -71.48 13.04 -2.71
CA GLY B 71 -72.61 13.91 -2.52
C GLY B 71 -73.92 13.19 -2.67
N PHE B 72 -73.90 12.08 -3.41
CA PHE B 72 -75.09 11.29 -3.67
C PHE B 72 -75.12 10.01 -2.84
N CYS B 73 -74.42 10.01 -1.72
CA CYS B 73 -74.45 8.89 -0.80
C CYS B 73 -75.67 8.98 0.10
N SER B 74 -75.95 7.87 0.80
CA SER B 74 -77.00 7.85 1.79
C SER B 74 -76.48 7.88 3.21
N ALA B 75 -75.28 7.37 3.44
CA ALA B 75 -74.65 7.46 4.74
C ALA B 75 -73.16 7.20 4.59
N GLY B 76 -72.38 7.78 5.49
CA GLY B 76 -70.95 7.66 5.44
C GLY B 76 -70.29 8.08 6.75
N VAL B 77 -69.10 7.54 7.01
CA VAL B 77 -68.41 7.77 8.27
C VAL B 77 -66.92 7.61 8.06
N GLN B 78 -66.16 8.16 8.99
CA GLN B 78 -64.70 8.20 8.93
C GLN B 78 -64.14 7.34 10.05
N THR B 79 -63.16 6.50 9.71
CA THR B 79 -62.52 5.63 10.68
C THR B 79 -61.21 6.25 11.15
N GLU B 80 -60.74 5.77 12.30
CA GLU B 80 -59.46 6.19 12.83
C GLU B 80 -58.31 5.73 11.94
N ALA B 81 -58.43 4.56 11.33
CA ALA B 81 -57.32 3.93 10.65
C ALA B 81 -57.85 3.25 9.40
N GLY B 82 -57.01 2.42 8.80
CA GLY B 82 -57.33 1.83 7.53
C GLY B 82 -58.24 0.62 7.63
N VAL B 83 -58.97 0.42 6.55
CA VAL B 83 -59.90 -0.69 6.39
C VAL B 83 -59.20 -1.76 5.57
N ALA B 84 -59.15 -2.98 6.10
CA ALA B 84 -58.59 -4.12 5.38
C ALA B 84 -59.64 -5.07 4.86
N ASP B 85 -60.79 -5.16 5.51
CA ASP B 85 -61.85 -6.08 5.10
C ASP B 85 -63.10 -5.68 5.87
N LEU B 86 -64.24 -6.20 5.42
CA LEU B 86 -65.48 -5.97 6.14
C LEU B 86 -66.54 -6.94 5.64
N THR B 87 -67.60 -7.05 6.44
CA THR B 87 -68.69 -7.98 6.20
C THR B 87 -69.99 -7.34 6.65
N TRP B 88 -71.06 -7.65 5.94
CA TRP B 88 -72.39 -7.41 6.47
C TRP B 88 -72.67 -8.39 7.59
N VAL B 89 -73.28 -7.90 8.66
CA VAL B 89 -73.78 -8.74 9.74
C VAL B 89 -75.29 -8.74 9.65
N GLY B 90 -75.84 -9.55 8.75
CA GLY B 90 -77.26 -9.60 8.54
C GLY B 90 -77.78 -8.42 7.77
N GLU B 91 -78.34 -7.44 8.47
CA GLU B 91 -79.01 -6.31 7.84
C GLU B 91 -78.53 -4.95 8.32
N ARG B 92 -78.29 -4.76 9.61
CA ARG B 92 -77.91 -3.47 10.17
C ARG B 92 -76.43 -3.34 10.46
N GLY B 93 -75.71 -4.45 10.59
CA GLY B 93 -74.38 -4.45 11.15
C GLY B 93 -73.27 -4.45 10.12
N ILE B 94 -72.16 -3.87 10.51
CA ILE B 94 -70.95 -3.81 9.70
C ILE B 94 -69.78 -4.19 10.58
N LEU B 95 -69.05 -5.22 10.18
CA LEU B 95 -67.83 -5.63 10.84
C LEU B 95 -66.65 -5.18 10.01
N VAL B 96 -65.61 -4.70 10.70
CA VAL B 96 -64.45 -4.11 10.04
C VAL B 96 -63.18 -4.68 10.62
N ALA B 97 -62.27 -5.10 9.75
CA ALA B 97 -60.91 -5.40 10.11
C ALA B 97 -60.05 -4.16 9.89
N SER B 98 -59.12 -3.90 10.80
CA SER B 98 -58.48 -2.61 10.90
C SER B 98 -56.96 -2.72 10.99
N ASP B 99 -56.33 -1.62 10.58
CA ASP B 99 -54.88 -1.48 10.70
C ASP B 99 -54.43 -1.45 12.16
N SER B 100 -55.28 -0.92 13.03
CA SER B 100 -54.98 -0.81 14.44
C SER B 100 -54.72 -2.14 15.12
N GLY B 101 -55.23 -3.24 14.57
CA GLY B 101 -55.26 -4.47 15.31
C GLY B 101 -56.54 -4.67 16.09
N ALA B 102 -57.62 -4.08 15.61
CA ALA B 102 -58.90 -4.11 16.30
C ALA B 102 -59.97 -4.67 15.39
N VAL B 103 -61.01 -5.22 16.02
CA VAL B 103 -62.23 -5.65 15.36
C VAL B 103 -63.32 -4.71 15.80
N GLU B 104 -64.08 -4.20 14.84
CA GLU B 104 -64.95 -3.07 15.06
C GLU B 104 -66.35 -3.39 14.58
N LEU B 105 -67.34 -3.07 15.39
CA LEU B 105 -68.74 -3.25 15.03
C LEU B 105 -69.41 -1.90 14.97
N TRP B 106 -70.07 -1.62 13.86
CA TRP B 106 -70.92 -0.46 13.69
C TRP B 106 -72.32 -0.91 13.35
N GLU B 107 -73.28 -0.07 13.71
CA GLU B 107 -74.68 -0.29 13.37
C GLU B 107 -75.25 0.96 12.74
N LEU B 108 -76.22 0.75 11.85
CA LEU B 108 -76.91 1.86 11.23
C LEU B 108 -78.02 2.39 12.13
N ASP B 109 -78.31 3.67 11.95
CA ASP B 109 -79.43 4.31 12.63
C ASP B 109 -80.74 3.85 12.02
N GLU B 110 -81.81 4.00 12.80
CA GLU B 110 -83.12 3.49 12.42
C GLU B 110 -83.49 3.83 10.99
N ASN B 111 -83.29 5.08 10.59
CA ASN B 111 -83.66 5.55 9.26
C ASN B 111 -82.51 5.50 8.26
N GLU B 112 -81.42 4.83 8.62
CA GLU B 112 -80.28 4.68 7.72
C GLU B 112 -79.72 6.04 7.31
N THR B 113 -79.62 6.94 8.28
CA THR B 113 -79.09 8.28 8.07
C THR B 113 -77.69 8.45 8.64
N LEU B 114 -77.29 7.62 9.59
CA LEU B 114 -75.98 7.70 10.21
C LEU B 114 -75.38 6.31 10.35
N ILE B 115 -74.14 6.29 10.80
CA ILE B 115 -73.42 5.08 11.15
C ILE B 115 -72.74 5.33 12.49
N VAL B 116 -72.83 4.35 13.39
CA VAL B 116 -72.33 4.54 14.74
C VAL B 116 -71.64 3.26 15.22
N SER B 117 -70.67 3.45 16.11
CA SER B 117 -69.88 2.37 16.65
C SER B 117 -70.60 1.67 17.79
N LYS B 118 -70.57 0.34 17.77
CA LYS B 118 -71.01 -0.44 18.91
C LYS B 118 -69.85 -0.83 19.82
N PHE B 119 -68.74 -1.28 19.25
CA PHE B 119 -67.59 -1.61 20.07
C PHE B 119 -66.31 -1.60 19.24
N CYS B 120 -65.19 -1.59 19.94
CA CYS B 120 -63.86 -1.58 19.33
C CYS B 120 -62.91 -2.27 20.30
N LYS B 121 -62.61 -3.53 20.03
CA LYS B 121 -61.77 -4.36 20.88
C LYS B 121 -60.41 -4.56 20.25
N TYR B 122 -59.37 -4.19 21.00
CA TYR B 122 -57.99 -4.40 20.58
C TYR B 122 -57.50 -5.70 21.18
N GLU B 123 -57.46 -6.74 20.36
CA GLU B 123 -57.01 -8.06 20.79
C GLU B 123 -55.90 -8.63 19.94
N HIS B 124 -55.70 -8.15 18.72
CA HIS B 124 -54.58 -8.57 17.91
C HIS B 124 -53.42 -7.63 18.11
N ASP B 125 -52.21 -8.17 17.99
CA ASP B 125 -50.98 -7.43 18.19
C ASP B 125 -50.38 -6.95 16.88
N ASP B 126 -51.18 -6.91 15.83
CA ASP B 126 -50.76 -6.45 14.51
C ASP B 126 -51.98 -6.38 13.63
N ILE B 127 -51.76 -6.15 12.33
CA ILE B 127 -52.84 -5.82 11.42
C ILE B 127 -53.80 -6.98 11.31
N VAL B 128 -55.09 -6.68 11.35
CA VAL B 128 -56.13 -7.67 11.08
C VAL B 128 -56.34 -7.73 9.59
N SER B 129 -56.03 -8.87 8.99
CA SER B 129 -56.05 -9.00 7.55
C SER B 129 -57.38 -9.48 7.01
N THR B 130 -58.12 -10.29 7.76
CA THR B 130 -59.30 -10.92 7.20
C THR B 130 -60.31 -11.21 8.31
N VAL B 131 -61.58 -11.20 7.93
CA VAL B 131 -62.69 -11.40 8.84
C VAL B 131 -63.78 -12.17 8.12
N SER B 132 -64.48 -13.03 8.86
CA SER B 132 -65.61 -13.74 8.29
C SER B 132 -66.64 -14.07 9.37
N VAL B 133 -67.90 -13.97 8.99
CA VAL B 133 -69.03 -14.25 9.88
C VAL B 133 -69.45 -15.69 9.69
N LEU B 134 -70.09 -16.25 10.71
CA LEU B 134 -70.42 -17.67 10.74
C LEU B 134 -71.91 -17.89 10.49
N SER B 135 -72.22 -19.12 10.06
CA SER B 135 -73.56 -19.49 9.62
C SER B 135 -74.64 -18.87 10.49
N SER B 136 -74.54 -19.03 11.81
CA SER B 136 -75.62 -18.61 12.69
C SER B 136 -75.86 -17.11 12.62
N GLY B 137 -74.81 -16.33 12.36
CA GLY B 137 -74.94 -14.89 12.38
C GLY B 137 -74.68 -14.26 13.73
N THR B 138 -74.07 -14.98 14.66
CA THR B 138 -73.83 -14.49 16.00
C THR B 138 -72.38 -14.50 16.41
N GLN B 139 -71.53 -15.25 15.72
CA GLN B 139 -70.11 -15.32 16.00
C GLN B 139 -69.33 -14.93 14.75
N ALA B 140 -68.02 -14.85 14.89
CA ALA B 140 -67.16 -14.49 13.77
C ALA B 140 -65.72 -14.86 14.11
N VAL B 141 -64.93 -15.01 13.05
CA VAL B 141 -63.52 -15.38 13.15
C VAL B 141 -62.67 -14.31 12.50
N SER B 142 -61.51 -14.07 13.07
CA SER B 142 -60.58 -13.04 12.61
C SER B 142 -59.17 -13.60 12.54
N GLY B 143 -58.43 -13.13 11.56
CA GLY B 143 -57.05 -13.53 11.40
C GLY B 143 -56.15 -12.34 11.18
N SER B 144 -54.89 -12.50 11.56
CA SER B 144 -53.96 -11.39 11.59
C SER B 144 -52.61 -11.78 11.03
N LYS B 145 -51.77 -10.77 10.90
CA LYS B 145 -50.36 -10.93 10.56
C LYS B 145 -49.52 -11.35 11.76
N ASP B 146 -50.11 -11.33 12.95
CA ASP B 146 -49.48 -11.84 14.15
C ASP B 146 -49.72 -13.32 14.36
N ILE B 147 -50.39 -13.99 13.41
CA ILE B 147 -50.42 -15.44 13.31
C ILE B 147 -51.54 -16.05 14.18
N CYS B 148 -52.25 -15.22 14.94
CA CYS B 148 -53.32 -15.72 15.79
C CYS B 148 -54.67 -15.62 15.11
N ILE B 149 -55.49 -16.64 15.32
CA ILE B 149 -56.88 -16.66 14.90
C ILE B 149 -57.75 -16.65 16.14
N LYS B 150 -58.84 -15.88 16.09
CA LYS B 150 -59.75 -15.77 17.20
C LYS B 150 -61.19 -15.94 16.75
N VAL B 151 -62.04 -16.25 17.71
CA VAL B 151 -63.47 -16.45 17.52
C VAL B 151 -64.18 -15.51 18.48
N TRP B 152 -65.17 -14.79 17.97
CA TRP B 152 -65.88 -13.79 18.73
C TRP B 152 -67.34 -14.16 18.86
N ASP B 153 -67.93 -13.80 19.99
CA ASP B 153 -69.36 -13.83 20.19
C ASP B 153 -69.85 -12.38 20.14
N LEU B 154 -70.62 -12.06 19.11
CA LEU B 154 -70.90 -10.68 18.78
C LEU B 154 -71.92 -10.03 19.70
N ALA B 155 -72.62 -10.81 20.51
CA ALA B 155 -73.59 -10.25 21.43
C ALA B 155 -72.96 -9.83 22.75
N GLN B 156 -71.92 -10.54 23.19
CA GLN B 156 -71.28 -10.30 24.46
C GLN B 156 -70.03 -9.46 24.36
N GLN B 157 -69.45 -9.35 23.18
CA GLN B 157 -68.24 -8.56 22.98
C GLN B 157 -67.08 -9.17 23.72
N VAL B 158 -66.77 -10.43 23.40
CA VAL B 158 -65.67 -11.15 24.02
C VAL B 158 -65.02 -12.04 22.97
N VAL B 159 -63.84 -12.55 23.31
CA VAL B 159 -63.18 -13.57 22.53
C VAL B 159 -63.41 -14.90 23.22
N LEU B 160 -63.98 -15.85 22.49
CA LEU B 160 -64.17 -17.19 23.04
C LEU B 160 -62.90 -18.00 22.96
N SER B 161 -62.07 -17.73 21.97
CA SER B 161 -60.96 -18.62 21.64
C SER B 161 -59.89 -17.85 20.88
N SER B 162 -58.65 -18.18 21.19
CA SER B 162 -57.51 -17.82 20.37
C SER B 162 -56.76 -19.09 19.99
N TYR B 163 -56.55 -19.28 18.70
CA TYR B 163 -55.88 -20.47 18.17
C TYR B 163 -54.64 -20.05 17.40
N ARG B 164 -53.49 -20.56 17.83
CA ARG B 164 -52.22 -20.33 17.16
C ARG B 164 -51.73 -21.64 16.55
N ALA B 165 -52.18 -21.91 15.33
CA ALA B 165 -51.84 -23.13 14.61
C ALA B 165 -50.87 -22.91 13.48
N HIS B 166 -51.08 -21.88 12.67
CA HIS B 166 -50.19 -21.55 11.58
C HIS B 166 -48.84 -21.12 12.12
N ALA B 167 -47.87 -21.00 11.20
CA ALA B 167 -46.52 -20.59 11.55
C ALA B 167 -46.13 -19.27 10.92
N ALA B 168 -47.01 -18.63 10.15
CA ALA B 168 -46.70 -17.34 9.56
C ALA B 168 -48.00 -16.56 9.43
N GLN B 169 -47.99 -15.56 8.57
CA GLN B 169 -49.12 -14.67 8.42
C GLN B 169 -50.31 -15.38 7.79
N VAL B 170 -51.49 -15.07 8.29
CA VAL B 170 -52.72 -15.61 7.77
C VAL B 170 -53.23 -14.68 6.69
N THR B 171 -53.64 -15.25 5.57
CA THR B 171 -54.05 -14.49 4.41
C THR B 171 -55.55 -14.49 4.21
N CYS B 172 -56.21 -15.62 4.46
CA CYS B 172 -57.65 -15.73 4.22
C CYS B 172 -58.26 -16.75 5.15
N VAL B 173 -59.41 -16.40 5.72
CA VAL B 173 -60.29 -17.32 6.41
C VAL B 173 -61.65 -17.28 5.74
N ALA B 174 -62.33 -18.42 5.74
CA ALA B 174 -63.63 -18.53 5.09
C ALA B 174 -64.54 -19.43 5.91
N ALA B 175 -65.73 -18.96 6.19
CA ALA B 175 -66.71 -19.72 6.93
C ALA B 175 -67.59 -20.54 5.99
N SER B 176 -68.09 -21.65 6.51
CA SER B 176 -68.96 -22.47 5.69
C SER B 176 -70.40 -22.00 5.81
N PRO B 177 -71.12 -21.93 4.69
CA PRO B 177 -72.50 -21.41 4.71
C PRO B 177 -73.52 -22.37 5.27
N HIS B 178 -73.13 -23.58 5.65
CA HIS B 178 -74.08 -24.60 6.07
C HIS B 178 -73.85 -25.11 7.49
N LYS B 179 -72.71 -24.81 8.10
CA LYS B 179 -72.41 -25.25 9.44
C LYS B 179 -71.80 -24.11 10.24
N ASP B 180 -72.23 -23.99 11.50
CA ASP B 180 -71.84 -22.89 12.36
C ASP B 180 -70.60 -23.20 13.20
N SER B 181 -69.88 -24.26 12.86
CA SER B 181 -68.64 -24.59 13.55
C SER B 181 -67.48 -24.84 12.61
N VAL B 182 -67.68 -24.72 11.30
CA VAL B 182 -66.68 -25.07 10.30
C VAL B 182 -66.22 -23.81 9.57
N PHE B 183 -64.91 -23.62 9.50
CA PHE B 183 -64.33 -22.61 8.64
C PHE B 183 -63.02 -23.13 8.06
N LEU B 184 -62.43 -22.33 7.18
CA LEU B 184 -61.15 -22.64 6.57
C LEU B 184 -60.15 -21.54 6.87
N SER B 185 -58.87 -21.85 6.66
CA SER B 185 -57.79 -20.91 6.92
C SER B 185 -56.59 -21.24 6.05
N CYS B 186 -55.97 -20.19 5.51
CA CYS B 186 -54.75 -20.32 4.72
C CYS B 186 -53.71 -19.35 5.23
N SER B 187 -52.44 -19.60 4.88
CA SER B 187 -51.31 -18.89 5.43
C SER B 187 -50.17 -18.82 4.43
N GLU B 188 -49.16 -18.05 4.79
CA GLU B 188 -47.92 -17.95 4.04
C GLU B 188 -46.92 -19.03 4.41
N ASP B 189 -47.28 -19.94 5.30
CA ASP B 189 -46.47 -21.11 5.58
C ASP B 189 -46.81 -22.30 4.69
N ASN B 190 -47.82 -22.16 3.83
CA ASN B 190 -48.15 -23.13 2.79
C ASN B 190 -49.08 -24.23 3.27
N ARG B 191 -49.92 -23.92 4.25
CA ARG B 191 -50.89 -24.86 4.77
C ARG B 191 -52.30 -24.36 4.54
N ILE B 192 -53.23 -25.32 4.45
CA ILE B 192 -54.66 -25.05 4.42
C ILE B 192 -55.30 -25.97 5.44
N LEU B 193 -55.98 -25.37 6.41
CA LEU B 193 -56.58 -26.10 7.51
C LEU B 193 -58.09 -26.08 7.41
N LEU B 194 -58.71 -27.17 7.85
CA LEU B 194 -60.13 -27.27 8.08
C LEU B 194 -60.36 -27.33 9.57
N TRP B 195 -61.31 -26.52 10.04
CA TRP B 195 -61.59 -26.41 11.46
C TRP B 195 -62.99 -26.92 11.80
N ASP B 196 -63.10 -27.49 12.99
CA ASP B 196 -64.39 -27.77 13.62
C ASP B 196 -64.18 -27.62 15.12
N THR B 197 -64.67 -26.51 15.67
CA THR B 197 -64.48 -26.23 17.09
C THR B 197 -65.17 -27.23 17.99
N ARG B 198 -66.05 -28.08 17.46
CA ARG B 198 -66.68 -29.11 18.27
C ARG B 198 -65.65 -30.09 18.82
N CYS B 199 -64.53 -30.26 18.13
CA CYS B 199 -63.54 -31.25 18.46
C CYS B 199 -62.45 -30.66 19.36
N PRO B 200 -61.63 -31.52 19.98
CA PRO B 200 -60.56 -31.03 20.85
C PRO B 200 -59.33 -30.63 20.08
N LYS B 201 -59.07 -31.31 18.97
CA LYS B 201 -58.08 -30.88 17.99
C LYS B 201 -58.81 -30.35 16.76
N PRO B 202 -59.06 -29.05 16.68
CA PRO B 202 -60.00 -28.56 15.66
C PRO B 202 -59.48 -28.59 14.24
N ALA B 203 -58.18 -28.36 14.04
CA ALA B 203 -57.63 -28.19 12.71
C ALA B 203 -57.22 -29.51 12.08
N SER B 204 -57.32 -29.55 10.75
CA SER B 204 -56.91 -30.70 9.96
C SER B 204 -56.37 -30.20 8.63
N GLN B 205 -55.31 -30.83 8.14
CA GLN B 205 -54.64 -30.39 6.93
C GLN B 205 -55.23 -31.05 5.69
N ILE B 206 -54.95 -30.43 4.54
CA ILE B 206 -55.42 -30.92 3.26
C ILE B 206 -54.32 -30.86 2.21
N GLY B 212 -46.95 -26.93 -3.57
CA GLY B 212 -46.50 -26.18 -4.73
C GLY B 212 -46.26 -24.72 -4.41
N TYR B 213 -47.13 -23.86 -4.93
CA TYR B 213 -47.07 -22.43 -4.68
C TYR B 213 -47.98 -22.04 -3.53
N LEU B 214 -47.78 -20.82 -3.04
CA LEU B 214 -48.47 -20.35 -1.87
C LEU B 214 -49.95 -20.10 -2.16
N PRO B 215 -50.83 -20.36 -1.20
CA PRO B 215 -52.24 -20.05 -1.38
C PRO B 215 -52.60 -18.62 -0.96
N THR B 216 -53.62 -18.07 -1.63
CA THR B 216 -53.94 -16.66 -1.48
C THR B 216 -55.40 -16.37 -1.19
N SER B 217 -56.33 -17.19 -1.68
CA SER B 217 -57.74 -16.85 -1.62
C SER B 217 -58.58 -18.12 -1.55
N LEU B 218 -59.74 -18.02 -0.90
CA LEU B 218 -60.61 -19.16 -0.67
C LEU B 218 -62.07 -18.79 -0.90
N ALA B 219 -62.88 -19.83 -1.10
CA ALA B 219 -64.32 -19.71 -1.28
C ALA B 219 -65.00 -21.06 -1.25
N TRP B 220 -66.02 -21.20 -0.41
CA TRP B 220 -66.82 -22.40 -0.36
C TRP B 220 -67.80 -22.44 -1.53
N HIS B 221 -68.11 -23.63 -1.98
CA HIS B 221 -69.18 -23.81 -2.93
C HIS B 221 -70.52 -23.65 -2.21
N PRO B 222 -71.45 -22.84 -2.72
CA PRO B 222 -72.69 -22.62 -1.97
C PRO B 222 -73.53 -23.88 -1.81
N GLN B 223 -73.81 -24.57 -2.91
CA GLN B 223 -74.65 -25.77 -2.86
C GLN B 223 -73.97 -26.88 -2.08
N GLN B 224 -72.91 -27.45 -2.65
CA GLN B 224 -72.19 -28.53 -1.99
C GLN B 224 -71.65 -28.07 -0.64
N SER B 225 -71.42 -29.04 0.24
CA SER B 225 -70.94 -28.78 1.59
C SER B 225 -69.55 -29.33 1.82
N GLU B 226 -68.93 -29.88 0.78
CA GLU B 226 -67.59 -30.46 0.90
C GLU B 226 -66.61 -29.87 -0.09
N VAL B 227 -67.05 -28.94 -0.94
CA VAL B 227 -66.25 -28.46 -2.05
C VAL B 227 -65.90 -26.99 -1.83
N PHE B 228 -64.74 -26.60 -2.35
CA PHE B 228 -64.28 -25.23 -2.24
C PHE B 228 -63.18 -25.01 -3.27
N VAL B 229 -62.92 -23.72 -3.54
CA VAL B 229 -61.88 -23.31 -4.48
C VAL B 229 -60.81 -22.51 -3.75
N PHE B 230 -59.60 -22.54 -4.29
CA PHE B 230 -58.48 -21.80 -3.75
C PHE B 230 -57.59 -21.30 -4.88
N GLY B 231 -57.03 -20.11 -4.69
CA GLY B 231 -56.13 -19.51 -5.66
C GLY B 231 -54.71 -19.47 -5.15
N ASP B 232 -53.76 -19.38 -6.08
CA ASP B 232 -52.35 -19.51 -5.75
C ASP B 232 -51.57 -18.25 -6.15
N GLU B 233 -50.37 -18.19 -5.59
CA GLU B 233 -49.45 -17.08 -5.83
C GLU B 233 -49.14 -16.86 -7.30
N ASN B 234 -49.06 -17.92 -8.10
CA ASN B 234 -48.54 -17.84 -9.44
C ASN B 234 -49.60 -17.41 -10.46
N GLY B 235 -50.84 -17.84 -10.27
CA GLY B 235 -51.92 -17.40 -11.13
C GLY B 235 -52.95 -18.48 -11.40
N THR B 236 -52.86 -19.58 -10.67
CA THR B 236 -53.60 -20.79 -10.95
C THR B 236 -54.75 -20.95 -9.96
N VAL B 237 -55.92 -21.29 -10.48
CA VAL B 237 -57.08 -21.61 -9.67
C VAL B 237 -57.26 -23.13 -9.65
N SER B 238 -57.97 -23.61 -8.63
CA SER B 238 -58.10 -25.03 -8.43
C SER B 238 -59.37 -25.34 -7.66
N LEU B 239 -60.04 -26.41 -8.07
CA LEU B 239 -61.25 -26.89 -7.41
C LEU B 239 -60.93 -28.15 -6.63
N VAL B 240 -61.48 -28.24 -5.42
CA VAL B 240 -61.19 -29.36 -4.54
C VAL B 240 -62.45 -29.93 -3.92
N VAL B 248 -57.60 -33.72 -8.66
CA VAL B 248 -58.32 -32.48 -8.54
C VAL B 248 -58.33 -31.75 -9.88
N LEU B 249 -58.88 -30.55 -9.87
CA LEU B 249 -59.08 -29.73 -11.06
C LEU B 249 -58.28 -28.45 -10.93
N SER B 250 -57.82 -27.92 -12.06
CA SER B 250 -56.94 -26.76 -12.03
C SER B 250 -57.03 -26.00 -13.33
N SER B 251 -56.67 -24.72 -13.28
CA SER B 251 -56.66 -23.87 -14.46
C SER B 251 -55.81 -22.64 -14.19
N ALA B 252 -55.12 -22.19 -15.23
CA ALA B 252 -54.27 -21.01 -15.17
C ALA B 252 -55.02 -19.83 -15.79
N VAL B 253 -55.36 -18.86 -14.96
CA VAL B 253 -56.32 -17.83 -15.30
C VAL B 253 -55.67 -16.47 -15.47
N HIS B 254 -54.75 -16.13 -14.58
CA HIS B 254 -54.14 -14.82 -14.55
C HIS B 254 -52.62 -14.96 -14.64
N SER B 255 -51.93 -13.84 -14.56
CA SER B 255 -50.48 -13.80 -14.60
C SER B 255 -49.87 -13.61 -13.22
N GLN B 256 -50.52 -12.83 -12.36
CA GLN B 256 -50.03 -12.51 -11.04
C GLN B 256 -50.89 -13.22 -9.99
N CYS B 257 -50.93 -12.64 -8.79
CA CYS B 257 -51.56 -13.29 -7.66
C CYS B 257 -53.07 -13.16 -7.72
N VAL B 258 -53.75 -14.28 -7.49
CA VAL B 258 -55.19 -14.29 -7.35
C VAL B 258 -55.55 -13.69 -6.01
N THR B 259 -56.38 -12.66 -6.03
CA THR B 259 -56.72 -11.89 -4.85
C THR B 259 -58.07 -12.23 -4.26
N GLY B 260 -58.99 -12.75 -5.06
CA GLY B 260 -60.32 -13.04 -4.57
C GLY B 260 -61.05 -14.01 -5.45
N LEU B 261 -62.07 -14.64 -4.86
CA LEU B 261 -62.92 -15.59 -5.55
C LEU B 261 -64.33 -15.46 -5.00
N VAL B 262 -65.30 -15.28 -5.88
CA VAL B 262 -66.68 -15.08 -5.49
C VAL B 262 -67.59 -15.88 -6.41
N PHE B 263 -68.61 -16.50 -5.83
CA PHE B 263 -69.56 -17.31 -6.57
C PHE B 263 -70.82 -16.52 -6.87
N SER B 264 -71.39 -16.78 -8.04
CA SER B 264 -72.62 -16.14 -8.43
C SER B 264 -73.81 -16.72 -7.68
N PRO B 265 -74.90 -15.97 -7.56
CA PRO B 265 -76.08 -16.47 -6.86
C PRO B 265 -77.00 -17.31 -7.73
N HIS B 266 -76.48 -17.79 -8.86
CA HIS B 266 -77.29 -18.59 -9.75
C HIS B 266 -77.60 -19.94 -9.11
N SER B 267 -78.67 -20.57 -9.59
CA SER B 267 -79.00 -21.90 -9.11
C SER B 267 -77.91 -22.89 -9.49
N VAL B 268 -77.22 -22.64 -10.59
CA VAL B 268 -75.91 -23.22 -10.87
C VAL B 268 -74.93 -22.05 -11.03
N PRO B 269 -73.95 -21.91 -10.15
CA PRO B 269 -73.24 -20.64 -10.05
C PRO B 269 -72.02 -20.52 -10.96
N PHE B 270 -71.75 -19.28 -11.33
CA PHE B 270 -70.49 -18.91 -11.96
C PHE B 270 -69.52 -18.43 -10.90
N LEU B 271 -68.25 -18.38 -11.28
CA LEU B 271 -67.17 -17.99 -10.37
C LEU B 271 -66.39 -16.83 -10.95
N ALA B 272 -66.39 -15.72 -10.22
CA ALA B 272 -65.59 -14.55 -10.57
C ALA B 272 -64.21 -14.62 -9.95
N SER B 273 -63.21 -14.24 -10.73
CA SER B 273 -61.81 -14.29 -10.34
C SER B 273 -61.18 -12.95 -10.61
N LEU B 274 -60.51 -12.38 -9.61
CA LEU B 274 -59.85 -11.09 -9.74
C LEU B 274 -58.45 -11.18 -9.20
N SER B 275 -57.55 -10.44 -9.84
CA SER B 275 -56.12 -10.64 -9.68
C SER B 275 -55.41 -9.32 -9.49
N GLU B 276 -54.09 -9.42 -9.47
CA GLU B 276 -53.18 -8.30 -9.31
C GLU B 276 -52.66 -7.79 -10.64
N ASP B 277 -52.87 -8.56 -11.70
CA ASP B 277 -52.55 -8.16 -13.07
C ASP B 277 -53.56 -7.18 -13.63
N CYS B 278 -54.46 -6.67 -12.80
CA CYS B 278 -55.43 -5.65 -13.13
C CYS B 278 -56.56 -6.18 -14.00
N SER B 279 -56.83 -7.48 -14.01
CA SER B 279 -57.88 -8.06 -14.82
C SER B 279 -58.93 -8.78 -13.96
N LEU B 280 -60.05 -9.06 -14.60
CA LEU B 280 -61.15 -9.81 -14.03
C LEU B 280 -61.53 -10.92 -15.01
N ALA B 281 -62.08 -12.00 -14.47
CA ALA B 281 -62.52 -13.13 -15.27
C ALA B 281 -63.67 -13.83 -14.59
N VAL B 282 -64.60 -14.33 -15.40
CA VAL B 282 -65.74 -15.10 -14.92
C VAL B 282 -65.63 -16.50 -15.52
N LEU B 283 -65.72 -17.51 -14.66
CA LEU B 283 -65.54 -18.90 -15.04
C LEU B 283 -66.84 -19.66 -14.87
N ASP B 284 -66.97 -20.73 -15.64
CA ASP B 284 -68.09 -21.65 -15.47
C ASP B 284 -67.67 -22.81 -14.57
N SER B 285 -68.58 -23.74 -14.37
CA SER B 285 -68.43 -24.88 -13.49
C SER B 285 -67.34 -25.83 -13.91
N SER B 286 -66.61 -25.55 -14.98
CA SER B 286 -65.53 -26.40 -15.44
C SER B 286 -64.19 -25.71 -15.42
N LEU B 287 -64.10 -24.51 -14.86
CA LEU B 287 -62.88 -23.71 -14.88
C LEU B 287 -62.52 -23.27 -16.30
N SER B 288 -63.54 -23.13 -17.14
CA SER B 288 -63.38 -22.61 -18.48
C SER B 288 -63.80 -21.15 -18.50
N GLU B 289 -63.06 -20.35 -19.27
CA GLU B 289 -63.19 -18.90 -19.24
C GLU B 289 -64.32 -18.46 -20.16
N LEU B 290 -65.14 -17.54 -19.65
CA LEU B 290 -66.31 -17.04 -20.36
C LEU B 290 -66.26 -15.54 -20.59
N PHE B 291 -65.55 -14.80 -19.76
CA PHE B 291 -65.54 -13.35 -19.82
C PHE B 291 -64.25 -12.83 -19.20
N ARG B 292 -63.78 -11.71 -19.73
CA ARG B 292 -62.54 -11.09 -19.28
C ARG B 292 -62.61 -9.60 -19.52
N SER B 293 -62.10 -8.83 -18.56
CA SER B 293 -62.21 -7.39 -18.58
C SER B 293 -60.88 -6.75 -18.20
N GLN B 294 -60.51 -5.69 -18.91
CA GLN B 294 -59.33 -4.89 -18.66
C GLN B 294 -59.72 -3.46 -18.34
N ALA B 295 -60.85 -3.29 -17.67
CA ALA B 295 -61.38 -1.95 -17.42
C ALA B 295 -60.52 -1.15 -16.46
N HIS B 296 -59.85 -1.82 -15.54
CA HIS B 296 -59.18 -1.14 -14.45
C HIS B 296 -57.74 -0.83 -14.81
N ARG B 297 -57.21 0.23 -14.21
CA ARG B 297 -55.84 0.67 -14.41
C ARG B 297 -54.96 0.41 -13.20
N ASP B 298 -55.35 -0.52 -12.34
CA ASP B 298 -54.65 -0.74 -11.08
C ASP B 298 -55.25 -1.99 -10.47
N PHE B 299 -54.90 -2.27 -9.22
CA PHE B 299 -55.28 -3.51 -8.57
C PHE B 299 -56.79 -3.58 -8.33
N VAL B 300 -57.39 -4.67 -8.78
CA VAL B 300 -58.79 -4.96 -8.46
C VAL B 300 -58.88 -5.65 -7.11
N ARG B 301 -59.85 -5.23 -6.32
CA ARG B 301 -59.88 -5.54 -4.90
C ARG B 301 -61.09 -6.36 -4.46
N ASP B 302 -62.21 -6.28 -5.15
CA ASP B 302 -63.40 -6.99 -4.70
C ASP B 302 -64.44 -7.03 -5.81
N ALA B 303 -65.32 -8.01 -5.71
CA ALA B 303 -66.43 -8.18 -6.62
C ALA B 303 -67.66 -8.60 -5.85
N THR B 304 -68.82 -8.17 -6.31
CA THR B 304 -70.08 -8.48 -5.66
C THR B 304 -71.17 -8.59 -6.71
N TRP B 305 -71.95 -9.66 -6.64
CA TRP B 305 -73.05 -9.89 -7.56
C TRP B 305 -74.31 -9.24 -7.02
N SER B 306 -75.06 -8.63 -7.90
CA SER B 306 -76.30 -7.99 -7.48
C SER B 306 -77.39 -9.03 -7.27
N PRO B 307 -78.22 -8.87 -6.24
CA PRO B 307 -79.26 -9.87 -5.98
C PRO B 307 -80.51 -9.66 -6.80
N LEU B 308 -80.74 -8.44 -7.29
CA LEU B 308 -81.88 -8.18 -8.15
C LEU B 308 -81.68 -8.81 -9.52
N ASN B 309 -80.68 -8.33 -10.25
CA ASN B 309 -80.33 -8.88 -11.54
C ASN B 309 -79.10 -9.78 -11.37
N HIS B 310 -79.29 -11.07 -11.61
CA HIS B 310 -78.22 -12.03 -11.51
C HIS B 310 -77.27 -11.99 -12.69
N SER B 311 -77.43 -11.01 -13.57
CA SER B 311 -76.56 -10.84 -14.73
C SER B 311 -75.52 -9.77 -14.52
N LEU B 312 -75.58 -9.05 -13.41
CA LEU B 312 -74.78 -7.86 -13.18
C LEU B 312 -73.72 -8.12 -12.12
N LEU B 313 -72.55 -7.52 -12.31
CA LEU B 313 -71.43 -7.66 -11.39
C LEU B 313 -70.68 -6.36 -11.27
N THR B 314 -70.32 -6.00 -10.05
CA THR B 314 -69.62 -4.75 -9.75
C THR B 314 -68.24 -5.06 -9.19
N THR B 315 -67.29 -4.17 -9.50
CA THR B 315 -65.90 -4.33 -9.10
C THR B 315 -65.32 -2.97 -8.74
N VAL B 316 -64.34 -2.99 -7.83
CA VAL B 316 -63.68 -1.78 -7.37
C VAL B 316 -62.18 -2.01 -7.35
N GLY B 317 -61.44 -0.93 -7.12
CA GLY B 317 -60.00 -1.00 -7.24
C GLY B 317 -59.36 0.27 -6.70
N TRP B 318 -58.04 0.29 -6.82
CA TRP B 318 -57.21 1.37 -6.28
C TRP B 318 -57.09 2.55 -7.23
N ASP B 319 -57.70 2.46 -8.41
CA ASP B 319 -57.77 3.59 -9.33
C ASP B 319 -58.99 4.47 -9.09
N HIS B 320 -59.80 4.17 -8.08
CA HIS B 320 -60.97 4.94 -7.71
C HIS B 320 -62.15 4.73 -8.65
N GLN B 321 -62.19 3.63 -9.37
CA GLN B 321 -63.28 3.32 -10.28
C GLN B 321 -64.25 2.34 -9.64
N VAL B 322 -65.54 2.59 -9.84
CA VAL B 322 -66.58 1.59 -9.63
C VAL B 322 -67.12 1.21 -11.00
N VAL B 323 -66.81 0.00 -11.43
CA VAL B 323 -67.14 -0.49 -12.76
C VAL B 323 -68.25 -1.52 -12.66
N HIS B 324 -69.28 -1.36 -13.49
CA HIS B 324 -70.42 -2.26 -13.54
C HIS B 324 -70.32 -3.12 -14.78
N HIS B 325 -70.44 -4.43 -14.59
CA HIS B 325 -70.31 -5.41 -15.65
C HIS B 325 -71.63 -6.13 -15.84
N VAL B 326 -72.07 -6.24 -17.09
CA VAL B 326 -73.21 -7.06 -17.45
C VAL B 326 -72.65 -8.33 -18.08
N VAL B 327 -73.01 -9.47 -17.50
CA VAL B 327 -72.33 -10.72 -17.78
C VAL B 327 -73.30 -11.64 -18.54
N PRO B 328 -72.87 -12.30 -19.61
CA PRO B 328 -73.72 -13.23 -20.35
C PRO B 328 -74.06 -14.49 -19.54
N ARG C 13 14.45 -35.68 -23.58
CA ARG C 13 14.18 -37.01 -22.98
C ARG C 13 13.63 -36.79 -21.59
N VAL C 14 13.50 -37.88 -20.84
CA VAL C 14 13.11 -37.78 -19.44
C VAL C 14 14.36 -37.68 -18.58
N SER C 15 14.18 -37.09 -17.40
CA SER C 15 15.29 -36.83 -16.49
C SER C 15 15.17 -37.75 -15.28
N SER C 16 16.31 -38.21 -14.80
CA SER C 16 16.32 -39.16 -13.71
C SER C 16 17.58 -38.96 -12.89
N GLY C 17 17.53 -39.43 -11.66
CA GLY C 17 18.64 -39.30 -10.73
C GLY C 17 18.80 -40.53 -9.87
N ARG C 18 19.86 -40.50 -9.08
CA ARG C 18 20.28 -41.61 -8.25
C ARG C 18 20.31 -41.15 -6.80
N ASP C 19 19.70 -41.94 -5.92
CA ASP C 19 19.69 -41.69 -4.49
C ASP C 19 20.68 -42.60 -3.80
N LEU C 20 21.53 -42.02 -2.96
CA LEU C 20 22.59 -42.76 -2.30
C LEU C 20 22.67 -42.32 -0.86
N ASN C 21 23.28 -43.18 -0.03
CA ASN C 21 23.60 -42.86 1.34
C ASN C 21 25.02 -43.22 1.70
N CYS C 22 25.82 -43.67 0.74
CA CYS C 22 27.24 -43.95 0.94
C CYS C 22 28.00 -43.31 -0.19
N VAL C 23 28.77 -42.27 0.13
CA VAL C 23 29.59 -41.57 -0.83
C VAL C 23 30.98 -41.43 -0.24
N PRO C 24 31.87 -42.38 -0.48
CA PRO C 24 33.22 -42.31 0.08
C PRO C 24 34.09 -41.24 -0.55
N GLU C 25 34.11 -41.21 -1.88
CA GLU C 25 34.75 -40.16 -2.66
C GLU C 25 33.72 -39.57 -3.60
N ILE C 26 33.56 -38.26 -3.53
CA ILE C 26 32.44 -37.59 -4.21
C ILE C 26 32.66 -37.57 -5.72
N ALA C 27 33.89 -37.35 -6.15
CA ALA C 27 34.16 -37.19 -7.57
C ALA C 27 34.02 -38.49 -8.33
N ASP C 28 34.66 -39.55 -7.87
CA ASP C 28 34.52 -40.85 -8.48
C ASP C 28 33.05 -41.26 -8.56
N THR C 29 32.30 -41.04 -7.48
CA THR C 29 30.92 -41.46 -7.42
C THR C 29 30.09 -40.71 -8.45
N LEU C 30 30.24 -39.39 -8.50
CA LEU C 30 29.50 -38.59 -9.46
C LEU C 30 29.87 -38.97 -10.89
N GLY C 31 31.14 -39.31 -11.11
CA GLY C 31 31.55 -39.76 -12.43
C GLY C 31 30.81 -41.01 -12.85
N ALA C 32 30.84 -42.04 -12.01
CA ALA C 32 30.13 -43.27 -12.32
C ALA C 32 28.64 -43.02 -12.54
N VAL C 33 28.03 -42.20 -11.68
CA VAL C 33 26.63 -41.84 -11.81
C VAL C 33 26.34 -41.30 -13.20
N ALA C 34 27.07 -40.25 -13.59
CA ALA C 34 26.87 -39.66 -14.91
C ALA C 34 27.16 -40.66 -16.01
N LYS C 35 28.06 -41.61 -15.75
CA LYS C 35 28.38 -42.61 -16.77
C LYS C 35 27.18 -43.50 -17.08
N GLN C 36 26.55 -44.05 -16.04
CA GLN C 36 25.38 -44.88 -16.30
C GLN C 36 24.24 -44.12 -16.95
N GLY C 37 24.33 -42.79 -16.99
CA GLY C 37 23.33 -42.00 -17.68
C GLY C 37 22.41 -41.20 -16.80
N PHE C 38 22.78 -41.04 -15.53
CA PHE C 38 21.96 -40.29 -14.59
C PHE C 38 22.27 -38.80 -14.71
N ASP C 39 21.26 -37.98 -14.44
CA ASP C 39 21.44 -36.54 -14.55
C ASP C 39 21.82 -35.89 -13.23
N PHE C 40 21.25 -36.34 -12.12
CA PHE C 40 21.62 -35.78 -10.82
C PHE C 40 21.75 -36.88 -9.79
N LEU C 41 22.37 -36.51 -8.68
CA LEU C 41 22.62 -37.35 -7.53
C LEU C 41 22.13 -36.67 -6.26
N CYS C 42 21.51 -37.44 -5.38
CA CYS C 42 21.04 -36.98 -4.08
C CYS C 42 21.85 -37.66 -2.99
N MET C 43 22.39 -36.88 -2.08
CA MET C 43 23.39 -37.38 -1.15
C MET C 43 23.42 -36.52 0.10
N PRO C 44 23.98 -37.03 1.20
CA PRO C 44 24.09 -36.25 2.43
C PRO C 44 25.19 -35.20 2.35
N VAL C 45 24.96 -34.09 3.05
CA VAL C 45 25.95 -33.03 3.11
C VAL C 45 26.91 -33.25 4.29
N PHE C 46 26.41 -33.80 5.37
CA PHE C 46 27.21 -34.29 6.48
C PHE C 46 27.20 -35.81 6.47
N HIS C 47 28.00 -36.38 7.31
CA HIS C 47 27.93 -37.82 7.45
C HIS C 47 26.69 -38.21 8.27
N PRO C 48 25.96 -39.24 7.84
CA PRO C 48 24.68 -39.56 8.49
C PRO C 48 24.79 -40.17 9.88
N ARG C 49 25.91 -40.79 10.22
CA ARG C 49 26.12 -41.41 11.52
C ARG C 49 26.93 -40.55 12.47
N PHE C 50 27.11 -39.28 12.14
CA PHE C 50 27.96 -38.36 12.88
C PHE C 50 27.09 -37.38 13.64
N LYS C 51 26.62 -37.80 14.80
CA LYS C 51 25.80 -36.94 15.63
C LYS C 51 26.63 -35.86 16.28
N ARG C 52 26.06 -34.67 16.29
CA ARG C 52 26.70 -33.47 16.84
C ARG C 52 26.00 -33.07 18.13
N GLU C 53 26.78 -32.61 19.08
CA GLU C 53 26.30 -32.02 20.32
C GLU C 53 26.58 -30.54 20.29
N PHE C 54 25.59 -29.75 20.70
CA PHE C 54 25.68 -28.30 20.65
C PHE C 54 25.60 -27.64 22.01
N ILE C 55 24.94 -28.28 22.96
CA ILE C 55 24.63 -27.66 24.23
C ILE C 55 25.58 -28.12 25.33
N GLN C 56 25.85 -29.42 25.39
CA GLN C 56 26.50 -30.02 26.54
C GLN C 56 27.96 -30.36 26.25
N GLU C 57 28.76 -30.28 27.27
CA GLU C 57 30.17 -30.63 27.25
C GLU C 57 30.37 -32.05 27.69
N PRO C 58 31.54 -32.64 27.40
CA PRO C 58 32.68 -32.10 26.66
C PRO C 58 32.60 -32.26 25.15
N ALA C 59 31.52 -32.85 24.65
CA ALA C 59 31.39 -33.15 23.24
C ALA C 59 31.03 -31.93 22.42
N LYS C 60 30.49 -30.89 23.06
CA LYS C 60 30.25 -29.63 22.39
C LYS C 60 31.48 -29.10 21.66
N ASN C 61 32.67 -29.35 22.19
CA ASN C 61 33.92 -28.81 21.64
C ASN C 61 34.71 -29.85 20.86
N ARG C 62 34.01 -30.71 20.13
CA ARG C 62 34.67 -31.66 19.26
C ARG C 62 35.46 -30.91 18.18
N PRO C 63 36.70 -31.30 17.91
CA PRO C 63 37.49 -30.57 16.91
C PRO C 63 37.01 -30.82 15.50
N GLY C 64 37.15 -29.78 14.69
CA GLY C 64 36.82 -29.88 13.28
C GLY C 64 37.95 -30.48 12.48
N PRO C 65 37.71 -30.62 11.17
CA PRO C 65 36.51 -30.17 10.46
C PRO C 65 35.30 -31.06 10.65
N GLN C 66 34.13 -30.45 10.56
CA GLN C 66 32.87 -31.13 10.75
C GLN C 66 32.34 -31.77 9.48
N THR C 67 32.86 -31.37 8.31
CA THR C 67 32.41 -31.92 7.04
C THR C 67 33.52 -31.76 6.02
N ARG C 68 33.30 -32.32 4.84
CA ARG C 68 34.18 -32.14 3.70
C ARG C 68 33.90 -30.78 3.05
N SER C 69 34.87 -30.31 2.28
CA SER C 69 34.92 -28.93 1.82
C SER C 69 34.08 -28.70 0.57
N ASP C 70 33.92 -27.43 0.25
CA ASP C 70 33.21 -26.99 -0.94
C ASP C 70 34.09 -27.02 -2.18
N LEU C 71 35.40 -26.90 -2.01
CA LEU C 71 36.33 -26.83 -3.12
C LEU C 71 36.57 -28.17 -3.79
N LEU C 72 35.82 -29.20 -3.46
CA LEU C 72 36.00 -30.49 -4.11
C LEU C 72 35.34 -30.53 -5.48
N LEU C 73 34.25 -29.81 -5.66
CA LEU C 73 33.60 -29.67 -6.94
C LEU C 73 33.65 -28.22 -7.39
N SER C 74 32.93 -27.93 -8.46
CA SER C 74 32.83 -26.61 -9.05
C SER C 74 31.46 -26.04 -8.77
N GLY C 75 31.40 -24.71 -8.75
CA GLY C 75 30.16 -24.04 -8.43
C GLY C 75 28.99 -24.52 -9.27
N ARG C 76 29.20 -24.68 -10.57
CA ARG C 76 28.11 -25.09 -11.43
C ARG C 76 27.72 -26.53 -11.20
N ASP C 77 28.67 -27.37 -10.79
CA ASP C 77 28.35 -28.76 -10.50
C ASP C 77 27.48 -28.86 -9.24
N TRP C 78 27.88 -28.19 -8.18
CA TRP C 78 27.00 -28.00 -7.03
C TRP C 78 25.62 -27.54 -7.47
N ASN C 79 25.59 -26.50 -8.29
CA ASN C 79 24.34 -25.83 -8.62
C ASN C 79 23.41 -26.68 -9.48
N THR C 80 23.95 -27.59 -10.28
CA THR C 80 23.14 -28.33 -11.23
C THR C 80 22.97 -29.81 -10.91
N LEU C 81 23.93 -30.44 -10.22
CA LEU C 81 23.99 -31.89 -10.18
C LEU C 81 23.80 -32.51 -8.80
N ILE C 82 23.49 -31.75 -7.77
CA ILE C 82 23.49 -32.27 -6.41
C ILE C 82 22.23 -31.82 -5.70
N VAL C 83 21.47 -32.78 -5.17
CA VAL C 83 20.35 -32.52 -4.28
C VAL C 83 20.75 -32.95 -2.88
N GLY C 84 20.39 -32.15 -1.91
CA GLY C 84 20.77 -32.41 -0.55
C GLY C 84 19.80 -33.25 0.23
N LYS C 85 20.29 -33.78 1.34
CA LYS C 85 19.54 -34.69 2.20
C LYS C 85 19.82 -34.41 3.66
N LEU C 86 18.78 -34.53 4.47
CA LEU C 86 18.90 -34.34 5.90
C LEU C 86 19.20 -35.66 6.58
N SER C 87 20.03 -35.60 7.62
CA SER C 87 20.51 -36.80 8.28
C SER C 87 19.39 -37.47 9.07
N PRO C 88 19.41 -38.80 9.16
CA PRO C 88 18.26 -39.51 9.73
C PRO C 88 18.12 -39.34 11.22
N TRP C 89 19.20 -39.17 11.96
CA TRP C 89 19.13 -39.07 13.40
C TRP C 89 18.48 -37.78 13.88
N ILE C 90 18.07 -36.91 12.97
CA ILE C 90 17.52 -35.62 13.34
C ILE C 90 16.00 -35.74 13.45
N ARG C 91 15.47 -35.47 14.64
CA ARG C 91 14.07 -35.70 14.96
C ARG C 91 13.53 -34.54 15.80
N PRO C 92 13.02 -33.48 15.16
CA PRO C 92 12.58 -32.31 15.93
C PRO C 92 11.29 -32.49 16.69
N ASP C 93 10.52 -33.53 16.41
CA ASP C 93 9.23 -33.73 17.06
C ASP C 93 9.29 -34.86 18.07
N SER C 94 10.49 -35.18 18.54
CA SER C 94 10.68 -36.09 19.65
C SER C 94 9.98 -35.56 20.90
N LYS C 95 9.85 -36.46 21.88
CA LYS C 95 9.30 -36.11 23.18
C LYS C 95 10.36 -35.88 24.23
N VAL C 96 11.64 -36.02 23.88
CA VAL C 96 12.75 -35.78 24.80
C VAL C 96 13.35 -34.42 24.46
N GLU C 97 13.16 -33.46 25.37
CA GLU C 97 13.50 -32.07 25.12
C GLU C 97 14.92 -31.91 24.59
N LYS C 98 15.88 -32.60 25.20
CA LYS C 98 17.28 -32.48 24.81
C LYS C 98 17.47 -32.82 23.35
N ILE C 99 16.96 -33.99 22.95
CA ILE C 99 17.06 -34.45 21.58
C ILE C 99 16.42 -33.44 20.64
N ARG C 100 15.28 -32.90 21.04
CA ARG C 100 14.55 -31.97 20.19
C ARG C 100 15.34 -30.69 19.96
N ARG C 101 16.00 -30.20 21.00
CA ARG C 101 16.78 -28.97 20.88
C ARG C 101 18.01 -29.18 20.01
N ASN C 102 18.73 -30.28 20.25
CA ASN C 102 19.86 -30.61 19.41
C ASN C 102 19.44 -30.79 17.95
N SER C 103 18.28 -31.39 17.73
CA SER C 103 17.78 -31.58 16.39
C SER C 103 17.49 -30.26 15.69
N GLU C 104 16.84 -29.33 16.38
CA GLU C 104 16.64 -28.00 15.85
C GLU C 104 17.95 -27.38 15.37
N ALA C 105 18.95 -27.39 16.25
CA ALA C 105 20.23 -26.76 15.92
C ALA C 105 20.88 -27.43 14.71
N ALA C 106 20.93 -28.76 14.71
CA ALA C 106 21.55 -29.48 13.61
C ALA C 106 20.82 -29.23 12.30
N MET C 107 19.50 -29.18 12.35
CA MET C 107 18.72 -28.96 11.15
C MET C 107 19.06 -27.63 10.53
N LEU C 108 19.06 -26.57 11.34
CA LEU C 108 19.43 -25.27 10.80
C LEU C 108 20.82 -25.29 10.22
N GLN C 109 21.77 -25.91 10.93
CA GLN C 109 23.13 -25.99 10.44
C GLN C 109 23.20 -26.59 9.05
N GLU C 110 22.56 -27.74 8.86
CA GLU C 110 22.62 -28.42 7.56
C GLU C 110 21.95 -27.59 6.47
N LEU C 111 20.84 -26.93 6.80
CA LEU C 111 20.15 -26.13 5.81
C LEU C 111 20.99 -24.94 5.38
N ASN C 112 21.73 -24.35 6.31
CA ASN C 112 22.55 -23.21 6.00
C ASN C 112 23.80 -23.57 5.24
N PHE C 113 24.37 -24.74 5.51
CA PHE C 113 25.46 -25.22 4.66
C PHE C 113 24.97 -25.47 3.25
N GLY C 114 23.78 -26.03 3.10
CA GLY C 114 23.18 -26.15 1.78
C GLY C 114 23.09 -24.81 1.05
N ALA C 115 22.50 -23.83 1.71
CA ALA C 115 22.45 -22.47 1.15
C ALA C 115 23.83 -21.97 0.72
N TYR C 116 24.82 -22.13 1.60
CA TYR C 116 26.18 -21.75 1.30
C TYR C 116 26.70 -22.44 0.04
N LEU C 117 26.29 -23.67 -0.23
CA LEU C 117 26.74 -24.35 -1.43
C LEU C 117 25.94 -24.01 -2.68
N GLY C 118 24.82 -23.33 -2.56
CA GLY C 118 23.95 -23.06 -3.69
C GLY C 118 23.30 -24.28 -4.32
N LEU C 119 22.69 -25.12 -3.52
CA LEU C 119 22.05 -26.32 -4.03
C LEU C 119 20.68 -26.00 -4.61
N PRO C 120 20.26 -26.74 -5.63
CA PRO C 120 18.95 -26.46 -6.23
C PRO C 120 17.77 -27.03 -5.47
N ALA C 121 17.97 -28.01 -4.61
CA ALA C 121 16.87 -28.57 -3.84
C ALA C 121 17.43 -29.43 -2.71
N PHE C 122 16.56 -29.72 -1.75
CA PHE C 122 16.94 -30.41 -0.53
C PHE C 122 15.81 -31.33 -0.09
N LEU C 123 16.15 -32.58 0.20
CA LEU C 123 15.17 -33.61 0.55
C LEU C 123 14.93 -33.68 2.06
N LEU C 124 13.66 -33.69 2.45
CA LEU C 124 13.26 -33.80 3.83
C LEU C 124 12.12 -34.80 4.02
N PRO C 125 12.17 -35.63 5.06
CA PRO C 125 11.18 -36.70 5.23
C PRO C 125 9.94 -36.35 6.04
N LEU C 126 8.81 -36.91 5.62
CA LEU C 126 7.60 -37.02 6.41
C LEU C 126 7.26 -38.50 6.59
N ASN C 127 7.48 -39.01 7.79
CA ASN C 127 7.21 -40.42 8.09
C ASN C 127 6.32 -40.58 9.32
N GLN C 128 5.63 -39.52 9.74
CA GLN C 128 4.70 -39.61 10.84
C GLN C 128 3.76 -38.42 10.80
N GLU C 129 2.86 -38.39 11.78
CA GLU C 129 1.73 -37.48 11.75
C GLU C 129 2.08 -36.09 12.26
N ASP C 130 2.87 -35.98 13.31
CA ASP C 130 3.16 -34.70 13.97
C ASP C 130 4.51 -34.18 13.52
N ASN C 131 4.49 -33.16 12.67
CA ASN C 131 5.69 -32.47 12.21
C ASN C 131 5.51 -30.97 12.30
N THR C 132 5.06 -30.53 13.47
CA THR C 132 4.74 -29.13 13.73
C THR C 132 6.02 -28.29 13.92
N ASN C 133 6.94 -28.80 14.73
CA ASN C 133 8.16 -28.08 15.02
C ASN C 133 9.13 -28.08 13.84
N LEU C 134 9.15 -29.16 13.07
CA LEU C 134 9.89 -29.19 11.82
C LEU C 134 9.44 -28.08 10.88
N ALA C 135 8.12 -27.96 10.71
CA ALA C 135 7.59 -26.92 9.86
C ALA C 135 7.96 -25.56 10.40
N ARG C 136 7.98 -25.41 11.71
CA ARG C 136 8.36 -24.14 12.30
C ARG C 136 9.80 -23.77 11.96
N VAL C 137 10.70 -24.73 12.15
CA VAL C 137 12.11 -24.47 11.90
C VAL C 137 12.33 -24.09 10.43
N LEU C 138 11.71 -24.84 9.52
CA LEU C 138 11.89 -24.55 8.12
C LEU C 138 11.30 -23.19 7.75
N THR C 139 10.13 -22.89 8.30
CA THR C 139 9.49 -21.61 8.05
C THR C 139 10.35 -20.45 8.52
N ASN C 140 11.00 -20.60 9.67
CA ASN C 140 12.00 -19.63 10.11
C ASN C 140 13.11 -19.47 9.08
N HIS C 141 13.68 -20.59 8.63
CA HIS C 141 14.74 -20.54 7.64
C HIS C 141 14.32 -19.76 6.40
N ILE C 142 13.11 -20.02 5.90
CA ILE C 142 12.69 -19.41 4.65
C ILE C 142 12.61 -17.90 4.77
N HIS C 143 12.14 -17.38 5.89
CA HIS C 143 11.99 -15.94 6.08
C HIS C 143 13.25 -15.35 6.72
N THR C 144 14.38 -15.73 6.15
CA THR C 144 15.68 -15.30 6.64
C THR C 144 16.60 -15.05 5.45
N SER C 149 16.50 -21.88 -2.98
CA SER C 149 16.48 -23.33 -3.11
C SER C 149 15.09 -23.88 -2.84
N MET C 150 14.74 -24.94 -3.52
CA MET C 150 13.47 -25.61 -3.27
C MET C 150 13.65 -26.71 -2.25
N PHE C 151 12.52 -27.15 -1.69
CA PHE C 151 12.51 -28.14 -0.64
C PHE C 151 11.54 -29.26 -1.01
N TRP C 152 12.07 -30.47 -1.11
CA TRP C 152 11.33 -31.63 -1.56
C TRP C 152 10.98 -32.50 -0.37
N MET C 153 9.69 -32.70 -0.16
CA MET C 153 9.19 -33.43 1.00
C MET C 153 8.93 -34.88 0.61
N ARG C 154 9.58 -35.79 1.31
CA ARG C 154 9.55 -37.22 1.00
C ARG C 154 8.38 -37.83 1.74
N VAL C 155 7.34 -38.18 0.99
CA VAL C 155 6.11 -38.68 1.59
C VAL C 155 5.60 -39.89 0.79
N PRO C 156 5.29 -41.00 1.46
CA PRO C 156 4.88 -42.20 0.75
C PRO C 156 3.38 -42.31 0.52
N LEU C 157 3.04 -43.18 -0.43
CA LEU C 157 1.64 -43.50 -0.69
C LEU C 157 1.03 -44.33 0.43
N VAL C 158 1.78 -45.25 0.98
CA VAL C 158 1.31 -46.13 2.04
C VAL C 158 2.22 -45.98 3.24
N ALA C 159 1.60 -45.89 4.40
CA ALA C 159 2.36 -45.77 5.62
C ALA C 159 3.11 -47.05 5.93
N PRO C 160 4.27 -46.94 6.57
CA PRO C 160 5.08 -48.13 6.83
C PRO C 160 4.48 -49.07 7.85
N GLU C 161 3.61 -48.58 8.72
CA GLU C 161 2.91 -49.46 9.64
C GLU C 161 1.88 -50.32 8.91
N ASP C 162 1.25 -49.76 7.89
CA ASP C 162 0.29 -50.50 7.07
C ASP C 162 0.98 -51.29 5.97
N LEU C 163 2.26 -51.58 6.15
CA LEU C 163 3.09 -52.15 5.11
C LEU C 163 3.85 -53.38 5.57
N ARG C 164 3.85 -53.66 6.86
CA ARG C 164 4.61 -54.76 7.44
C ARG C 164 3.88 -56.08 7.24
N ASP C 165 4.58 -57.16 7.54
CA ASP C 165 4.10 -58.52 7.36
C ASP C 165 3.42 -59.03 8.62
N ASP C 166 2.52 -60.00 8.42
CA ASP C 166 1.81 -60.64 9.52
C ASP C 166 2.65 -61.81 10.02
N ILE C 167 3.51 -61.50 10.99
CA ILE C 167 4.42 -62.49 11.55
C ILE C 167 4.61 -62.24 13.03
N ILE C 168 3.78 -61.37 13.59
CA ILE C 168 3.71 -61.16 15.03
C ILE C 168 2.37 -61.70 15.52
N GLU C 169 2.42 -62.64 16.46
CA GLU C 169 1.20 -63.34 16.86
C GLU C 169 0.30 -62.47 17.72
N ASN C 170 0.88 -61.77 18.69
CA ASN C 170 0.11 -60.93 19.60
C ASN C 170 0.08 -59.46 19.18
N ALA C 171 0.08 -59.19 17.89
CA ALA C 171 -0.10 -57.84 17.37
C ALA C 171 -0.49 -57.94 15.89
N PRO C 172 -1.73 -58.29 15.60
CA PRO C 172 -2.11 -58.67 14.24
C PRO C 172 -2.30 -57.46 13.33
N THR C 173 -2.44 -57.76 12.05
CA THR C 173 -2.58 -56.78 10.98
C THR C 173 -4.05 -56.61 10.61
N THR C 174 -4.40 -55.44 10.15
CA THR C 174 -5.77 -55.14 9.73
C THR C 174 -6.17 -55.95 8.49
N GLY C 181 -8.08 -44.59 5.82
CA GLY C 181 -6.84 -45.27 6.14
C GLY C 181 -5.89 -45.30 4.98
N GLU C 182 -6.46 -45.18 3.78
CA GLU C 182 -5.68 -44.91 2.58
C GLU C 182 -5.39 -43.43 2.41
N GLU C 183 -5.90 -42.59 3.30
CA GLU C 183 -5.88 -41.15 3.12
C GLU C 183 -5.06 -40.41 4.17
N LYS C 184 -4.34 -41.12 5.04
CA LYS C 184 -3.66 -40.45 6.14
C LYS C 184 -2.38 -39.75 5.69
N THR C 185 -1.69 -40.35 4.72
CA THR C 185 -0.44 -39.79 4.23
C THR C 185 -0.65 -38.51 3.46
N TRP C 186 -1.82 -38.33 2.84
CA TRP C 186 -2.12 -37.07 2.19
C TRP C 186 -2.44 -36.00 3.22
N MET C 187 -3.10 -36.38 4.32
CA MET C 187 -3.43 -35.45 5.38
C MET C 187 -2.17 -34.94 6.05
N TRP C 188 -1.16 -35.80 6.21
CA TRP C 188 0.13 -35.35 6.70
C TRP C 188 0.63 -34.14 5.91
N TRP C 189 0.75 -34.33 4.60
CA TRP C 189 1.27 -33.28 3.72
C TRP C 189 0.40 -32.04 3.77
N HIS C 190 -0.90 -32.24 3.80
CA HIS C 190 -1.81 -31.10 3.76
C HIS C 190 -1.66 -30.23 4.99
N ASN C 191 -1.56 -30.86 6.15
CA ASN C 191 -1.40 -30.11 7.39
C ASN C 191 -0.06 -29.40 7.43
N PHE C 192 1.00 -30.09 7.02
CA PHE C 192 2.30 -29.47 6.91
C PHE C 192 2.25 -28.18 6.08
N ARG C 193 1.79 -28.30 4.85
CA ARG C 193 1.78 -27.16 3.95
C ARG C 193 0.88 -26.05 4.46
N THR C 194 -0.22 -26.40 5.11
CA THR C 194 -1.05 -25.38 5.75
C THR C 194 -0.27 -24.62 6.81
N LEU C 195 0.44 -25.32 7.67
CA LEU C 195 1.29 -24.65 8.66
C LEU C 195 2.28 -23.71 8.00
N CYS C 196 2.93 -24.15 6.92
CA CYS C 196 3.90 -23.32 6.22
C CYS C 196 3.27 -22.26 5.32
N ASP C 197 1.96 -22.28 5.14
CA ASP C 197 1.22 -21.22 4.45
C ASP C 197 1.39 -21.28 2.94
N TYR C 198 1.17 -22.47 2.38
CA TYR C 198 1.11 -22.67 0.95
C TYR C 198 2.27 -22.01 0.22
N SER C 199 3.47 -22.29 0.70
CA SER C 199 4.66 -21.67 0.15
C SER C 199 5.06 -22.27 -1.18
N LYS C 200 5.68 -21.44 -2.01
CA LYS C 200 6.09 -21.85 -3.34
C LYS C 200 7.32 -22.75 -3.31
N ARG C 201 8.20 -22.53 -2.34
CA ARG C 201 9.45 -23.25 -2.27
C ARG C 201 9.32 -24.62 -1.64
N ILE C 202 8.11 -25.16 -1.52
CA ILE C 202 7.85 -26.41 -0.84
C ILE C 202 7.05 -27.31 -1.77
N ALA C 203 7.52 -28.54 -1.96
CA ALA C 203 6.98 -29.42 -2.97
C ALA C 203 7.04 -30.87 -2.51
N VAL C 204 6.38 -31.73 -3.27
CA VAL C 204 6.21 -33.14 -2.93
C VAL C 204 7.24 -33.99 -3.63
N ALA C 205 7.73 -35.01 -2.92
CA ALA C 205 8.51 -36.10 -3.51
C ALA C 205 7.85 -37.42 -3.11
N LEU C 206 7.08 -37.98 -4.03
CA LEU C 206 6.22 -39.13 -3.75
C LEU C 206 6.98 -40.44 -3.88
N GLU C 207 6.98 -41.23 -2.81
CA GLU C 207 7.57 -42.56 -2.83
C GLU C 207 6.52 -43.60 -3.19
N ILE C 208 6.94 -44.56 -4.00
CA ILE C 208 6.04 -45.57 -4.52
C ILE C 208 6.51 -46.95 -4.09
N GLY C 209 5.56 -47.85 -3.90
CA GLY C 209 5.87 -49.20 -3.48
C GLY C 209 5.15 -50.26 -4.28
N ALA C 210 5.12 -51.46 -3.74
CA ALA C 210 4.66 -52.62 -4.49
C ALA C 210 3.16 -52.57 -4.73
N ASP C 211 2.37 -52.50 -3.67
CA ASP C 211 0.92 -52.44 -3.80
C ASP C 211 0.47 -51.00 -3.89
N LEU C 212 -0.57 -50.77 -4.68
CA LEU C 212 -1.02 -49.43 -4.97
C LEU C 212 -2.40 -49.19 -4.39
N PRO C 213 -2.71 -47.96 -4.03
CA PRO C 213 -4.04 -47.66 -3.48
C PRO C 213 -5.11 -47.71 -4.55
N SER C 214 -6.24 -47.06 -4.27
CA SER C 214 -7.38 -47.13 -5.17
C SER C 214 -7.16 -46.31 -6.42
N ASN C 215 -7.99 -45.30 -6.64
CA ASN C 215 -8.00 -44.60 -7.91
C ASN C 215 -8.48 -43.17 -7.76
N HIS C 216 -9.57 -42.97 -7.01
CA HIS C 216 -9.92 -41.64 -6.57
C HIS C 216 -8.77 -41.01 -5.80
N VAL C 217 -8.00 -41.84 -5.10
CA VAL C 217 -6.81 -41.42 -4.37
C VAL C 217 -5.78 -40.86 -5.33
N ILE C 218 -5.29 -41.70 -6.25
CA ILE C 218 -4.31 -41.26 -7.23
C ILE C 218 -4.77 -39.96 -7.87
N ASP C 219 -6.07 -39.83 -8.11
CA ASP C 219 -6.59 -38.56 -8.59
C ASP C 219 -6.43 -37.45 -7.56
N ARG C 220 -6.50 -37.80 -6.27
CA ARG C 220 -6.33 -36.80 -5.23
C ARG C 220 -4.96 -36.15 -5.30
N TRP C 221 -3.92 -36.95 -5.54
CA TRP C 221 -2.58 -36.42 -5.67
C TRP C 221 -2.45 -35.60 -6.94
N LEU C 222 -3.49 -35.60 -7.76
CA LEU C 222 -3.61 -34.55 -8.77
C LEU C 222 -3.83 -33.22 -8.06
N GLY C 223 -3.35 -32.17 -8.68
CA GLY C 223 -3.42 -30.87 -8.10
C GLY C 223 -2.27 -30.53 -7.19
N GLU C 224 -1.59 -31.52 -6.64
CA GLU C 224 -0.50 -31.27 -5.73
C GLU C 224 0.79 -31.01 -6.48
N PRO C 225 1.65 -30.17 -5.92
CA PRO C 225 2.91 -29.83 -6.58
C PRO C 225 3.96 -30.92 -6.44
N ILE C 226 3.82 -31.90 -7.32
CA ILE C 226 4.71 -33.04 -7.39
C ILE C 226 5.84 -32.72 -8.35
N LYS C 227 7.07 -32.72 -7.84
CA LYS C 227 8.26 -32.48 -8.64
C LYS C 227 9.08 -33.71 -8.91
N ALA C 228 8.93 -34.77 -8.12
CA ALA C 228 9.76 -35.94 -8.29
C ALA C 228 9.00 -37.18 -7.81
N ALA C 229 9.35 -38.30 -8.41
CA ALA C 229 8.84 -39.61 -8.03
C ALA C 229 10.00 -40.55 -7.78
N ILE C 230 9.87 -41.37 -6.76
CA ILE C 230 10.94 -42.22 -6.28
C ILE C 230 10.56 -43.67 -6.56
N LEU C 231 11.41 -44.36 -7.31
CA LEU C 231 11.19 -45.73 -7.71
C LEU C 231 12.24 -46.64 -7.12
N PRO C 232 11.87 -47.62 -6.30
CA PRO C 232 12.83 -48.61 -5.83
C PRO C 232 13.05 -49.73 -6.84
N THR C 233 14.22 -50.35 -6.72
CA THR C 233 14.56 -51.48 -7.58
C THR C 233 13.68 -52.69 -7.34
N SER C 234 12.97 -52.72 -6.23
CA SER C 234 12.25 -53.90 -5.81
C SER C 234 10.86 -54.02 -6.42
N ILE C 235 10.45 -53.05 -7.24
CA ILE C 235 9.18 -53.15 -7.94
C ILE C 235 9.36 -53.58 -9.38
N PHE C 236 10.59 -53.58 -9.88
CA PHE C 236 10.87 -54.06 -11.23
C PHE C 236 10.93 -55.58 -11.23
N LEU C 237 10.00 -56.20 -11.95
CA LEU C 237 10.09 -57.63 -12.21
C LEU C 237 11.23 -57.91 -13.18
N THR C 238 11.48 -59.18 -13.40
CA THR C 238 12.53 -59.63 -14.31
C THR C 238 11.88 -60.36 -15.48
N ASN C 239 12.31 -60.01 -16.68
CA ASN C 239 11.80 -60.62 -17.89
C ASN C 239 12.42 -62.00 -18.09
N LYS C 240 11.93 -62.71 -19.09
CA LYS C 240 12.49 -64.03 -19.40
C LYS C 240 13.93 -63.93 -19.85
N LYS C 241 14.25 -62.90 -20.64
CA LYS C 241 15.64 -62.62 -20.99
C LYS C 241 16.47 -62.20 -19.80
N GLY C 242 15.84 -61.71 -18.74
CA GLY C 242 16.56 -61.21 -17.59
C GLY C 242 16.61 -59.70 -17.50
N PHE C 243 15.80 -59.01 -18.23
CA PHE C 243 15.74 -57.56 -18.15
C PHE C 243 14.71 -57.12 -17.13
N PRO C 244 14.78 -55.88 -16.68
CA PRO C 244 13.77 -55.37 -15.74
C PRO C 244 12.56 -54.81 -16.45
N VAL C 245 11.40 -55.03 -15.86
CA VAL C 245 10.12 -54.58 -16.39
C VAL C 245 9.21 -54.22 -15.23
N LEU C 246 8.01 -53.74 -15.55
CA LEU C 246 7.02 -53.37 -14.55
C LEU C 246 5.68 -53.98 -14.88
N SER C 247 4.81 -53.97 -13.88
CA SER C 247 3.43 -54.39 -14.06
C SER C 247 2.67 -53.32 -14.82
N LYS C 248 1.44 -53.66 -15.20
CA LYS C 248 0.67 -52.75 -16.04
C LYS C 248 0.05 -51.61 -15.25
N MET C 249 -0.37 -51.83 -14.01
CA MET C 249 -0.88 -50.72 -13.21
C MET C 249 0.23 -49.71 -12.92
N HIS C 250 1.43 -50.20 -12.63
CA HIS C 250 2.57 -49.32 -12.50
C HIS C 250 2.81 -48.53 -13.77
N GLN C 251 2.65 -49.19 -14.92
CA GLN C 251 2.83 -48.50 -16.19
C GLN C 251 1.81 -47.40 -16.38
N ARG C 252 0.56 -47.67 -16.01
CA ARG C 252 -0.47 -46.64 -16.08
C ARG C 252 -0.09 -45.43 -15.23
N LEU C 253 0.32 -45.69 -13.99
CA LEU C 253 0.69 -44.58 -13.11
C LEU C 253 1.86 -43.79 -13.68
N ILE C 254 2.85 -44.48 -14.24
CA ILE C 254 3.99 -43.81 -14.86
C ILE C 254 3.52 -42.92 -16.00
N PHE C 255 2.60 -43.44 -16.82
CA PHE C 255 2.06 -42.65 -17.91
C PHE C 255 1.43 -41.37 -17.38
N ARG C 256 0.68 -41.47 -16.30
CA ARG C 256 0.02 -40.29 -15.76
C ARG C 256 1.03 -39.30 -15.21
N LEU C 257 2.08 -39.79 -14.56
CA LEU C 257 3.11 -38.90 -14.04
C LEU C 257 3.91 -38.22 -15.12
N LEU C 258 4.13 -38.90 -16.25
CA LEU C 258 4.96 -38.33 -17.30
C LEU C 258 4.37 -37.05 -17.85
N LYS C 259 3.05 -36.89 -17.77
CA LYS C 259 2.40 -35.68 -18.24
C LYS C 259 2.81 -34.49 -17.38
N LEU C 260 2.64 -34.61 -16.06
CA LEU C 260 3.06 -33.56 -15.15
C LEU C 260 4.52 -33.20 -15.31
N GLU C 261 5.31 -34.05 -15.95
CA GLU C 261 6.71 -33.75 -16.25
C GLU C 261 7.58 -33.78 -14.99
N VAL C 262 7.53 -34.87 -14.27
CA VAL C 262 8.31 -35.03 -13.05
C VAL C 262 9.64 -35.66 -13.37
N GLN C 263 10.58 -35.53 -12.45
CA GLN C 263 11.83 -36.23 -12.48
C GLN C 263 11.76 -37.48 -11.62
N PHE C 264 12.32 -38.57 -12.12
CA PHE C 264 12.29 -39.85 -11.44
C PHE C 264 13.61 -40.10 -10.73
N ILE C 265 13.54 -40.73 -9.57
CA ILE C 265 14.71 -41.10 -8.79
C ILE C 265 14.66 -42.60 -8.52
N ILE C 266 15.80 -43.26 -8.75
CA ILE C 266 15.98 -44.66 -8.47
C ILE C 266 16.68 -44.80 -7.14
N THR C 267 16.13 -45.64 -6.26
CA THR C 267 16.75 -45.91 -4.97
C THR C 267 16.89 -47.41 -4.76
N GLY C 268 17.93 -47.77 -4.03
CA GLY C 268 18.16 -49.13 -3.58
C GLY C 268 19.25 -49.83 -4.36
N THR C 269 19.34 -51.13 -4.12
CA THR C 269 20.42 -51.95 -4.64
C THR C 269 20.03 -52.62 -5.95
N ASN C 270 21.03 -52.83 -6.78
CA ASN C 270 20.88 -53.57 -8.03
C ASN C 270 20.74 -55.05 -7.73
N HIS C 271 19.50 -55.53 -7.70
CA HIS C 271 19.25 -56.94 -7.45
C HIS C 271 19.56 -57.80 -8.67
N HIS C 272 19.52 -57.23 -9.86
CA HIS C 272 19.88 -57.91 -11.09
C HIS C 272 21.34 -57.60 -11.42
N SER C 273 22.22 -58.11 -10.56
CA SER C 273 23.64 -57.80 -10.66
C SER C 273 24.19 -58.00 -12.06
N GLU C 274 23.50 -58.77 -12.90
CA GLU C 274 23.89 -58.92 -14.29
C GLU C 274 23.69 -57.65 -15.10
N LYS C 275 22.72 -56.81 -14.72
CA LYS C 275 22.28 -55.69 -15.55
C LYS C 275 22.57 -54.39 -14.83
N GLU C 276 23.35 -53.52 -15.47
CA GLU C 276 23.64 -52.21 -14.92
C GLU C 276 22.39 -51.34 -14.89
N PHE C 277 22.47 -50.26 -14.13
CA PHE C 277 21.34 -49.35 -14.00
C PHE C 277 20.91 -48.76 -15.32
N CYS C 278 21.79 -48.78 -16.32
CA CYS C 278 21.45 -48.19 -17.61
C CYS C 278 20.22 -48.86 -18.23
N SER C 279 19.97 -50.11 -17.86
CA SER C 279 18.85 -50.85 -18.44
C SER C 279 17.52 -50.36 -17.87
N TYR C 280 17.47 -50.07 -16.58
CA TYR C 280 16.27 -49.44 -16.01
C TYR C 280 15.93 -48.16 -16.77
N LEU C 281 16.94 -47.30 -16.96
CA LEU C 281 16.71 -46.04 -17.64
C LEU C 281 16.25 -46.24 -19.07
N GLN C 282 16.78 -47.26 -19.75
CA GLN C 282 16.36 -47.50 -21.10
C GLN C 282 14.92 -48.00 -21.15
N TYR C 283 14.52 -48.82 -20.19
CA TYR C 283 13.12 -49.19 -20.07
C TYR C 283 12.25 -47.96 -19.90
N LEU C 284 12.69 -47.01 -19.07
CA LEU C 284 11.91 -45.81 -18.86
C LEU C 284 11.77 -45.00 -20.15
N GLU C 285 12.88 -44.83 -20.88
CA GLU C 285 12.81 -44.12 -22.15
C GLU C 285 11.91 -44.82 -23.14
N TYR C 286 12.02 -46.14 -23.24
CA TYR C 286 11.13 -46.91 -24.09
C TYR C 286 9.67 -46.64 -23.75
N LEU C 287 9.32 -46.70 -22.47
CA LEU C 287 7.96 -46.37 -22.06
C LEU C 287 7.57 -44.98 -22.54
N SER C 288 8.46 -44.00 -22.35
CA SER C 288 8.13 -42.64 -22.73
C SER C 288 7.86 -42.53 -24.23
N GLN C 289 8.70 -43.16 -25.04
CA GLN C 289 8.57 -43.02 -26.49
C GLN C 289 7.24 -43.54 -26.98
N ASN C 290 6.87 -44.76 -26.59
CA ASN C 290 5.60 -45.34 -26.96
C ASN C 290 4.51 -44.80 -26.05
N ARG C 291 4.00 -43.64 -26.43
CA ARG C 291 2.83 -43.03 -25.80
C ARG C 291 1.95 -42.43 -26.87
N PRO C 292 0.64 -42.36 -26.64
CA PRO C 292 -0.24 -41.65 -27.57
C PRO C 292 0.24 -40.23 -27.80
N PRO C 293 0.79 -39.92 -28.97
CA PRO C 293 1.44 -38.62 -29.16
C PRO C 293 0.48 -37.47 -28.94
N PRO C 294 0.98 -36.23 -28.95
CA PRO C 294 0.10 -35.08 -28.65
C PRO C 294 -0.71 -34.68 -29.87
N ASN C 295 -1.99 -34.40 -29.66
CA ASN C 295 -2.87 -33.98 -30.74
C ASN C 295 -2.44 -32.61 -31.25
N ALA C 296 -3.32 -31.95 -32.00
CA ALA C 296 -3.05 -30.59 -32.44
C ALA C 296 -3.29 -29.58 -31.32
N TYR C 297 -4.28 -29.85 -30.48
CA TYR C 297 -4.53 -28.99 -29.32
C TYR C 297 -3.39 -29.08 -28.32
N GLU C 298 -3.17 -30.27 -27.77
CA GLU C 298 -2.09 -30.47 -26.80
C GLU C 298 -0.79 -29.87 -27.30
N LEU C 299 -0.57 -29.92 -28.61
CA LEU C 299 0.59 -29.31 -29.21
C LEU C 299 0.50 -27.79 -29.11
N PHE C 300 -0.56 -27.22 -29.68
CA PHE C 300 -0.79 -25.78 -29.56
C PHE C 300 -0.77 -25.35 -28.11
N ALA C 301 -1.23 -26.22 -27.21
CA ALA C 301 -1.34 -25.91 -25.79
C ALA C 301 -0.01 -26.08 -25.06
N LYS C 302 1.10 -26.01 -25.79
CA LYS C 302 2.42 -26.20 -25.22
C LYS C 302 2.99 -24.86 -24.82
N GLY C 303 3.39 -24.75 -23.55
CA GLY C 303 3.95 -23.54 -23.01
C GLY C 303 2.97 -22.67 -22.26
N TYR C 304 1.70 -23.04 -22.22
CA TYR C 304 0.68 -22.27 -21.57
C TYR C 304 0.11 -22.94 -20.34
N GLU C 305 0.56 -24.14 -20.03
CA GLU C 305 0.02 -24.90 -18.90
C GLU C 305 0.06 -24.06 -17.64
N ASP C 306 -1.12 -23.84 -17.06
CA ASP C 306 -1.25 -23.13 -15.80
C ASP C 306 -0.65 -21.73 -15.88
N TYR C 307 -0.94 -21.02 -16.98
CA TYR C 307 -0.52 -19.64 -17.16
C TYR C 307 -1.76 -18.77 -17.19
N LEU C 308 -1.87 -17.90 -16.18
CA LEU C 308 -3.06 -17.07 -16.02
C LEU C 308 -3.05 -15.91 -17.00
N GLN C 309 -4.23 -15.62 -17.55
CA GLN C 309 -4.40 -14.56 -18.52
C GLN C 309 -5.62 -13.73 -18.18
N SER C 310 -5.56 -12.49 -18.53
CA SER C 310 -6.69 -11.59 -18.39
C SER C 310 -7.62 -11.73 -19.59
N PRO C 311 -8.93 -11.84 -19.37
CA PRO C 311 -9.85 -11.96 -20.51
C PRO C 311 -9.88 -10.70 -21.37
N LEU C 312 -10.11 -10.91 -22.66
CA LEU C 312 -10.19 -9.83 -23.62
C LEU C 312 -11.53 -9.12 -23.57
N GLN C 313 -11.49 -7.83 -23.87
CA GLN C 313 -12.68 -6.99 -23.95
C GLN C 313 -12.66 -6.25 -25.28
N PRO C 314 -13.27 -6.83 -26.31
CA PRO C 314 -13.24 -6.21 -27.63
C PRO C 314 -14.32 -5.16 -27.89
N LEU C 315 -15.00 -4.67 -26.86
CA LEU C 315 -15.89 -3.54 -26.94
C LEU C 315 -15.27 -2.28 -26.37
N MET C 316 -14.66 -2.41 -25.20
CA MET C 316 -14.05 -1.27 -24.53
C MET C 316 -12.67 -0.98 -25.09
N ASP C 317 -12.00 -2.00 -25.60
CA ASP C 317 -10.66 -1.88 -26.13
C ASP C 317 -10.66 -2.21 -27.61
N ASN C 318 -9.53 -1.91 -28.24
CA ASN C 318 -9.32 -2.20 -29.65
C ASN C 318 -8.11 -3.10 -29.78
N LEU C 319 -8.28 -4.14 -30.58
CA LEU C 319 -7.32 -5.22 -30.63
C LEU C 319 -6.25 -5.00 -31.69
N GLU C 320 -5.11 -5.62 -31.44
CA GLU C 320 -3.93 -5.63 -32.29
C GLU C 320 -4.09 -6.60 -33.44
N SER C 321 -3.20 -6.47 -34.43
CA SER C 321 -3.23 -7.33 -35.60
C SER C 321 -2.83 -8.76 -35.27
N GLN C 322 -1.89 -8.93 -34.33
CA GLN C 322 -1.49 -10.27 -33.92
C GLN C 322 -2.65 -11.07 -33.34
N THR C 323 -3.43 -10.44 -32.47
CA THR C 323 -4.62 -11.08 -31.92
C THR C 323 -5.53 -11.60 -33.02
N TYR C 324 -5.86 -10.74 -33.99
CA TYR C 324 -6.70 -11.17 -35.10
C TYR C 324 -6.05 -12.32 -35.85
N GLU C 325 -4.73 -12.30 -35.98
CA GLU C 325 -4.05 -13.38 -36.68
C GLU C 325 -4.21 -14.70 -35.96
N VAL C 326 -4.05 -14.69 -34.64
CA VAL C 326 -4.21 -15.91 -33.87
C VAL C 326 -5.65 -16.40 -33.94
N PHE C 327 -6.60 -15.48 -33.92
CA PHE C 327 -8.01 -15.85 -34.01
C PHE C 327 -8.29 -16.63 -35.29
N GLU C 328 -7.69 -16.21 -36.40
CA GLU C 328 -8.07 -16.66 -37.71
C GLU C 328 -7.47 -18.00 -38.09
N LYS C 329 -6.71 -18.60 -37.19
CA LYS C 329 -5.93 -19.78 -37.46
C LYS C 329 -6.65 -21.10 -37.16
N ASP C 330 -7.81 -21.08 -36.50
CA ASP C 330 -8.55 -22.29 -36.21
C ASP C 330 -9.61 -22.53 -37.30
N PRO C 331 -9.44 -23.53 -38.16
CA PRO C 331 -10.35 -23.70 -39.29
C PRO C 331 -11.64 -24.46 -38.99
N ILE C 332 -11.65 -25.22 -37.90
CA ILE C 332 -12.85 -25.95 -37.51
C ILE C 332 -14.03 -25.02 -37.37
N LYS C 333 -13.85 -23.93 -36.60
CA LYS C 333 -14.93 -23.00 -36.34
C LYS C 333 -15.48 -22.40 -37.63
N TYR C 334 -14.59 -22.06 -38.57
CA TYR C 334 -15.04 -21.39 -39.79
C TYR C 334 -15.69 -22.37 -40.75
N SER C 335 -15.21 -23.61 -40.77
CA SER C 335 -15.91 -24.64 -41.52
C SER C 335 -17.33 -24.83 -40.99
N GLN C 336 -17.47 -24.84 -39.67
CA GLN C 336 -18.80 -24.99 -39.07
C GLN C 336 -19.71 -23.84 -39.41
N TYR C 337 -19.20 -22.60 -39.28
CA TYR C 337 -19.97 -21.44 -39.67
C TYR C 337 -20.41 -21.54 -41.13
N GLN C 338 -19.49 -21.92 -42.02
CA GLN C 338 -19.80 -22.07 -43.43
C GLN C 338 -20.93 -23.06 -43.64
N GLN C 339 -20.84 -24.22 -43.00
CA GLN C 339 -21.86 -25.25 -43.15
C GLN C 339 -23.22 -24.74 -42.69
N ALA C 340 -23.24 -24.05 -41.55
CA ALA C 340 -24.49 -23.54 -41.03
C ALA C 340 -25.13 -22.53 -41.98
N ILE C 341 -24.32 -21.64 -42.55
CA ILE C 341 -24.84 -20.67 -43.50
C ILE C 341 -25.41 -21.37 -44.72
N TYR C 342 -24.64 -22.30 -45.28
CA TYR C 342 -25.08 -23.11 -46.40
C TYR C 342 -26.46 -23.71 -46.14
N LYS C 343 -26.61 -24.38 -45.01
CA LYS C 343 -27.85 -25.03 -44.66
C LYS C 343 -28.99 -24.02 -44.53
N CYS C 344 -28.76 -22.93 -43.82
CA CYS C 344 -29.79 -21.91 -43.66
C CYS C 344 -30.30 -21.42 -45.01
N LEU C 345 -29.37 -21.17 -45.94
CA LEU C 345 -29.80 -20.60 -47.21
C LEU C 345 -30.51 -21.62 -48.06
N LEU C 346 -30.08 -22.87 -48.02
CA LEU C 346 -30.81 -23.90 -48.74
C LEU C 346 -32.23 -24.01 -48.22
N ASP C 347 -32.41 -23.83 -46.91
CA ASP C 347 -33.73 -23.96 -46.32
C ASP C 347 -34.58 -22.70 -46.46
N ARG C 348 -33.98 -21.57 -46.77
CA ARG C 348 -34.75 -20.33 -46.85
C ARG C 348 -35.21 -19.98 -48.26
N VAL C 349 -34.50 -20.45 -49.29
CA VAL C 349 -34.74 -20.03 -50.66
C VAL C 349 -35.00 -21.29 -51.49
N PRO C 350 -36.20 -21.48 -52.02
CA PRO C 350 -36.46 -22.69 -52.81
C PRO C 350 -35.60 -22.80 -54.05
N GLU C 351 -35.58 -23.99 -54.64
CA GLU C 351 -34.75 -24.29 -55.79
C GLU C 351 -35.30 -23.72 -57.09
N GLU C 352 -36.41 -22.99 -57.04
CA GLU C 352 -37.06 -22.49 -58.24
C GLU C 352 -36.95 -20.99 -58.41
N GLU C 353 -36.64 -20.25 -57.33
CA GLU C 353 -36.42 -18.83 -57.41
C GLU C 353 -34.94 -18.49 -57.21
N LYS C 354 -34.07 -19.42 -57.60
CA LYS C 354 -32.63 -19.25 -57.43
C LYS C 354 -32.14 -17.91 -57.95
N ASP C 355 -32.80 -17.38 -58.99
CA ASP C 355 -32.29 -16.25 -59.74
C ASP C 355 -33.18 -15.02 -59.61
N THR C 356 -33.78 -14.83 -58.43
CA THR C 356 -34.69 -13.71 -58.23
C THR C 356 -34.61 -13.24 -56.79
N ASN C 357 -34.56 -14.19 -55.87
CA ASN C 357 -34.57 -13.88 -54.44
C ASN C 357 -33.14 -13.70 -53.96
N VAL C 358 -32.77 -12.46 -53.66
CA VAL C 358 -31.46 -12.12 -53.12
C VAL C 358 -31.59 -11.95 -51.62
N GLN C 359 -30.77 -12.66 -50.88
CA GLN C 359 -30.83 -12.60 -49.43
C GLN C 359 -29.80 -11.61 -48.91
N VAL C 360 -30.22 -10.82 -47.93
CA VAL C 360 -29.39 -9.80 -47.31
C VAL C 360 -28.78 -10.39 -46.05
N LEU C 361 -27.46 -10.48 -46.02
CA LEU C 361 -26.72 -10.94 -44.86
C LEU C 361 -25.97 -9.77 -44.23
N MET C 362 -25.64 -9.95 -42.97
CA MET C 362 -24.90 -8.96 -42.20
C MET C 362 -23.91 -9.68 -41.30
N VAL C 363 -22.65 -9.31 -41.40
CA VAL C 363 -21.63 -9.71 -40.45
C VAL C 363 -21.42 -8.57 -39.48
N LEU C 364 -21.75 -8.80 -38.23
CA LEU C 364 -21.63 -7.80 -37.19
C LEU C 364 -20.46 -8.18 -36.29
N GLY C 365 -19.40 -7.39 -36.38
CA GLY C 365 -18.14 -7.71 -35.73
C GLY C 365 -17.23 -8.43 -36.70
N ALA C 366 -17.02 -7.80 -37.84
CA ALA C 366 -16.39 -8.42 -38.98
C ALA C 366 -14.88 -8.52 -38.87
N GLY C 367 -14.27 -7.77 -37.98
CA GLY C 367 -12.84 -7.88 -37.78
C GLY C 367 -12.06 -7.64 -39.05
N ARG C 368 -11.27 -8.62 -39.47
CA ARG C 368 -10.51 -8.58 -40.71
C ARG C 368 -11.14 -9.40 -41.83
N GLY C 369 -12.27 -10.06 -41.57
CA GLY C 369 -13.10 -10.61 -42.61
C GLY C 369 -12.87 -12.06 -43.01
N PRO C 370 -12.79 -12.97 -42.05
CA PRO C 370 -12.86 -14.39 -42.40
C PRO C 370 -14.29 -14.91 -42.47
N LEU C 371 -15.17 -14.36 -41.64
CA LEU C 371 -16.58 -14.70 -41.75
C LEU C 371 -17.17 -14.29 -43.08
N VAL C 372 -16.80 -13.10 -43.55
CA VAL C 372 -17.26 -12.61 -44.85
C VAL C 372 -16.89 -13.60 -45.96
N ASN C 373 -15.64 -14.06 -45.94
CA ASN C 373 -15.19 -15.01 -46.95
C ASN C 373 -15.89 -16.34 -46.81
N ALA C 374 -16.06 -16.80 -45.57
CA ALA C 374 -16.79 -18.04 -45.33
C ALA C 374 -18.20 -17.95 -45.89
N SER C 375 -18.81 -16.78 -45.75
CA SER C 375 -20.16 -16.56 -46.25
C SER C 375 -20.20 -16.62 -47.76
N LEU C 376 -19.25 -15.98 -48.42
CA LEU C 376 -19.20 -16.06 -49.88
C LEU C 376 -18.99 -17.48 -50.36
N ARG C 377 -18.03 -18.19 -49.76
CA ARG C 377 -17.83 -19.60 -50.05
C ARG C 377 -19.12 -20.39 -49.91
N ALA C 378 -19.85 -20.15 -48.84
CA ALA C 378 -21.05 -20.91 -48.57
C ALA C 378 -22.14 -20.62 -49.59
N ALA C 379 -22.32 -19.35 -49.95
CA ALA C 379 -23.32 -19.02 -50.95
C ALA C 379 -23.00 -19.68 -52.27
N LYS C 380 -21.72 -19.71 -52.63
CA LYS C 380 -21.34 -20.43 -53.84
C LYS C 380 -21.71 -21.91 -53.71
N GLN C 381 -21.17 -22.57 -52.69
CA GLN C 381 -21.52 -23.95 -52.38
C GLN C 381 -23.00 -24.22 -52.59
N ALA C 382 -23.85 -23.39 -52.01
CA ALA C 382 -25.29 -23.55 -52.15
C ALA C 382 -25.80 -23.09 -53.50
N ASP C 383 -25.03 -22.27 -54.22
CA ASP C 383 -25.46 -21.74 -55.50
C ASP C 383 -26.72 -20.91 -55.34
N ARG C 384 -26.64 -19.91 -54.46
CA ARG C 384 -27.67 -18.89 -54.32
C ARG C 384 -27.04 -17.51 -54.43
N ARG C 385 -27.80 -16.47 -54.07
CA ARG C 385 -27.38 -15.09 -54.25
C ARG C 385 -27.58 -14.35 -52.93
N ILE C 386 -26.57 -13.57 -52.54
CA ILE C 386 -26.60 -12.85 -51.27
C ILE C 386 -26.14 -11.41 -51.50
N LYS C 387 -26.11 -10.66 -50.40
CA LYS C 387 -25.76 -9.24 -50.42
C LYS C 387 -25.27 -8.90 -49.03
N LEU C 388 -24.00 -8.54 -48.92
CA LEU C 388 -23.30 -8.50 -47.64
C LEU C 388 -23.09 -7.08 -47.14
N TYR C 389 -23.38 -6.88 -45.86
CA TYR C 389 -22.99 -5.69 -45.12
C TYR C 389 -22.03 -6.11 -44.01
N ALA C 390 -20.98 -5.33 -43.81
CA ALA C 390 -19.99 -5.59 -42.76
C ALA C 390 -19.90 -4.37 -41.85
N VAL C 391 -19.98 -4.61 -40.55
CA VAL C 391 -19.97 -3.55 -39.54
C VAL C 391 -18.81 -3.84 -38.59
N GLU C 392 -17.95 -2.84 -38.41
CA GLU C 392 -16.82 -2.94 -37.50
C GLU C 392 -16.53 -1.57 -36.93
N LYS C 393 -16.38 -1.49 -35.61
CA LYS C 393 -16.18 -0.23 -34.93
C LYS C 393 -14.73 0.11 -34.69
N ASN C 394 -13.82 -0.77 -35.05
CA ASN C 394 -12.41 -0.48 -34.95
C ASN C 394 -11.90 0.04 -36.28
N PRO C 395 -11.33 1.24 -36.34
CA PRO C 395 -10.95 1.81 -37.64
C PRO C 395 -9.73 1.14 -38.26
N ASN C 396 -8.81 0.66 -37.44
CA ASN C 396 -7.59 0.07 -37.95
C ASN C 396 -7.88 -1.21 -38.72
N ALA C 397 -8.86 -1.97 -38.28
CA ALA C 397 -9.32 -3.15 -39.00
C ALA C 397 -10.15 -2.78 -40.22
N VAL C 398 -10.91 -1.71 -40.12
CA VAL C 398 -11.63 -1.16 -41.27
C VAL C 398 -10.68 -0.83 -42.40
N VAL C 399 -9.46 -0.40 -42.09
CA VAL C 399 -8.46 -0.16 -43.12
C VAL C 399 -8.24 -1.42 -43.95
N THR C 400 -7.92 -2.52 -43.25
CA THR C 400 -7.73 -3.81 -43.89
C THR C 400 -8.94 -4.23 -44.70
N LEU C 401 -10.13 -4.01 -44.16
CA LEU C 401 -11.35 -4.40 -44.84
C LEU C 401 -11.53 -3.63 -46.13
N GLU C 402 -11.33 -2.32 -46.09
CA GLU C 402 -11.51 -1.50 -47.28
C GLU C 402 -10.49 -1.83 -48.35
N ASN C 403 -9.27 -2.17 -47.96
CA ASN C 403 -8.30 -2.62 -48.94
C ASN C 403 -8.77 -3.91 -49.61
N TRP C 404 -9.07 -4.93 -48.81
CA TRP C 404 -9.52 -6.20 -49.37
C TRP C 404 -10.76 -6.05 -50.21
N GLN C 405 -11.65 -5.14 -49.85
CA GLN C 405 -12.82 -4.82 -50.66
C GLN C 405 -12.46 -4.24 -52.01
N PHE C 406 -11.67 -3.16 -52.03
CA PHE C 406 -11.28 -2.56 -53.30
C PHE C 406 -10.59 -3.56 -54.21
N GLU C 407 -9.77 -4.45 -53.64
CA GLU C 407 -8.98 -5.35 -54.44
C GLU C 407 -9.72 -6.61 -54.90
N GLU C 408 -10.77 -7.03 -54.19
CA GLU C 408 -11.32 -8.36 -54.44
C GLU C 408 -12.84 -8.42 -54.38
N TRP C 409 -13.41 -8.22 -53.18
CA TRP C 409 -14.82 -8.46 -52.94
C TRP C 409 -15.68 -7.72 -53.95
N GLY C 410 -15.52 -6.41 -54.02
CA GLY C 410 -16.24 -5.63 -55.00
C GLY C 410 -17.51 -5.00 -54.48
N SER C 411 -18.55 -5.03 -55.32
CA SER C 411 -19.81 -4.39 -55.00
C SER C 411 -20.72 -5.25 -54.16
N GLN C 412 -20.57 -6.58 -54.21
CA GLN C 412 -21.27 -7.45 -53.29
C GLN C 412 -21.23 -6.90 -51.87
N VAL C 413 -20.06 -6.44 -51.45
CA VAL C 413 -19.77 -6.13 -50.07
C VAL C 413 -19.78 -4.63 -49.85
N THR C 414 -20.52 -4.21 -48.84
CA THR C 414 -20.52 -2.83 -48.35
C THR C 414 -19.95 -2.81 -46.94
N VAL C 415 -18.92 -2.00 -46.73
CA VAL C 415 -18.28 -1.86 -45.43
C VAL C 415 -18.89 -0.69 -44.69
N VAL C 416 -19.06 -0.88 -43.38
CA VAL C 416 -19.61 0.13 -42.49
C VAL C 416 -18.72 0.24 -41.26
N SER C 417 -18.34 1.47 -40.93
CA SER C 417 -17.56 1.75 -39.74
C SER C 417 -18.49 2.36 -38.70
N SER C 418 -18.97 1.55 -37.77
CA SER C 418 -19.93 2.00 -36.78
C SER C 418 -20.09 0.91 -35.73
N ASP C 419 -20.81 1.27 -34.67
CA ASP C 419 -21.26 0.34 -33.66
C ASP C 419 -22.65 -0.17 -34.02
N MET C 420 -22.85 -1.47 -33.86
CA MET C 420 -24.15 -2.12 -34.01
C MET C 420 -25.28 -1.28 -33.43
N ARG C 421 -25.04 -0.74 -32.25
CA ARG C 421 -26.07 -0.13 -31.44
C ARG C 421 -26.36 1.31 -31.83
N GLU C 422 -25.66 1.84 -32.84
CA GLU C 422 -25.85 3.22 -33.27
C GLU C 422 -26.09 3.35 -34.76
N TRP C 423 -25.96 2.28 -35.51
CA TRP C 423 -26.05 2.31 -36.96
C TRP C 423 -27.49 2.35 -37.43
N VAL C 424 -27.76 3.24 -38.37
CA VAL C 424 -29.05 3.34 -39.02
C VAL C 424 -28.97 2.56 -40.33
N ALA C 425 -29.61 1.42 -40.35
CA ALA C 425 -29.47 0.56 -41.50
C ALA C 425 -30.32 1.07 -42.66
N PRO C 426 -29.87 0.82 -43.88
CA PRO C 426 -30.68 1.21 -45.04
C PRO C 426 -31.91 0.33 -45.19
N GLU C 427 -31.71 -0.99 -45.09
CA GLU C 427 -32.78 -1.95 -45.33
C GLU C 427 -32.73 -3.01 -44.24
N LYS C 428 -33.51 -4.07 -44.43
CA LYS C 428 -33.64 -5.16 -43.48
C LYS C 428 -32.82 -6.35 -43.92
N ALA C 429 -32.43 -7.17 -42.96
CA ALA C 429 -31.63 -8.35 -43.21
C ALA C 429 -32.45 -9.62 -43.01
N ASP C 430 -32.00 -10.66 -43.70
CA ASP C 430 -32.55 -12.00 -43.53
C ASP C 430 -31.78 -12.81 -42.49
N ILE C 431 -30.47 -12.62 -42.43
CA ILE C 431 -29.58 -13.40 -41.58
C ILE C 431 -28.56 -12.46 -40.96
N ILE C 432 -28.18 -12.75 -39.73
CA ILE C 432 -27.12 -12.01 -39.04
C ILE C 432 -26.20 -13.03 -38.40
N VAL C 433 -24.94 -12.65 -38.27
CA VAL C 433 -23.85 -13.56 -37.96
C VAL C 433 -22.86 -12.85 -37.07
N SER C 434 -22.41 -13.52 -36.01
CA SER C 434 -21.55 -12.88 -35.03
C SER C 434 -20.61 -13.91 -34.42
N GLU C 435 -19.47 -13.41 -33.96
CA GLU C 435 -18.43 -14.19 -33.29
C GLU C 435 -18.14 -13.67 -31.89
N LEU C 436 -19.09 -12.94 -31.31
CA LEU C 436 -18.89 -12.34 -30.01
C LEU C 436 -18.99 -13.34 -28.87
N LEU C 437 -18.21 -14.41 -28.89
CA LEU C 437 -18.23 -15.42 -27.85
C LEU C 437 -16.87 -15.55 -27.20
N GLY C 438 -16.87 -15.45 -25.87
CA GLY C 438 -15.70 -15.76 -25.08
C GLY C 438 -15.79 -17.12 -24.42
N SER C 439 -14.89 -17.32 -23.47
CA SER C 439 -14.76 -18.62 -22.81
C SER C 439 -15.99 -18.99 -21.99
N PHE C 440 -16.65 -18.01 -21.39
CA PHE C 440 -17.86 -18.22 -20.60
C PHE C 440 -19.10 -17.79 -21.35
N ALA C 441 -19.06 -17.88 -22.68
CA ALA C 441 -20.17 -17.51 -23.56
C ALA C 441 -20.47 -16.02 -23.54
N ASP C 442 -21.09 -15.55 -22.46
CA ASP C 442 -21.70 -14.23 -22.43
C ASP C 442 -20.80 -13.13 -21.91
N ASN C 443 -19.56 -13.44 -21.55
CA ASN C 443 -18.70 -12.52 -20.84
C ASN C 443 -18.05 -11.46 -21.74
N GLU C 444 -18.34 -11.44 -23.03
CA GLU C 444 -17.89 -10.37 -23.92
C GLU C 444 -19.03 -9.48 -24.38
N LEU C 445 -20.27 -9.80 -24.00
CA LEU C 445 -21.42 -8.92 -24.12
C LEU C 445 -22.17 -9.11 -25.42
N SER C 446 -22.27 -10.35 -25.88
CA SER C 446 -23.10 -10.64 -27.04
C SER C 446 -24.57 -10.33 -26.85
N PRO C 447 -25.19 -10.64 -25.71
CA PRO C 447 -26.62 -10.34 -25.57
C PRO C 447 -26.94 -8.86 -25.73
N GLU C 448 -26.21 -8.01 -25.02
CA GLU C 448 -26.39 -6.58 -25.13
C GLU C 448 -26.35 -6.10 -26.58
N CYS C 449 -25.30 -6.51 -27.29
CA CYS C 449 -25.10 -6.03 -28.64
C CYS C 449 -26.17 -6.54 -29.59
N LEU C 450 -26.42 -7.84 -29.57
CA LEU C 450 -27.41 -8.39 -30.49
C LEU C 450 -28.80 -7.91 -30.17
N ASP C 451 -29.08 -7.56 -28.92
CA ASP C 451 -30.36 -6.96 -28.58
C ASP C 451 -30.43 -5.54 -29.11
N GLY C 452 -29.31 -4.82 -29.07
CA GLY C 452 -29.27 -3.51 -29.71
C GLY C 452 -29.29 -3.58 -31.21
N ALA C 453 -29.20 -4.77 -31.78
CA ALA C 453 -29.20 -4.91 -33.23
C ALA C 453 -30.45 -5.57 -33.81
N GLN C 454 -31.34 -6.09 -32.98
CA GLN C 454 -32.38 -6.98 -33.51
C GLN C 454 -33.48 -6.23 -34.24
N HIS C 455 -33.46 -4.91 -34.25
CA HIS C 455 -34.57 -4.18 -34.86
C HIS C 455 -34.46 -4.08 -36.37
N PHE C 456 -33.25 -4.06 -36.92
CA PHE C 456 -33.10 -4.16 -38.37
C PHE C 456 -32.94 -5.60 -38.83
N LEU C 457 -33.35 -6.54 -38.01
CA LEU C 457 -33.66 -7.88 -38.45
C LEU C 457 -35.18 -8.00 -38.62
N LYS C 458 -35.59 -8.69 -39.66
CA LYS C 458 -37.01 -8.79 -39.96
C LYS C 458 -37.66 -9.94 -39.20
N ASP C 459 -38.94 -10.16 -39.49
CA ASP C 459 -39.74 -11.09 -38.70
C ASP C 459 -39.29 -12.53 -38.90
N ASP C 460 -39.09 -12.94 -40.15
CA ASP C 460 -38.66 -14.30 -40.46
C ASP C 460 -37.14 -14.39 -40.46
N GLY C 461 -36.53 -13.53 -39.67
CA GLY C 461 -35.09 -13.45 -39.56
C GLY C 461 -34.48 -14.55 -38.72
N VAL C 462 -33.21 -14.81 -39.00
CA VAL C 462 -32.44 -15.85 -38.35
C VAL C 462 -31.16 -15.24 -37.79
N SER C 463 -30.82 -15.63 -36.57
CA SER C 463 -29.54 -15.30 -35.98
C SER C 463 -28.63 -16.52 -35.94
N ILE C 464 -27.35 -16.27 -36.15
CA ILE C 464 -26.31 -17.29 -36.05
C ILE C 464 -25.16 -16.71 -35.23
N PRO C 465 -24.93 -17.17 -34.00
CA PRO C 465 -25.66 -18.21 -33.27
C PRO C 465 -27.07 -17.85 -32.85
N GLY C 466 -27.85 -18.88 -32.57
CA GLY C 466 -29.18 -18.73 -32.03
C GLY C 466 -29.27 -19.05 -30.56
N GLU C 467 -28.32 -19.83 -30.06
CA GLU C 467 -28.36 -20.33 -28.69
C GLU C 467 -26.95 -20.49 -28.17
N TYR C 468 -26.77 -20.23 -26.88
CA TYR C 468 -25.53 -20.58 -26.21
C TYR C 468 -25.78 -20.76 -24.72
N THR C 469 -24.93 -21.59 -24.11
CA THR C 469 -25.09 -22.04 -22.74
C THR C 469 -23.71 -22.17 -22.09
N SER C 470 -23.63 -21.81 -20.82
CA SER C 470 -22.41 -21.90 -20.04
C SER C 470 -22.52 -23.00 -18.99
N PHE C 471 -21.35 -23.38 -18.46
CA PHE C 471 -21.24 -24.51 -17.54
C PHE C 471 -20.21 -24.19 -16.47
N LEU C 472 -20.38 -24.83 -15.32
CA LEU C 472 -19.52 -24.62 -14.16
C LEU C 472 -19.25 -25.96 -13.48
N ALA C 473 -18.04 -26.09 -12.94
CA ALA C 473 -17.64 -27.29 -12.21
C ALA C 473 -16.61 -26.92 -11.16
N PRO C 474 -16.55 -27.65 -10.06
CA PRO C 474 -15.54 -27.37 -9.03
C PRO C 474 -14.23 -28.10 -9.21
N ILE C 475 -13.20 -27.53 -8.60
CA ILE C 475 -11.83 -28.02 -8.74
C ILE C 475 -11.07 -27.80 -7.45
N SER C 476 -9.94 -28.47 -7.36
CA SER C 476 -8.93 -28.24 -6.34
C SER C 476 -7.57 -28.10 -7.01
N SER C 477 -6.78 -27.13 -6.56
CA SER C 477 -5.43 -26.97 -7.05
C SER C 477 -4.60 -25.96 -6.28
N SER C 478 -3.60 -26.45 -5.54
CA SER C 478 -2.68 -25.57 -4.84
C SER C 478 -1.89 -24.68 -5.80
N LYS C 479 -1.46 -25.24 -6.92
CA LYS C 479 -0.66 -24.48 -7.87
C LYS C 479 -1.39 -23.23 -8.33
N LEU C 480 -2.65 -23.38 -8.72
CA LEU C 480 -3.42 -22.23 -9.18
C LEU C 480 -3.70 -21.24 -8.06
N TYR C 481 -4.00 -21.75 -6.87
CA TYR C 481 -4.24 -20.86 -5.73
C TYR C 481 -3.02 -20.02 -5.44
N ASN C 482 -1.83 -20.59 -5.60
CA ASN C 482 -0.62 -19.87 -5.33
C ASN C 482 -0.26 -18.92 -6.46
N GLU C 483 -0.66 -19.27 -7.69
CA GLU C 483 -0.48 -18.33 -8.79
C GLU C 483 -1.40 -17.12 -8.65
N VAL C 484 -2.58 -17.33 -8.09
CA VAL C 484 -3.46 -16.22 -7.76
C VAL C 484 -2.85 -15.37 -6.66
N ARG C 485 -2.46 -15.99 -5.55
CA ARG C 485 -1.73 -15.32 -4.47
C ARG C 485 -0.70 -14.34 -5.02
N ALA C 486 -0.05 -14.73 -6.11
CA ALA C 486 1.04 -13.96 -6.67
C ALA C 486 0.59 -12.79 -7.52
N CYS C 487 -0.66 -12.78 -7.96
CA CYS C 487 -1.15 -11.69 -8.81
C CYS C 487 -1.46 -10.44 -8.02
N ARG C 488 -0.91 -10.30 -6.83
CA ARG C 488 -1.09 -9.09 -6.06
C ARG C 488 -0.28 -7.95 -6.65
N GLU C 489 -0.79 -6.74 -6.51
CA GLU C 489 -0.14 -5.57 -7.06
C GLU C 489 -0.49 -4.37 -6.21
N LYS C 490 0.40 -3.40 -6.22
CA LYS C 490 0.28 -2.22 -5.39
C LYS C 490 -0.82 -1.29 -5.87
N ASP C 491 -1.34 -0.51 -4.93
CA ASP C 491 -2.33 0.53 -5.19
C ASP C 491 -3.71 -0.07 -5.43
N ARG C 492 -4.08 -1.07 -4.64
CA ARG C 492 -5.42 -1.62 -4.68
C ARG C 492 -5.61 -2.55 -3.51
N ASP C 493 -6.84 -3.04 -3.39
CA ASP C 493 -7.20 -3.97 -2.33
C ASP C 493 -6.32 -5.22 -2.39
N PRO C 494 -5.77 -5.68 -1.27
CA PRO C 494 -4.90 -6.86 -1.29
C PRO C 494 -5.61 -8.18 -1.44
N GLU C 495 -6.91 -8.17 -1.72
CA GLU C 495 -7.69 -9.37 -1.94
C GLU C 495 -8.47 -9.30 -3.24
N ALA C 496 -8.18 -8.30 -4.07
CA ALA C 496 -8.91 -8.11 -5.32
C ALA C 496 -8.61 -9.20 -6.34
N GLN C 497 -7.39 -9.74 -6.32
CA GLN C 497 -7.02 -10.79 -7.26
C GLN C 497 -7.82 -12.07 -7.07
N PHE C 498 -8.52 -12.21 -5.96
CA PHE C 498 -9.40 -13.34 -5.73
C PHE C 498 -10.82 -13.07 -6.20
N GLU C 499 -11.10 -11.86 -6.66
CA GLU C 499 -12.45 -11.42 -6.98
C GLU C 499 -12.62 -11.16 -8.47
N MET C 500 -11.81 -11.84 -9.28
CA MET C 500 -11.80 -11.62 -10.70
C MET C 500 -11.40 -12.89 -11.41
N PRO C 501 -11.96 -13.15 -12.58
CA PRO C 501 -11.68 -14.39 -13.30
C PRO C 501 -10.45 -14.33 -14.17
N TYR C 502 -10.09 -15.50 -14.70
CA TYR C 502 -8.89 -15.70 -15.46
C TYR C 502 -9.14 -16.75 -16.52
N VAL C 503 -8.46 -16.59 -17.64
CA VAL C 503 -8.46 -17.56 -18.72
C VAL C 503 -7.15 -18.31 -18.64
N VAL C 504 -7.22 -19.63 -18.67
CA VAL C 504 -6.08 -20.45 -18.29
C VAL C 504 -6.29 -21.87 -18.80
N ARG C 505 -5.23 -22.42 -19.36
CA ARG C 505 -5.19 -23.82 -19.78
C ARG C 505 -4.91 -24.67 -18.55
N LEU C 506 -5.95 -25.32 -18.03
CA LEU C 506 -5.82 -26.09 -16.81
C LEU C 506 -5.10 -27.40 -17.04
N HIS C 507 -4.20 -27.73 -16.13
CA HIS C 507 -3.34 -28.89 -16.30
C HIS C 507 -3.23 -29.70 -15.02
N ASN C 508 -2.49 -29.18 -14.03
CA ASN C 508 -2.30 -29.86 -12.76
C ASN C 508 -3.41 -29.43 -11.80
N PHE C 509 -4.48 -30.23 -11.77
CA PHE C 509 -5.66 -29.89 -11.00
C PHE C 509 -6.51 -31.14 -10.85
N HIS C 510 -7.46 -31.08 -9.93
CA HIS C 510 -8.42 -32.15 -9.74
C HIS C 510 -9.84 -31.60 -9.81
N GLN C 511 -10.65 -32.25 -10.63
CA GLN C 511 -12.06 -31.91 -10.74
C GLN C 511 -12.88 -32.78 -9.80
N LEU C 512 -13.79 -32.14 -9.08
CA LEU C 512 -14.51 -32.77 -7.99
C LEU C 512 -15.90 -33.26 -8.35
N SER C 513 -16.46 -32.80 -9.46
CA SER C 513 -17.79 -33.23 -9.85
C SER C 513 -18.10 -32.67 -11.23
N ALA C 514 -19.00 -33.36 -11.93
CA ALA C 514 -19.33 -33.04 -13.29
C ALA C 514 -19.79 -31.59 -13.41
N PRO C 515 -19.80 -31.05 -14.63
CA PRO C 515 -20.28 -29.70 -14.83
C PRO C 515 -21.79 -29.64 -15.01
N GLN C 516 -22.37 -28.56 -14.50
CA GLN C 516 -23.78 -28.33 -14.56
C GLN C 516 -24.06 -27.00 -15.24
N PRO C 517 -25.23 -26.83 -15.85
CA PRO C 517 -25.51 -25.61 -16.61
C PRO C 517 -25.81 -24.41 -15.74
N CYS C 518 -25.35 -23.25 -16.20
CA CYS C 518 -25.47 -22.01 -15.46
C CYS C 518 -26.47 -21.12 -16.19
N PHE C 519 -26.02 -20.30 -17.14
CA PHE C 519 -26.88 -19.34 -17.81
C PHE C 519 -27.02 -19.67 -19.29
N THR C 520 -28.12 -19.23 -19.86
CA THR C 520 -28.49 -19.55 -21.23
C THR C 520 -29.11 -18.34 -21.91
N PHE C 521 -28.76 -18.15 -23.17
CA PHE C 521 -29.31 -17.07 -23.97
C PHE C 521 -29.70 -17.59 -25.35
N SER C 522 -30.68 -16.93 -25.95
CA SER C 522 -31.20 -17.32 -27.25
C SER C 522 -31.61 -16.08 -28.03
N HIS C 523 -31.30 -16.09 -29.33
CA HIS C 523 -31.55 -14.95 -30.18
C HIS C 523 -32.30 -15.37 -31.43
N PRO C 524 -33.26 -14.56 -31.89
CA PRO C 524 -33.71 -13.29 -31.32
C PRO C 524 -34.61 -13.42 -30.10
N ASN C 525 -34.67 -12.36 -29.32
CA ASN C 525 -35.46 -12.31 -28.10
C ASN C 525 -36.74 -11.54 -28.38
N ARG C 526 -37.85 -12.27 -28.46
CA ARG C 526 -39.14 -11.69 -28.83
C ARG C 526 -39.98 -11.49 -27.57
N ASP C 527 -39.50 -10.60 -26.71
CA ASP C 527 -40.15 -10.33 -25.44
C ASP C 527 -40.02 -8.87 -25.06
N PRO C 528 -41.10 -8.21 -24.66
CA PRO C 528 -40.98 -6.81 -24.23
C PRO C 528 -40.10 -6.65 -23.02
N MET C 529 -40.06 -7.64 -22.14
CA MET C 529 -39.24 -7.61 -20.94
C MET C 529 -37.89 -8.25 -21.27
N ILE C 530 -37.00 -7.45 -21.83
CA ILE C 530 -35.63 -7.88 -22.04
C ILE C 530 -34.86 -7.66 -20.75
N ASP C 531 -34.53 -8.76 -20.06
CA ASP C 531 -33.67 -8.72 -18.89
C ASP C 531 -32.58 -9.75 -19.06
N ASN C 532 -31.35 -9.28 -19.25
CA ASN C 532 -30.19 -10.14 -19.36
C ASN C 532 -29.56 -10.43 -18.01
N ASN C 533 -30.21 -10.02 -16.93
CA ASN C 533 -29.76 -10.33 -15.59
C ASN C 533 -30.28 -11.70 -15.15
N ARG C 534 -29.47 -12.38 -14.34
CA ARG C 534 -29.70 -13.79 -14.06
C ARG C 534 -29.24 -14.14 -12.66
N TYR C 535 -29.85 -15.21 -12.13
CA TYR C 535 -29.55 -15.76 -10.82
C TYR C 535 -29.69 -17.27 -10.89
N CYS C 536 -28.67 -18.00 -10.42
CA CYS C 536 -28.70 -19.45 -10.46
C CYS C 536 -28.12 -20.04 -9.19
N THR C 537 -28.59 -21.24 -8.87
CA THR C 537 -28.15 -22.03 -7.74
C THR C 537 -27.86 -23.44 -8.20
N LEU C 538 -26.80 -24.02 -7.67
CA LEU C 538 -26.33 -25.33 -8.10
C LEU C 538 -25.81 -26.14 -6.93
N GLU C 539 -26.03 -27.45 -6.98
CA GLU C 539 -25.57 -28.38 -5.96
C GLU C 539 -24.76 -29.49 -6.59
N PHE C 540 -23.55 -29.69 -6.06
CA PHE C 540 -22.61 -30.67 -6.60
C PHE C 540 -22.31 -31.74 -5.57
N PRO C 541 -22.58 -33.01 -5.83
CA PRO C 541 -22.17 -34.06 -4.89
C PRO C 541 -20.69 -34.38 -4.95
N VAL C 542 -20.17 -34.76 -3.79
CA VAL C 542 -18.76 -35.05 -3.60
C VAL C 542 -18.61 -36.49 -3.17
N GLU C 543 -17.47 -37.10 -3.53
CA GLU C 543 -17.21 -38.50 -3.25
C GLU C 543 -15.78 -38.73 -2.75
N VAL C 544 -15.14 -37.70 -2.21
CA VAL C 544 -13.78 -37.83 -1.72
C VAL C 544 -13.52 -36.67 -0.77
N ASN C 545 -12.61 -36.87 0.17
CA ASN C 545 -12.17 -35.76 1.00
C ASN C 545 -11.12 -34.95 0.28
N THR C 546 -11.14 -33.64 0.51
CA THR C 546 -10.31 -32.76 -0.30
C THR C 546 -10.45 -31.29 0.07
N VAL C 547 -10.04 -30.42 -0.84
CA VAL C 547 -10.19 -28.98 -0.68
C VAL C 547 -10.90 -28.42 -1.90
N LEU C 548 -11.50 -27.25 -1.72
CA LEU C 548 -12.13 -26.50 -2.78
C LEU C 548 -11.35 -25.21 -2.99
N HIS C 549 -10.96 -24.97 -4.24
CA HIS C 549 -10.17 -23.80 -4.59
C HIS C 549 -10.81 -22.93 -5.64
N GLY C 550 -11.77 -23.44 -6.41
CA GLY C 550 -12.46 -22.60 -7.35
C GLY C 550 -13.42 -23.38 -8.21
N PHE C 551 -13.92 -22.69 -9.21
CA PHE C 551 -14.86 -23.22 -10.18
C PHE C 551 -14.35 -22.94 -11.58
N ALA C 552 -14.42 -23.95 -12.44
CA ALA C 552 -14.04 -23.80 -13.84
C ALA C 552 -15.28 -23.68 -14.72
N GLY C 553 -15.10 -23.03 -15.86
CA GLY C 553 -16.22 -22.69 -16.73
C GLY C 553 -16.01 -23.14 -18.16
N TYR C 554 -17.12 -23.40 -18.84
CA TYR C 554 -17.11 -23.90 -20.22
C TYR C 554 -18.33 -23.33 -20.93
N PHE C 555 -18.60 -23.83 -22.13
CA PHE C 555 -19.78 -23.40 -22.88
C PHE C 555 -19.97 -24.26 -24.10
N GLU C 556 -21.21 -24.30 -24.55
CA GLU C 556 -21.65 -24.97 -25.76
C GLU C 556 -22.54 -24.01 -26.54
N THR C 557 -22.46 -24.08 -27.86
CA THR C 557 -23.29 -23.22 -28.69
C THR C 557 -23.93 -24.01 -29.81
N VAL C 558 -25.10 -23.54 -30.21
CA VAL C 558 -25.83 -24.07 -31.36
C VAL C 558 -25.84 -22.98 -32.43
N LEU C 559 -25.17 -23.25 -33.53
CA LEU C 559 -25.12 -22.29 -34.62
C LEU C 559 -26.39 -22.33 -35.46
N TYR C 560 -26.72 -23.51 -35.97
CA TYR C 560 -27.96 -23.69 -36.71
C TYR C 560 -28.33 -25.16 -36.62
N GLN C 561 -29.37 -25.45 -35.85
CA GLN C 561 -29.87 -26.80 -35.73
C GLN C 561 -28.80 -27.75 -35.24
N ASP C 562 -28.26 -28.57 -36.14
CA ASP C 562 -27.35 -29.64 -35.77
C ASP C 562 -25.88 -29.23 -35.76
N ILE C 563 -25.55 -28.02 -36.16
CA ILE C 563 -24.17 -27.54 -36.13
C ILE C 563 -23.90 -26.90 -34.78
N THR C 564 -22.85 -27.36 -34.11
CA THR C 564 -22.59 -27.03 -32.72
C THR C 564 -21.10 -26.86 -32.48
N LEU C 565 -20.79 -26.16 -31.40
CA LEU C 565 -19.42 -26.01 -30.91
C LEU C 565 -19.39 -26.10 -29.40
N SER C 566 -18.36 -26.76 -28.87
CA SER C 566 -18.22 -26.98 -27.44
C SER C 566 -16.77 -27.02 -27.04
N ILE C 567 -16.48 -26.47 -25.86
CA ILE C 567 -15.21 -26.67 -25.18
C ILE C 567 -15.40 -27.49 -23.90
N ARG C 568 -16.60 -27.97 -23.67
CA ARG C 568 -16.88 -28.86 -22.56
C ARG C 568 -16.03 -30.12 -22.67
N PRO C 569 -15.35 -30.54 -21.60
CA PRO C 569 -14.39 -31.64 -21.74
C PRO C 569 -15.02 -32.97 -22.11
N GLU C 570 -16.33 -33.10 -21.99
CA GLU C 570 -17.02 -34.33 -22.36
C GLU C 570 -17.46 -34.33 -23.80
N THR C 571 -17.63 -33.16 -24.39
CA THR C 571 -18.17 -33.00 -25.73
C THR C 571 -17.32 -32.06 -26.57
N HIS C 572 -16.04 -31.95 -26.23
CA HIS C 572 -15.19 -30.98 -26.90
C HIS C 572 -15.16 -31.24 -28.40
N SER C 573 -15.06 -30.17 -29.13
CA SER C 573 -14.96 -30.31 -30.57
C SER C 573 -13.52 -30.62 -30.96
N PRO C 574 -13.30 -31.53 -31.91
CA PRO C 574 -11.93 -31.94 -32.24
C PRO C 574 -11.15 -30.85 -32.94
N GLY C 575 -9.92 -30.64 -32.47
CA GLY C 575 -9.00 -29.71 -33.09
C GLY C 575 -9.40 -28.25 -33.02
N MET C 576 -10.35 -27.91 -32.15
CA MET C 576 -10.84 -26.56 -31.99
C MET C 576 -10.17 -25.95 -30.76
N PHE C 577 -9.11 -25.17 -30.98
CA PHE C 577 -8.27 -24.68 -29.89
C PHE C 577 -8.37 -23.17 -29.73
N SER C 578 -9.43 -22.55 -30.21
CA SER C 578 -9.58 -21.10 -30.11
C SER C 578 -9.72 -20.65 -28.66
N TRP C 579 -10.45 -21.40 -27.86
CA TRP C 579 -10.81 -21.01 -26.51
C TRP C 579 -10.16 -21.91 -25.47
N PHE C 580 -9.76 -21.33 -24.37
CA PHE C 580 -9.38 -22.03 -23.17
C PHE C 580 -10.46 -21.89 -22.12
N PRO C 581 -10.36 -22.60 -21.01
CA PRO C 581 -11.35 -22.47 -19.94
C PRO C 581 -11.17 -21.18 -19.16
N ILE C 582 -12.17 -20.91 -18.32
CA ILE C 582 -12.17 -19.75 -17.44
C ILE C 582 -12.27 -20.20 -16.00
N LEU C 583 -11.49 -19.54 -15.14
CA LEU C 583 -11.42 -19.86 -13.72
C LEU C 583 -11.92 -18.71 -12.86
N PHE C 584 -12.87 -19.01 -12.01
CA PHE C 584 -13.37 -18.19 -10.93
C PHE C 584 -12.80 -18.67 -9.61
N PRO C 585 -12.13 -17.82 -8.85
CA PRO C 585 -11.55 -18.27 -7.58
C PRO C 585 -12.36 -17.88 -6.35
N ILE C 586 -11.96 -18.38 -5.18
CA ILE C 586 -12.47 -17.93 -3.90
C ILE C 586 -11.30 -17.55 -3.01
N LYS C 587 -11.60 -16.78 -1.97
CA LYS C 587 -10.56 -16.21 -1.12
C LYS C 587 -9.92 -17.25 -0.22
N GLN C 588 -10.75 -17.95 0.53
CA GLN C 588 -10.26 -18.95 1.46
C GLN C 588 -10.64 -20.34 0.98
N PRO C 589 -9.73 -21.30 1.05
CA PRO C 589 -10.10 -22.66 0.71
C PRO C 589 -11.08 -23.24 1.69
N ILE C 590 -11.90 -24.17 1.21
CA ILE C 590 -12.95 -24.79 1.97
C ILE C 590 -12.71 -26.29 2.00
N THR C 591 -12.74 -26.87 3.20
CA THR C 591 -12.54 -28.30 3.35
C THR C 591 -13.85 -29.04 3.15
N VAL C 592 -13.80 -30.11 2.39
CA VAL C 592 -14.97 -30.91 2.09
C VAL C 592 -14.69 -32.36 2.47
N ARG C 593 -15.75 -33.08 2.77
CA ARG C 593 -15.69 -34.48 3.11
C ARG C 593 -16.60 -35.29 2.19
N GLU C 594 -16.30 -36.58 2.12
CA GLU C 594 -17.04 -37.48 1.26
C GLU C 594 -18.52 -37.50 1.64
N GLY C 595 -19.38 -37.46 0.63
CA GLY C 595 -20.80 -37.47 0.82
C GLY C 595 -21.43 -36.09 0.98
N GLN C 596 -20.64 -35.09 1.34
CA GLN C 596 -21.15 -33.74 1.49
C GLN C 596 -21.61 -33.22 0.13
N THR C 597 -22.00 -31.95 0.08
CA THR C 597 -22.55 -31.37 -1.14
C THR C 597 -22.22 -29.89 -1.17
N ILE C 598 -21.45 -29.49 -2.19
CA ILE C 598 -21.15 -28.08 -2.42
C ILE C 598 -22.32 -27.42 -3.12
N CYS C 599 -22.75 -26.28 -2.58
CA CYS C 599 -23.72 -25.42 -3.23
C CYS C 599 -23.07 -24.08 -3.51
N VAL C 600 -23.50 -23.43 -4.60
CA VAL C 600 -22.92 -22.20 -5.07
C VAL C 600 -24.00 -21.36 -5.72
N ARG C 601 -23.88 -20.05 -5.57
CA ARG C 601 -24.78 -19.08 -6.18
C ARG C 601 -23.98 -18.16 -7.09
N PHE C 602 -24.55 -17.87 -8.24
CA PHE C 602 -23.99 -16.92 -9.19
C PHE C 602 -25.06 -15.92 -9.58
N TRP C 603 -24.62 -14.68 -9.76
CA TRP C 603 -25.47 -13.61 -10.23
C TRP C 603 -24.84 -12.98 -11.45
N ARG C 604 -25.68 -12.50 -12.35
CA ARG C 604 -25.24 -11.66 -13.44
C ARG C 604 -25.98 -10.34 -13.35
N CYS C 605 -25.22 -9.27 -13.21
CA CYS C 605 -25.71 -7.98 -12.80
C CYS C 605 -25.33 -6.95 -13.85
N SER C 606 -25.82 -5.72 -13.66
CA SER C 606 -25.84 -4.76 -14.74
C SER C 606 -26.15 -3.38 -14.22
N ASN C 607 -25.71 -2.40 -15.01
CA ASN C 607 -26.24 -1.05 -14.99
C ASN C 607 -26.10 -0.51 -16.41
N SER C 608 -26.44 0.76 -16.60
CA SER C 608 -26.34 1.34 -17.93
C SER C 608 -24.89 1.43 -18.41
N LYS C 609 -23.93 1.27 -17.52
CA LYS C 609 -22.53 1.42 -17.86
C LYS C 609 -21.73 0.13 -17.86
N LYS C 610 -22.12 -0.86 -17.07
CA LYS C 610 -21.27 -1.99 -16.79
C LYS C 610 -22.07 -3.27 -16.58
N VAL C 611 -21.39 -4.39 -16.77
CA VAL C 611 -21.87 -5.72 -16.46
C VAL C 611 -20.83 -6.40 -15.58
N TRP C 612 -21.28 -7.29 -14.70
CA TRP C 612 -20.36 -8.06 -13.87
C TRP C 612 -21.05 -9.30 -13.32
N TYR C 613 -20.27 -10.07 -12.55
CA TYR C 613 -20.69 -11.31 -11.92
C TYR C 613 -20.39 -11.27 -10.44
N GLU C 614 -21.19 -12.01 -9.67
CA GLU C 614 -20.96 -12.24 -8.26
C GLU C 614 -21.25 -13.69 -7.94
N TRP C 615 -20.45 -14.26 -7.04
CA TRP C 615 -20.57 -15.66 -6.69
C TRP C 615 -20.27 -15.86 -5.21
N ALA C 616 -20.83 -16.94 -4.66
CA ALA C 616 -20.66 -17.28 -3.27
C ALA C 616 -20.99 -18.74 -3.04
N VAL C 617 -20.31 -19.32 -2.05
CA VAL C 617 -20.54 -20.68 -1.60
C VAL C 617 -21.40 -20.64 -0.35
N THR C 618 -22.41 -21.50 -0.30
CA THR C 618 -23.33 -21.62 0.82
C THR C 618 -23.11 -22.88 1.65
N ALA C 619 -22.92 -24.00 0.99
CA ALA C 619 -22.68 -25.29 1.61
C ALA C 619 -21.40 -25.90 1.06
N PRO C 620 -20.68 -26.68 1.88
CA PRO C 620 -21.03 -27.11 3.23
C PRO C 620 -20.79 -26.05 4.28
N VAL C 621 -19.94 -25.10 3.97
CA VAL C 621 -19.72 -23.93 4.79
C VAL C 621 -19.94 -22.70 3.91
N CYS C 622 -20.25 -21.59 4.57
CA CYS C 622 -20.53 -20.36 3.86
C CYS C 622 -19.25 -19.58 3.61
N SER C 623 -19.25 -18.84 2.51
CA SER C 623 -18.19 -17.92 2.18
C SER C 623 -18.75 -16.50 2.15
N ALA C 624 -17.90 -15.55 1.78
CA ALA C 624 -18.34 -14.21 1.48
C ALA C 624 -18.81 -14.09 0.04
N ILE C 625 -19.56 -13.04 -0.21
CA ILE C 625 -19.95 -12.69 -1.57
C ILE C 625 -18.75 -12.04 -2.26
N HIS C 626 -18.41 -12.58 -3.42
CA HIS C 626 -17.28 -12.12 -4.21
C HIS C 626 -17.72 -11.09 -5.24
N ASN C 627 -17.04 -9.94 -5.25
CA ASN C 627 -17.10 -8.85 -6.21
C ASN C 627 -18.43 -8.10 -6.19
N PRO C 628 -18.86 -7.60 -5.02
CA PRO C 628 -20.02 -6.73 -4.99
C PRO C 628 -19.79 -5.41 -5.70
N THR C 629 -20.80 -4.99 -6.46
CA THR C 629 -20.84 -3.76 -7.24
C THR C 629 -19.72 -3.66 -8.26
N GLY C 630 -19.12 -4.79 -8.62
CA GLY C 630 -18.04 -4.77 -9.57
C GLY C 630 -16.81 -4.06 -9.09
N ARG C 631 -16.58 -4.05 -7.77
CA ARG C 631 -15.45 -3.31 -7.20
C ARG C 631 -14.10 -3.85 -7.64
N SER C 632 -14.03 -4.98 -8.32
CA SER C 632 -12.75 -5.53 -8.74
C SER C 632 -12.72 -5.95 -10.20
N TYR C 633 -13.88 -6.30 -10.75
CA TYR C 633 -13.96 -6.67 -12.15
C TYR C 633 -15.24 -6.13 -12.74
N THR C 634 -15.09 -5.42 -13.85
CA THR C 634 -16.21 -4.89 -14.61
C THR C 634 -15.95 -5.11 -16.09
N ILE C 635 -17.03 -5.31 -16.84
CA ILE C 635 -17.01 -5.42 -18.29
C ILE C 635 -17.68 -4.16 -18.83
N GLY C 636 -16.87 -3.28 -19.40
CA GLY C 636 -17.38 -1.98 -19.79
C GLY C 636 -18.19 -2.04 -21.07
N LEU C 637 -19.32 -1.35 -21.06
CA LEU C 637 -20.15 -1.22 -22.23
C LEU C 637 -19.62 -0.15 -23.18
N ALA D 23 50.24 -52.64 5.58
CA ALA D 23 49.00 -52.12 6.22
C ALA D 23 48.93 -50.61 6.05
N PRO D 24 47.74 -50.04 6.25
CA PRO D 24 47.55 -48.60 6.04
C PRO D 24 48.59 -47.78 6.79
N ALA D 25 48.75 -46.53 6.36
CA ALA D 25 49.75 -45.65 6.94
C ALA D 25 49.21 -44.99 8.21
N CYS D 26 48.04 -44.39 8.12
CA CYS D 26 47.40 -43.72 9.24
C CYS D 26 46.11 -44.45 9.59
N MET D 27 45.62 -44.20 10.80
CA MET D 27 44.36 -44.76 11.25
C MET D 27 43.29 -43.69 11.24
N GLU D 28 42.05 -44.13 11.07
CA GLU D 28 40.91 -43.24 11.13
C GLU D 28 40.68 -42.76 12.56
N ARG D 29 40.13 -41.57 12.68
CA ARG D 29 40.06 -40.91 13.98
C ARG D 29 38.88 -41.39 14.82
N GLN D 30 37.84 -41.92 14.19
CA GLN D 30 36.65 -42.40 14.89
C GLN D 30 36.74 -43.91 15.06
N LEU D 31 36.75 -44.35 16.31
CA LEU D 31 36.85 -45.76 16.66
C LEU D 31 35.51 -46.23 17.19
N GLU D 32 35.00 -47.32 16.63
CA GLU D 32 33.64 -47.76 16.89
C GLU D 32 33.54 -49.10 17.59
N ALA D 33 34.39 -50.07 17.30
CA ALA D 33 34.26 -51.40 17.86
C ALA D 33 35.59 -51.92 18.41
N ALA D 34 35.49 -52.73 19.47
CA ALA D 34 36.64 -53.31 20.15
C ALA D 34 36.23 -54.64 20.77
N ARG D 35 36.88 -55.73 20.35
CA ARG D 35 36.48 -57.07 20.79
C ARG D 35 37.69 -57.94 21.07
N TYR D 36 37.76 -58.46 22.30
CA TYR D 36 38.76 -59.44 22.68
C TYR D 36 38.37 -60.81 22.19
N ARG D 37 39.37 -61.61 21.86
CA ARG D 37 39.18 -63.03 21.61
C ARG D 37 39.77 -63.84 22.76
N SER D 38 39.64 -65.16 22.65
CA SER D 38 39.97 -66.06 23.75
C SER D 38 41.41 -65.89 24.21
N ASP D 39 42.35 -66.08 23.30
CA ASP D 39 43.77 -66.06 23.65
C ASP D 39 44.26 -64.69 24.12
N GLY D 40 43.42 -63.66 24.06
CA GLY D 40 43.78 -62.35 24.57
C GLY D 40 43.98 -61.27 23.52
N ALA D 41 44.03 -61.62 22.25
CA ALA D 41 44.24 -60.62 21.22
C ALA D 41 43.03 -59.68 21.12
N LEU D 42 43.27 -58.53 20.51
CA LEU D 42 42.30 -57.45 20.47
C LEU D 42 42.02 -57.02 19.04
N LEU D 43 40.74 -56.87 18.73
CA LEU D 43 40.24 -56.47 17.43
C LEU D 43 39.67 -55.06 17.51
N LEU D 44 40.09 -54.20 16.59
CA LEU D 44 39.64 -52.81 16.55
C LEU D 44 38.99 -52.48 15.22
N GLY D 45 38.03 -51.56 15.27
CA GLY D 45 37.37 -51.08 14.07
C GLY D 45 37.24 -49.57 14.04
N ALA D 46 37.59 -48.96 12.91
CA ALA D 46 37.59 -47.51 12.77
C ALA D 46 36.92 -47.09 11.47
N SER D 47 36.40 -45.88 11.47
CA SER D 47 35.90 -45.24 10.27
C SER D 47 36.22 -43.76 10.29
N SER D 48 36.29 -43.18 9.10
CA SER D 48 36.35 -41.74 8.91
C SER D 48 34.95 -41.19 8.70
N LEU D 49 34.60 -40.18 9.48
CA LEU D 49 33.30 -39.55 9.40
C LEU D 49 33.34 -38.10 8.98
N SER D 50 34.51 -37.51 8.83
CA SER D 50 34.64 -36.15 8.36
C SER D 50 35.83 -36.04 7.43
N GLY D 51 35.85 -34.96 6.68
CA GLY D 51 36.93 -34.72 5.74
C GLY D 51 36.69 -35.31 4.37
N ARG D 52 37.77 -35.43 3.63
CA ARG D 52 37.70 -35.73 2.21
C ARG D 52 37.14 -37.12 1.94
N CYS D 53 37.71 -38.13 2.58
CA CYS D 53 37.37 -39.52 2.29
C CYS D 53 36.71 -40.17 3.49
N TRP D 54 35.55 -40.79 3.26
CA TRP D 54 34.78 -41.49 4.28
C TRP D 54 34.92 -43.00 4.03
N ALA D 55 35.82 -43.65 4.78
CA ALA D 55 36.10 -45.06 4.56
C ALA D 55 36.40 -45.71 5.91
N GLY D 56 36.97 -46.92 5.88
CA GLY D 56 37.13 -47.71 7.08
C GLY D 56 38.41 -48.52 7.09
N SER D 57 38.65 -49.16 8.22
CA SER D 57 39.83 -49.98 8.44
C SER D 57 39.61 -50.91 9.61
N LEU D 58 40.29 -52.05 9.57
CA LEU D 58 40.29 -53.03 10.65
C LEU D 58 41.71 -53.28 11.14
N TRP D 59 41.82 -53.76 12.38
CA TRP D 59 43.10 -53.83 13.06
C TRP D 59 43.10 -54.96 14.08
N LEU D 60 44.21 -55.68 14.15
CA LEU D 60 44.44 -56.69 15.17
C LEU D 60 45.68 -56.34 15.99
N PHE D 61 45.54 -56.32 17.31
CA PHE D 61 46.62 -56.07 18.24
C PHE D 61 46.76 -57.24 19.19
N LYS D 62 47.86 -57.97 19.09
CA LYS D 62 48.14 -59.02 20.07
C LYS D 62 48.51 -58.44 21.43
N ASP D 63 49.30 -57.36 21.45
CA ASP D 63 49.54 -56.59 22.66
C ASP D 63 48.59 -55.40 22.72
N PRO D 64 47.52 -55.48 23.51
CA PRO D 64 46.51 -54.41 23.47
C PRO D 64 46.96 -53.11 24.09
N CYS D 65 48.00 -53.11 24.93
CA CYS D 65 48.45 -51.87 25.54
C CYS D 65 49.25 -51.00 24.59
N ALA D 66 49.59 -51.53 23.42
CA ALA D 66 50.29 -50.77 22.38
C ALA D 66 49.34 -50.10 21.39
N ALA D 67 48.05 -50.07 21.66
CA ALA D 67 47.10 -49.43 20.80
C ALA D 67 46.82 -48.00 21.26
N PRO D 68 46.41 -47.11 20.36
CA PRO D 68 46.17 -47.32 18.93
C PRO D 68 47.30 -46.84 18.03
N ASN D 69 48.44 -47.50 18.11
CA ASN D 69 49.61 -47.15 17.29
C ASN D 69 49.72 -48.11 16.12
N GLU D 70 49.70 -47.55 14.91
CA GLU D 70 49.66 -48.34 13.70
C GLU D 70 50.96 -49.05 13.40
N GLY D 71 52.02 -48.75 14.12
CA GLY D 71 53.32 -49.34 13.84
C GLY D 71 53.55 -50.61 14.62
N PHE D 72 52.87 -50.73 15.76
CA PHE D 72 53.00 -51.88 16.64
C PHE D 72 51.82 -52.83 16.53
N CYS D 73 51.13 -52.80 15.40
CA CYS D 73 50.05 -53.72 15.13
C CYS D 73 50.60 -55.05 14.63
N SER D 74 49.73 -56.05 14.60
CA SER D 74 50.06 -57.35 14.04
C SER D 74 49.44 -57.57 12.68
N ALA D 75 48.29 -56.97 12.42
CA ALA D 75 47.68 -57.03 11.10
C ALA D 75 46.65 -55.93 10.99
N GLY D 76 46.43 -55.48 9.75
CA GLY D 76 45.52 -54.39 9.49
C GLY D 76 45.14 -54.31 8.04
N VAL D 77 43.97 -53.72 7.76
CA VAL D 77 43.44 -53.67 6.40
C VAL D 77 42.50 -52.48 6.28
N GLN D 78 42.26 -52.08 5.04
CA GLN D 78 41.46 -50.91 4.71
C GLN D 78 40.19 -51.34 4.01
N THR D 79 39.06 -50.81 4.44
CA THR D 79 37.77 -51.11 3.85
C THR D 79 37.37 -50.04 2.85
N GLU D 80 36.45 -50.42 1.96
CA GLU D 80 35.91 -49.48 1.00
C GLU D 80 35.10 -48.38 1.68
N ALA D 81 34.42 -48.70 2.78
CA ALA D 81 33.46 -47.80 3.37
C ALA D 81 33.54 -47.93 4.87
N GLY D 82 32.56 -47.35 5.56
CA GLY D 82 32.60 -47.28 6.99
C GLY D 82 32.16 -48.54 7.69
N VAL D 83 32.70 -48.71 8.89
CA VAL D 83 32.41 -49.83 9.77
C VAL D 83 31.38 -49.37 10.78
N ALA D 84 30.27 -50.10 10.87
CA ALA D 84 29.24 -49.83 11.87
C ALA D 84 29.23 -50.82 13.02
N ASP D 85 29.66 -52.06 12.78
CA ASP D 85 29.67 -53.09 13.81
C ASP D 85 30.51 -54.23 13.29
N LEU D 86 30.87 -55.13 14.20
CA LEU D 86 31.59 -56.33 13.79
C LEU D 86 31.58 -57.35 14.91
N THR D 87 31.90 -58.58 14.55
CA THR D 87 31.86 -59.72 15.45
C THR D 87 32.99 -60.66 15.10
N TRP D 88 33.56 -61.29 16.11
CA TRP D 88 34.37 -62.48 15.89
C TRP D 88 33.49 -63.63 15.45
N VAL D 89 33.97 -64.39 14.46
CA VAL D 89 33.33 -65.64 14.06
C VAL D 89 34.23 -66.77 14.50
N GLY D 90 34.14 -67.12 15.78
CA GLY D 90 34.98 -68.16 16.33
C GLY D 90 36.39 -67.70 16.58
N GLU D 91 37.29 -68.03 15.68
CA GLU D 91 38.72 -67.77 15.87
C GLU D 91 39.38 -67.04 14.71
N ARG D 92 39.07 -67.36 13.46
CA ARG D 92 39.70 -66.77 12.30
C ARG D 92 38.88 -65.69 11.63
N GLY D 93 37.57 -65.67 11.85
CA GLY D 93 36.66 -64.90 11.04
C GLY D 93 36.28 -63.57 11.64
N ILE D 94 35.99 -62.62 10.75
CA ILE D 94 35.54 -61.30 11.12
C ILE D 94 34.35 -60.94 10.24
N LEU D 95 33.24 -60.63 10.88
CA LEU D 95 32.04 -60.17 10.21
C LEU D 95 31.91 -58.67 10.41
N VAL D 96 31.51 -57.97 9.35
CA VAL D 96 31.48 -56.52 9.36
C VAL D 96 30.14 -56.05 8.79
N ALA D 97 29.52 -55.12 9.51
CA ALA D 97 28.40 -54.35 9.00
C ALA D 97 28.93 -53.05 8.39
N SER D 98 28.36 -52.64 7.28
CA SER D 98 28.97 -51.62 6.44
C SER D 98 27.99 -50.53 6.03
N ASP D 99 28.58 -49.38 5.72
CA ASP D 99 27.82 -48.25 5.20
C ASP D 99 27.22 -48.56 3.83
N SER D 100 27.91 -49.39 3.05
CA SER D 100 27.47 -49.75 1.71
C SER D 100 26.11 -50.43 1.69
N GLY D 101 25.69 -51.06 2.78
CA GLY D 101 24.56 -51.95 2.73
C GLY D 101 24.96 -53.37 2.47
N ALA D 102 26.16 -53.75 2.88
CA ALA D 102 26.70 -55.07 2.63
C ALA D 102 27.11 -55.74 3.93
N VAL D 103 27.13 -57.06 3.90
CA VAL D 103 27.66 -57.88 4.96
C VAL D 103 28.92 -58.54 4.43
N GLU D 104 30.00 -58.48 5.20
CA GLU D 104 31.33 -58.76 4.71
C GLU D 104 32.00 -59.77 5.62
N LEU D 105 32.62 -60.78 5.02
CA LEU D 105 33.37 -61.77 5.76
C LEU D 105 34.83 -61.69 5.36
N TRP D 106 35.69 -61.57 6.35
CA TRP D 106 37.13 -61.64 6.17
C TRP D 106 37.69 -62.78 7.01
N GLU D 107 38.80 -63.32 6.57
CA GLU D 107 39.51 -64.35 7.31
C GLU D 107 40.98 -63.97 7.42
N LEU D 108 41.59 -64.40 8.51
CA LEU D 108 43.02 -64.17 8.71
C LEU D 108 43.84 -65.22 7.98
N ASP D 109 45.04 -64.82 7.61
CA ASP D 109 46.02 -65.71 7.02
C ASP D 109 46.58 -66.67 8.08
N GLU D 110 47.11 -67.80 7.61
CA GLU D 110 47.57 -68.85 8.49
C GLU D 110 48.40 -68.33 9.65
N ASN D 111 49.36 -67.45 9.37
CA ASN D 111 50.27 -66.93 10.38
C ASN D 111 49.81 -65.61 10.96
N GLU D 112 48.57 -65.21 10.70
CA GLU D 112 48.03 -63.97 11.24
C GLU D 112 48.87 -62.77 10.84
N THR D 113 49.26 -62.74 9.56
CA THR D 113 50.04 -61.66 9.00
C THR D 113 49.24 -60.76 8.09
N LEU D 114 48.13 -61.24 7.56
CA LEU D 114 47.27 -60.48 6.67
C LEU D 114 45.81 -60.67 7.04
N ILE D 115 44.96 -59.92 6.34
CA ILE D 115 43.52 -60.04 6.43
C ILE D 115 42.99 -60.03 5.01
N VAL D 116 42.05 -60.92 4.70
CA VAL D 116 41.57 -61.08 3.34
C VAL D 116 40.07 -61.31 3.34
N SER D 117 39.44 -60.88 2.25
CA SER D 117 37.99 -60.97 2.09
C SER D 117 37.59 -62.37 1.63
N LYS D 118 36.53 -62.90 2.24
CA LYS D 118 35.91 -64.11 1.73
C LYS D 118 34.70 -63.79 0.85
N PHE D 119 33.85 -62.85 1.26
CA PHE D 119 32.73 -62.48 0.42
C PHE D 119 32.21 -61.11 0.82
N CYS D 120 31.38 -60.55 -0.07
CA CYS D 120 30.79 -59.24 0.11
C CYS D 120 29.46 -59.24 -0.64
N LYS D 121 28.38 -59.42 0.10
CA LYS D 121 27.03 -59.51 -0.45
C LYS D 121 26.24 -58.25 -0.17
N TYR D 122 25.75 -57.63 -1.23
CA TYR D 122 24.90 -56.45 -1.13
C TYR D 122 23.45 -56.91 -1.16
N GLU D 123 22.82 -56.95 0.01
CA GLU D 123 21.43 -57.36 0.13
C GLU D 123 20.55 -56.36 0.84
N HIS D 124 21.11 -55.44 1.62
CA HIS D 124 20.33 -54.38 2.21
C HIS D 124 20.35 -53.16 1.33
N ASP D 125 19.27 -52.40 1.38
CA ASP D 125 19.08 -51.21 0.56
C ASP D 125 19.44 -49.95 1.31
N ASP D 126 20.19 -50.07 2.39
CA ASP D 126 20.63 -48.93 3.19
C ASP D 126 21.61 -49.45 4.22
N ILE D 127 21.99 -48.59 5.16
CA ILE D 127 23.10 -48.87 6.05
C ILE D 127 22.77 -50.06 6.93
N VAL D 128 23.74 -50.96 7.07
CA VAL D 128 23.64 -52.06 8.01
C VAL D 128 24.09 -51.56 9.37
N SER D 129 23.17 -51.55 10.33
CA SER D 129 23.43 -50.96 11.62
C SER D 129 23.97 -51.95 12.63
N THR D 130 23.58 -53.21 12.55
CA THR D 130 23.91 -54.15 13.60
C THR D 130 23.98 -55.57 13.04
N VAL D 131 24.83 -56.36 13.68
CA VAL D 131 25.09 -57.74 13.26
C VAL D 131 25.29 -58.59 14.51
N SER D 132 24.85 -59.84 14.45
CA SER D 132 25.08 -60.78 15.54
C SER D 132 25.15 -62.20 15.03
N VAL D 133 26.05 -62.97 15.62
CA VAL D 133 26.27 -64.37 15.27
C VAL D 133 25.44 -65.24 16.20
N LEU D 134 25.12 -66.43 15.75
CA LEU D 134 24.21 -67.32 16.46
C LEU D 134 24.95 -68.46 17.14
N SER D 135 24.28 -69.03 18.15
CA SER D 135 24.88 -70.03 19.02
C SER D 135 25.77 -71.01 18.26
N SER D 136 25.25 -71.60 17.19
CA SER D 136 25.98 -72.66 16.52
C SER D 136 27.31 -72.17 15.94
N GLY D 137 27.38 -70.90 15.55
CA GLY D 137 28.57 -70.39 14.91
C GLY D 137 28.58 -70.53 13.40
N THR D 138 27.43 -70.80 12.79
CA THR D 138 27.34 -71.02 11.35
C THR D 138 26.38 -70.08 10.65
N GLN D 139 25.48 -69.43 11.37
CA GLN D 139 24.55 -68.49 10.81
C GLN D 139 24.71 -67.13 11.50
N ALA D 140 23.97 -66.14 11.02
CA ALA D 140 24.03 -64.81 11.59
C ALA D 140 22.84 -64.00 11.12
N VAL D 141 22.52 -62.97 11.90
CA VAL D 141 21.41 -62.08 11.63
C VAL D 141 21.90 -60.66 11.49
N SER D 142 21.27 -59.90 10.59
CA SER D 142 21.65 -58.54 10.28
C SER D 142 20.42 -57.66 10.24
N GLY D 143 20.60 -56.42 10.68
CA GLY D 143 19.53 -55.45 10.66
C GLY D 143 20.00 -54.12 10.08
N SER D 144 19.04 -53.40 9.51
CA SER D 144 19.37 -52.21 8.74
C SER D 144 18.42 -51.07 9.06
N LYS D 145 18.75 -49.92 8.50
CA LYS D 145 17.90 -48.74 8.51
C LYS D 145 16.80 -48.82 7.47
N ASP D 146 16.84 -49.81 6.60
CA ASP D 146 15.79 -50.10 5.65
C ASP D 146 14.73 -51.03 6.21
N ILE D 147 14.83 -51.40 7.48
CA ILE D 147 13.75 -52.01 8.24
C ILE D 147 13.70 -53.52 8.06
N CYS D 148 14.56 -54.07 7.22
CA CYS D 148 14.58 -55.50 6.99
C CYS D 148 15.61 -56.20 7.85
N ILE D 149 15.24 -57.37 8.35
CA ILE D 149 16.13 -58.27 9.06
C ILE D 149 16.34 -59.52 8.22
N LYS D 150 17.57 -60.00 8.19
CA LYS D 150 17.90 -61.17 7.41
C LYS D 150 18.71 -62.15 8.23
N VAL D 151 18.72 -63.40 7.75
CA VAL D 151 19.46 -64.50 8.37
C VAL D 151 20.36 -65.09 7.31
N TRP D 152 21.61 -65.32 7.66
CA TRP D 152 22.61 -65.78 6.72
C TRP D 152 23.13 -67.15 7.15
N ASP D 153 23.47 -67.96 6.16
CA ASP D 153 24.23 -69.18 6.37
C ASP D 153 25.64 -68.91 5.87
N LEU D 154 26.59 -68.90 6.79
CA LEU D 154 27.91 -68.37 6.51
C LEU D 154 28.78 -69.30 5.68
N ALA D 155 28.38 -70.55 5.52
CA ALA D 155 29.15 -71.49 4.72
C ALA D 155 28.77 -71.43 3.25
N GLN D 156 27.51 -71.12 2.94
CA GLN D 156 27.02 -71.11 1.58
C GLN D 156 26.97 -69.73 0.97
N GLN D 157 27.02 -68.68 1.79
CA GLN D 157 26.98 -67.31 1.29
C GLN D 157 25.64 -67.02 0.65
N VAL D 158 24.57 -67.17 1.42
CA VAL D 158 23.22 -66.91 0.96
C VAL D 158 22.41 -66.30 2.09
N VAL D 159 21.26 -65.77 1.74
CA VAL D 159 20.28 -65.33 2.72
C VAL D 159 19.20 -66.40 2.78
N LEU D 160 18.97 -66.92 3.99
CA LEU D 160 17.91 -67.90 4.18
C LEU D 160 16.56 -67.23 4.31
N SER D 161 16.54 -66.00 4.81
CA SER D 161 15.30 -65.37 5.23
C SER D 161 15.46 -63.87 5.25
N SER D 162 14.40 -63.18 4.84
CA SER D 162 14.23 -61.76 5.10
C SER D 162 12.91 -61.56 5.81
N TYR D 163 12.95 -60.87 6.94
CA TYR D 163 11.78 -60.63 7.77
C TYR D 163 11.57 -59.14 7.92
N ARG D 164 10.41 -58.66 7.51
CA ARG D 164 10.03 -57.26 7.65
C ARG D 164 8.88 -57.17 8.65
N ALA D 165 9.23 -57.06 9.93
CA ALA D 165 8.26 -57.01 11.01
C ALA D 165 8.15 -55.63 11.65
N HIS D 166 9.28 -54.99 11.90
CA HIS D 166 9.30 -53.66 12.47
C HIS D 166 8.71 -52.66 11.47
N ALA D 167 8.48 -51.44 11.95
CA ALA D 167 7.93 -50.38 11.14
C ALA D 167 8.88 -49.21 10.96
N ALA D 168 10.07 -49.27 11.55
CA ALA D 168 11.05 -48.21 11.40
C ALA D 168 12.43 -48.82 11.47
N GLN D 169 13.43 -47.98 11.74
CA GLN D 169 14.81 -48.42 11.74
C GLN D 169 15.09 -49.35 12.90
N VAL D 170 15.90 -50.36 12.63
CA VAL D 170 16.32 -51.32 13.63
C VAL D 170 17.61 -50.82 14.25
N THR D 171 17.66 -50.87 15.58
CA THR D 171 18.79 -50.33 16.32
C THR D 171 19.70 -51.41 16.86
N CYS D 172 19.15 -52.52 17.33
CA CYS D 172 19.95 -53.56 17.94
C CYS D 172 19.28 -54.91 17.76
N VAL D 173 20.08 -55.91 17.41
CA VAL D 173 19.69 -57.32 17.46
C VAL D 173 20.68 -58.04 18.35
N ALA D 174 20.19 -59.06 19.05
CA ALA D 174 21.01 -59.83 19.97
C ALA D 174 20.63 -61.29 19.92
N ALA D 175 21.62 -62.15 19.76
CA ALA D 175 21.41 -63.58 19.72
C ALA D 175 21.51 -64.18 21.12
N SER D 176 20.82 -65.29 21.30
CA SER D 176 20.88 -65.94 22.60
C SER D 176 22.06 -66.91 22.64
N PRO D 177 22.79 -66.93 23.74
CA PRO D 177 23.99 -67.78 23.82
C PRO D 177 23.70 -69.25 24.05
N HIS D 178 22.43 -69.65 24.19
CA HIS D 178 22.09 -71.01 24.52
C HIS D 178 21.20 -71.70 23.50
N LYS D 179 20.63 -70.97 22.55
CA LYS D 179 19.78 -71.55 21.53
C LYS D 179 20.11 -70.94 20.18
N ASP D 180 20.14 -71.80 19.15
CA ASP D 180 20.56 -71.41 17.81
C ASP D 180 19.39 -70.98 16.94
N SER D 181 18.24 -70.70 17.53
CA SER D 181 17.09 -70.21 16.78
C SER D 181 16.46 -68.98 17.40
N VAL D 182 16.98 -68.49 18.52
CA VAL D 182 16.39 -67.40 19.28
C VAL D 182 17.28 -66.17 19.21
N PHE D 183 16.70 -65.03 18.85
CA PHE D 183 17.36 -63.75 18.99
C PHE D 183 16.35 -62.69 19.39
N LEU D 184 16.84 -61.49 19.62
CA LEU D 184 16.02 -60.34 19.97
C LEU D 184 16.22 -59.23 18.96
N SER D 185 15.30 -58.27 18.96
CA SER D 185 15.34 -57.15 18.05
C SER D 185 14.60 -55.95 18.64
N CYS D 186 15.20 -54.78 18.48
CA CYS D 186 14.59 -53.52 18.89
C CYS D 186 14.62 -52.52 17.75
N SER D 187 13.77 -51.50 17.86
CA SER D 187 13.54 -50.56 16.77
C SER D 187 13.18 -49.18 17.32
N GLU D 188 13.11 -48.23 16.40
CA GLU D 188 12.66 -46.88 16.69
C GLU D 188 11.15 -46.74 16.62
N ASP D 189 10.42 -47.82 16.37
CA ASP D 189 8.97 -47.83 16.45
C ASP D 189 8.47 -48.19 17.85
N ASN D 190 9.37 -48.52 18.78
CA ASN D 190 9.08 -48.71 20.19
C ASN D 190 8.64 -50.14 20.50
N ARG D 191 9.11 -51.10 19.73
CA ARG D 191 8.81 -52.51 19.97
C ARG D 191 10.07 -53.28 20.28
N ILE D 192 9.89 -54.37 21.03
CA ILE D 192 10.93 -55.35 21.30
C ILE D 192 10.34 -56.71 21.00
N LEU D 193 10.95 -57.43 20.07
CA LEU D 193 10.46 -58.72 19.62
C LEU D 193 11.37 -59.84 20.07
N LEU D 194 10.76 -60.98 20.35
CA LEU D 194 11.45 -62.24 20.55
C LEU D 194 11.18 -63.13 19.37
N TRP D 195 12.23 -63.73 18.83
CA TRP D 195 12.13 -64.57 17.64
C TRP D 195 12.45 -66.02 17.94
N ASP D 196 11.78 -66.89 17.20
CA ASP D 196 12.14 -68.30 17.11
C ASP D 196 11.77 -68.76 15.71
N THR D 197 12.77 -68.92 14.85
CA THR D 197 12.52 -69.30 13.47
C THR D 197 11.93 -70.69 13.34
N ARG D 198 11.92 -71.50 14.40
CA ARG D 198 11.27 -72.80 14.33
C ARG D 198 9.78 -72.67 14.07
N CYS D 199 9.18 -71.55 14.44
CA CYS D 199 7.74 -71.35 14.38
C CYS D 199 7.36 -70.69 13.07
N PRO D 200 6.06 -70.69 12.73
CA PRO D 200 5.60 -70.05 11.48
C PRO D 200 5.39 -68.56 11.64
N LYS D 201 4.99 -68.15 12.85
CA LYS D 201 5.00 -66.75 13.24
C LYS D 201 6.13 -66.53 14.23
N PRO D 202 7.32 -66.11 13.77
CA PRO D 202 8.50 -66.16 14.65
C PRO D 202 8.52 -65.12 15.74
N ALA D 203 8.00 -63.94 15.48
CA ALA D 203 8.14 -62.82 16.40
C ALA D 203 7.03 -62.78 17.44
N SER D 204 7.39 -62.26 18.62
CA SER D 204 6.46 -62.07 19.72
C SER D 204 6.87 -60.83 20.49
N GLN D 205 5.89 -60.06 20.94
CA GLN D 205 6.14 -58.79 21.60
C GLN D 205 6.28 -58.96 23.10
N ILE D 206 6.87 -57.96 23.73
CA ILE D 206 7.09 -57.94 25.17
C ILE D 206 6.77 -56.58 25.76
N GLY D 212 7.01 -46.51 27.06
CA GLY D 212 7.61 -45.30 27.58
C GLY D 212 8.53 -44.63 26.58
N TYR D 213 9.83 -44.71 26.85
CA TYR D 213 10.85 -44.15 25.96
C TYR D 213 11.39 -45.21 25.03
N LEU D 214 12.10 -44.76 24.02
CA LEU D 214 12.57 -45.64 22.96
C LEU D 214 13.70 -46.54 23.46
N PRO D 215 13.76 -47.78 22.98
CA PRO D 215 14.87 -48.66 23.35
C PRO D 215 16.07 -48.51 22.43
N THR D 216 17.26 -48.76 23.00
CA THR D 216 18.51 -48.47 22.30
C THR D 216 19.51 -49.62 22.29
N SER D 217 19.53 -50.46 23.32
CA SER D 217 20.59 -51.45 23.46
C SER D 217 20.07 -52.68 24.19
N LEU D 218 20.66 -53.83 23.88
CA LEU D 218 20.22 -55.11 24.42
C LEU D 218 21.40 -55.98 24.82
N ALA D 219 21.11 -56.97 25.67
CA ALA D 219 22.08 -57.94 26.12
C ALA D 219 21.41 -59.07 26.88
N TRP D 220 21.68 -60.31 26.48
CA TRP D 220 21.21 -61.47 27.20
C TRP D 220 22.03 -61.71 28.45
N HIS D 221 21.39 -62.26 29.45
CA HIS D 221 22.12 -62.74 30.62
C HIS D 221 22.82 -64.04 30.26
N PRO D 222 24.11 -64.18 30.57
CA PRO D 222 24.82 -65.40 30.13
C PRO D 222 24.29 -66.65 30.77
N GLN D 223 24.18 -66.67 32.10
CA GLN D 223 23.74 -67.86 32.82
C GLN D 223 22.27 -68.17 32.49
N GLN D 224 21.36 -67.34 32.97
CA GLN D 224 19.95 -67.54 32.73
C GLN D 224 19.65 -67.54 31.23
N SER D 225 18.56 -68.19 30.87
CA SER D 225 18.14 -68.31 29.48
C SER D 225 16.84 -67.57 29.19
N GLU D 226 16.32 -66.85 30.16
CA GLU D 226 15.08 -66.12 30.00
C GLU D 226 15.21 -64.65 30.33
N VAL D 227 16.39 -64.20 30.75
CA VAL D 227 16.58 -62.86 31.27
C VAL D 227 17.47 -62.06 30.32
N PHE D 228 17.24 -60.75 30.31
CA PHE D 228 18.00 -59.85 29.45
C PHE D 228 17.80 -58.43 29.95
N VAL D 229 18.71 -57.55 29.54
CA VAL D 229 18.66 -56.14 29.89
C VAL D 229 18.50 -55.30 28.63
N PHE D 230 17.91 -54.12 28.81
CA PHE D 230 17.70 -53.17 27.73
C PHE D 230 17.85 -51.75 28.25
N GLY D 231 18.39 -50.89 27.40
CA GLY D 231 18.59 -49.49 27.73
C GLY D 231 17.67 -48.59 26.92
N ASP D 232 17.43 -47.40 27.43
CA ASP D 232 16.44 -46.51 26.86
C ASP D 232 17.06 -45.18 26.43
N GLU D 233 16.28 -44.47 25.63
CA GLU D 233 16.67 -43.17 25.08
C GLU D 233 17.03 -42.16 26.17
N ASN D 234 16.36 -42.20 27.31
CA ASN D 234 16.45 -41.14 28.30
C ASN D 234 17.65 -41.30 29.23
N GLY D 235 17.99 -42.54 29.57
CA GLY D 235 19.16 -42.80 30.37
C GLY D 235 18.98 -43.94 31.35
N THR D 236 17.90 -44.68 31.21
CA THR D 236 17.45 -45.65 32.19
C THR D 236 17.74 -47.06 31.71
N VAL D 237 18.28 -47.88 32.59
CA VAL D 237 18.51 -49.30 32.35
C VAL D 237 17.44 -50.09 33.06
N SER D 238 17.21 -51.33 32.59
CA SER D 238 16.13 -52.13 33.11
C SER D 238 16.43 -53.60 32.92
N LEU D 239 16.09 -54.40 33.91
CA LEU D 239 16.25 -55.84 33.88
C LEU D 239 14.89 -56.50 33.71
N VAL D 240 14.83 -57.52 32.86
CA VAL D 240 13.57 -58.17 32.55
C VAL D 240 13.71 -59.69 32.59
N VAL D 248 9.13 -55.37 37.17
CA VAL D 248 10.50 -55.45 36.67
C VAL D 248 11.40 -54.54 37.48
N LEU D 249 12.65 -54.45 37.06
CA LEU D 249 13.69 -53.71 37.75
C LEU D 249 14.20 -52.59 36.85
N SER D 250 14.62 -51.49 37.46
CA SER D 250 15.01 -50.32 36.68
C SER D 250 15.97 -49.46 37.47
N SER D 251 16.75 -48.66 36.74
CA SER D 251 17.70 -47.75 37.35
C SER D 251 18.10 -46.68 36.35
N ALA D 252 18.31 -45.47 36.86
CA ALA D 252 18.72 -44.32 36.06
C ALA D 252 20.22 -44.13 36.24
N VAL D 253 20.97 -44.35 35.17
CA VAL D 253 22.41 -44.50 35.24
C VAL D 253 23.13 -43.32 34.59
N HIS D 254 22.65 -42.87 33.44
CA HIS D 254 23.30 -41.85 32.66
C HIS D 254 22.34 -40.69 32.43
N SER D 255 22.79 -39.70 31.68
CA SER D 255 22.00 -38.54 31.32
C SER D 255 21.45 -38.61 29.91
N GLN D 256 22.21 -39.18 28.99
CA GLN D 256 21.86 -39.27 27.59
C GLN D 256 21.54 -40.71 27.23
N CYS D 257 21.72 -41.05 25.96
CA CYS D 257 21.28 -42.34 25.44
C CYS D 257 22.27 -43.43 25.81
N VAL D 258 21.74 -44.54 26.29
CA VAL D 258 22.54 -45.73 26.55
C VAL D 258 22.87 -46.38 25.21
N THR D 259 24.16 -46.56 24.97
CA THR D 259 24.66 -47.04 23.68
C THR D 259 25.03 -48.50 23.68
N GLY D 260 25.37 -49.08 24.83
CA GLY D 260 25.77 -50.46 24.87
C GLY D 260 25.66 -51.05 26.25
N LEU D 261 25.61 -52.37 26.29
CA LEU D 261 25.54 -53.13 27.52
C LEU D 261 26.31 -54.42 27.35
N VAL D 262 27.24 -54.68 28.26
CA VAL D 262 28.08 -55.86 28.18
C VAL D 262 28.22 -56.49 29.56
N PHE D 263 28.18 -57.81 29.61
CA PHE D 263 28.29 -58.57 30.83
C PHE D 263 29.71 -59.06 31.05
N SER D 264 30.12 -59.09 32.31
CA SER D 264 31.43 -59.58 32.67
C SER D 264 31.48 -61.11 32.58
N PRO D 265 32.66 -61.68 32.40
CA PRO D 265 32.79 -63.13 32.33
C PRO D 265 32.87 -63.81 33.69
N HIS D 266 32.48 -63.11 34.73
CA HIS D 266 32.54 -63.66 36.06
C HIS D 266 31.52 -64.78 36.21
N SER D 267 31.76 -65.66 37.18
CA SER D 267 30.80 -66.72 37.48
C SER D 267 29.49 -66.11 37.96
N VAL D 268 29.57 -64.97 38.63
CA VAL D 268 28.43 -64.08 38.80
C VAL D 268 28.81 -62.74 38.15
N PRO D 269 28.14 -62.31 37.09
CA PRO D 269 28.69 -61.26 36.25
C PRO D 269 28.31 -59.85 36.67
N PHE D 270 29.20 -58.93 36.35
CA PHE D 270 28.92 -57.51 36.40
C PHE D 270 28.47 -57.02 35.04
N LEU D 271 27.87 -55.85 35.03
CA LEU D 271 27.32 -55.25 33.81
C LEU D 271 27.92 -53.88 33.58
N ALA D 272 28.60 -53.74 32.44
CA ALA D 272 29.14 -52.46 32.01
C ALA D 272 28.13 -51.69 31.16
N SER D 273 28.04 -50.40 31.40
CA SER D 273 27.09 -49.52 30.73
C SER D 273 27.84 -48.31 30.20
N LEU D 274 27.65 -48.01 28.92
CA LEU D 274 28.30 -46.89 28.28
C LEU D 274 27.29 -46.07 27.50
N SER D 275 27.51 -44.76 27.49
CA SER D 275 26.48 -43.82 27.09
C SER D 275 27.06 -42.78 26.15
N GLU D 276 26.21 -41.82 25.84
CA GLU D 276 26.51 -40.70 24.97
C GLU D 276 26.94 -39.47 25.74
N ASP D 277 26.73 -39.46 27.05
CA ASP D 277 27.19 -38.42 27.96
C ASP D 277 28.68 -38.52 28.23
N CYS D 278 29.39 -39.39 27.51
CA CYS D 278 30.82 -39.55 27.58
C CYS D 278 31.29 -40.25 28.85
N SER D 279 30.42 -41.02 29.51
CA SER D 279 30.79 -41.72 30.72
C SER D 279 30.62 -43.23 30.59
N LEU D 280 31.21 -43.93 31.54
CA LEU D 280 31.12 -45.37 31.69
C LEU D 280 30.71 -45.70 33.11
N ALA D 281 30.06 -46.84 33.28
CA ALA D 281 29.63 -47.29 34.59
C ALA D 281 29.59 -48.81 34.62
N VAL D 282 29.94 -49.38 35.78
CA VAL D 282 29.88 -50.81 36.01
C VAL D 282 28.88 -51.06 37.13
N LEU D 283 27.93 -51.95 36.87
CA LEU D 283 26.83 -52.23 37.79
C LEU D 283 26.96 -53.66 38.32
N ASP D 284 26.39 -53.87 39.50
CA ASP D 284 26.28 -55.22 40.05
C ASP D 284 24.91 -55.80 39.71
N SER D 285 24.67 -56.99 40.20
CA SER D 285 23.46 -57.78 39.94
C SER D 285 22.21 -57.14 40.46
N SER D 286 22.27 -55.96 41.05
CA SER D 286 21.10 -55.28 41.57
C SER D 286 20.85 -53.94 40.90
N LEU D 287 21.61 -53.62 39.85
CA LEU D 287 21.52 -52.31 39.19
C LEU D 287 22.01 -51.20 40.11
N SER D 288 22.92 -51.55 41.02
CA SER D 288 23.57 -50.59 41.88
C SER D 288 24.95 -50.26 41.34
N GLU D 289 25.32 -49.00 41.44
CA GLU D 289 26.52 -48.49 40.79
C GLU D 289 27.75 -48.75 41.65
N LEU D 290 28.81 -49.22 41.02
CA LEU D 290 30.05 -49.59 41.67
C LEU D 290 31.25 -48.81 41.18
N PHE D 291 31.20 -48.31 39.94
CA PHE D 291 32.33 -47.65 39.33
C PHE D 291 31.85 -46.71 38.24
N ARG D 292 32.58 -45.62 38.05
CA ARG D 292 32.23 -44.61 37.09
C ARG D 292 33.49 -43.89 36.63
N SER D 293 33.55 -43.61 35.33
CA SER D 293 34.74 -43.06 34.71
C SER D 293 34.37 -41.93 33.76
N GLN D 294 35.17 -40.87 33.80
CA GLN D 294 35.04 -39.72 32.92
C GLN D 294 36.30 -39.55 32.09
N ALA D 295 36.93 -40.66 31.71
CA ALA D 295 38.21 -40.61 31.03
C ALA D 295 38.09 -40.04 29.63
N HIS D 296 36.96 -40.23 28.98
CA HIS D 296 36.83 -39.91 27.56
C HIS D 296 36.32 -38.50 27.38
N ARG D 297 36.69 -37.91 26.24
CA ARG D 297 36.29 -36.56 25.88
C ARG D 297 35.29 -36.54 24.74
N ASP D 298 34.57 -37.63 24.52
CA ASP D 298 33.69 -37.77 23.38
C ASP D 298 32.90 -39.05 23.58
N PHE D 299 32.17 -39.47 22.55
CA PHE D 299 31.27 -40.59 22.67
C PHE D 299 32.02 -41.90 22.86
N VAL D 300 31.64 -42.65 23.89
CA VAL D 300 32.14 -44.00 24.12
C VAL D 300 31.32 -44.99 23.30
N ARG D 301 32.01 -45.92 22.67
CA ARG D 301 31.44 -46.74 21.61
C ARG D 301 31.38 -48.22 21.92
N ASP D 302 32.27 -48.75 22.75
CA ASP D 302 32.29 -50.18 22.99
C ASP D 302 33.14 -50.50 24.20
N ALA D 303 32.86 -51.66 24.79
CA ALA D 303 33.59 -52.18 25.92
C ALA D 303 33.78 -53.67 25.76
N THR D 304 34.91 -54.17 26.25
CA THR D 304 35.23 -55.58 26.15
C THR D 304 36.04 -55.99 27.37
N TRP D 305 35.63 -57.10 27.99
CA TRP D 305 36.32 -57.63 29.16
C TRP D 305 37.41 -58.58 28.71
N SER D 306 38.55 -58.49 29.37
CA SER D 306 39.65 -59.37 29.02
C SER D 306 39.42 -60.76 29.60
N PRO D 307 39.77 -61.81 28.86
CA PRO D 307 39.53 -63.16 29.34
C PRO D 307 40.61 -63.67 30.26
N LEU D 308 41.82 -63.10 30.18
CA LEU D 308 42.90 -63.48 31.08
C LEU D 308 42.63 -62.96 32.49
N ASN D 309 42.62 -61.65 32.64
CA ASN D 309 42.29 -61.01 33.91
C ASN D 309 40.85 -60.54 33.87
N HIS D 310 40.02 -61.12 34.70
CA HIS D 310 38.62 -60.75 34.79
C HIS D 310 38.40 -59.47 35.55
N SER D 311 39.47 -58.76 35.89
CA SER D 311 39.39 -57.47 36.59
C SER D 311 39.56 -56.30 35.65
N LEU D 312 39.88 -56.54 34.39
CA LEU D 312 40.30 -55.52 33.46
C LEU D 312 39.22 -55.30 32.40
N LEU D 313 39.06 -54.04 31.99
CA LEU D 313 38.07 -53.65 30.99
C LEU D 313 38.62 -52.56 30.11
N THR D 314 38.39 -52.69 28.81
CA THR D 314 38.87 -51.75 27.83
C THR D 314 37.71 -51.05 27.13
N THR D 315 37.92 -49.78 26.75
CA THR D 315 36.89 -48.96 26.14
C THR D 315 37.52 -48.10 25.07
N VAL D 316 36.72 -47.76 24.05
CA VAL D 316 37.17 -46.94 22.94
C VAL D 316 36.12 -45.87 22.66
N GLY D 317 36.47 -44.95 21.78
CA GLY D 317 35.63 -43.80 21.55
C GLY D 317 36.10 -43.00 20.36
N TRP D 318 35.38 -41.92 20.11
CA TRP D 318 35.60 -41.06 18.96
C TRP D 318 36.69 -40.02 19.20
N ASP D 319 37.27 -39.98 20.39
CA ASP D 319 38.42 -39.14 20.68
C ASP D 319 39.75 -39.80 20.38
N HIS D 320 39.74 -41.03 19.86
CA HIS D 320 40.91 -41.79 19.48
C HIS D 320 41.67 -42.35 20.66
N GLN D 321 41.01 -42.52 21.79
CA GLN D 321 41.62 -43.09 22.99
C GLN D 321 41.26 -44.57 23.14
N VAL D 322 42.25 -45.36 23.51
CA VAL D 322 42.02 -46.70 24.05
C VAL D 322 42.38 -46.66 25.52
N VAL D 323 41.37 -46.74 26.37
CA VAL D 323 41.52 -46.61 27.81
C VAL D 323 41.33 -47.95 28.48
N HIS D 324 42.25 -48.30 29.37
CA HIS D 324 42.22 -49.55 30.10
C HIS D 324 41.80 -49.27 31.54
N HIS D 325 40.81 -50.02 32.00
CA HIS D 325 40.24 -49.85 33.32
C HIS D 325 40.48 -51.10 34.14
N VAL D 326 40.96 -50.92 35.37
CA VAL D 326 41.07 -52.00 36.35
C VAL D 326 39.93 -51.82 37.31
N VAL D 327 39.09 -52.84 37.43
CA VAL D 327 37.80 -52.74 38.09
C VAL D 327 37.84 -53.53 39.38
N PRO D 328 37.34 -52.99 40.50
CA PRO D 328 37.29 -53.73 41.76
C PRO D 328 36.31 -54.89 41.74
N ARG E 13 -12.63 35.13 25.27
CA ARG E 13 -11.72 36.30 25.25
C ARG E 13 -10.46 35.92 24.50
N VAL E 14 -9.46 36.79 24.55
CA VAL E 14 -8.15 36.48 23.99
C VAL E 14 -7.29 35.84 25.06
N SER E 15 -6.32 35.06 24.62
CA SER E 15 -5.44 34.30 25.50
C SER E 15 -4.05 34.90 25.47
N SER E 16 -3.40 34.93 26.62
CA SER E 16 -2.10 35.55 26.74
C SER E 16 -1.30 34.82 27.80
N GLY E 17 0.02 34.99 27.72
CA GLY E 17 0.92 34.35 28.64
C GLY E 17 2.08 35.25 29.00
N ARG E 18 2.89 34.75 29.93
CA ARG E 18 4.01 35.47 30.49
C ARG E 18 5.29 34.69 30.24
N ASP E 19 6.31 35.39 29.75
CA ASP E 19 7.62 34.82 29.50
C ASP E 19 8.58 35.25 30.60
N LEU E 20 9.27 34.28 31.18
CA LEU E 20 10.16 34.53 32.29
C LEU E 20 11.44 33.75 32.10
N ASN E 21 12.49 34.20 32.80
CA ASN E 21 13.75 33.49 32.86
C ASN E 21 14.27 33.35 34.28
N CYS E 22 13.50 33.79 35.27
CA CYS E 22 13.84 33.63 36.68
C CYS E 22 12.62 33.10 37.38
N VAL E 23 12.71 31.85 37.84
CA VAL E 23 11.63 31.21 38.58
C VAL E 23 12.25 30.57 39.81
N PRO E 24 12.30 31.28 40.92
CA PRO E 24 12.91 30.71 42.14
C PRO E 24 12.05 29.64 42.80
N GLU E 25 10.77 29.93 42.96
CA GLU E 25 9.78 28.95 43.41
C GLU E 25 8.67 28.90 42.38
N ILE E 26 8.37 27.70 41.90
CA ILE E 26 7.50 27.54 40.75
C ILE E 26 6.05 27.82 41.12
N ALA E 27 5.64 27.39 42.31
CA ALA E 27 4.24 27.49 42.70
C ALA E 27 3.84 28.93 42.96
N ASP E 28 4.60 29.63 43.80
CA ASP E 28 4.33 31.05 44.04
C ASP E 28 4.28 31.83 42.74
N THR E 29 5.23 31.57 41.84
CA THR E 29 5.32 32.32 40.60
C THR E 29 4.09 32.08 39.74
N LEU E 30 3.71 30.82 39.58
CA LEU E 30 2.53 30.50 38.78
C LEU E 30 1.28 31.09 39.40
N GLY E 31 1.22 31.12 40.73
CA GLY E 31 0.09 31.75 41.39
C GLY E 31 -0.03 33.22 41.04
N ALA E 32 1.05 33.96 41.21
CA ALA E 32 1.03 35.38 40.87
C ALA E 32 0.67 35.60 39.39
N VAL E 33 1.25 34.79 38.51
CA VAL E 33 0.97 34.85 37.09
C VAL E 33 -0.53 34.75 36.84
N ALA E 34 -1.14 33.68 37.33
CA ALA E 34 -2.57 33.50 37.15
C ALA E 34 -3.36 34.61 37.81
N LYS E 35 -2.82 35.20 38.87
CA LYS E 35 -3.52 36.28 39.54
C LYS E 35 -3.65 37.51 38.65
N GLN E 36 -2.54 37.94 38.04
CA GLN E 36 -2.64 39.10 37.16
C GLN E 36 -3.52 38.84 35.96
N GLY E 37 -3.91 37.59 35.71
CA GLY E 37 -4.83 37.28 34.65
C GLY E 37 -4.22 36.57 33.46
N PHE E 38 -3.03 36.02 33.62
CA PHE E 38 -2.36 35.30 32.55
C PHE E 38 -2.84 33.85 32.50
N ASP E 39 -2.85 33.30 31.29
CA ASP E 39 -3.32 31.94 31.12
C ASP E 39 -2.21 30.91 31.18
N PHE E 40 -1.04 31.22 30.61
CA PHE E 40 0.08 30.30 30.68
C PHE E 40 1.37 31.04 30.95
N LEU E 41 2.37 30.25 31.33
CA LEU E 41 3.72 30.72 31.63
C LEU E 41 4.74 29.90 30.84
N CYS E 42 5.75 30.58 30.32
CA CYS E 42 6.86 29.96 29.61
C CYS E 42 8.13 30.12 30.42
N MET E 43 8.84 29.03 30.64
CA MET E 43 9.91 29.01 31.62
C MET E 43 10.90 27.91 31.29
N PRO E 44 12.12 27.98 31.82
CA PRO E 44 13.09 26.92 31.59
C PRO E 44 12.82 25.67 32.40
N VAL E 45 13.19 24.53 31.83
CA VAL E 45 13.03 23.26 32.53
C VAL E 45 14.25 22.93 33.36
N PHE E 46 15.43 23.32 32.89
CA PHE E 46 16.67 23.30 33.64
C PHE E 46 17.04 24.72 34.01
N HIS E 47 18.05 24.85 34.81
CA HIS E 47 18.57 26.18 35.08
C HIS E 47 19.38 26.67 33.89
N PRO E 48 19.20 27.93 33.49
CA PRO E 48 19.84 28.42 32.25
C PRO E 48 21.34 28.62 32.34
N ARG E 49 21.90 28.82 33.53
CA ARG E 49 23.32 29.05 33.73
C ARG E 49 24.05 27.79 34.19
N PHE E 50 23.41 26.64 34.09
CA PHE E 50 23.94 25.38 34.60
C PHE E 50 24.36 24.51 33.42
N LYS E 51 25.58 24.75 32.95
CA LYS E 51 26.11 23.98 31.84
C LYS E 51 26.50 22.59 32.30
N ARG E 52 26.16 21.62 31.46
CA ARG E 52 26.42 20.21 31.72
C ARG E 52 27.51 19.71 30.80
N GLU E 53 28.36 18.84 31.33
CA GLU E 53 29.37 18.13 30.58
C GLU E 53 28.97 16.67 30.47
N PHE E 54 29.10 16.11 29.29
CA PHE E 54 28.69 14.74 29.02
C PHE E 54 29.82 13.82 28.64
N ILE E 55 30.87 14.36 28.04
CA ILE E 55 31.92 13.57 27.44
C ILE E 55 33.14 13.49 28.32
N GLN E 56 33.55 14.61 28.90
CA GLN E 56 34.85 14.72 29.55
C GLN E 56 34.74 14.73 31.05
N GLU E 57 35.75 14.19 31.69
CA GLU E 57 35.88 14.14 33.14
C GLU E 57 36.69 15.33 33.63
N PRO E 58 36.63 15.64 34.93
CA PRO E 58 35.84 15.00 35.99
C PRO E 58 34.41 15.52 36.12
N ALA E 59 34.04 16.47 35.28
CA ALA E 59 32.74 17.13 35.40
C ALA E 59 31.61 16.29 34.86
N LYS E 60 31.93 15.31 34.02
CA LYS E 60 30.95 14.35 33.55
C LYS E 60 30.17 13.70 34.69
N ASN E 61 30.81 13.49 35.84
CA ASN E 61 30.21 12.79 36.97
C ASN E 61 29.76 13.73 38.07
N ARG E 62 29.26 14.89 37.70
CA ARG E 62 28.69 15.82 38.67
C ARG E 62 27.50 15.17 39.38
N PRO E 63 27.40 15.26 40.69
CA PRO E 63 26.30 14.60 41.39
C PRO E 63 24.97 15.30 41.16
N GLY E 64 23.92 14.50 41.13
CA GLY E 64 22.58 15.00 41.01
C GLY E 64 22.02 15.46 42.34
N PRO E 65 20.78 15.95 42.30
CA PRO E 65 19.93 16.03 41.12
C PRO E 65 20.27 17.14 40.15
N GLN E 66 19.96 16.89 38.88
CA GLN E 66 20.26 17.83 37.82
C GLN E 66 19.17 18.86 37.60
N THR E 67 17.97 18.63 38.15
CA THR E 67 16.87 19.57 38.00
C THR E 67 15.90 19.36 39.16
N ARG E 68 14.89 20.24 39.22
CA ARG E 68 13.79 20.09 40.15
C ARG E 68 12.80 19.05 39.63
N SER E 69 11.97 18.55 40.54
CA SER E 69 11.18 17.35 40.30
C SER E 69 9.87 17.66 39.59
N ASP E 70 9.23 16.57 39.16
CA ASP E 70 7.93 16.64 38.52
C ASP E 70 6.79 16.75 39.52
N LEU E 71 6.98 16.24 40.72
CA LEU E 71 5.94 16.19 41.73
C LEU E 71 5.67 17.53 42.38
N LEU E 72 6.21 18.62 41.86
CA LEU E 72 5.93 19.93 42.42
C LEU E 72 4.59 20.47 41.97
N LEU E 73 4.16 20.12 40.75
CA LEU E 73 2.86 20.47 40.26
C LEU E 73 2.05 19.21 40.00
N SER E 74 0.91 19.39 39.37
CA SER E 74 -0.01 18.33 39.02
C SER E 74 0.04 18.09 37.52
N GLY E 75 -0.29 16.86 37.15
CA GLY E 75 -0.24 16.49 35.75
C GLY E 75 -0.97 17.44 34.83
N ARG E 76 -2.17 17.85 35.23
CA ARG E 76 -2.95 18.72 34.38
C ARG E 76 -2.37 20.13 34.33
N ASP E 77 -1.72 20.55 35.40
CA ASP E 77 -1.08 21.86 35.40
C ASP E 77 0.10 21.89 34.44
N TRP E 78 0.98 20.90 34.54
CA TRP E 78 1.99 20.69 33.51
C TRP E 78 1.38 20.73 32.12
N ASN E 79 0.31 19.97 31.92
CA ASN E 79 -0.24 19.75 30.60
C ASN E 79 -0.91 20.99 30.02
N THR E 80 -1.40 21.89 30.85
CA THR E 80 -2.17 23.03 30.37
C THR E 80 -1.49 24.38 30.53
N LEU E 81 -0.62 24.55 31.52
CA LEU E 81 -0.18 25.87 31.93
C LEU E 81 1.29 26.19 31.74
N ILE E 82 2.08 25.30 31.13
CA ILE E 82 3.52 25.46 31.09
C ILE E 82 4.02 25.21 29.68
N VAL E 83 4.74 26.18 29.13
CA VAL E 83 5.47 26.03 27.88
C VAL E 83 6.95 25.99 28.21
N GLY E 84 7.66 25.11 27.54
CA GLY E 84 9.05 24.92 27.82
C GLY E 84 9.97 25.78 26.99
N LYS E 85 11.21 25.89 27.46
CA LYS E 85 12.23 26.72 26.86
C LYS E 85 13.59 26.04 26.89
N LEU E 86 14.35 26.24 25.83
CA LEU E 86 15.68 25.70 25.71
C LEU E 86 16.70 26.69 26.25
N SER E 87 17.72 26.16 26.91
CA SER E 87 18.69 27.00 27.58
C SER E 87 19.58 27.73 26.57
N PRO E 88 20.01 28.96 26.91
CA PRO E 88 20.69 29.79 25.92
C PRO E 88 22.07 29.32 25.56
N TRP E 89 22.79 28.68 26.48
CA TRP E 89 24.15 28.26 26.21
C TRP E 89 24.25 27.13 25.22
N ILE E 90 23.13 26.63 24.71
CA ILE E 90 23.11 25.50 23.82
C ILE E 90 23.18 25.98 22.38
N ARG E 91 24.23 25.58 21.67
CA ARG E 91 24.51 26.09 20.33
C ARG E 91 24.99 24.96 19.43
N PRO E 92 24.08 24.25 18.77
CA PRO E 92 24.49 23.09 17.97
C PRO E 92 25.20 23.43 16.67
N ASP E 93 25.16 24.67 16.21
CA ASP E 93 25.78 25.04 14.95
C ASP E 93 27.05 25.84 15.15
N SER E 94 27.64 25.71 16.33
CA SER E 94 28.96 26.24 16.60
C SER E 94 30.00 25.64 15.66
N LYS E 95 31.16 26.27 15.63
CA LYS E 95 32.30 25.79 14.86
C LYS E 95 33.30 25.03 15.71
N VAL E 96 33.08 24.92 17.01
CA VAL E 96 33.95 24.18 17.91
C VAL E 96 33.31 22.83 18.19
N GLU E 97 33.92 21.76 17.68
CA GLU E 97 33.34 20.43 17.70
C GLU E 97 32.86 20.04 19.09
N LYS E 98 33.68 20.28 20.10
CA LYS E 98 33.34 19.89 21.46
C LYS E 98 32.03 20.50 21.91
N ILE E 99 31.92 21.82 21.75
CA ILE E 99 30.73 22.55 22.13
C ILE E 99 29.53 22.00 21.38
N ARG E 100 29.70 21.71 20.10
CA ARG E 100 28.61 21.23 19.26
C ARG E 100 28.10 19.88 19.75
N ARG E 101 29.01 19.00 20.14
CA ARG E 101 28.61 17.68 20.61
C ARG E 101 27.89 17.75 21.94
N ASN E 102 28.45 18.53 22.87
CA ASN E 102 27.78 18.75 24.15
C ASN E 102 26.40 19.36 23.95
N SER E 103 26.29 20.28 23.01
CA SER E 103 25.01 20.92 22.74
C SER E 103 23.98 19.93 22.22
N GLU E 104 24.38 19.07 21.29
CA GLU E 104 23.50 18.00 20.82
C GLU E 104 22.96 17.19 21.99
N ALA E 105 23.86 16.73 22.85
CA ALA E 105 23.44 15.88 23.96
C ALA E 105 22.48 16.61 24.90
N ALA E 106 22.82 17.84 25.27
CA ALA E 106 21.99 18.61 26.18
C ALA E 106 20.62 18.89 25.57
N MET E 107 20.58 19.18 24.27
CA MET E 107 19.32 19.47 23.62
C MET E 107 18.40 18.27 23.69
N LEU E 108 18.91 17.09 23.34
CA LEU E 108 18.07 15.91 23.44
C LEU E 108 17.59 15.69 24.86
N GLN E 109 18.48 15.85 25.83
CA GLN E 109 18.11 15.69 27.22
C GLN E 109 16.93 16.57 27.60
N GLU E 110 17.01 17.85 27.29
CA GLU E 110 15.93 18.77 27.66
C GLU E 110 14.64 18.44 26.94
N LEU E 111 14.73 18.03 25.68
CA LEU E 111 13.52 17.70 24.93
C LEU E 111 12.84 16.47 25.50
N ASN E 112 13.63 15.52 25.97
CA ASN E 112 13.08 14.29 26.50
C ASN E 112 12.49 14.50 27.89
N PHE E 113 13.10 15.36 28.70
CA PHE E 113 12.46 15.72 29.96
C PHE E 113 11.13 16.42 29.72
N GLY E 114 11.07 17.29 28.72
CA GLY E 114 9.80 17.88 28.34
C GLY E 114 8.75 16.84 28.01
N ALA E 115 9.09 15.90 27.12
CA ALA E 115 8.20 14.79 26.81
C ALA E 115 7.73 14.06 28.05
N TYR E 116 8.67 13.73 28.94
CA TYR E 116 8.35 13.09 30.21
C TYR E 116 7.34 13.88 31.03
N LEU E 117 7.38 15.21 30.96
CA LEU E 117 6.43 16.02 31.70
C LEU E 117 5.09 16.22 30.99
N GLY E 118 4.97 15.85 29.73
CA GLY E 118 3.77 16.10 28.97
C GLY E 118 3.44 17.56 28.72
N LEU E 119 4.39 18.31 28.23
CA LEU E 119 4.18 19.72 27.98
C LEU E 119 3.47 19.92 26.65
N PRO E 120 2.65 20.97 26.53
CA PRO E 120 1.94 21.20 25.28
C PRO E 120 2.75 21.88 24.20
N ALA E 121 3.86 22.53 24.53
CA ALA E 121 4.68 23.16 23.52
C ALA E 121 6.02 23.54 24.13
N PHE E 122 6.98 23.81 23.25
CA PHE E 122 8.35 24.06 23.63
C PHE E 122 8.95 25.12 22.72
N LEU E 123 9.59 26.14 23.33
CA LEU E 123 10.14 27.27 22.58
C LEU E 123 11.60 27.04 22.20
N LEU E 124 11.90 27.31 20.93
CA LEU E 124 13.25 27.17 20.41
C LEU E 124 13.64 28.36 19.53
N PRO E 125 14.85 28.89 19.66
CA PRO E 125 15.24 30.10 18.94
C PRO E 125 15.87 29.90 17.57
N LEU E 126 15.54 30.84 16.67
CA LEU E 126 16.28 31.09 15.43
C LEU E 126 16.82 32.51 15.46
N ASN E 127 18.12 32.65 15.65
CA ASN E 127 18.76 33.95 15.69
C ASN E 127 19.94 34.05 14.72
N GLN E 128 20.03 33.15 13.76
CA GLN E 128 21.08 33.21 12.75
C GLN E 128 20.68 32.36 11.56
N GLU E 129 21.55 32.34 10.57
CA GLU E 129 21.23 31.80 9.26
C GLU E 129 21.38 30.28 9.20
N ASP E 130 22.41 29.72 9.82
CA ASP E 130 22.72 28.30 9.71
C ASP E 130 22.22 27.55 10.93
N ASN E 131 21.14 26.81 10.77
CA ASN E 131 20.58 25.95 11.81
C ASN E 131 20.27 24.57 11.25
N THR E 132 21.25 24.01 10.57
CA THR E 132 21.12 22.72 9.90
C THR E 132 21.16 21.56 10.89
N ASN E 133 22.12 21.60 11.82
CA ASN E 133 22.28 20.53 12.78
C ASN E 133 21.18 20.56 13.85
N LEU E 134 20.72 21.74 14.22
CA LEU E 134 19.57 21.87 15.09
C LEU E 134 18.35 21.17 14.50
N ALA E 135 18.08 21.45 13.23
CA ALA E 135 16.97 20.83 12.56
C ALA E 135 17.16 19.32 12.52
N ARG E 136 18.38 18.87 12.34
CA ARG E 136 18.64 17.43 12.33
C ARG E 136 18.30 16.80 13.67
N VAL E 137 18.77 17.40 14.75
CA VAL E 137 18.53 16.86 16.07
C VAL E 137 17.04 16.79 16.36
N LEU E 138 16.32 17.87 16.07
CA LEU E 138 14.90 17.88 16.33
C LEU E 138 14.16 16.87 15.47
N THR E 139 14.55 16.76 14.21
CA THR E 139 13.94 15.80 13.30
C THR E 139 14.14 14.37 13.79
N ASN E 140 15.32 14.06 14.32
CA ASN E 140 15.54 12.78 14.99
C ASN E 140 14.57 12.59 16.14
N HIS E 141 14.46 13.58 17.02
CA HIS E 141 13.55 13.49 18.14
C HIS E 141 12.13 13.17 17.70
N ILE E 142 11.65 13.85 16.66
CA ILE E 142 10.26 13.70 16.24
C ILE E 142 9.97 12.27 15.79
N HIS E 143 10.90 11.64 15.08
CA HIS E 143 10.70 10.30 14.57
C HIS E 143 11.23 9.26 15.56
N THR E 144 10.83 9.44 16.81
CA THR E 144 11.26 8.59 17.90
C THR E 144 10.11 8.39 18.86
N SER E 149 3.74 16.82 21.42
CA SER E 149 3.99 18.20 21.78
C SER E 149 4.33 19.00 20.54
N MET E 150 3.93 20.26 20.54
CA MET E 150 4.27 21.16 19.46
C MET E 150 5.57 21.90 19.78
N PHE E 151 6.16 22.47 18.74
CA PHE E 151 7.43 23.16 18.83
C PHE E 151 7.31 24.54 18.22
N TRP E 152 7.55 25.55 19.03
CA TRP E 152 7.37 26.95 18.66
C TRP E 152 8.74 27.57 18.39
N MET E 153 8.93 28.04 17.17
CA MET E 153 10.20 28.59 16.74
C MET E 153 10.20 30.11 16.88
N ARG E 154 11.15 30.62 17.65
CA ARG E 154 11.21 32.03 18.01
C ARG E 154 12.03 32.75 16.94
N VAL E 155 11.34 33.52 16.11
CA VAL E 155 11.98 34.18 14.97
C VAL E 155 11.51 35.62 14.87
N PRO E 156 12.42 36.59 14.78
CA PRO E 156 12.02 37.99 14.76
C PRO E 156 11.76 38.54 13.37
N LEU E 157 11.05 39.68 13.36
CA LEU E 157 10.81 40.40 12.13
C LEU E 157 12.06 41.07 11.60
N VAL E 158 12.87 41.61 12.49
CA VAL E 158 14.10 42.30 12.12
C VAL E 158 15.27 41.63 12.82
N ALA E 159 16.34 41.44 12.07
CA ALA E 159 17.52 40.83 12.62
C ALA E 159 18.19 41.76 13.62
N PRO E 160 18.85 41.19 14.63
CA PRO E 160 19.44 42.03 15.68
C PRO E 160 20.63 42.83 15.20
N GLU E 161 21.30 42.38 14.15
CA GLU E 161 22.39 43.18 13.58
C GLU E 161 21.85 44.42 12.87
N ASP E 162 20.68 44.31 12.25
CA ASP E 162 20.03 45.44 11.61
C ASP E 162 19.23 46.27 12.59
N LEU E 163 19.54 46.16 13.88
CA LEU E 163 18.73 46.72 14.94
C LEU E 163 19.53 47.57 15.91
N ARG E 164 20.85 47.50 15.84
CA ARG E 164 21.72 48.19 16.76
C ARG E 164 21.84 49.68 16.40
N ASP E 165 22.46 50.42 17.31
CA ASP E 165 22.61 51.87 17.20
C ASP E 165 23.92 52.24 16.52
N ASP E 166 23.93 53.42 15.91
CA ASP E 166 25.12 53.94 15.25
C ASP E 166 25.95 54.69 16.29
N ILE E 167 26.85 53.94 16.93
CA ILE E 167 27.69 54.49 17.98
C ILE E 167 29.07 53.86 17.92
N ILE E 168 29.35 53.14 16.85
CA ILE E 168 30.67 52.62 16.56
C ILE E 168 31.20 53.36 15.35
N GLU E 169 32.36 54.00 15.50
CA GLU E 169 32.86 54.88 14.46
C GLU E 169 33.43 54.10 13.28
N ASN E 170 34.20 53.06 13.56
CA ASN E 170 34.83 52.26 12.49
C ASN E 170 34.04 51.01 12.16
N ALA E 171 32.72 51.06 12.24
CA ALA E 171 31.85 49.97 11.81
C ALA E 171 30.44 50.52 11.62
N PRO E 172 30.18 51.26 10.56
CA PRO E 172 28.95 52.02 10.44
C PRO E 172 27.75 51.16 10.08
N THR E 173 26.58 51.78 10.17
CA THR E 173 25.30 51.15 9.92
C THR E 173 24.82 51.49 8.51
N THR E 174 24.03 50.58 7.93
CA THR E 174 23.48 50.77 6.59
C THR E 174 22.49 51.92 6.55
N GLY E 181 16.86 42.46 2.26
CA GLY E 181 17.41 42.69 3.57
C GLY E 181 16.33 42.74 4.64
N GLU E 182 15.13 43.06 4.21
CA GLU E 182 13.95 42.89 5.02
C GLU E 182 13.41 41.48 4.97
N GLU E 183 14.02 40.61 4.17
CA GLU E 183 13.47 39.30 3.86
C GLU E 183 14.33 38.15 4.34
N LYS E 184 15.39 38.41 5.10
CA LYS E 184 16.32 37.33 5.47
C LYS E 184 15.76 36.46 6.58
N THR E 185 15.03 37.06 7.51
CA THR E 185 14.49 36.33 8.64
C THR E 185 13.38 35.36 8.21
N TRP E 186 12.68 35.66 7.11
CA TRP E 186 11.71 34.72 6.59
C TRP E 186 12.42 33.55 5.90
N MET E 187 13.53 33.83 5.23
CA MET E 187 14.29 32.78 4.57
C MET E 187 14.87 31.81 5.57
N TRP E 188 15.30 32.31 6.74
CA TRP E 188 15.73 31.43 7.80
C TRP E 188 14.68 30.36 8.09
N TRP E 189 13.47 30.81 8.39
CA TRP E 189 12.38 29.91 8.75
C TRP E 189 12.05 28.98 7.61
N HIS E 190 12.07 29.50 6.39
CA HIS E 190 11.68 28.69 5.26
C HIS E 190 12.66 27.54 5.04
N ASN E 191 13.94 27.82 5.15
CA ASN E 191 14.94 26.78 4.97
C ASN E 191 14.87 25.76 6.09
N PHE E 192 14.70 26.21 7.32
CA PHE E 192 14.51 25.30 8.44
C PHE E 192 13.39 24.32 8.18
N ARG E 193 12.19 24.84 7.91
CA ARG E 193 11.03 24.00 7.72
C ARG E 193 11.19 23.08 6.53
N THR E 194 11.84 23.54 5.47
CA THR E 194 12.16 22.67 4.35
C THR E 194 13.02 21.49 4.79
N LEU E 195 14.07 21.75 5.55
CA LEU E 195 14.88 20.67 6.08
C LEU E 195 14.06 19.68 6.89
N CYS E 196 13.16 20.17 7.74
CA CYS E 196 12.33 19.30 8.56
C CYS E 196 11.15 18.70 7.80
N ASP E 197 10.92 19.11 6.55
CA ASP E 197 9.94 18.47 5.67
C ASP E 197 8.51 18.85 6.04
N TYR E 198 8.26 20.15 6.17
CA TYR E 198 6.93 20.71 6.34
C TYR E 198 6.12 19.95 7.38
N SER E 199 6.72 19.77 8.55
CA SER E 199 6.10 19.01 9.61
C SER E 199 4.98 19.79 10.29
N LYS E 200 4.00 19.03 10.79
CA LYS E 200 2.84 19.63 11.44
C LYS E 200 3.18 20.13 12.84
N ARG E 201 4.10 19.47 13.52
CA ARG E 201 4.43 19.78 14.89
C ARG E 201 5.38 20.96 15.03
N ILE E 202 5.57 21.75 13.98
CA ILE E 202 6.54 22.83 13.95
C ILE E 202 5.83 24.10 13.51
N ALA E 203 6.01 25.17 14.28
CA ALA E 203 5.22 26.38 14.10
C ALA E 203 6.05 27.60 14.46
N VAL E 204 5.50 28.76 14.13
CA VAL E 204 6.19 30.04 14.26
C VAL E 204 5.79 30.74 15.55
N ALA E 205 6.76 31.38 16.18
CA ALA E 205 6.52 32.34 17.27
C ALA E 205 7.22 33.65 16.91
N LEU E 206 6.44 34.60 16.41
CA LEU E 206 6.95 35.83 15.82
C LEU E 206 7.21 36.89 16.89
N GLU E 207 8.45 37.37 16.95
CA GLU E 207 8.81 38.46 17.85
C GLU E 207 8.67 39.79 17.14
N ILE E 208 8.17 40.77 17.88
CA ILE E 208 7.88 42.08 17.32
C ILE E 208 8.68 43.14 18.05
N GLY E 209 9.05 44.20 17.34
CA GLY E 209 9.82 45.27 17.92
C GLY E 209 9.29 46.64 17.58
N ALA E 210 10.13 47.65 17.76
CA ALA E 210 9.68 49.03 17.70
C ALA E 210 9.35 49.44 16.27
N ASP E 211 10.32 49.33 15.37
CA ASP E 211 10.10 49.69 13.98
C ASP E 211 9.61 48.48 13.21
N LEU E 212 8.74 48.73 12.25
CA LEU E 212 8.09 47.68 11.52
C LEU E 212 8.50 47.68 10.06
N PRO E 213 8.53 46.53 9.41
CA PRO E 213 8.90 46.48 8.00
C PRO E 213 7.82 47.06 7.10
N SER E 214 7.86 46.69 5.83
CA SER E 214 6.96 47.26 4.85
C SER E 214 5.54 46.73 5.01
N ASN E 215 5.03 46.05 3.99
CA ASN E 215 3.62 45.71 3.96
C ASN E 215 3.37 44.46 3.14
N HIS E 216 3.98 44.40 1.96
CA HIS E 216 4.03 43.13 1.24
C HIS E 216 4.69 42.06 2.11
N VAL E 217 5.62 42.47 2.96
CA VAL E 217 6.26 41.58 3.91
C VAL E 217 5.25 41.02 4.89
N ILE E 218 4.63 41.89 5.67
CA ILE E 218 3.61 41.45 6.62
C ILE E 218 2.62 40.51 5.95
N ASP E 219 2.29 40.79 4.68
CA ASP E 219 1.46 39.86 3.93
C ASP E 219 2.19 38.54 3.69
N ARG E 220 3.50 38.57 3.56
CA ARG E 220 4.26 37.35 3.35
C ARG E 220 4.08 36.39 4.53
N TRP E 221 4.13 36.92 5.74
CA TRP E 221 3.94 36.10 6.92
C TRP E 221 2.51 35.60 6.99
N LEU E 222 1.65 36.06 6.10
CA LEU E 222 0.41 35.35 5.84
C LEU E 222 0.73 34.01 5.22
N GLY E 223 -0.12 33.04 5.51
CA GLY E 223 0.10 31.71 5.05
C GLY E 223 0.95 30.87 5.97
N GLU E 224 1.77 31.49 6.80
CA GLU E 224 2.65 30.75 7.67
C GLU E 224 1.93 30.33 8.94
N PRO E 225 2.29 29.19 9.50
CA PRO E 225 1.63 28.70 10.71
C PRO E 225 2.10 29.41 11.97
N ILE E 226 1.51 30.56 12.18
CA ILE E 226 1.79 31.41 13.32
C ILE E 226 0.83 31.04 14.45
N LYS E 227 1.39 30.59 15.57
CA LYS E 227 0.62 30.24 16.75
C LYS E 227 0.72 31.24 17.88
N ALA E 228 1.75 32.07 17.89
CA ALA E 228 1.94 32.99 18.99
C ALA E 228 2.68 34.23 18.52
N ALA E 229 2.42 35.34 19.19
CA ALA E 229 3.10 36.60 18.97
C ALA E 229 3.64 37.11 20.30
N ILE E 230 4.84 37.67 20.24
CA ILE E 230 5.57 38.07 21.43
C ILE E 230 5.67 39.58 21.45
N LEU E 231 5.16 40.18 22.52
CA LEU E 231 5.12 41.62 22.68
C LEU E 231 5.98 42.05 23.86
N PRO E 232 7.01 42.87 23.64
CA PRO E 232 7.76 43.43 24.76
C PRO E 232 7.11 44.66 25.35
N THR E 233 7.44 44.90 26.62
CA THR E 233 6.93 46.06 27.33
C THR E 233 7.42 47.37 26.73
N SER E 234 8.47 47.32 25.93
CA SER E 234 9.15 48.52 25.47
C SER E 234 8.50 49.14 24.24
N ILE E 235 7.44 48.54 23.71
CA ILE E 235 6.73 49.14 22.60
C ILE E 235 5.46 49.83 23.04
N PHE E 236 5.04 49.63 24.28
CA PHE E 236 3.88 50.33 24.83
C PHE E 236 4.28 51.73 25.26
N LEU E 237 3.69 52.72 24.60
CA LEU E 237 3.82 54.09 25.06
C LEU E 237 3.02 54.28 26.34
N THR E 238 3.16 55.45 26.93
CA THR E 238 2.44 55.82 28.14
C THR E 238 1.48 56.95 27.84
N ASN E 239 0.25 56.80 28.31
CA ASN E 239 -0.79 57.79 28.11
C ASN E 239 -0.58 58.96 29.07
N LYS E 240 -1.39 60.00 28.89
CA LYS E 240 -1.31 61.15 29.78
C LYS E 240 -1.70 60.78 31.20
N LYS E 241 -2.71 59.92 31.35
CA LYS E 241 -3.05 59.38 32.65
C LYS E 241 -1.97 58.47 33.22
N GLY E 242 -1.11 57.93 32.37
CA GLY E 242 -0.09 57.00 32.80
C GLY E 242 -0.39 55.55 32.48
N PHE E 243 -1.32 55.30 31.62
CA PHE E 243 -1.62 53.94 31.20
C PHE E 243 -0.81 53.57 29.96
N PRO E 244 -0.68 52.28 29.68
CA PRO E 244 0.03 51.85 28.48
C PRO E 244 -0.88 51.82 27.26
N VAL E 245 -0.30 52.19 26.12
CA VAL E 245 -1.00 52.24 24.85
C VAL E 245 -0.03 51.86 23.74
N LEU E 246 -0.52 51.80 22.51
CA LEU E 246 0.29 51.49 21.36
C LEU E 246 0.06 52.50 20.24
N SER E 247 0.98 52.49 19.29
CA SER E 247 0.85 53.28 18.08
C SER E 247 -0.22 52.67 17.18
N LYS E 248 -0.55 53.40 16.12
CA LYS E 248 -1.63 52.96 15.25
C LYS E 248 -1.20 51.86 14.29
N MET E 249 0.03 51.89 13.80
CA MET E 249 0.48 50.80 12.93
C MET E 249 0.56 49.50 13.72
N HIS E 250 1.02 49.57 14.97
CA HIS E 250 0.99 48.39 15.84
C HIS E 250 -0.44 47.90 16.02
N GLN E 251 -1.38 48.83 16.16
CA GLN E 251 -2.78 48.45 16.33
C GLN E 251 -3.30 47.73 15.09
N ARG E 252 -2.94 48.22 13.91
CA ARG E 252 -3.32 47.56 12.67
C ARG E 252 -2.80 46.13 12.64
N LEU E 253 -1.52 45.96 12.96
CA LEU E 253 -0.94 44.62 12.94
C LEU E 253 -1.62 43.71 13.95
N ILE E 254 -1.93 44.22 15.13
CA ILE E 254 -2.65 43.44 16.13
C ILE E 254 -4.01 43.02 15.60
N PHE E 255 -4.71 43.93 14.94
CA PHE E 255 -5.99 43.59 14.36
C PHE E 255 -5.85 42.45 13.38
N ARG E 256 -4.83 42.48 12.55
CA ARG E 256 -4.64 41.43 11.56
C ARG E 256 -4.32 40.10 12.23
N LEU E 257 -3.51 40.12 13.28
CA LEU E 257 -3.18 38.89 13.99
C LEU E 257 -4.37 38.30 14.73
N LEU E 258 -5.27 39.14 15.24
CA LEU E 258 -6.38 38.64 16.02
C LEU E 258 -7.28 37.74 15.20
N LYS E 259 -7.30 37.92 13.89
CA LYS E 259 -8.11 37.07 13.03
C LYS E 259 -7.57 35.65 13.02
N LEU E 260 -6.28 35.50 12.74
CA LEU E 260 -5.65 34.18 12.78
C LEU E 260 -5.82 33.49 14.12
N GLU E 261 -6.17 34.23 15.16
CA GLU E 261 -6.47 33.66 16.47
C GLU E 261 -5.21 33.15 17.16
N VAL E 262 -4.22 34.01 17.29
CA VAL E 262 -2.97 33.66 17.94
C VAL E 262 -3.05 33.97 19.42
N GLN E 263 -2.13 33.37 20.17
CA GLN E 263 -1.92 33.71 21.56
C GLN E 263 -0.76 34.69 21.68
N PHE E 264 -0.94 35.68 22.55
CA PHE E 264 0.05 36.72 22.76
C PHE E 264 0.87 36.43 24.00
N ILE E 265 2.15 36.77 23.94
CA ILE E 265 3.06 36.63 25.07
C ILE E 265 3.70 37.97 25.37
N ILE E 266 3.72 38.32 26.65
CA ILE E 266 4.36 39.53 27.13
C ILE E 266 5.72 39.16 27.68
N THR E 267 6.75 39.88 27.25
CA THR E 267 8.10 39.66 27.75
C THR E 267 8.70 40.97 28.24
N GLY E 268 9.55 40.86 29.24
CA GLY E 268 10.36 41.95 29.74
C GLY E 268 9.85 42.50 31.04
N THR E 269 10.42 43.64 31.42
CA THR E 269 10.19 44.25 32.72
C THR E 269 9.08 45.28 32.67
N ASN E 270 8.37 45.42 33.79
CA ASN E 270 7.36 46.45 33.97
C ASN E 270 8.03 47.79 34.15
N HIS E 271 8.12 48.57 33.08
CA HIS E 271 8.71 49.89 33.16
C HIS E 271 7.79 50.90 33.80
N HIS E 272 6.48 50.65 33.76
CA HIS E 272 5.50 51.49 34.43
C HIS E 272 5.17 50.90 35.79
N SER E 273 6.17 50.94 36.66
CA SER E 273 6.08 50.28 37.97
C SER E 273 4.81 50.66 38.71
N GLU E 274 4.16 51.76 38.32
CA GLU E 274 2.88 52.12 38.91
C GLU E 274 1.76 51.19 38.49
N LYS E 275 1.85 50.58 37.32
CA LYS E 275 0.73 49.85 36.72
C LYS E 275 1.10 48.37 36.59
N GLU E 276 0.30 47.52 37.21
CA GLU E 276 0.51 46.08 37.11
C GLU E 276 0.24 45.60 35.69
N PHE E 277 0.70 44.37 35.42
CA PHE E 277 0.54 43.80 34.09
C PHE E 277 -0.92 43.67 33.69
N CYS E 278 -1.83 43.70 34.66
CA CYS E 278 -3.25 43.55 34.34
C CYS E 278 -3.72 44.64 33.40
N SER E 279 -3.06 45.80 33.41
CA SER E 279 -3.49 46.91 32.58
C SER E 279 -3.15 46.68 31.11
N TYR E 280 -1.97 46.11 30.84
CA TYR E 280 -1.65 45.70 29.48
C TYR E 280 -2.72 44.78 28.92
N LEU E 281 -3.09 43.76 29.70
CA LEU E 281 -4.08 42.80 29.25
C LEU E 281 -5.43 43.45 29.03
N GLN E 282 -5.79 44.42 29.87
CA GLN E 282 -7.07 45.09 29.67
C GLN E 282 -7.05 45.94 28.42
N TYR E 283 -5.93 46.59 28.13
CA TYR E 283 -5.79 47.27 26.85
C TYR E 283 -6.00 46.31 25.70
N LEU E 284 -5.41 45.12 25.79
CA LEU E 284 -5.57 44.15 24.73
C LEU E 284 -7.03 43.74 24.55
N GLU E 285 -7.72 43.47 25.65
CA GLU E 285 -9.13 43.12 25.56
C GLU E 285 -9.96 44.25 24.99
N TYR E 286 -9.70 45.48 25.43
CA TYR E 286 -10.37 46.63 24.85
C TYR E 286 -10.20 46.68 23.35
N LEU E 287 -8.96 46.54 22.87
CA LEU E 287 -8.72 46.48 21.44
C LEU E 287 -9.56 45.40 20.78
N SER E 288 -9.59 44.22 21.38
CA SER E 288 -10.33 43.12 20.77
C SER E 288 -11.81 43.44 20.66
N GLN E 289 -12.39 44.01 21.72
CA GLN E 289 -13.82 44.25 21.72
C GLN E 289 -14.23 45.21 20.63
N ASN E 290 -13.56 46.35 20.53
CA ASN E 290 -13.84 47.32 19.50
C ASN E 290 -13.15 46.90 18.20
N ARG E 291 -13.85 46.04 17.47
CA ARG E 291 -13.46 45.62 16.13
C ARG E 291 -14.71 45.54 15.25
N PRO E 292 -14.56 45.77 13.96
CA PRO E 292 -15.69 45.57 13.04
C PRO E 292 -16.25 44.17 13.18
N PRO E 293 -17.43 44.01 13.77
CA PRO E 293 -17.93 42.67 14.11
C PRO E 293 -18.06 41.80 12.88
N PRO E 294 -18.36 40.51 13.05
CA PRO E 294 -18.43 39.60 11.91
C PRO E 294 -19.75 39.73 11.17
N ASN E 295 -19.68 39.77 9.84
CA ASN E 295 -20.88 39.85 9.01
C ASN E 295 -21.71 38.59 9.16
N ALA E 296 -22.65 38.38 8.23
CA ALA E 296 -23.41 37.15 8.22
C ALA E 296 -22.61 36.00 7.61
N TYR E 297 -21.77 36.31 6.63
CA TYR E 297 -20.90 35.31 6.04
C TYR E 297 -19.85 34.84 7.03
N GLU E 298 -18.99 35.77 7.48
CA GLU E 298 -17.96 35.44 8.45
C GLU E 298 -18.52 34.65 9.61
N LEU E 299 -19.76 34.96 9.99
CA LEU E 299 -20.45 34.21 11.03
C LEU E 299 -20.75 32.79 10.57
N PHE E 300 -21.50 32.67 9.47
CA PHE E 300 -21.77 31.37 8.89
C PHE E 300 -20.47 30.61 8.62
N ALA E 301 -19.42 31.34 8.29
CA ALA E 301 -18.13 30.73 7.94
C ALA E 301 -17.31 30.37 9.17
N LYS E 302 -17.97 30.18 10.31
CA LYS E 302 -17.30 29.88 11.57
C LYS E 302 -17.24 28.36 11.75
N GLY E 303 -16.02 27.86 11.94
CA GLY E 303 -15.80 26.45 12.12
C GLY E 303 -15.35 25.72 10.88
N TYR E 304 -15.28 26.40 9.75
CA TYR E 304 -14.91 25.79 8.48
C TYR E 304 -13.57 26.28 7.96
N GLU E 305 -12.94 27.21 8.65
CA GLU E 305 -11.69 27.79 8.19
C GLU E 305 -10.68 26.70 7.87
N ASP E 306 -10.25 26.67 6.61
CA ASP E 306 -9.22 25.74 6.16
C ASP E 306 -9.64 24.29 6.41
N TYR E 307 -10.88 23.97 6.08
CA TYR E 307 -11.40 22.61 6.18
C TYR E 307 -11.72 22.12 4.78
N LEU E 308 -10.98 21.11 4.34
CA LEU E 308 -11.10 20.61 2.97
C LEU E 308 -12.35 19.75 2.81
N GLN E 309 -13.01 19.94 1.67
CA GLN E 309 -14.24 19.22 1.37
C GLN E 309 -14.19 18.69 -0.05
N SER E 310 -14.84 17.60 -0.26
CA SER E 310 -15.01 17.03 -1.58
C SER E 310 -16.18 17.69 -2.30
N PRO E 311 -16.01 18.08 -3.56
CA PRO E 311 -17.13 18.71 -4.29
C PRO E 311 -18.28 17.75 -4.51
N LEU E 312 -19.48 18.32 -4.54
CA LEU E 312 -20.69 17.55 -4.76
C LEU E 312 -20.90 17.24 -6.23
N GLN E 313 -21.52 16.08 -6.47
CA GLN E 313 -21.88 15.63 -7.81
C GLN E 313 -23.35 15.26 -7.82
N PRO E 314 -24.23 16.20 -8.14
CA PRO E 314 -25.67 15.93 -8.10
C PRO E 314 -26.25 15.30 -9.36
N LEU E 315 -25.41 14.78 -10.25
CA LEU E 315 -25.84 13.98 -11.39
C LEU E 315 -25.58 12.51 -11.17
N MET E 316 -24.39 12.18 -10.68
CA MET E 316 -24.01 10.80 -10.45
C MET E 316 -24.54 10.29 -9.13
N ASP E 317 -24.74 11.18 -8.18
CA ASP E 317 -25.20 10.84 -6.86
C ASP E 317 -26.55 11.50 -6.60
N ASN E 318 -27.17 11.08 -5.50
CA ASN E 318 -28.45 11.62 -5.07
C ASN E 318 -28.28 12.17 -3.67
N LEU E 319 -28.78 13.37 -3.48
CA LEU E 319 -28.50 14.15 -2.29
C LEU E 319 -29.52 13.91 -1.19
N GLU E 320 -29.07 14.12 0.03
CA GLU E 320 -29.82 14.03 1.27
C GLU E 320 -30.69 15.26 1.49
N SER E 321 -31.62 15.12 2.43
CA SER E 321 -32.54 16.21 2.76
C SER E 321 -31.80 17.36 3.44
N GLN E 322 -30.82 17.06 4.27
CA GLN E 322 -30.05 18.10 4.94
C GLN E 322 -29.34 19.01 3.96
N THR E 323 -28.70 18.43 2.94
CA THR E 323 -28.08 19.21 1.88
C THR E 323 -29.05 20.20 1.27
N TYR E 324 -30.23 19.71 0.86
CA TYR E 324 -31.22 20.61 0.29
C TYR E 324 -31.61 21.69 1.28
N GLU E 325 -31.67 21.35 2.56
CA GLU E 325 -32.03 22.33 3.57
C GLU E 325 -31.01 23.45 3.64
N VAL E 326 -29.73 23.08 3.64
CA VAL E 326 -28.67 24.08 3.69
C VAL E 326 -28.69 24.94 2.44
N PHE E 327 -28.95 24.33 1.30
CA PHE E 327 -29.02 25.07 0.04
C PHE E 327 -30.08 26.16 0.10
N GLU E 328 -31.21 25.88 0.71
CA GLU E 328 -32.40 26.72 0.62
C GLU E 328 -32.36 27.91 1.56
N LYS E 329 -31.30 28.04 2.34
CA LYS E 329 -31.22 29.01 3.41
C LYS E 329 -30.63 30.36 3.00
N ASP E 330 -30.05 30.49 1.80
CA ASP E 330 -29.50 31.76 1.34
C ASP E 330 -30.54 32.51 0.53
N PRO E 331 -31.10 33.61 1.03
CA PRO E 331 -32.20 34.27 0.32
C PRO E 331 -31.78 35.26 -0.76
N ILE E 332 -30.52 35.71 -0.72
CA ILE E 332 -30.01 36.62 -1.74
C ILE E 332 -30.20 36.03 -3.13
N LYS E 333 -29.73 34.79 -3.31
CA LYS E 333 -29.78 34.14 -4.61
C LYS E 333 -31.21 34.02 -5.13
N TYR E 334 -32.15 33.69 -4.25
CA TYR E 334 -33.52 33.49 -4.70
C TYR E 334 -34.23 34.81 -4.96
N SER E 335 -33.91 35.84 -4.21
CA SER E 335 -34.39 37.17 -4.53
C SER E 335 -33.90 37.60 -5.92
N GLN E 336 -32.64 37.33 -6.22
CA GLN E 336 -32.09 37.68 -7.52
C GLN E 336 -32.77 36.91 -8.64
N TYR E 337 -32.94 35.60 -8.47
CA TYR E 337 -33.67 34.82 -9.45
C TYR E 337 -35.07 35.37 -9.67
N GLN E 338 -35.78 35.69 -8.58
CA GLN E 338 -37.11 36.25 -8.68
C GLN E 338 -37.11 37.53 -9.50
N GLN E 339 -36.19 38.44 -9.21
CA GLN E 339 -36.13 39.70 -9.93
C GLN E 339 -35.87 39.48 -11.40
N ALA E 340 -34.96 38.58 -11.73
CA ALA E 340 -34.66 38.30 -13.12
C ALA E 340 -35.87 37.75 -13.86
N ILE E 341 -36.60 36.84 -13.23
CA ILE E 341 -37.80 36.30 -13.87
C ILE E 341 -38.83 37.40 -14.10
N TYR E 342 -39.08 38.19 -13.06
CA TYR E 342 -39.97 39.34 -13.15
C TYR E 342 -39.65 40.19 -14.37
N LYS E 343 -38.38 40.58 -14.47
CA LYS E 343 -37.95 41.45 -15.56
C LYS E 343 -38.16 40.78 -16.92
N CYS E 344 -37.73 39.53 -17.05
CA CYS E 344 -37.90 38.81 -18.32
C CYS E 344 -39.35 38.81 -18.75
N LEU E 345 -40.26 38.56 -17.82
CA LEU E 345 -41.66 38.44 -18.20
C LEU E 345 -42.25 39.78 -18.55
N LEU E 346 -41.87 40.83 -17.83
CA LEU E 346 -42.33 42.16 -18.21
C LEU E 346 -41.87 42.51 -19.60
N ASP E 347 -40.68 42.07 -19.97
CA ASP E 347 -40.14 42.41 -21.29
C ASP E 347 -40.65 41.50 -22.40
N ARG E 348 -41.21 40.35 -22.05
CA ARG E 348 -41.66 39.41 -23.09
C ARG E 348 -43.12 39.55 -23.45
N VAL E 349 -43.95 40.03 -22.54
CA VAL E 349 -45.40 40.04 -22.71
C VAL E 349 -45.89 41.47 -22.54
N PRO E 350 -46.42 42.10 -23.59
CA PRO E 350 -46.87 43.49 -23.46
C PRO E 350 -47.99 43.66 -22.46
N GLU E 351 -48.25 44.91 -22.08
CA GLU E 351 -49.24 45.25 -21.06
C GLU E 351 -50.66 45.16 -21.58
N GLU E 352 -50.87 44.77 -22.83
CA GLU E 352 -52.19 44.76 -23.44
C GLU E 352 -52.73 43.36 -23.68
N GLU E 353 -51.87 42.34 -23.69
CA GLU E 353 -52.30 40.96 -23.81
C GLU E 353 -52.12 40.20 -22.50
N LYS E 354 -52.21 40.94 -21.39
CA LYS E 354 -52.01 40.35 -20.06
C LYS E 354 -52.84 39.10 -19.85
N ASP E 355 -54.01 39.02 -20.49
CA ASP E 355 -55.01 38.01 -20.19
C ASP E 355 -55.24 37.07 -21.36
N THR E 356 -54.20 36.77 -22.13
CA THR E 356 -54.34 35.91 -23.29
C THR E 356 -53.06 35.11 -23.50
N ASN E 357 -51.92 35.77 -23.35
CA ASN E 357 -50.63 35.14 -23.60
C ASN E 357 -50.15 34.48 -22.32
N VAL E 358 -50.16 33.16 -22.29
CA VAL E 358 -49.66 32.37 -21.19
C VAL E 358 -48.26 31.88 -21.53
N GLN E 359 -47.31 32.15 -20.65
CA GLN E 359 -45.94 31.76 -20.90
C GLN E 359 -45.64 30.44 -20.21
N VAL E 360 -44.93 29.58 -20.92
CA VAL E 360 -44.55 28.25 -20.44
C VAL E 360 -43.15 28.35 -19.87
N LEU E 361 -43.04 28.09 -18.57
CA LEU E 361 -41.76 28.03 -17.89
C LEU E 361 -41.41 26.59 -17.53
N MET E 362 -40.13 26.37 -17.31
CA MET E 362 -39.61 25.07 -16.94
C MET E 362 -38.49 25.27 -15.91
N VAL E 363 -38.63 24.60 -14.77
CA VAL E 363 -37.55 24.49 -13.81
C VAL E 363 -36.91 23.13 -14.01
N LEU E 364 -35.66 23.14 -14.41
CA LEU E 364 -34.91 21.92 -14.66
C LEU E 364 -33.88 21.74 -13.55
N GLY E 365 -34.11 20.75 -12.70
CA GLY E 365 -33.34 20.57 -11.49
C GLY E 365 -34.04 21.23 -10.33
N ALA E 366 -35.29 20.84 -10.14
CA ALA E 366 -36.20 21.54 -9.25
C ALA E 366 -35.98 21.20 -7.79
N GLY E 367 -35.28 20.13 -7.49
CA GLY E 367 -34.99 19.80 -6.10
C GLY E 367 -36.24 19.67 -5.26
N ARG E 368 -36.34 20.49 -4.22
CA ARG E 368 -37.51 20.53 -3.36
C ARG E 368 -38.40 21.74 -3.62
N GLY E 369 -38.05 22.59 -4.58
CA GLY E 369 -38.96 23.57 -5.12
C GLY E 369 -38.95 24.96 -4.50
N PRO E 370 -37.78 25.56 -4.31
CA PRO E 370 -37.75 26.98 -3.99
C PRO E 370 -37.75 27.86 -5.22
N LEU E 371 -37.16 27.39 -6.31
CA LEU E 371 -37.23 28.11 -7.58
C LEU E 371 -38.66 28.20 -8.08
N VAL E 372 -39.41 27.10 -7.97
CA VAL E 372 -40.81 27.07 -8.38
C VAL E 372 -41.60 28.16 -7.64
N ASN E 373 -41.40 28.26 -6.33
CA ASN E 373 -42.10 29.26 -5.55
C ASN E 373 -41.65 30.67 -5.92
N ALA E 374 -40.34 30.84 -6.11
CA ALA E 374 -39.84 32.13 -6.54
C ALA E 374 -40.47 32.56 -7.84
N SER E 375 -40.67 31.60 -8.74
CA SER E 375 -41.28 31.87 -10.03
C SER E 375 -42.73 32.30 -9.89
N LEU E 376 -43.48 31.61 -9.04
CA LEU E 376 -44.86 32.00 -8.80
C LEU E 376 -44.93 33.40 -8.20
N ARG E 377 -44.12 33.66 -7.18
CA ARG E 377 -44.03 35.00 -6.60
C ARG E 377 -43.76 36.04 -7.66
N ALA E 378 -42.81 35.76 -8.55
CA ALA E 378 -42.42 36.72 -9.56
C ALA E 378 -43.55 36.98 -10.55
N ALA E 379 -44.24 35.93 -10.99
CA ALA E 379 -45.33 36.13 -11.92
C ALA E 379 -46.43 36.97 -11.29
N LYS E 380 -46.70 36.74 -10.01
CA LYS E 380 -47.64 37.60 -9.32
C LYS E 380 -47.16 39.05 -9.34
N GLN E 381 -45.97 39.29 -8.77
CA GLN E 381 -45.33 40.59 -8.81
C GLN E 381 -45.54 41.29 -10.15
N ALA E 382 -45.25 40.60 -11.24
CA ALA E 382 -45.42 41.16 -12.57
C ALA E 382 -46.87 41.19 -13.02
N ASP E 383 -47.73 40.40 -12.39
CA ASP E 383 -49.13 40.32 -12.78
C ASP E 383 -49.26 39.84 -14.22
N ARG E 384 -48.66 38.68 -14.48
CA ARG E 384 -48.85 37.97 -15.74
C ARG E 384 -49.28 36.54 -15.47
N ARG E 385 -49.25 35.69 -16.48
CA ARG E 385 -49.75 34.32 -16.39
C ARG E 385 -48.70 33.37 -16.92
N ILE E 386 -48.46 32.27 -16.19
CA ILE E 386 -47.43 31.31 -16.54
C ILE E 386 -47.99 29.90 -16.43
N LYS E 387 -47.13 28.93 -16.71
CA LYS E 387 -47.50 27.52 -16.72
C LYS E 387 -46.22 26.73 -16.49
N LEU E 388 -46.15 26.03 -15.37
CA LEU E 388 -44.88 25.50 -14.86
C LEU E 388 -44.76 24.00 -15.07
N TYR E 389 -43.59 23.59 -15.54
CA TYR E 389 -43.16 22.20 -15.54
C TYR E 389 -41.95 22.07 -14.65
N ALA E 390 -41.89 21.01 -13.85
CA ALA E 390 -40.77 20.74 -12.96
C ALA E 390 -40.21 19.37 -13.28
N VAL E 391 -38.89 19.30 -13.45
CA VAL E 391 -38.19 18.08 -13.81
C VAL E 391 -37.13 17.80 -12.75
N GLU E 392 -37.17 16.60 -12.18
CA GLU E 392 -36.22 16.18 -11.17
C GLU E 392 -36.01 14.68 -11.30
N LYS E 393 -34.75 14.26 -11.33
CA LYS E 393 -34.41 12.86 -11.53
C LYS E 393 -34.19 12.10 -10.24
N ASN E 394 -34.25 12.77 -9.11
CA ASN E 394 -34.17 12.10 -7.83
C ASN E 394 -35.56 11.80 -7.31
N PRO E 395 -35.89 10.54 -7.05
CA PRO E 395 -37.28 10.21 -6.66
C PRO E 395 -37.64 10.65 -5.26
N ASN E 396 -36.67 10.67 -4.36
CA ASN E 396 -36.94 11.02 -2.97
C ASN E 396 -37.37 12.48 -2.84
N ALA E 397 -36.80 13.34 -3.67
CA ALA E 397 -37.20 14.74 -3.73
C ALA E 397 -38.52 14.91 -4.48
N VAL E 398 -38.75 14.07 -5.49
CA VAL E 398 -40.04 14.03 -6.17
C VAL E 398 -41.17 13.74 -5.20
N VAL E 399 -40.91 12.94 -4.17
CA VAL E 399 -41.93 12.69 -3.14
C VAL E 399 -42.37 14.01 -2.51
N THR E 400 -41.40 14.78 -2.04
CA THR E 400 -41.67 16.09 -1.45
C THR E 400 -42.41 17.00 -2.43
N LEU E 401 -42.00 16.99 -3.68
CA LEU E 401 -42.62 17.83 -4.69
C LEU E 401 -44.08 17.46 -4.90
N GLU E 402 -44.37 16.18 -5.02
CA GLU E 402 -45.74 15.75 -5.26
C GLU E 402 -46.63 16.04 -4.07
N ASN E 403 -46.10 15.93 -2.86
CA ASN E 403 -46.88 16.34 -1.70
C ASN E 403 -47.21 17.82 -1.75
N TRP E 404 -46.19 18.67 -1.89
CA TRP E 404 -46.43 20.10 -1.94
C TRP E 404 -47.33 20.50 -3.09
N GLN E 405 -47.29 19.79 -4.20
CA GLN E 405 -48.20 20.00 -5.30
C GLN E 405 -49.64 19.68 -4.95
N PHE E 406 -49.89 18.48 -4.45
CA PHE E 406 -51.25 18.11 -4.07
C PHE E 406 -51.83 19.07 -3.04
N GLU E 407 -51.01 19.55 -2.12
CA GLU E 407 -51.51 20.38 -1.04
C GLU E 407 -51.66 21.85 -1.38
N GLU E 408 -50.93 22.36 -2.38
CA GLU E 408 -50.84 23.81 -2.56
C GLU E 408 -50.84 24.25 -4.02
N TRP E 409 -49.79 23.93 -4.74
CA TRP E 409 -49.56 24.47 -6.07
C TRP E 409 -50.77 24.25 -6.97
N GLY E 410 -51.17 23.01 -7.13
CA GLY E 410 -52.36 22.70 -7.89
C GLY E 410 -52.09 22.33 -9.32
N SER E 411 -52.93 22.82 -10.22
CA SER E 411 -52.88 22.49 -11.63
C SER E 411 -51.87 23.33 -12.39
N GLN E 412 -51.58 24.54 -11.93
CA GLN E 412 -50.49 25.33 -12.50
C GLN E 412 -49.28 24.47 -12.75
N VAL E 413 -48.93 23.63 -11.79
CA VAL E 413 -47.66 22.94 -11.75
C VAL E 413 -47.84 21.48 -12.15
N THR E 414 -47.02 21.04 -13.09
CA THR E 414 -46.90 19.64 -13.47
C THR E 414 -45.52 19.13 -13.10
N VAL E 415 -45.47 18.06 -12.34
CA VAL E 415 -44.22 17.44 -11.90
C VAL E 415 -43.84 16.34 -12.87
N VAL E 416 -42.54 16.24 -13.13
CA VAL E 416 -41.97 15.25 -14.03
C VAL E 416 -40.77 14.60 -13.34
N SER E 417 -40.76 13.28 -13.30
CA SER E 417 -39.63 12.52 -12.77
C SER E 417 -38.85 11.95 -13.93
N SER E 418 -37.76 12.62 -14.30
CA SER E 418 -36.97 12.22 -15.46
C SER E 418 -35.68 13.02 -15.48
N ASP E 419 -34.80 12.63 -16.38
CA ASP E 419 -33.61 13.39 -16.71
C ASP E 419 -33.89 14.31 -17.87
N MET E 420 -33.41 15.55 -17.76
CA MET E 420 -33.45 16.53 -18.85
C MET E 420 -33.18 15.91 -20.20
N ARG E 421 -32.17 15.05 -20.24
CA ARG E 421 -31.59 14.57 -21.48
C ARG E 421 -32.36 13.39 -22.06
N GLU E 422 -33.44 12.95 -21.41
CA GLU E 422 -34.22 11.82 -21.88
C GLU E 422 -35.70 12.11 -21.96
N TRP E 423 -36.14 13.26 -21.48
CA TRP E 423 -37.55 13.59 -21.41
C TRP E 423 -38.09 14.06 -22.74
N VAL E 424 -39.25 13.52 -23.11
CA VAL E 424 -39.97 13.93 -24.31
C VAL E 424 -41.01 14.94 -23.88
N ALA E 425 -40.78 16.18 -24.21
CA ALA E 425 -41.65 17.23 -23.74
C ALA E 425 -42.94 17.25 -24.53
N PRO E 426 -44.04 17.64 -23.90
CA PRO E 426 -45.30 17.79 -24.64
C PRO E 426 -45.28 18.96 -25.58
N GLU E 427 -44.82 20.11 -25.09
CA GLU E 427 -44.85 21.35 -25.85
C GLU E 427 -43.54 22.08 -25.67
N LYS E 428 -43.48 23.31 -26.15
CA LYS E 428 -42.28 24.14 -26.12
C LYS E 428 -42.37 25.15 -24.99
N ALA E 429 -41.20 25.57 -24.53
CA ALA E 429 -41.09 26.52 -23.44
C ALA E 429 -40.61 27.88 -23.93
N ASP E 430 -40.98 28.90 -23.18
CA ASP E 430 -40.50 30.25 -23.39
C ASP E 430 -39.24 30.56 -22.59
N ILE E 431 -39.17 30.02 -21.37
CA ILE E 431 -38.10 30.31 -20.43
C ILE E 431 -37.69 29.01 -19.75
N ILE E 432 -36.41 28.89 -19.45
CA ILE E 432 -35.88 27.76 -18.70
C ILE E 432 -34.95 28.31 -17.64
N VAL E 433 -34.85 27.58 -16.53
CA VAL E 433 -34.26 28.08 -15.29
C VAL E 433 -33.54 26.93 -14.62
N SER E 434 -32.32 27.19 -14.16
CA SER E 434 -31.49 26.14 -13.60
C SER E 434 -30.59 26.70 -12.51
N GLU E 435 -30.22 25.81 -11.59
CA GLU E 435 -29.32 26.12 -10.49
C GLU E 435 -28.09 25.22 -10.50
N LEU E 436 -27.76 24.66 -11.65
CA LEU E 436 -26.66 23.73 -11.77
C LEU E 436 -25.29 24.42 -11.75
N LEU E 437 -25.01 25.22 -10.74
CA LEU E 437 -23.74 25.92 -10.64
C LEU E 437 -23.01 25.53 -9.37
N GLY E 438 -21.76 25.11 -9.54
CA GLY E 438 -20.85 24.90 -8.44
C GLY E 438 -19.86 26.03 -8.28
N SER E 439 -18.84 25.76 -7.47
CA SER E 439 -17.87 26.78 -7.11
C SER E 439 -17.04 27.25 -8.29
N PHE E 440 -16.74 26.37 -9.25
CA PHE E 440 -15.99 26.71 -10.45
C PHE E 440 -16.90 26.81 -11.67
N ALA E 441 -18.16 27.20 -11.45
CA ALA E 441 -19.16 27.36 -12.50
C ALA E 441 -19.54 26.05 -13.16
N ASP E 442 -18.66 25.51 -13.99
CA ASP E 442 -19.01 24.44 -14.91
C ASP E 442 -18.74 23.05 -14.36
N ASN E 443 -18.25 22.92 -13.15
CA ASN E 443 -17.76 21.65 -12.62
C ASN E 443 -18.87 20.71 -12.15
N GLU E 444 -20.14 21.08 -12.28
CA GLU E 444 -21.24 20.18 -12.00
C GLU E 444 -21.98 19.76 -13.26
N LEU E 445 -21.59 20.29 -14.42
CA LEU E 445 -22.00 19.80 -15.74
C LEU E 445 -23.26 20.48 -16.26
N SER E 446 -23.37 21.78 -16.00
CA SER E 446 -24.46 22.55 -16.58
C SER E 446 -24.42 22.61 -18.10
N PRO E 447 -23.28 22.79 -18.75
CA PRO E 447 -23.31 22.86 -20.22
C PRO E 447 -23.86 21.61 -20.86
N GLU E 448 -23.35 20.45 -20.45
CA GLU E 448 -23.84 19.18 -20.97
C GLU E 448 -25.35 19.07 -20.87
N CYS E 449 -25.89 19.34 -19.69
CA CYS E 449 -27.30 19.16 -19.44
C CYS E 449 -28.15 20.15 -20.24
N LEU E 450 -27.80 21.42 -20.17
CA LEU E 450 -28.59 22.42 -20.87
C LEU E 450 -28.49 22.26 -22.37
N ASP E 451 -27.39 21.72 -22.86
CA ASP E 451 -27.29 21.41 -24.28
C ASP E 451 -28.17 20.22 -24.63
N GLY E 452 -28.26 19.24 -23.75
CA GLY E 452 -29.21 18.18 -23.94
C GLY E 452 -30.65 18.59 -23.77
N ALA E 453 -30.88 19.81 -23.32
CA ALA E 453 -32.24 20.30 -23.12
C ALA E 453 -32.70 21.37 -24.09
N GLN E 454 -31.81 21.91 -24.92
CA GLN E 454 -32.14 23.14 -25.64
C GLN E 454 -33.10 22.91 -26.80
N HIS E 455 -33.45 21.67 -27.10
CA HIS E 455 -34.28 21.43 -28.26
C HIS E 455 -35.76 21.66 -28.01
N PHE E 456 -36.23 21.46 -26.79
CA PHE E 456 -37.59 21.85 -26.45
C PHE E 456 -37.66 23.26 -25.88
N LEU E 457 -36.65 24.06 -26.16
CA LEU E 457 -36.73 25.51 -26.07
C LEU E 457 -36.95 26.05 -27.47
N LYS E 458 -37.80 27.06 -27.59
CA LYS E 458 -38.13 27.60 -28.89
C LYS E 458 -37.12 28.66 -29.32
N ASP E 459 -37.42 29.28 -30.47
CA ASP E 459 -36.46 30.17 -31.11
C ASP E 459 -36.25 31.44 -30.30
N ASP E 460 -37.34 32.06 -29.86
CA ASP E 460 -37.26 33.30 -29.08
C ASP E 460 -37.15 32.98 -27.59
N GLY E 461 -36.58 31.82 -27.31
CA GLY E 461 -36.43 31.34 -25.96
C GLY E 461 -35.30 32.01 -25.21
N VAL E 462 -35.44 31.99 -23.89
CA VAL E 462 -34.49 32.59 -22.97
C VAL E 462 -34.05 31.55 -21.96
N SER E 463 -32.76 31.54 -21.66
CA SER E 463 -32.21 30.75 -20.58
C SER E 463 -31.79 31.64 -19.42
N ILE E 464 -32.00 31.12 -18.22
CA ILE E 464 -31.57 31.76 -16.99
C ILE E 464 -30.88 30.72 -16.12
N PRO E 465 -29.57 30.80 -15.94
CA PRO E 465 -28.62 31.78 -16.46
C PRO E 465 -28.40 31.73 -17.95
N GLY E 466 -27.89 32.83 -18.49
CA GLY E 466 -27.49 32.91 -19.87
C GLY E 466 -25.99 32.89 -20.05
N GLU E 467 -25.25 33.25 -19.01
CA GLU E 467 -23.80 33.39 -19.09
C GLU E 467 -23.18 33.05 -17.76
N TYR E 468 -21.99 32.44 -17.80
CA TYR E 468 -21.19 32.29 -16.59
C TYR E 468 -19.72 32.17 -16.96
N THR E 469 -18.88 32.57 -16.03
CA THR E 469 -17.45 32.71 -16.22
C THR E 469 -16.72 32.31 -14.95
N SER E 470 -15.59 31.65 -15.11
CA SER E 470 -14.74 31.23 -14.01
C SER E 470 -13.45 32.03 -13.96
N PHE E 471 -12.78 31.95 -12.81
CA PHE E 471 -11.59 32.75 -12.54
C PHE E 471 -10.58 31.93 -11.75
N LEU E 472 -9.31 32.30 -11.90
CA LEU E 472 -8.22 31.60 -11.25
C LEU E 472 -7.19 32.61 -10.75
N ALA E 473 -6.57 32.28 -9.61
CA ALA E 473 -5.54 33.13 -9.03
C ALA E 473 -4.57 32.26 -8.25
N PRO E 474 -3.31 32.66 -8.14
CA PRO E 474 -2.34 31.90 -7.36
C PRO E 474 -2.26 32.27 -5.89
N ILE E 475 -1.77 31.32 -5.12
CA ILE E 475 -1.70 31.44 -3.67
C ILE E 475 -0.46 30.73 -3.14
N SER E 476 -0.14 31.02 -1.89
CA SER E 476 0.83 30.30 -1.10
C SER E 476 0.21 29.97 0.25
N SER E 477 0.44 28.74 0.72
CA SER E 477 0.00 28.36 2.05
C SER E 477 0.52 27.00 2.51
N SER E 478 1.41 27.01 3.50
CA SER E 478 1.91 25.79 4.09
C SER E 478 0.79 24.98 4.74
N LYS E 479 -0.13 25.65 5.43
CA LYS E 479 -1.19 24.95 6.13
C LYS E 479 -2.00 24.09 5.16
N LEU E 480 -2.40 24.66 4.03
CA LEU E 480 -3.19 23.90 3.07
C LEU E 480 -2.38 22.79 2.43
N TYR E 481 -1.11 23.05 2.12
CA TYR E 481 -0.27 22.02 1.54
C TYR E 481 -0.14 20.83 2.48
N ASN E 482 -0.07 21.10 3.77
CA ASN E 482 0.05 20.03 4.74
C ASN E 482 -1.26 19.33 4.99
N GLU E 483 -2.37 20.04 4.83
CA GLU E 483 -3.67 19.38 4.90
C GLU E 483 -3.89 18.47 3.71
N VAL E 484 -3.36 18.84 2.56
CA VAL E 484 -3.39 17.95 1.40
C VAL E 484 -2.51 16.73 1.65
N ARG E 485 -1.26 16.95 2.04
CA ARG E 485 -0.36 15.88 2.46
C ARG E 485 -1.09 14.82 3.27
N ALA E 486 -2.00 15.27 4.13
CA ALA E 486 -2.69 14.39 5.06
C ALA E 486 -3.84 13.62 4.43
N CYS E 487 -4.33 14.04 3.28
CA CYS E 487 -5.45 13.37 2.64
C CYS E 487 -5.03 12.09 1.94
N ARG E 488 -3.89 11.53 2.30
CA ARG E 488 -3.48 10.26 1.74
C ARG E 488 -4.30 9.13 2.31
N GLU E 489 -4.51 8.09 1.51
CA GLU E 489 -5.31 6.96 1.91
C GLU E 489 -4.81 5.73 1.18
N LYS E 490 -5.03 4.58 1.80
CA LYS E 490 -4.54 3.32 1.31
C LYS E 490 -5.31 2.87 0.07
N ASP E 491 -4.63 2.04 -0.73
CA ASP E 491 -5.21 1.40 -1.90
C ASP E 491 -5.37 2.38 -3.05
N ARG E 492 -4.36 3.22 -3.26
CA ARG E 492 -4.33 4.10 -4.40
C ARG E 492 -2.96 4.74 -4.50
N ASP E 493 -2.78 5.51 -5.58
CA ASP E 493 -1.54 6.22 -5.83
C ASP E 493 -1.23 7.16 -4.67
N PRO E 494 0.01 7.19 -4.17
CA PRO E 494 0.34 8.05 -3.03
C PRO E 494 0.50 9.52 -3.38
N GLU E 495 0.16 9.92 -4.60
CA GLU E 495 0.22 11.30 -5.03
C GLU E 495 -1.09 11.75 -5.64
N ALA E 496 -2.14 10.94 -5.52
CA ALA E 496 -3.43 11.26 -6.12
C ALA E 496 -4.11 12.43 -5.43
N GLN E 497 -3.89 12.61 -4.13
CA GLN E 497 -4.50 13.72 -3.41
C GLN E 497 -4.02 15.07 -3.89
N PHE E 498 -2.95 15.13 -4.67
CA PHE E 498 -2.49 16.37 -5.26
C PHE E 498 -3.08 16.61 -6.63
N GLU E 499 -3.85 15.65 -7.15
CA GLU E 499 -4.35 15.66 -8.51
C GLU E 499 -5.87 15.85 -8.56
N MET E 500 -6.43 16.44 -7.52
CA MET E 500 -7.85 16.58 -7.40
C MET E 500 -8.19 17.82 -6.62
N PRO E 501 -9.28 18.49 -6.96
CA PRO E 501 -9.63 19.75 -6.30
C PRO E 501 -10.43 19.58 -5.03
N TYR E 502 -10.62 20.70 -4.34
CA TYR E 502 -11.24 20.74 -3.03
C TYR E 502 -11.99 22.04 -2.91
N VAL E 503 -13.09 21.98 -2.16
CA VAL E 503 -13.86 23.15 -1.79
C VAL E 503 -13.52 23.48 -0.35
N VAL E 504 -13.21 24.74 -0.10
CA VAL E 504 -12.57 25.11 1.15
C VAL E 504 -12.70 26.61 1.35
N ARG E 505 -13.04 26.99 2.58
CA ARG E 505 -13.08 28.37 3.00
C ARG E 505 -11.66 28.81 3.35
N LEU E 506 -11.05 29.56 2.45
CA LEU E 506 -9.66 29.96 2.60
C LEU E 506 -9.50 31.04 3.65
N HIS E 507 -8.49 30.90 4.49
CA HIS E 507 -8.31 31.80 5.62
C HIS E 507 -6.85 32.21 5.77
N ASN E 508 -6.00 31.30 6.23
CA ASN E 508 -4.59 31.58 6.42
C ASN E 508 -3.83 31.25 5.15
N PHE E 509 -3.65 32.26 4.31
CA PHE E 509 -3.06 32.09 2.99
C PHE E 509 -2.64 33.44 2.47
N HIS E 510 -1.82 33.41 1.43
CA HIS E 510 -1.41 34.63 0.74
C HIS E 510 -1.68 34.51 -0.74
N GLN E 511 -2.35 35.52 -1.28
CA GLN E 511 -2.62 35.62 -2.70
C GLN E 511 -1.54 36.43 -3.39
N LEU E 512 -1.05 35.89 -4.51
CA LEU E 512 0.13 36.40 -5.17
C LEU E 512 -0.18 37.32 -6.35
N SER E 513 -1.39 37.30 -6.86
CA SER E 513 -1.74 38.15 -8.00
C SER E 513 -3.22 38.04 -8.27
N ALA E 514 -3.76 39.10 -8.88
CA ALA E 514 -5.17 39.21 -9.11
C ALA E 514 -5.69 38.01 -9.90
N PRO E 515 -7.00 37.80 -9.89
CA PRO E 515 -7.57 36.70 -10.67
C PRO E 515 -7.85 37.10 -12.11
N GLN E 516 -7.66 36.12 -13.00
CA GLN E 516 -7.86 36.30 -14.42
C GLN E 516 -8.87 35.28 -14.92
N PRO E 517 -9.56 35.59 -16.01
CA PRO E 517 -10.63 34.70 -16.49
C PRO E 517 -10.12 33.45 -17.18
N CYS E 518 -10.85 32.35 -16.95
CA CYS E 518 -10.45 31.05 -17.47
C CYS E 518 -11.45 30.65 -18.55
N PHE E 519 -12.56 30.00 -18.21
CA PHE E 519 -13.49 29.48 -19.19
C PHE E 519 -14.83 30.18 -19.07
N THR E 520 -15.56 30.21 -20.18
CA THR E 520 -16.82 30.93 -20.28
C THR E 520 -17.82 30.12 -21.09
N PHE E 521 -19.07 30.15 -20.66
CA PHE E 521 -20.16 29.48 -21.35
C PHE E 521 -21.36 30.39 -21.43
N SER E 522 -22.17 30.19 -22.48
CA SER E 522 -23.35 31.00 -22.73
C SER E 522 -24.44 30.13 -23.33
N HIS E 523 -25.67 30.38 -22.89
CA HIS E 523 -26.80 29.57 -23.30
C HIS E 523 -27.95 30.46 -23.76
N PRO E 524 -28.65 30.06 -24.83
CA PRO E 524 -28.45 28.86 -25.65
C PRO E 524 -27.29 28.94 -26.61
N ASN E 525 -26.82 27.78 -27.04
CA ASN E 525 -25.70 27.64 -27.95
C ASN E 525 -26.23 27.34 -29.33
N ARG E 526 -26.18 28.33 -30.21
CA ARG E 526 -26.75 28.22 -31.55
C ARG E 526 -25.64 27.96 -32.56
N ASP E 527 -25.01 26.79 -32.42
CA ASP E 527 -23.89 26.42 -33.26
C ASP E 527 -23.90 24.93 -33.53
N PRO E 528 -23.75 24.50 -34.78
CA PRO E 528 -23.69 23.06 -35.07
C PRO E 528 -22.51 22.39 -34.40
N MET E 529 -21.41 23.10 -34.22
CA MET E 529 -20.21 22.57 -33.58
C MET E 529 -20.29 22.88 -32.09
N ILE E 530 -21.00 22.03 -31.36
CA ILE E 530 -21.02 22.12 -29.91
C ILE E 530 -19.79 21.41 -29.38
N ASP E 531 -18.82 22.18 -28.87
CA ASP E 531 -17.66 21.62 -28.19
C ASP E 531 -17.50 22.34 -26.87
N ASN E 532 -17.74 21.62 -25.78
CA ASN E 532 -17.56 22.14 -24.44
C ASN E 532 -16.15 21.92 -23.92
N ASN E 533 -15.25 21.46 -24.77
CA ASN E 533 -13.85 21.31 -24.43
C ASN E 533 -13.10 22.62 -24.64
N ARG E 534 -12.10 22.86 -23.80
CA ARG E 534 -11.48 24.17 -23.70
C ARG E 534 -10.01 24.04 -23.35
N TYR E 535 -9.25 25.06 -23.73
CA TYR E 535 -7.82 25.20 -23.47
C TYR E 535 -7.51 26.66 -23.22
N CYS E 536 -6.81 26.96 -22.13
CA CYS E 536 -6.48 28.33 -21.79
C CYS E 536 -5.06 28.42 -21.24
N THR E 537 -4.48 29.60 -21.44
CA THR E 537 -3.15 29.94 -20.96
C THR E 537 -3.21 31.30 -20.27
N LEU E 538 -2.49 31.43 -19.17
CA LEU E 538 -2.54 32.63 -18.35
C LEU E 538 -1.18 32.97 -17.79
N GLU E 539 -0.89 34.27 -17.67
CA GLU E 539 0.36 34.77 -17.14
C GLU E 539 0.08 35.74 -16.00
N PHE E 540 0.71 35.49 -14.86
CA PHE E 540 0.48 36.26 -13.64
C PHE E 540 1.79 36.94 -13.22
N PRO E 541 1.85 38.26 -13.14
CA PRO E 541 3.04 38.92 -12.60
C PRO E 541 3.15 38.85 -11.09
N VAL E 542 4.39 38.77 -10.63
CA VAL E 542 4.73 38.62 -9.23
C VAL E 542 5.53 39.83 -8.78
N GLU E 543 5.39 40.18 -7.50
CA GLU E 543 6.04 41.35 -6.93
C GLU E 543 6.66 41.07 -5.58
N VAL E 544 6.94 39.81 -5.26
CA VAL E 544 7.53 39.45 -3.98
C VAL E 544 8.15 38.08 -4.13
N ASN E 545 9.15 37.79 -3.31
CA ASN E 545 9.70 36.45 -3.26
C ASN E 545 8.85 35.58 -2.35
N THR E 546 8.72 34.31 -2.73
CA THR E 546 7.75 33.46 -2.05
C THR E 546 7.72 32.04 -2.59
N VAL E 547 6.64 31.32 -2.29
CA VAL E 547 6.41 29.98 -2.80
C VAL E 547 5.05 29.94 -3.48
N LEU E 548 4.89 28.97 -4.37
CA LEU E 548 3.63 28.68 -5.02
C LEU E 548 3.14 27.32 -4.56
N HIS E 549 1.89 27.28 -4.10
CA HIS E 549 1.29 26.07 -3.58
C HIS E 549 0.02 25.67 -4.29
N GLY E 550 -0.63 26.60 -4.99
CA GLY E 550 -1.80 26.22 -5.75
C GLY E 550 -2.48 27.40 -6.39
N PHE E 551 -3.66 27.13 -6.92
CA PHE E 551 -4.49 28.10 -7.58
C PHE E 551 -5.89 28.04 -6.98
N ALA E 552 -6.46 29.21 -6.71
CA ALA E 552 -7.83 29.30 -6.22
C ALA E 552 -8.77 29.73 -7.33
N GLY E 553 -10.04 29.34 -7.19
CA GLY E 553 -11.01 29.53 -8.24
C GLY E 553 -12.27 30.24 -7.76
N TYR E 554 -12.92 30.93 -8.68
CA TYR E 554 -14.11 31.72 -8.40
C TYR E 554 -15.02 31.68 -9.63
N PHE E 555 -16.06 32.51 -9.62
CA PHE E 555 -16.94 32.59 -10.77
C PHE E 555 -17.91 33.75 -10.60
N GLU E 556 -18.40 34.22 -11.74
CA GLU E 556 -19.42 35.25 -11.84
C GLU E 556 -20.46 34.78 -12.83
N THR E 557 -21.72 35.13 -12.59
CA THR E 557 -22.78 34.74 -13.50
C THR E 557 -23.69 35.91 -13.79
N VAL E 558 -24.26 35.89 -14.99
CA VAL E 558 -25.27 36.84 -15.43
C VAL E 558 -26.58 36.09 -15.58
N LEU E 559 -27.54 36.43 -14.73
CA LEU E 559 -28.85 35.78 -14.78
C LEU E 559 -29.69 36.35 -15.90
N TYR E 560 -29.91 37.66 -15.87
CA TYR E 560 -30.64 38.33 -16.93
C TYR E 560 -30.18 39.79 -16.94
N GLN E 561 -29.43 40.15 -17.97
CA GLN E 561 -28.98 41.52 -18.13
C GLN E 561 -28.21 42.01 -16.91
N ASP E 562 -28.83 42.84 -16.09
CA ASP E 562 -28.14 43.51 -15.00
C ASP E 562 -28.17 42.74 -13.69
N ILE E 563 -28.85 41.60 -13.62
CA ILE E 563 -28.88 40.79 -12.41
C ILE E 563 -27.73 39.80 -12.47
N THR E 564 -26.91 39.79 -11.42
CA THR E 564 -25.64 39.08 -11.43
C THR E 564 -25.37 38.47 -10.07
N LEU E 565 -24.50 37.47 -10.05
CA LEU E 565 -23.99 36.87 -8.83
C LEU E 565 -22.51 36.58 -8.96
N SER E 566 -21.78 36.79 -7.87
CA SER E 566 -20.33 36.62 -7.86
C SER E 566 -19.86 36.16 -6.49
N ILE E 567 -18.85 35.30 -6.49
CA ILE E 567 -18.07 34.99 -5.30
C ILE E 567 -16.63 35.50 -5.43
N ARG E 568 -16.35 36.21 -6.51
CA ARG E 568 -15.06 36.85 -6.68
C ARG E 568 -14.80 37.83 -5.55
N PRO E 569 -13.62 37.79 -4.91
CA PRO E 569 -13.42 38.59 -3.70
C PRO E 569 -13.47 40.09 -3.95
N GLU E 570 -13.39 40.54 -5.19
CA GLU E 570 -13.45 41.96 -5.51
C GLU E 570 -14.88 42.42 -5.76
N THR E 571 -15.76 41.50 -6.15
CA THR E 571 -17.11 41.83 -6.54
C THR E 571 -18.12 40.91 -5.86
N HIS E 572 -17.76 40.40 -4.69
CA HIS E 572 -18.61 39.42 -4.02
C HIS E 572 -19.98 40.00 -3.76
N SER E 573 -20.97 39.15 -3.83
CA SER E 573 -22.31 39.60 -3.54
C SER E 573 -22.53 39.60 -2.02
N PRO E 574 -23.20 40.63 -1.48
CA PRO E 574 -23.33 40.72 -0.03
C PRO E 574 -24.26 39.66 0.55
N GLY E 575 -23.79 39.02 1.62
CA GLY E 575 -24.59 38.06 2.35
C GLY E 575 -24.91 36.78 1.60
N MET E 576 -24.21 36.51 0.51
CA MET E 576 -24.44 35.33 -0.31
C MET E 576 -23.38 34.31 0.04
N PHE E 577 -23.73 33.35 0.89
CA PHE E 577 -22.77 32.40 1.45
C PHE E 577 -23.01 30.97 0.97
N SER E 578 -23.70 30.81 -0.15
CA SER E 578 -23.98 29.47 -0.66
C SER E 578 -22.71 28.73 -1.07
N TRP E 579 -21.77 29.43 -1.69
CA TRP E 579 -20.60 28.84 -2.29
C TRP E 579 -19.33 29.28 -1.57
N PHE E 580 -18.40 28.35 -1.45
CA PHE E 580 -17.04 28.63 -1.05
C PHE E 580 -16.12 28.53 -2.26
N PRO E 581 -14.86 28.91 -2.12
CA PRO E 581 -13.91 28.79 -3.23
C PRO E 581 -13.48 27.35 -3.47
N ILE E 582 -12.81 27.16 -4.59
CA ILE E 582 -12.26 25.87 -4.98
C ILE E 582 -10.76 25.98 -5.13
N LEU E 583 -10.05 24.95 -4.65
CA LEU E 583 -8.61 24.89 -4.66
C LEU E 583 -8.10 23.76 -5.54
N PHE E 584 -7.26 24.08 -6.48
CA PHE E 584 -6.45 23.18 -7.28
C PHE E 584 -5.02 23.16 -6.77
N PRO E 585 -4.47 22.02 -6.42
CA PRO E 585 -3.10 21.98 -5.92
C PRO E 585 -2.06 21.54 -6.93
N ILE E 586 -0.79 21.62 -6.57
CA ILE E 586 0.31 21.04 -7.32
C ILE E 586 1.12 20.15 -6.38
N LYS E 587 1.92 19.27 -6.98
CA LYS E 587 2.64 18.25 -6.23
C LYS E 587 3.82 18.84 -5.47
N GLN E 588 4.68 19.54 -6.17
CA GLN E 588 5.86 20.12 -5.59
C GLN E 588 5.74 21.63 -5.54
N PRO E 589 6.11 22.27 -4.44
CA PRO E 589 6.11 23.73 -4.42
C PRO E 589 7.16 24.30 -5.35
N ILE E 590 6.89 25.49 -5.85
CA ILE E 590 7.74 26.18 -6.81
C ILE E 590 8.16 27.50 -6.20
N THR E 591 9.46 27.78 -6.24
CA THR E 591 9.99 29.02 -5.71
C THR E 591 9.93 30.10 -6.77
N VAL E 592 9.47 31.27 -6.37
CA VAL E 592 9.33 32.41 -7.27
C VAL E 592 10.10 33.58 -6.69
N ARG E 593 10.51 34.47 -7.57
CA ARG E 593 11.20 35.69 -7.21
C ARG E 593 10.49 36.90 -7.78
N GLU E 594 10.77 38.04 -7.17
CA GLU E 594 10.13 39.28 -7.56
C GLU E 594 10.42 39.60 -9.02
N GLY E 595 9.39 40.04 -9.73
CA GLY E 595 9.50 40.37 -11.13
C GLY E 595 9.27 39.22 -12.08
N GLN E 596 9.40 38.00 -11.62
CA GLN E 596 9.17 36.83 -12.45
C GLN E 596 7.70 36.79 -12.86
N THR E 597 7.30 35.72 -13.54
CA THR E 597 5.95 35.61 -14.07
C THR E 597 5.53 34.15 -14.10
N ILE E 598 4.49 33.81 -13.35
CA ILE E 598 3.92 32.47 -13.36
C ILE E 598 3.02 32.33 -14.58
N CYS E 599 3.22 31.25 -15.33
CA CYS E 599 2.31 30.86 -16.39
C CYS E 599 1.72 29.50 -16.07
N VAL E 600 0.49 29.27 -16.51
CA VAL E 600 -0.25 28.07 -16.19
C VAL E 600 -1.17 27.74 -17.36
N ARG E 601 -1.34 26.45 -17.58
CA ARG E 601 -2.23 25.93 -18.60
C ARG E 601 -3.31 25.07 -17.96
N PHE E 602 -4.54 25.22 -18.45
CA PHE E 602 -5.66 24.41 -18.03
C PHE E 602 -6.36 23.84 -19.25
N TRP E 603 -6.82 22.62 -19.11
CA TRP E 603 -7.60 21.96 -20.13
C TRP E 603 -8.91 21.50 -19.53
N ARG E 604 -9.94 21.49 -20.35
CA ARG E 604 -11.19 20.85 -20.01
C ARG E 604 -11.48 19.78 -21.05
N CYS E 605 -11.59 18.55 -20.59
CA CYS E 605 -11.57 17.38 -21.43
C CYS E 605 -12.82 16.55 -21.19
N SER E 606 -12.98 15.50 -21.98
CA SER E 606 -14.28 14.86 -22.11
C SER E 606 -14.16 13.53 -22.81
N ASN E 607 -15.14 12.68 -22.53
CA ASN E 607 -15.51 11.55 -23.37
C ASN E 607 -17.01 11.36 -23.20
N SER E 608 -17.54 10.32 -23.82
CA SER E 608 -18.96 10.05 -23.70
C SER E 608 -19.37 9.69 -22.28
N LYS E 609 -18.43 9.38 -21.41
CA LYS E 609 -18.72 8.95 -20.06
C LYS E 609 -18.34 9.94 -18.98
N LYS E 610 -17.35 10.79 -19.21
CA LYS E 610 -16.74 11.55 -18.14
C LYS E 610 -16.24 12.90 -18.63
N VAL E 611 -16.10 13.82 -17.68
CA VAL E 611 -15.47 15.11 -17.85
C VAL E 611 -14.40 15.26 -16.79
N TRP E 612 -13.34 16.00 -17.11
CA TRP E 612 -12.28 16.28 -16.14
C TRP E 612 -11.47 17.50 -16.56
N TYR E 613 -10.49 17.83 -15.72
CA TYR E 613 -9.58 18.95 -15.89
C TYR E 613 -8.15 18.46 -15.79
N GLU E 614 -7.26 19.19 -16.46
CA GLU E 614 -5.83 19.00 -16.36
C GLU E 614 -5.15 20.36 -16.32
N TRP E 615 -4.09 20.47 -15.52
CA TRP E 615 -3.40 21.73 -15.33
C TRP E 615 -1.91 21.49 -15.17
N ALA E 616 -1.13 22.51 -15.51
CA ALA E 616 0.32 22.45 -15.44
C ALA E 616 0.91 23.85 -15.41
N VAL E 617 2.03 23.97 -14.74
CA VAL E 617 2.81 25.20 -14.68
C VAL E 617 3.97 25.09 -15.68
N THR E 618 4.19 26.16 -16.45
CA THR E 618 5.25 26.24 -17.43
C THR E 618 6.38 27.16 -17.00
N ALA E 619 6.05 28.33 -16.48
CA ALA E 619 7.00 29.31 -16.00
C ALA E 619 6.69 29.67 -14.56
N PRO E 620 7.73 30.02 -13.76
CA PRO E 620 9.12 30.18 -14.16
C PRO E 620 9.87 28.88 -14.32
N VAL E 621 9.36 27.85 -13.69
CA VAL E 621 9.87 26.49 -13.86
C VAL E 621 8.69 25.62 -14.27
N CYS E 622 9.01 24.51 -14.92
CA CYS E 622 8.00 23.61 -15.40
C CYS E 622 7.62 22.59 -14.33
N SER E 623 6.37 22.17 -14.38
CA SER E 623 5.86 21.09 -13.55
C SER E 623 5.44 19.93 -14.43
N ALA E 624 4.88 18.90 -13.80
CA ALA E 624 4.22 17.83 -14.51
C ALA E 624 2.78 18.20 -14.82
N ILE E 625 2.23 17.47 -15.77
CA ILE E 625 0.80 17.56 -16.06
C ILE E 625 0.02 16.81 -15.00
N HIS E 626 -0.94 17.49 -14.40
CA HIS E 626 -1.75 16.95 -13.33
C HIS E 626 -3.04 16.36 -13.87
N ASN E 627 -3.30 15.10 -13.50
CA ASN E 627 -4.53 14.33 -13.72
C ASN E 627 -4.77 13.98 -15.18
N PRO E 628 -3.80 13.36 -15.84
CA PRO E 628 -4.05 12.83 -17.19
C PRO E 628 -5.07 11.70 -17.19
N THR E 629 -5.97 11.77 -18.18
CA THR E 629 -7.04 10.80 -18.43
C THR E 629 -7.99 10.67 -17.26
N GLY E 630 -8.01 11.65 -16.37
CA GLY E 630 -8.88 11.57 -15.22
C GLY E 630 -8.54 10.46 -14.26
N ARG E 631 -7.26 10.07 -14.19
CA ARG E 631 -6.84 8.96 -13.36
C ARG E 631 -7.05 9.20 -11.86
N SER E 632 -7.42 10.40 -11.45
CA SER E 632 -7.60 10.67 -10.03
C SER E 632 -8.90 11.41 -9.74
N TYR E 633 -9.40 12.18 -10.69
CA TYR E 633 -10.65 12.88 -10.52
C TYR E 633 -11.43 12.84 -11.81
N THR E 634 -12.68 12.41 -11.71
CA THR E 634 -13.62 12.39 -12.82
C THR E 634 -14.97 12.88 -12.35
N ILE E 635 -15.69 13.54 -13.25
CA ILE E 635 -17.06 13.96 -13.03
C ILE E 635 -17.93 13.12 -13.91
N GLY E 636 -18.68 12.21 -13.29
CA GLY E 636 -19.43 11.21 -14.05
C GLY E 636 -20.68 11.79 -14.67
N LEU E 637 -20.92 11.45 -15.91
CA LEU E 637 -22.12 11.82 -16.62
C LEU E 637 -23.29 10.91 -16.24
N ALA F 23 21.65 34.71 60.38
CA ALA F 23 22.07 34.38 58.99
C ALA F 23 21.51 33.03 58.58
N PRO F 24 21.49 32.76 57.27
CA PRO F 24 20.92 31.51 56.78
C PRO F 24 21.48 30.29 57.49
N ALA F 25 20.73 29.19 57.40
CA ALA F 25 21.12 27.97 58.07
C ALA F 25 22.14 27.19 57.26
N CYS F 26 21.85 26.95 55.99
CA CYS F 26 22.71 26.22 55.09
C CYS F 26 23.18 27.16 53.99
N MET F 27 24.26 26.76 53.33
CA MET F 27 24.78 27.50 52.18
C MET F 27 24.44 26.78 50.90
N GLU F 28 24.33 27.55 49.83
CA GLU F 28 24.09 27.01 48.51
C GLU F 28 25.33 26.28 48.01
N ARG F 29 25.12 25.28 47.18
CA ARG F 29 26.19 24.38 46.80
C ARG F 29 27.07 24.93 45.68
N GLN F 30 26.55 25.85 44.88
CA GLN F 30 27.30 26.43 43.78
C GLN F 30 27.87 27.78 44.20
N LEU F 31 29.18 27.89 44.17
CA LEU F 31 29.90 29.09 44.56
C LEU F 31 30.45 29.76 43.33
N GLU F 32 30.17 31.05 43.17
CA GLU F 32 30.48 31.74 41.93
C GLU F 32 31.50 32.86 42.06
N ALA F 33 31.51 33.61 43.16
CA ALA F 33 32.40 34.76 43.29
C ALA F 33 33.12 34.77 44.62
N ALA F 34 34.34 35.30 44.60
CA ALA F 34 35.22 35.38 45.78
C ALA F 34 36.13 36.58 45.62
N ARG F 35 36.04 37.53 46.55
CA ARG F 35 36.80 38.77 46.45
C ARG F 35 37.36 39.21 47.80
N TYR F 36 38.67 39.39 47.84
CA TYR F 36 39.35 39.95 49.00
C TYR F 36 39.22 41.46 49.01
N ARG F 37 39.16 42.02 50.20
CA ARG F 37 39.27 43.46 50.38
C ARG F 37 40.63 43.79 51.01
N SER F 38 40.86 45.07 51.22
CA SER F 38 42.17 45.57 51.63
C SER F 38 42.64 44.93 52.92
N ASP F 39 41.85 45.08 53.99
CA ASP F 39 42.26 44.60 55.30
C ASP F 39 42.38 43.09 55.40
N GLY F 40 42.01 42.35 54.35
CA GLY F 40 42.18 40.92 54.32
C GLY F 40 40.90 40.11 54.37
N ALA F 41 39.75 40.73 54.65
CA ALA F 41 38.52 39.97 54.73
C ALA F 41 38.12 39.45 53.36
N LEU F 42 37.24 38.45 53.37
CA LEU F 42 36.87 37.70 52.18
C LEU F 42 35.37 37.72 51.98
N LEU F 43 34.97 37.99 50.74
CA LEU F 43 33.58 38.04 50.32
C LEU F 43 33.28 36.85 49.42
N LEU F 44 32.18 36.16 49.71
CA LEU F 44 31.76 34.99 48.96
C LEU F 44 30.35 35.17 48.40
N GLY F 45 30.11 34.55 47.25
CA GLY F 45 28.80 34.55 46.64
C GLY F 45 28.37 33.19 46.15
N ALA F 46 27.14 32.80 46.48
CA ALA F 46 26.63 31.48 46.15
C ALA F 46 25.23 31.58 45.55
N SER F 47 24.89 30.56 44.75
CA SER F 47 23.54 30.40 44.26
C SER F 47 23.19 28.92 44.21
N SER F 48 21.89 28.65 44.26
CA SER F 48 21.34 27.33 44.00
C SER F 48 20.94 27.22 42.55
N LEU F 49 21.40 26.18 41.88
CA LEU F 49 21.09 25.95 40.49
C LEU F 49 20.31 24.68 40.22
N SER F 50 20.06 23.87 41.23
CA SER F 50 19.28 22.67 41.07
C SER F 50 18.41 22.49 42.30
N GLY F 51 17.40 21.65 42.16
CA GLY F 51 16.49 21.37 43.23
C GLY F 51 15.31 22.31 43.30
N ARG F 52 14.67 22.31 44.47
CA ARG F 52 13.37 22.95 44.63
C ARG F 52 13.46 24.46 44.45
N CYS F 53 14.36 25.12 45.17
CA CYS F 53 14.43 26.58 45.21
C CYS F 53 15.73 27.06 44.58
N TRP F 54 15.60 27.99 43.65
CA TRP F 54 16.73 28.61 42.97
C TRP F 54 16.89 30.04 43.48
N ALA F 55 17.82 30.23 44.41
CA ALA F 55 18.01 31.53 45.06
C ALA F 55 19.49 31.74 45.34
N GLY F 56 19.80 32.73 46.18
CA GLY F 56 21.17 33.14 46.40
C GLY F 56 21.45 33.58 47.82
N SER F 57 22.73 33.84 48.08
CA SER F 57 23.20 34.24 49.38
C SER F 57 24.58 34.89 49.26
N LEU F 58 24.86 35.79 50.19
CA LEU F 58 26.16 36.44 50.31
C LEU F 58 26.76 36.19 51.68
N TRP F 59 28.08 36.32 51.76
CA TRP F 59 28.83 35.89 52.94
C TRP F 59 30.11 36.70 53.08
N LEU F 60 30.41 37.06 54.32
CA LEU F 60 31.67 37.70 54.68
C LEU F 60 32.42 36.85 55.69
N PHE F 61 33.68 36.56 55.39
CA PHE F 61 34.57 35.82 56.28
C PHE F 61 35.81 36.66 56.57
N LYS F 62 35.95 37.07 57.84
CA LYS F 62 37.19 37.74 58.24
C LYS F 62 38.36 36.77 58.30
N ASP F 63 38.14 35.56 58.80
CA ASP F 63 39.12 34.49 58.71
C ASP F 63 38.81 33.61 57.51
N PRO F 64 39.54 33.77 56.40
CA PRO F 64 39.18 33.04 55.18
C PRO F 64 39.46 31.56 55.24
N CYS F 65 40.32 31.08 56.14
CA CYS F 65 40.61 29.67 56.20
C CYS F 65 39.51 28.88 56.88
N ALA F 66 38.53 29.55 57.46
CA ALA F 66 37.37 28.92 58.07
C ALA F 66 36.19 28.78 57.11
N ALA F 67 36.39 29.02 55.84
CA ALA F 67 35.34 28.86 54.85
C ALA F 67 35.40 27.49 54.20
N PRO F 68 34.27 26.98 53.70
CA PRO F 68 32.94 27.58 53.67
C PRO F 68 32.00 27.06 54.74
N ASN F 69 32.30 27.36 56.00
CA ASN F 69 31.49 26.92 57.13
C ASN F 69 30.60 28.07 57.59
N GLU F 70 29.29 27.85 57.58
CA GLU F 70 28.32 28.89 57.86
C GLU F 70 28.29 29.29 59.33
N GLY F 71 28.96 28.55 60.21
CA GLY F 71 28.91 28.83 61.62
C GLY F 71 30.00 29.77 62.06
N PHE F 72 31.10 29.80 61.30
CA PHE F 72 32.26 30.61 61.61
C PHE F 72 32.33 31.84 60.71
N CYS F 73 31.20 32.26 60.16
CA CYS F 73 31.14 33.48 59.36
C CYS F 73 31.02 34.69 60.28
N SER F 74 31.23 35.87 59.68
CA SER F 74 31.03 37.12 60.38
C SER F 74 29.75 37.83 59.98
N ALA F 75 29.28 37.62 58.76
CA ALA F 75 28.00 38.16 58.33
C ALA F 75 27.55 37.41 57.09
N GLY F 76 26.24 37.35 56.92
CA GLY F 76 25.65 36.64 55.80
C GLY F 76 24.20 37.00 55.58
N VAL F 77 23.73 36.83 54.35
CA VAL F 77 22.38 37.24 53.98
C VAL F 77 21.91 36.40 52.81
N GLN F 78 20.60 36.39 52.61
CA GLN F 78 19.94 35.57 51.60
C GLN F 78 19.31 36.49 50.55
N THR F 79 19.53 36.16 49.29
CA THR F 79 18.97 36.93 48.18
C THR F 79 17.71 36.28 47.67
N GLU F 80 16.91 37.08 46.96
CA GLU F 80 15.71 36.57 46.33
C GLU F 80 16.04 35.59 45.21
N ALA F 81 17.14 35.81 44.50
CA ALA F 81 17.43 35.08 43.29
C ALA F 81 18.93 34.81 43.23
N GLY F 82 19.39 34.36 42.07
CA GLY F 82 20.75 33.94 41.93
C GLY F 82 21.73 35.08 41.73
N VAL F 83 22.96 34.80 42.15
CA VAL F 83 24.09 35.72 42.04
C VAL F 83 24.89 35.31 40.82
N ALA F 84 25.12 36.26 39.91
CA ALA F 84 25.95 36.03 38.75
C ALA F 84 27.32 36.68 38.85
N ASP F 85 27.44 37.78 39.58
CA ASP F 85 28.69 38.50 39.71
C ASP F 85 28.54 39.49 40.87
N LEU F 86 29.66 40.02 41.32
CA LEU F 86 29.62 41.04 42.35
C LEU F 86 30.96 41.72 42.45
N THR F 87 30.95 42.89 43.10
CA THR F 87 32.12 43.74 43.23
C THR F 87 32.08 44.41 44.60
N TRP F 88 33.25 44.61 45.17
CA TRP F 88 33.38 45.57 46.26
C TRP F 88 33.22 46.98 45.74
N VAL F 89 32.48 47.79 46.49
CA VAL F 89 32.38 49.22 46.22
C VAL F 89 33.16 49.95 47.31
N GLY F 90 34.47 49.99 47.16
CA GLY F 90 35.32 50.61 48.15
C GLY F 90 35.51 49.75 49.38
N GLU F 91 34.77 50.05 50.43
CA GLU F 91 34.95 49.39 51.72
C GLU F 91 33.68 48.81 52.32
N ARG F 92 32.55 49.50 52.24
CA ARG F 92 31.30 49.04 52.84
C ARG F 92 30.33 48.42 51.87
N GLY F 93 30.47 48.68 50.58
CA GLY F 93 29.44 48.39 49.61
C GLY F 93 29.66 47.11 48.84
N ILE F 94 28.55 46.50 48.44
CA ILE F 94 28.53 45.30 47.65
C ILE F 94 27.54 45.49 46.52
N LEU F 95 28.01 45.34 45.30
CA LEU F 95 27.18 45.37 44.11
C LEU F 95 26.98 43.96 43.60
N VAL F 96 25.77 43.66 43.17
CA VAL F 96 25.38 42.31 42.79
C VAL F 96 24.65 42.35 41.45
N ALA F 97 25.07 41.48 40.55
CA ALA F 97 24.32 41.17 39.34
C ALA F 97 23.44 39.96 39.61
N SER F 98 22.22 39.98 39.09
CA SER F 98 21.17 39.08 39.53
C SER F 98 20.45 38.42 38.37
N ASP F 99 19.88 37.26 38.69
CA ASP F 99 19.04 36.52 37.76
C ASP F 99 17.78 37.30 37.41
N SER F 100 17.27 38.08 38.35
CA SER F 100 16.05 38.86 38.17
C SER F 100 16.14 39.85 37.03
N GLY F 101 17.34 40.28 36.65
CA GLY F 101 17.47 41.42 35.78
C GLY F 101 17.61 42.71 36.54
N ALA F 102 18.16 42.66 37.74
CA ALA F 102 18.29 43.81 38.60
C ALA F 102 19.74 44.01 39.01
N VAL F 103 20.05 45.26 39.35
CA VAL F 103 21.33 45.64 39.94
C VAL F 103 21.04 46.04 41.38
N GLU F 104 21.82 45.51 42.31
CA GLU F 104 21.48 45.56 43.71
C GLU F 104 22.65 46.11 44.49
N LEU F 105 22.37 47.03 45.40
CA LEU F 105 23.38 47.59 46.28
C LEU F 105 23.05 47.23 47.71
N TRP F 106 24.02 46.65 48.41
CA TRP F 106 23.93 46.40 49.82
C TRP F 106 25.06 47.11 50.54
N GLU F 107 24.83 47.44 51.80
CA GLU F 107 25.85 48.03 52.64
C GLU F 107 25.93 47.27 53.95
N LEU F 108 27.12 47.25 54.53
CA LEU F 108 27.32 46.63 55.81
C LEU F 108 26.93 47.57 56.94
N ASP F 109 26.52 46.96 58.06
CA ASP F 109 26.24 47.69 59.29
C ASP F 109 27.53 48.18 59.92
N GLU F 110 27.40 49.21 60.75
CA GLU F 110 28.55 49.86 61.36
C GLU F 110 29.57 48.88 61.91
N ASN F 111 29.12 47.88 62.65
CA ASN F 111 30.01 46.91 63.29
C ASN F 111 30.20 45.65 62.46
N GLU F 112 29.78 45.67 61.20
CA GLU F 112 29.96 44.51 60.31
C GLU F 112 29.29 43.28 60.88
N THR F 113 28.08 43.45 61.40
CA THR F 113 27.29 42.37 61.96
C THR F 113 26.14 41.95 61.07
N LEU F 114 25.71 42.82 60.17
CA LEU F 114 24.60 42.55 59.27
C LEU F 114 24.93 43.02 57.86
N ILE F 115 24.03 42.70 56.95
CA ILE F 115 24.07 43.17 55.58
C ILE F 115 22.66 43.64 55.23
N VAL F 116 22.56 44.80 54.57
CA VAL F 116 21.27 45.39 54.30
C VAL F 116 21.26 46.00 52.90
N SER F 117 20.07 46.02 52.31
CA SER F 117 19.86 46.53 50.97
C SER F 117 19.75 48.04 50.96
N LYS F 118 20.43 48.66 50.01
CA LYS F 118 20.23 50.08 49.74
C LYS F 118 19.24 50.31 48.61
N PHE F 119 19.35 49.55 47.52
CA PHE F 119 18.39 49.69 46.43
C PHE F 119 18.38 48.45 45.57
N CYS F 120 17.34 48.36 44.74
CA CYS F 120 17.15 47.24 43.83
C CYS F 120 16.36 47.77 42.63
N LYS F 121 17.06 48.04 41.54
CA LYS F 121 16.49 48.62 40.33
C LYS F 121 16.40 47.57 39.24
N TYR F 122 15.18 47.37 38.73
CA TYR F 122 14.94 46.47 37.61
C TYR F 122 14.96 47.28 36.34
N GLU F 123 16.07 47.20 35.60
CA GLU F 123 16.22 47.92 34.35
C GLU F 123 16.60 47.05 33.18
N HIS F 124 17.13 45.86 33.42
CA HIS F 124 17.40 44.92 32.34
C HIS F 124 16.22 43.99 32.17
N ASP F 125 16.02 43.55 30.94
CA ASP F 125 14.91 42.68 30.57
C ASP F 125 15.32 41.22 30.52
N ASP F 126 16.43 40.88 31.16
CA ASP F 126 16.93 39.52 31.21
C ASP F 126 18.11 39.50 32.17
N ILE F 127 18.81 38.36 32.21
CA ILE F 127 19.80 38.13 33.25
C ILE F 127 20.94 39.12 33.12
N VAL F 128 21.35 39.67 34.25
CA VAL F 128 22.55 40.51 34.32
C VAL F 128 23.75 39.60 34.48
N SER F 129 24.63 39.59 33.48
CA SER F 129 25.72 38.65 33.44
C SER F 129 26.98 39.21 34.08
N THR F 130 27.21 40.51 34.02
CA THR F 130 28.49 41.05 34.44
C THR F 130 28.33 42.48 34.92
N VAL F 131 29.19 42.86 35.85
CA VAL F 131 29.16 44.18 36.47
C VAL F 131 30.59 44.62 36.74
N SER F 132 30.84 45.92 36.62
CA SER F 132 32.15 46.47 36.94
C SER F 132 32.03 47.91 37.41
N VAL F 133 32.83 48.26 38.39
CA VAL F 133 32.88 49.59 38.97
C VAL F 133 33.97 50.40 38.28
N LEU F 134 33.81 51.71 38.31
CA LEU F 134 34.69 52.60 37.55
C LEU F 134 35.69 53.32 38.46
N SER F 135 36.77 53.77 37.85
CA SER F 135 37.91 54.36 38.57
C SER F 135 37.47 55.22 39.74
N SER F 136 36.56 56.15 39.50
CA SER F 136 36.22 57.12 40.54
C SER F 136 35.61 56.46 41.76
N GLY F 137 34.91 55.34 41.57
CA GLY F 137 34.20 54.71 42.67
C GLY F 137 32.80 55.21 42.89
N THR F 138 32.21 55.90 41.91
CA THR F 138 30.89 56.47 42.04
C THR F 138 29.91 56.01 40.97
N GLN F 139 30.40 55.46 39.87
CA GLN F 139 29.57 54.95 38.80
C GLN F 139 29.89 53.49 38.56
N ALA F 140 29.13 52.87 37.67
CA ALA F 140 29.34 51.47 37.34
C ALA F 140 28.62 51.13 36.04
N VAL F 141 29.07 50.06 35.41
CA VAL F 141 28.54 49.59 34.14
C VAL F 141 28.04 48.16 34.31
N SER F 142 26.95 47.84 33.62
CA SER F 142 26.31 46.54 33.69
C SER F 142 25.99 46.04 32.30
N GLY F 143 26.10 44.73 32.12
CA GLY F 143 25.77 44.10 30.86
C GLY F 143 24.90 42.89 31.07
N SER F 144 24.11 42.58 30.04
CA SER F 144 23.08 41.58 30.15
C SER F 144 23.04 40.69 28.93
N LYS F 145 22.22 39.66 29.04
CA LYS F 145 21.89 38.77 27.94
C LYS F 145 20.85 39.37 27.01
N ASP F 146 20.27 40.50 27.39
CA ASP F 146 19.37 41.28 26.55
C ASP F 146 20.10 42.29 25.68
N ILE F 147 21.43 42.30 25.73
CA ILE F 147 22.27 42.97 24.74
C ILE F 147 22.48 44.44 25.07
N CYS F 148 21.86 44.93 26.14
CA CYS F 148 22.01 46.32 26.52
C CYS F 148 23.08 46.51 27.59
N ILE F 149 23.84 47.57 27.45
CA ILE F 149 24.81 48.02 28.44
C ILE F 149 24.33 49.33 29.03
N LYS F 150 24.48 49.47 30.35
CA LYS F 150 24.05 50.67 31.04
C LYS F 150 25.14 51.18 31.96
N VAL F 151 25.01 52.45 32.32
CA VAL F 151 25.92 53.14 33.22
C VAL F 151 25.10 53.72 34.35
N TRP F 152 25.56 53.51 35.57
CA TRP F 152 24.83 53.91 36.75
C TRP F 152 25.61 54.95 37.53
N ASP F 153 24.89 55.87 38.16
CA ASP F 153 25.44 56.75 39.17
C ASP F 153 24.96 56.25 40.52
N LEU F 154 25.90 55.78 41.34
CA LEU F 154 25.56 55.00 42.52
C LEU F 154 25.04 55.85 43.66
N ALA F 155 25.19 57.16 43.59
CA ALA F 155 24.70 58.02 44.64
C ALA F 155 23.24 58.43 44.44
N GLN F 156 22.81 58.54 43.20
CA GLN F 156 21.47 58.98 42.87
C GLN F 156 20.53 57.85 42.55
N GLN F 157 21.04 56.66 42.25
CA GLN F 157 20.21 55.51 41.96
C GLN F 157 19.44 55.73 40.66
N VAL F 158 20.17 55.98 39.57
CA VAL F 158 19.59 56.19 38.27
C VAL F 158 20.48 55.56 37.22
N VAL F 159 19.95 55.45 36.01
CA VAL F 159 20.73 55.06 34.84
C VAL F 159 21.03 56.32 34.06
N LEU F 160 22.30 56.58 33.83
CA LEU F 160 22.70 57.73 33.02
C LEU F 160 22.57 57.42 31.54
N SER F 161 22.75 56.16 31.17
CA SER F 161 22.92 55.80 29.77
C SER F 161 22.56 54.34 29.57
N SER F 162 21.92 54.07 28.43
CA SER F 162 21.80 52.72 27.90
C SER F 162 22.37 52.71 26.49
N TYR F 163 23.29 51.79 26.24
CA TYR F 163 23.96 51.67 24.96
C TYR F 163 23.71 50.28 24.39
N ARG F 164 23.13 50.24 23.19
CA ARG F 164 22.89 48.99 22.47
C ARG F 164 23.77 48.97 21.23
N ALA F 165 24.99 48.47 21.39
CA ALA F 165 25.98 48.41 20.33
C ALA F 165 26.22 47.01 19.82
N HIS F 166 26.36 46.05 20.73
CA HIS F 166 26.56 44.66 20.36
C HIS F 166 25.31 44.12 19.67
N ALA F 167 25.44 42.93 19.11
CA ALA F 167 24.35 42.27 18.40
C ALA F 167 23.93 40.97 19.07
N ALA F 168 24.56 40.58 20.17
CA ALA F 168 24.19 39.36 20.86
C ALA F 168 24.49 39.56 22.34
N GLN F 169 24.58 38.45 23.07
CA GLN F 169 24.76 38.49 24.51
C GLN F 169 26.13 39.02 24.88
N VAL F 170 26.16 39.81 25.93
CA VAL F 170 27.41 40.37 26.45
C VAL F 170 27.95 39.42 27.50
N THR F 171 29.23 39.12 27.41
CA THR F 171 29.87 38.15 28.28
C THR F 171 30.72 38.79 29.36
N CYS F 172 31.43 39.87 29.04
CA CYS F 172 32.33 40.49 29.99
C CYS F 172 32.47 41.97 29.69
N VAL F 173 32.43 42.78 30.74
CA VAL F 173 32.82 44.18 30.70
C VAL F 173 33.93 44.38 31.73
N ALA F 174 34.84 45.31 31.41
CA ALA F 174 35.98 45.58 32.29
C ALA F 174 36.28 47.06 32.27
N ALA F 175 36.40 47.65 33.46
CA ALA F 175 36.72 49.05 33.59
C ALA F 175 38.23 49.26 33.68
N SER F 176 38.67 50.43 33.24
CA SER F 176 40.09 50.70 33.32
C SER F 176 40.45 51.30 34.67
N PRO F 177 41.55 50.86 35.28
CA PRO F 177 41.90 51.33 36.62
C PRO F 177 42.49 52.72 36.67
N HIS F 178 42.66 53.38 35.52
CA HIS F 178 43.32 54.68 35.48
C HIS F 178 42.47 55.80 34.91
N LYS F 179 41.35 55.49 34.29
CA LYS F 179 40.47 56.49 33.71
C LYS F 179 39.02 56.17 34.05
N ASP F 180 38.26 57.20 34.40
CA ASP F 180 36.89 57.06 34.86
C ASP F 180 35.87 57.16 33.73
N SER F 181 36.32 57.06 32.48
CA SER F 181 35.40 57.08 31.35
C SER F 181 35.66 55.94 30.37
N VAL F 182 36.63 55.08 30.64
CA VAL F 182 37.05 54.04 29.72
C VAL F 182 36.71 52.67 30.29
N PHE F 183 36.05 51.84 29.49
CA PHE F 183 35.87 50.45 29.82
C PHE F 183 35.93 49.62 28.53
N LEU F 184 35.87 48.30 28.70
CA LEU F 184 35.86 47.36 27.59
C LEU F 184 34.61 46.51 27.64
N SER F 185 34.31 45.86 26.51
CA SER F 185 33.14 45.01 26.39
C SER F 185 33.37 43.95 25.33
N CYS F 186 32.93 42.74 25.63
CA CYS F 186 32.98 41.62 24.71
C CYS F 186 31.61 40.95 24.62
N SER F 187 31.41 40.19 23.55
CA SER F 187 30.10 39.63 23.22
C SER F 187 30.25 38.30 22.49
N GLU F 188 29.11 37.65 22.29
CA GLU F 188 29.03 36.43 21.50
C GLU F 188 28.84 36.71 20.01
N ASP F 189 28.84 37.97 19.60
CA ASP F 189 28.87 38.34 18.21
C ASP F 189 30.28 38.47 17.65
N ASN F 190 31.30 38.32 18.49
CA ASN F 190 32.69 38.25 18.09
C ASN F 190 33.35 39.61 17.97
N ARG F 191 32.89 40.57 18.75
CA ARG F 191 33.46 41.91 18.76
C ARG F 191 34.04 42.24 20.13
N ILE F 192 35.03 43.11 20.13
CA ILE F 192 35.59 43.71 21.33
C ILE F 192 35.63 45.20 21.13
N LEU F 193 34.94 45.94 21.99
CA LEU F 193 34.82 47.37 21.87
C LEU F 193 35.59 48.09 22.97
N LEU F 194 36.13 49.24 22.62
CA LEU F 194 36.69 50.19 23.58
C LEU F 194 35.77 51.38 23.66
N TRP F 195 35.46 51.79 24.87
CA TRP F 195 34.53 52.88 25.11
C TRP F 195 35.20 54.09 25.73
N ASP F 196 34.69 55.26 25.38
CA ASP F 196 34.99 56.51 26.08
C ASP F 196 33.74 57.37 25.99
N THR F 197 33.01 57.46 27.10
CA THR F 197 31.77 58.21 27.10
C THR F 197 31.96 59.70 26.88
N ARG F 198 33.19 60.19 26.94
CA ARG F 198 33.44 61.60 26.63
C ARG F 198 33.07 61.93 25.19
N CYS F 199 33.12 60.95 24.31
CA CYS F 199 32.93 61.16 22.88
C CYS F 199 31.48 60.94 22.50
N PRO F 200 31.08 61.38 21.29
CA PRO F 200 29.70 61.20 20.83
C PRO F 200 29.46 59.81 20.26
N LYS F 201 30.49 59.24 19.64
CA LYS F 201 30.50 57.84 19.26
C LYS F 201 31.45 57.09 20.19
N PRO F 202 30.96 56.52 21.29
CA PRO F 202 31.88 56.05 22.34
C PRO F 202 32.66 54.80 21.98
N ALA F 203 32.07 53.89 21.23
CA ALA F 203 32.68 52.58 21.00
C ALA F 203 33.61 52.59 19.80
N SER F 204 34.63 51.74 19.88
CA SER F 204 35.60 51.53 18.81
C SER F 204 36.04 50.08 18.83
N GLN F 205 36.21 49.51 17.65
CA GLN F 205 36.54 48.10 17.50
C GLN F 205 38.04 47.86 17.50
N ILE F 206 38.41 46.61 17.77
CA ILE F 206 39.80 46.19 17.82
C ILE F 206 40.00 44.86 17.11
N GLY F 212 38.64 35.07 14.79
CA GLY F 212 38.87 33.67 15.02
C GLY F 212 37.77 33.04 15.86
N TYR F 213 38.10 32.70 17.11
CA TYR F 213 37.17 32.13 18.05
C TYR F 213 36.57 33.22 18.94
N LEU F 214 35.49 32.84 19.63
CA LEU F 214 34.75 33.79 20.41
C LEU F 214 35.52 34.22 21.65
N PRO F 215 35.38 35.48 22.06
CA PRO F 215 36.01 35.94 23.30
C PRO F 215 35.15 35.70 24.54
N THR F 216 35.82 35.48 25.67
CA THR F 216 35.14 35.06 26.89
C THR F 216 35.47 35.87 28.13
N SER F 217 36.69 36.41 28.23
CA SER F 217 37.13 37.02 29.47
C SER F 217 38.13 38.13 29.18
N LEU F 218 38.15 39.14 30.06
CA LEU F 218 39.00 40.31 29.88
C LEU F 218 39.66 40.72 31.18
N ALA F 219 40.72 41.52 31.04
CA ALA F 219 41.45 42.07 32.16
C ALA F 219 42.46 43.12 31.70
N TRP F 220 42.40 44.30 32.31
CA TRP F 220 43.38 45.34 32.04
C TRP F 220 44.69 45.04 32.75
N HIS F 221 45.77 45.48 32.15
CA HIS F 221 47.04 45.47 32.83
C HIS F 221 47.08 46.58 33.86
N PRO F 222 47.47 46.31 35.12
CA PRO F 222 47.41 47.37 36.13
C PRO F 222 48.33 48.52 35.84
N GLN F 223 49.60 48.25 35.60
CA GLN F 223 50.59 49.32 35.37
C GLN F 223 50.28 50.06 34.07
N GLN F 224 50.48 49.40 32.94
CA GLN F 224 50.22 50.02 31.65
C GLN F 224 48.77 50.45 31.54
N SER F 225 48.53 51.44 30.67
CA SER F 225 47.21 52.00 30.47
C SER F 225 46.67 51.70 29.07
N GLU F 226 47.40 50.93 28.28
CA GLU F 226 46.99 50.61 26.92
C GLU F 226 46.94 49.12 26.67
N VAL F 227 47.27 48.29 27.65
CA VAL F 227 47.43 46.86 27.45
C VAL F 227 46.36 46.12 28.21
N PHE F 228 45.99 44.96 27.69
CA PHE F 228 44.97 44.12 28.31
C PHE F 228 45.07 42.72 27.71
N VAL F 229 44.49 41.77 28.43
CA VAL F 229 44.46 40.37 28.01
C VAL F 229 43.02 39.92 27.79
N PHE F 230 42.85 38.93 26.91
CA PHE F 230 41.55 38.37 26.62
C PHE F 230 41.69 36.87 26.36
N GLY F 231 40.68 36.13 26.78
CA GLY F 231 40.64 34.69 26.60
C GLY F 231 39.57 34.28 25.59
N ASP F 232 39.75 33.10 25.00
CA ASP F 232 38.91 32.67 23.90
C ASP F 232 38.18 31.37 24.24
N GLU F 233 37.18 31.09 23.40
CA GLU F 233 36.34 29.91 23.53
C GLU F 233 37.14 28.61 23.51
N ASN F 234 38.22 28.55 22.74
CA ASN F 234 38.90 27.29 22.47
C ASN F 234 39.90 26.92 23.55
N GLY F 235 40.57 27.89 24.14
CA GLY F 235 41.46 27.64 25.24
C GLY F 235 42.70 28.52 25.23
N THR F 236 42.70 29.53 24.38
CA THR F 236 43.88 30.32 24.07
C THR F 236 43.80 31.67 24.74
N VAL F 237 44.89 32.09 25.36
CA VAL F 237 45.04 33.42 25.95
C VAL F 237 45.88 34.27 25.02
N SER F 238 45.73 35.59 25.15
CA SER F 238 46.40 36.51 24.23
C SER F 238 46.60 37.86 24.91
N LEU F 239 47.76 38.45 24.66
CA LEU F 239 48.10 39.77 25.15
C LEU F 239 48.04 40.77 24.02
N VAL F 240 47.50 41.94 24.30
CA VAL F 240 47.30 42.95 23.29
C VAL F 240 47.74 44.32 23.78
N VAL F 248 50.81 40.39 17.81
CA VAL F 248 50.42 40.23 19.20
C VAL F 248 51.01 38.94 19.76
N LEU F 249 50.64 38.64 20.99
CA LEU F 249 51.16 37.51 21.74
C LEU F 249 50.03 36.55 22.07
N SER F 250 50.34 35.25 22.14
CA SER F 250 49.31 34.25 22.32
C SER F 250 49.89 33.00 22.96
N SER F 251 49.02 32.23 23.60
CA SER F 251 49.42 30.98 24.22
C SER F 251 48.19 30.12 24.47
N ALA F 252 48.37 28.81 24.32
CA ALA F 252 47.32 27.82 24.53
C ALA F 252 47.53 27.20 25.91
N VAL F 253 46.59 27.47 26.81
CA VAL F 253 46.76 27.22 28.23
C VAL F 253 45.86 26.09 28.72
N HIS F 254 44.61 26.07 28.27
CA HIS F 254 43.62 25.13 28.75
C HIS F 254 43.06 24.35 27.56
N SER F 255 42.10 23.49 27.86
CA SER F 255 41.41 22.70 26.86
C SER F 255 40.04 23.25 26.50
N GLN F 256 39.34 23.80 27.47
CA GLN F 256 38.00 24.31 27.31
C GLN F 256 38.01 25.83 27.39
N CYS F 257 36.88 26.41 27.79
CA CYS F 257 36.69 27.84 27.74
C CYS F 257 37.39 28.52 28.91
N VAL F 258 38.12 29.58 28.61
CA VAL F 258 38.71 30.43 29.63
C VAL F 258 37.62 31.26 30.26
N THR F 259 37.48 31.15 31.58
CA THR F 259 36.39 31.78 32.31
C THR F 259 36.79 33.05 33.02
N GLY F 260 38.06 33.23 33.35
CA GLY F 260 38.48 34.41 34.07
C GLY F 260 39.97 34.65 33.95
N LEU F 261 40.34 35.90 34.22
CA LEU F 261 41.73 36.33 34.18
C LEU F 261 41.93 37.38 35.25
N VAL F 262 42.92 37.17 36.11
CA VAL F 262 43.21 38.07 37.23
C VAL F 262 44.69 38.28 37.35
N PHE F 263 45.08 39.53 37.63
CA PHE F 263 46.48 39.90 37.77
C PHE F 263 46.88 39.95 39.22
N SER F 264 48.12 39.56 39.48
CA SER F 264 48.66 39.61 40.83
C SER F 264 48.97 41.04 41.25
N PRO F 265 49.01 41.30 42.55
CA PRO F 265 49.33 42.65 43.02
C PRO F 265 50.81 42.94 43.11
N HIS F 266 51.62 42.13 42.44
CA HIS F 266 53.05 42.31 42.49
C HIS F 266 53.44 43.59 41.76
N SER F 267 54.62 44.11 42.09
CA SER F 267 55.12 45.28 41.38
C SER F 267 55.37 44.95 39.92
N VAL F 268 55.71 43.70 39.64
CA VAL F 268 55.60 43.11 38.32
C VAL F 268 54.64 41.92 38.43
N PRO F 269 53.47 41.95 37.80
CA PRO F 269 52.41 41.02 38.18
C PRO F 269 52.43 39.70 37.42
N PHE F 270 51.93 38.68 38.10
CA PHE F 270 51.60 37.42 37.48
C PHE F 270 50.12 37.41 37.09
N LEU F 271 49.78 36.47 36.23
CA LEU F 271 48.43 36.35 35.71
C LEU F 271 47.87 34.97 35.98
N ALA F 272 46.77 34.92 36.73
CA ALA F 272 46.05 33.69 36.98
C ALA F 272 44.99 33.44 35.93
N SER F 273 44.88 32.19 35.50
CA SER F 273 43.95 31.77 34.46
C SER F 273 43.16 30.58 34.95
N LEU F 274 41.84 30.66 34.84
CA LEU F 274 40.96 29.59 35.28
C LEU F 274 39.95 29.28 34.19
N SER F 275 39.60 28.00 34.09
CA SER F 275 38.93 27.49 32.92
C SER F 275 37.78 26.58 33.34
N GLU F 276 37.19 25.98 32.31
CA GLU F 276 36.07 25.06 32.44
C GLU F 276 36.52 23.61 32.48
N ASP F 277 37.77 23.35 32.12
CA ASP F 277 38.38 22.04 32.21
C ASP F 277 38.75 21.68 33.64
N CYS F 278 38.32 22.48 34.61
CA CYS F 278 38.50 22.23 36.02
C CYS F 278 39.93 22.47 36.50
N SER F 279 40.72 23.25 35.78
CA SER F 279 42.09 23.52 36.15
C SER F 279 42.35 25.00 36.37
N LEU F 280 43.48 25.29 37.00
CA LEU F 280 43.99 26.63 37.24
C LEU F 280 45.43 26.69 36.76
N ALA F 281 45.86 27.89 36.39
CA ALA F 281 47.22 28.11 35.94
C ALA F 281 47.64 29.54 36.25
N VAL F 282 48.92 29.69 36.58
CA VAL F 282 49.52 31.00 36.84
C VAL F 282 50.62 31.22 35.82
N LEU F 283 50.55 32.37 35.15
CA LEU F 283 51.46 32.70 34.06
C LEU F 283 52.34 33.87 34.45
N ASP F 284 53.51 33.93 33.82
CA ASP F 284 54.39 35.08 33.98
C ASP F 284 54.15 36.07 32.84
N SER F 285 54.91 37.14 32.82
CA SER F 285 54.81 38.24 31.89
C SER F 285 55.08 37.85 30.46
N SER F 286 55.35 36.59 30.18
CA SER F 286 55.62 36.13 28.82
C SER F 286 54.61 35.10 28.34
N LEU F 287 53.55 34.86 29.11
CA LEU F 287 52.57 33.82 28.79
C LEU F 287 53.19 32.43 28.89
N SER F 288 54.20 32.30 29.74
CA SER F 288 54.81 31.01 30.04
C SER F 288 54.27 30.49 31.37
N GLU F 289 54.06 29.19 31.41
CA GLU F 289 53.36 28.55 32.52
C GLU F 289 54.31 28.27 33.67
N LEU F 290 53.87 28.60 34.87
CA LEU F 290 54.66 28.46 36.09
C LEU F 290 54.04 27.54 37.10
N PHE F 291 52.73 27.38 37.08
CA PHE F 291 52.02 26.61 38.09
C PHE F 291 50.70 26.12 37.52
N ARG F 292 50.28 24.95 37.99
CA ARG F 292 49.05 24.32 37.51
C ARG F 292 48.49 23.45 38.61
N SER F 293 47.16 23.48 38.75
CA SER F 293 46.48 22.80 39.84
C SER F 293 45.26 22.06 39.32
N GLN F 294 45.05 20.86 39.83
CA GLN F 294 43.89 20.02 39.53
C GLN F 294 43.12 19.73 40.80
N ALA F 295 43.07 20.70 41.70
CA ALA F 295 42.46 20.48 43.01
C ALA F 295 40.96 20.33 42.93
N HIS F 296 40.33 20.95 41.94
CA HIS F 296 38.87 21.02 41.91
C HIS F 296 38.30 19.86 41.10
N ARG F 297 37.07 19.50 41.45
CA ARG F 297 36.35 18.42 40.78
C ARG F 297 35.19 18.94 39.93
N ASP F 298 35.24 20.20 39.53
CA ASP F 298 34.13 20.83 38.85
C ASP F 298 34.62 22.20 38.37
N PHE F 299 33.70 23.02 37.88
CA PHE F 299 34.06 24.29 37.26
C PHE F 299 34.62 25.26 38.28
N VAL F 300 35.79 25.82 37.97
CA VAL F 300 36.38 26.89 38.76
C VAL F 300 35.82 28.22 38.30
N ARG F 301 35.49 29.07 39.25
CA ARG F 301 34.65 30.23 39.01
C ARG F 301 35.33 31.56 39.28
N ASP F 302 36.31 31.63 40.18
CA ASP F 302 36.92 32.90 40.51
C ASP F 302 38.21 32.69 41.26
N ALA F 303 39.07 33.70 41.21
CA ALA F 303 40.34 33.73 41.91
C ALA F 303 40.57 35.12 42.47
N THR F 304 41.22 35.17 43.62
CA THR F 304 41.52 36.43 44.27
C THR F 304 42.84 36.32 45.01
N TRP F 305 43.70 37.30 44.82
CA TRP F 305 45.00 37.34 45.48
C TRP F 305 44.87 38.05 46.82
N SER F 306 45.54 37.52 47.80
CA SER F 306 45.50 38.13 49.12
C SER F 306 46.40 39.35 49.16
N PRO F 307 45.97 40.43 49.83
CA PRO F 307 46.78 41.63 49.87
C PRO F 307 47.85 41.60 50.94
N LEU F 308 47.68 40.78 51.97
CA LEU F 308 48.71 40.64 53.00
C LEU F 308 49.91 39.90 52.46
N ASN F 309 49.72 38.63 52.11
CA ASN F 309 50.76 37.82 51.51
C ASN F 309 50.53 37.76 50.00
N HIS F 310 51.45 38.31 49.24
CA HIS F 310 51.36 38.31 47.80
C HIS F 310 51.75 36.98 47.19
N SER F 311 51.94 35.96 48.02
CA SER F 311 52.28 34.63 47.56
C SER F 311 51.08 33.69 47.55
N LEU F 312 49.94 34.15 48.06
CA LEU F 312 48.79 33.31 48.31
C LEU F 312 47.67 33.63 47.33
N LEU F 313 46.93 32.59 46.94
CA LEU F 313 45.82 32.73 46.00
C LEU F 313 44.71 31.77 46.36
N THR F 314 43.48 32.26 46.34
CA THR F 314 42.30 31.49 46.68
C THR F 314 41.40 31.31 45.47
N THR F 315 40.72 30.17 45.41
CA THR F 315 39.86 29.82 44.29
C THR F 315 38.63 29.09 44.82
N VAL F 316 37.53 29.22 44.08
CA VAL F 316 36.26 28.61 44.44
C VAL F 316 35.66 27.96 43.20
N GLY F 317 34.60 27.21 43.42
CA GLY F 317 34.02 26.41 42.36
C GLY F 317 32.70 25.83 42.76
N TRP F 318 32.13 25.05 41.84
CA TRP F 318 30.81 24.47 41.98
C TRP F 318 30.82 23.16 42.75
N ASP F 319 32.00 22.69 43.16
CA ASP F 319 32.12 21.53 44.03
C ASP F 319 32.06 21.88 45.52
N HIS F 320 31.88 23.15 45.85
CA HIS F 320 31.76 23.64 47.21
C HIS F 320 33.09 23.70 47.94
N GLN F 321 34.20 23.76 47.21
CA GLN F 321 35.53 23.84 47.81
C GLN F 321 36.04 25.28 47.80
N VAL F 322 36.66 25.68 48.90
CA VAL F 322 37.50 26.86 48.94
C VAL F 322 38.94 26.38 49.10
N VAL F 323 39.73 26.51 48.05
CA VAL F 323 41.08 26.00 48.00
C VAL F 323 42.08 27.15 48.06
N HIS F 324 43.06 27.02 48.93
CA HIS F 324 44.09 28.02 49.12
C HIS F 324 45.39 27.53 48.49
N HIS F 325 45.98 28.37 47.65
CA HIS F 325 47.18 28.05 46.92
C HIS F 325 48.32 28.96 47.36
N VAL F 326 49.47 28.37 47.64
CA VAL F 326 50.69 29.11 47.90
C VAL F 326 51.53 29.02 46.63
N VAL F 327 51.87 30.16 46.07
CA VAL F 327 52.41 30.25 44.72
C VAL F 327 53.87 30.67 44.79
N PRO F 328 54.78 30.03 44.06
CA PRO F 328 56.19 30.41 44.04
C PRO F 328 56.42 31.77 43.39
N ARG G 13 28.44 -6.27 -34.51
CA ARG G 13 28.82 -5.05 -35.26
C ARG G 13 27.98 -3.90 -34.76
N VAL G 14 28.06 -2.77 -35.45
CA VAL G 14 27.20 -1.64 -35.15
C VAL G 14 25.94 -1.73 -36.00
N SER G 15 24.87 -1.11 -35.50
CA SER G 15 23.56 -1.17 -36.13
C SER G 15 23.23 0.19 -36.72
N SER G 16 22.59 0.17 -37.88
CA SER G 16 22.30 1.39 -38.59
C SER G 16 21.01 1.21 -39.38
N GLY G 17 20.39 2.34 -39.71
CA GLY G 17 19.14 2.35 -40.43
C GLY G 17 19.09 3.47 -41.44
N ARG G 18 18.01 3.47 -42.20
CA ARG G 18 17.78 4.38 -43.30
C ARG G 18 16.49 5.15 -43.05
N ASP G 19 16.57 6.47 -43.20
CA ASP G 19 15.42 7.35 -43.06
C ASP G 19 14.93 7.77 -44.43
N LEU G 20 13.64 7.63 -44.67
CA LEU G 20 13.04 7.92 -45.95
C LEU G 20 11.74 8.66 -45.75
N ASN G 21 11.32 9.35 -46.81
CA ASN G 21 10.01 9.99 -46.86
C ASN G 21 9.26 9.69 -48.14
N CYS G 22 9.81 8.82 -49.00
CA CYS G 22 9.14 8.37 -50.21
C CYS G 22 9.26 6.87 -50.27
N VAL G 23 8.13 6.19 -50.11
CA VAL G 23 8.07 4.74 -50.17
C VAL G 23 6.91 4.37 -51.08
N PRO G 24 7.16 4.21 -52.37
CA PRO G 24 6.08 3.87 -53.31
C PRO G 24 5.57 2.44 -53.17
N GLU G 25 6.50 1.50 -53.11
CA GLU G 25 6.20 0.11 -52.82
C GLU G 25 7.06 -0.31 -51.63
N ILE G 26 6.41 -0.83 -50.60
CA ILE G 26 7.07 -1.05 -49.32
C ILE G 26 8.04 -2.23 -49.40
N ALA G 27 7.66 -3.28 -50.12
CA ALA G 27 8.45 -4.50 -50.15
C ALA G 27 9.74 -4.31 -50.93
N ASP G 28 9.65 -3.79 -52.15
CA ASP G 28 10.83 -3.50 -52.94
C ASP G 28 11.80 -2.60 -52.18
N THR G 29 11.26 -1.56 -51.52
CA THR G 29 12.09 -0.60 -50.83
C THR G 29 12.83 -1.27 -49.67
N LEU G 30 12.11 -2.04 -48.86
CA LEU G 30 12.74 -2.72 -47.75
C LEU G 30 13.77 -3.72 -48.23
N GLY G 31 13.51 -4.37 -49.36
CA GLY G 31 14.49 -5.27 -49.93
C GLY G 31 15.78 -4.57 -50.26
N ALA G 32 15.70 -3.48 -51.03
CA ALA G 32 16.89 -2.72 -51.37
C ALA G 32 17.63 -2.23 -50.13
N VAL G 33 16.88 -1.73 -49.15
CA VAL G 33 17.45 -1.27 -47.88
C VAL G 33 18.30 -2.36 -47.26
N ALA G 34 17.69 -3.53 -47.03
CA ALA G 34 18.42 -4.63 -46.43
C ALA G 34 19.59 -5.06 -47.31
N LYS G 35 19.47 -4.88 -48.62
CA LYS G 35 20.56 -5.26 -49.51
C LYS G 35 21.80 -4.41 -49.27
N GLN G 36 21.65 -3.09 -49.24
CA GLN G 36 22.82 -2.26 -48.98
C GLN G 36 23.42 -2.50 -47.61
N GLY G 37 22.74 -3.23 -46.73
CA GLY G 37 23.28 -3.59 -45.45
C GLY G 37 22.68 -2.89 -44.26
N PHE G 38 21.52 -2.28 -44.46
CA PHE G 38 20.84 -1.58 -43.38
C PHE G 38 20.00 -2.55 -42.56
N ASP G 39 19.87 -2.25 -41.27
CA ASP G 39 19.12 -3.14 -40.38
C ASP G 39 17.67 -2.72 -40.25
N PHE G 40 17.37 -1.43 -40.19
CA PHE G 40 15.98 -1.00 -40.11
C PHE G 40 15.74 0.21 -41.01
N LEU G 41 14.47 0.47 -41.22
CA LEU G 41 13.97 1.57 -42.03
C LEU G 41 12.94 2.37 -41.23
N CYS G 42 13.00 3.69 -41.36
CA CYS G 42 12.06 4.61 -40.75
C CYS G 42 11.25 5.28 -41.84
N MET G 43 9.93 5.26 -41.71
CA MET G 43 9.06 5.65 -42.80
C MET G 43 7.71 6.08 -42.26
N PRO G 44 6.93 6.81 -43.06
CA PRO G 44 5.59 7.22 -42.62
C PRO G 44 4.58 6.09 -42.67
N VAL G 45 3.62 6.15 -41.76
CA VAL G 45 2.56 5.15 -41.73
C VAL G 45 1.38 5.58 -42.60
N PHE G 46 1.13 6.86 -42.68
CA PHE G 46 0.21 7.48 -43.61
C PHE G 46 1.01 8.22 -44.68
N HIS G 47 0.32 8.69 -45.67
CA HIS G 47 1.00 9.54 -46.63
C HIS G 47 1.20 10.94 -46.04
N PRO G 48 2.39 11.52 -46.23
CA PRO G 48 2.69 12.79 -45.55
C PRO G 48 1.96 14.01 -46.10
N ARG G 49 1.50 13.97 -47.35
CA ARG G 49 0.80 15.09 -47.97
C ARG G 49 -0.71 14.90 -47.98
N PHE G 50 -1.21 13.96 -47.21
CA PHE G 50 -2.62 13.57 -47.21
C PHE G 50 -3.25 14.08 -45.92
N LYS G 51 -3.65 15.33 -45.92
CA LYS G 51 -4.29 15.91 -44.76
C LYS G 51 -5.71 15.41 -44.61
N ARG G 52 -6.06 15.11 -43.37
CA ARG G 52 -7.37 14.58 -43.01
C ARG G 52 -8.17 15.63 -42.27
N GLU G 53 -9.46 15.67 -42.55
CA GLU G 53 -10.42 16.49 -41.83
C GLU G 53 -11.30 15.60 -40.98
N PHE G 54 -11.52 16.00 -39.74
CA PHE G 54 -12.28 15.20 -38.79
C PHE G 54 -13.55 15.87 -38.32
N ILE G 55 -13.59 17.19 -38.32
CA ILE G 55 -14.67 17.93 -37.71
C ILE G 55 -15.67 18.44 -38.74
N GLN G 56 -15.17 18.98 -39.84
CA GLN G 56 -15.99 19.75 -40.77
C GLN G 56 -16.30 18.96 -42.04
N GLU G 57 -17.45 19.21 -42.59
CA GLU G 57 -17.92 18.65 -43.84
C GLU G 57 -17.59 19.56 -44.99
N PRO G 58 -17.64 19.05 -46.22
CA PRO G 58 -17.93 17.67 -46.64
C PRO G 58 -16.72 16.74 -46.64
N ALA G 59 -15.56 17.24 -46.27
CA ALA G 59 -14.33 16.46 -46.34
C ALA G 59 -14.20 15.47 -45.21
N LYS G 60 -14.93 15.68 -44.13
CA LYS G 60 -15.01 14.71 -43.03
C LYS G 60 -15.33 13.31 -43.53
N ASN G 61 -16.14 13.19 -44.57
CA ASN G 61 -16.62 11.90 -45.07
C ASN G 61 -15.90 11.45 -46.33
N ARG G 62 -14.61 11.73 -46.41
CA ARG G 62 -13.81 11.25 -47.51
C ARG G 62 -13.79 9.73 -47.52
N PRO G 63 -13.99 9.09 -48.67
CA PRO G 63 -14.02 7.62 -48.69
C PRO G 63 -12.66 7.01 -48.48
N GLY G 64 -12.67 5.85 -47.83
CA GLY G 64 -11.47 5.09 -47.62
C GLY G 64 -11.12 4.24 -48.82
N PRO G 65 -10.00 3.51 -48.70
CA PRO G 65 -9.16 3.41 -47.51
C PRO G 65 -8.26 4.62 -47.27
N GLN G 66 -7.96 4.85 -46.00
CA GLN G 66 -7.15 5.98 -45.59
C GLN G 66 -5.66 5.68 -45.61
N THR G 67 -5.27 4.40 -45.67
CA THR G 67 -3.88 4.02 -45.70
C THR G 67 -3.76 2.65 -46.35
N ARG G 68 -2.51 2.21 -46.55
CA ARG G 68 -2.21 0.87 -47.00
C ARG G 68 -2.32 -0.11 -45.83
N SER G 69 -2.46 -1.39 -46.18
CA SER G 69 -2.87 -2.41 -45.22
C SER G 69 -1.70 -2.97 -44.42
N ASP G 70 -2.05 -3.74 -43.41
CA ASP G 70 -1.09 -4.43 -42.56
C ASP G 70 -0.61 -5.73 -43.17
N LEU G 71 -1.40 -6.34 -44.02
CA LEU G 71 -1.09 -7.64 -44.61
C LEU G 71 -0.04 -7.57 -45.71
N LEU G 72 0.62 -6.43 -45.89
CA LEU G 72 1.66 -6.34 -46.89
C LEU G 72 2.98 -6.94 -46.41
N LEU G 73 3.24 -6.86 -45.12
CA LEU G 73 4.40 -7.49 -44.52
C LEU G 73 3.94 -8.55 -43.53
N SER G 74 4.90 -9.07 -42.78
CA SER G 74 4.69 -10.08 -41.77
C SER G 74 4.84 -9.46 -40.39
N GLY G 75 4.17 -10.08 -39.43
CA GLY G 75 4.19 -9.55 -38.08
C GLY G 75 5.59 -9.29 -37.55
N ARG G 76 6.49 -10.23 -37.77
CA ARG G 76 7.83 -10.06 -37.25
C ARG G 76 8.60 -8.99 -37.99
N ASP G 77 8.29 -8.78 -39.26
CA ASP G 77 8.94 -7.72 -40.02
C ASP G 77 8.52 -6.35 -39.51
N TRP G 78 7.21 -6.13 -39.37
CA TRP G 78 6.71 -4.98 -38.63
C TRP G 78 7.44 -4.80 -37.32
N ASN G 79 7.51 -5.87 -36.54
CA ASN G 79 7.99 -5.79 -35.16
C ASN G 79 9.48 -5.49 -35.06
N THR G 80 10.26 -5.87 -36.07
CA THR G 80 11.71 -5.75 -35.97
C THR G 80 12.33 -4.72 -36.90
N LEU G 81 11.71 -4.42 -38.04
CA LEU G 81 12.38 -3.70 -39.11
C LEU G 81 11.82 -2.33 -39.44
N ILE G 82 10.83 -1.82 -38.73
CA ILE G 82 10.14 -0.61 -39.13
C ILE G 82 9.99 0.31 -37.93
N VAL G 83 10.46 1.55 -38.08
CA VAL G 83 10.22 2.62 -37.13
C VAL G 83 9.26 3.61 -37.76
N GLY G 84 8.32 4.07 -36.98
CA GLY G 84 7.30 4.95 -37.47
C GLY G 84 7.65 6.41 -37.39
N LYS G 85 6.89 7.20 -38.15
CA LYS G 85 7.11 8.63 -38.28
C LYS G 85 5.78 9.37 -38.33
N LEU G 86 5.75 10.54 -37.69
CA LEU G 86 4.58 11.39 -37.69
C LEU G 86 4.63 12.36 -38.85
N SER G 87 3.47 12.62 -39.44
CA SER G 87 3.39 13.43 -40.64
C SER G 87 3.70 14.90 -40.33
N PRO G 88 4.31 15.61 -41.28
CA PRO G 88 4.81 16.96 -40.99
C PRO G 88 3.72 17.99 -40.80
N TRP G 89 2.59 17.85 -41.48
CA TRP G 89 1.55 18.85 -41.40
C TRP G 89 0.85 18.88 -40.06
N ILE G 90 1.24 18.03 -39.13
CA ILE G 90 0.57 17.93 -37.84
C ILE G 90 1.28 18.85 -36.85
N ARG G 91 0.53 19.82 -36.32
CA ARG G 91 1.09 20.88 -35.48
C ARG G 91 0.15 21.17 -34.31
N PRO G 92 0.29 20.47 -33.20
CA PRO G 92 -0.66 20.64 -32.09
C PRO G 92 -0.48 21.93 -31.32
N ASP G 93 0.62 22.64 -31.48
CA ASP G 93 0.85 23.87 -30.72
C ASP G 93 0.69 25.11 -31.58
N SER G 94 -0.04 24.97 -32.68
CA SER G 94 -0.46 26.10 -33.49
C SER G 94 -1.30 27.07 -32.67
N LYS G 95 -1.47 28.27 -33.22
CA LYS G 95 -2.32 29.29 -32.62
C LYS G 95 -3.69 29.36 -33.26
N VAL G 96 -3.97 28.53 -34.26
CA VAL G 96 -5.28 28.47 -34.91
C VAL G 96 -6.02 27.26 -34.38
N GLU G 97 -7.08 27.52 -33.61
CA GLU G 97 -7.77 26.47 -32.88
C GLU G 97 -8.15 25.30 -33.76
N LYS G 98 -8.68 25.57 -34.95
CA LYS G 98 -9.13 24.51 -35.84
C LYS G 98 -8.00 23.56 -36.17
N ILE G 99 -6.87 24.13 -36.61
CA ILE G 99 -5.71 23.34 -36.97
C ILE G 99 -5.25 22.52 -35.77
N ARG G 100 -5.27 23.12 -34.59
CA ARG G 100 -4.80 22.44 -33.39
C ARG G 100 -5.67 21.24 -33.06
N ARG G 101 -6.98 21.38 -33.22
CA ARG G 101 -7.89 20.28 -32.91
C ARG G 101 -7.74 19.15 -33.91
N ASN G 102 -7.69 19.49 -35.19
CA ASN G 102 -7.45 18.48 -36.21
C ASN G 102 -6.13 17.77 -35.99
N SER G 103 -5.11 18.51 -35.57
CA SER G 103 -3.81 17.92 -35.31
C SER G 103 -3.85 16.93 -34.16
N GLU G 104 -4.52 17.29 -33.06
CA GLU G 104 -4.74 16.36 -31.97
C GLU G 104 -5.34 15.04 -32.46
N ALA G 105 -6.43 15.14 -33.22
CA ALA G 105 -7.12 13.94 -33.67
C ALA G 105 -6.22 13.10 -34.56
N ALA G 106 -5.56 13.73 -35.53
CA ALA G 106 -4.69 12.99 -36.43
C ALA G 106 -3.54 12.33 -35.71
N MET G 107 -2.98 13.02 -34.72
CA MET G 107 -1.86 12.47 -33.98
C MET G 107 -2.26 11.21 -33.27
N LEU G 108 -3.40 11.25 -32.55
CA LEU G 108 -3.85 10.04 -31.89
C LEU G 108 -4.09 8.93 -32.88
N GLN G 109 -4.72 9.24 -34.01
CA GLN G 109 -4.99 8.24 -35.03
C GLN G 109 -3.70 7.52 -35.47
N GLU G 110 -2.67 8.29 -35.80
CA GLU G 110 -1.43 7.69 -36.26
C GLU G 110 -0.76 6.87 -35.17
N LEU G 111 -0.81 7.34 -33.93
CA LEU G 111 -0.19 6.61 -32.84
C LEU G 111 -0.89 5.28 -32.60
N ASN G 112 -2.21 5.27 -32.76
CA ASN G 112 -2.97 4.06 -32.52
C ASN G 112 -2.82 3.06 -33.64
N PHE G 113 -2.69 3.53 -34.88
CA PHE G 113 -2.35 2.62 -35.96
C PHE G 113 -0.97 2.00 -35.75
N GLY G 114 -0.01 2.80 -35.28
CA GLY G 114 1.27 2.24 -34.89
C GLY G 114 1.15 1.11 -33.88
N ALA G 115 0.45 1.38 -32.78
CA ALA G 115 0.17 0.35 -31.78
C ALA G 115 -0.43 -0.90 -32.40
N TYR G 116 -1.45 -0.73 -33.25
CA TYR G 116 -2.07 -1.83 -33.95
C TYR G 116 -1.06 -2.64 -34.76
N LEU G 117 -0.05 -2.00 -35.32
CA LEU G 117 0.96 -2.73 -36.09
C LEU G 117 2.06 -3.36 -35.23
N GLY G 118 2.14 -3.02 -33.95
CA GLY G 118 3.22 -3.51 -33.11
C GLY G 118 4.60 -3.02 -33.48
N LEU G 119 4.76 -1.73 -33.65
CA LEU G 119 6.04 -1.16 -34.02
C LEU G 119 6.94 -1.01 -32.80
N PRO G 120 8.25 -1.14 -32.98
CA PRO G 120 9.16 -1.03 -31.83
C PRO G 120 9.47 0.39 -31.41
N ALA G 121 9.26 1.38 -32.27
CA ALA G 121 9.52 2.76 -31.91
C ALA G 121 8.89 3.69 -32.93
N PHE G 122 8.76 4.96 -32.54
CA PHE G 122 8.07 5.96 -33.33
C PHE G 122 8.77 7.30 -33.19
N LEU G 123 9.04 7.95 -34.31
CA LEU G 123 9.77 9.21 -34.35
C LEU G 123 8.85 10.42 -34.27
N LEU G 124 9.20 11.35 -33.39
CA LEU G 124 8.44 12.58 -33.21
C LEU G 124 9.36 13.79 -33.11
N PRO G 125 9.03 14.91 -33.77
CA PRO G 125 9.92 16.07 -33.80
C PRO G 125 9.74 17.10 -32.70
N LEU G 126 10.87 17.66 -32.27
CA LEU G 126 10.93 18.90 -31.51
C LEU G 126 11.73 19.93 -32.31
N ASN G 127 11.03 20.91 -32.87
CA ASN G 127 11.67 21.95 -33.66
C ASN G 127 11.30 23.35 -33.17
N GLN G 128 10.78 23.47 -31.96
CA GLN G 128 10.46 24.77 -31.40
C GLN G 128 10.33 24.64 -29.89
N GLU G 129 10.04 25.77 -29.25
CA GLU G 129 10.13 25.88 -27.80
C GLU G 129 8.88 25.37 -27.10
N ASP G 130 7.70 25.64 -27.63
CA ASP G 130 6.44 25.32 -26.97
C ASP G 130 5.85 24.05 -27.55
N ASN G 131 5.94 22.96 -26.79
CA ASN G 131 5.35 21.68 -27.15
C ASN G 131 4.59 21.09 -25.97
N THR G 132 3.74 21.93 -25.38
CA THR G 132 2.99 21.57 -24.19
C THR G 132 1.81 20.64 -24.52
N ASN G 133 1.06 20.97 -25.56
CA ASN G 133 -0.10 20.19 -25.94
C ASN G 133 0.29 18.86 -26.59
N LEU G 134 1.39 18.85 -27.34
CA LEU G 134 1.95 17.62 -27.84
C LEU G 134 2.25 16.64 -26.71
N ALA G 135 2.95 17.14 -25.70
CA ALA G 135 3.26 16.31 -24.55
C ALA G 135 2.00 15.81 -23.88
N ARG G 136 0.97 16.66 -23.83
CA ARG G 136 -0.28 16.24 -23.23
C ARG G 136 -0.91 15.08 -24.00
N VAL G 137 -0.97 15.22 -25.32
CA VAL G 137 -1.59 14.19 -26.14
C VAL G 137 -0.85 12.86 -25.99
N LEU G 138 0.48 12.92 -26.04
CA LEU G 138 1.26 11.70 -25.92
C LEU G 138 1.10 11.08 -24.53
N THR G 139 1.10 11.91 -23.50
CA THR G 139 0.92 11.43 -22.14
C THR G 139 -0.42 10.74 -21.96
N ASN G 140 -1.48 11.29 -22.57
CA ASN G 140 -2.76 10.59 -22.63
C ASN G 140 -2.63 9.23 -23.26
N HIS G 141 -2.00 9.18 -24.44
CA HIS G 141 -1.82 7.91 -25.13
C HIS G 141 -1.14 6.87 -24.25
N ILE G 142 -0.07 7.28 -23.55
CA ILE G 142 0.70 6.32 -22.78
C ILE G 142 -0.12 5.69 -21.68
N HIS G 143 -0.97 6.46 -21.01
CA HIS G 143 -1.78 5.96 -19.90
C HIS G 143 -3.13 5.46 -20.42
N THR G 144 -3.07 4.67 -21.46
CA THR G 144 -4.25 4.13 -22.12
C THR G 144 -3.98 2.71 -22.56
N SER G 149 5.64 0.24 -26.99
CA SER G 149 6.48 0.88 -27.98
C SER G 149 7.22 2.06 -27.38
N MET G 150 8.42 2.29 -27.86
CA MET G 150 9.19 3.45 -27.42
C MET G 150 8.94 4.62 -28.35
N PHE G 151 9.29 5.80 -27.87
CA PHE G 151 9.08 7.05 -28.59
C PHE G 151 10.37 7.83 -28.67
N TRP G 152 10.82 8.09 -29.88
CA TRP G 152 12.09 8.73 -30.15
C TRP G 152 11.85 10.18 -30.54
N MET G 153 12.41 11.09 -29.77
CA MET G 153 12.20 12.51 -29.97
C MET G 153 13.34 13.10 -30.77
N ARG G 154 13.00 13.70 -31.91
CA ARG G 154 13.98 14.21 -32.87
C ARG G 154 14.32 15.63 -32.49
N VAL G 155 15.52 15.82 -31.96
CA VAL G 155 15.95 17.12 -31.45
C VAL G 155 17.37 17.43 -31.90
N PRO G 156 17.62 18.60 -32.48
CA PRO G 156 18.94 18.90 -33.01
C PRO G 156 19.86 19.57 -32.00
N LEU G 157 21.15 19.52 -32.34
CA LEU G 157 22.16 20.22 -31.55
C LEU G 157 22.09 21.73 -31.73
N VAL G 158 21.81 22.18 -32.93
CA VAL G 158 21.73 23.60 -33.24
C VAL G 158 20.37 23.89 -33.83
N ALA G 159 19.78 24.98 -33.36
CA ALA G 159 18.49 25.38 -33.85
C ALA G 159 18.57 25.84 -35.30
N PRO G 160 17.51 25.64 -36.07
CA PRO G 160 17.56 25.98 -37.49
C PRO G 160 17.61 27.48 -37.75
N GLU G 161 17.13 28.30 -36.81
CA GLU G 161 17.26 29.73 -36.96
C GLU G 161 18.71 30.18 -36.79
N ASP G 162 19.46 29.52 -35.92
CA ASP G 162 20.87 29.80 -35.73
C ASP G 162 21.74 29.08 -36.73
N LEU G 163 21.15 28.68 -37.86
CA LEU G 163 21.79 27.81 -38.82
C LEU G 163 21.75 28.35 -40.24
N ARG G 164 20.96 29.39 -40.48
CA ARG G 164 20.77 29.94 -41.80
C ARG G 164 21.94 30.84 -42.20
N ASP G 165 21.94 31.22 -43.47
CA ASP G 165 23.00 32.01 -44.06
C ASP G 165 22.69 33.50 -43.98
N ASP G 166 23.76 34.30 -44.01
CA ASP G 166 23.64 35.76 -43.98
C ASP G 166 23.48 36.25 -45.41
N ILE G 167 22.23 36.33 -45.85
CA ILE G 167 21.91 36.74 -47.21
C ILE G 167 20.63 37.56 -47.21
N ILE G 168 20.16 37.95 -46.03
CA ILE G 168 19.06 38.89 -45.88
C ILE G 168 19.64 40.18 -45.32
N GLU G 169 19.42 41.29 -46.03
CA GLU G 169 20.08 42.53 -45.67
C GLU G 169 19.43 43.17 -44.45
N ASN G 170 18.11 43.20 -44.39
CA ASN G 170 17.38 43.82 -43.29
C ASN G 170 16.94 42.82 -42.23
N ALA G 171 17.73 41.78 -41.99
CA ALA G 171 17.50 40.84 -40.91
C ALA G 171 18.78 40.06 -40.66
N PRO G 172 19.76 40.67 -40.01
CA PRO G 172 21.10 40.10 -39.96
C PRO G 172 21.22 38.96 -38.95
N THR G 173 22.35 38.29 -39.02
CA THR G 173 22.67 37.13 -38.19
C THR G 173 23.55 37.54 -37.02
N THR G 174 23.44 36.82 -35.92
CA THR G 174 24.23 37.09 -34.73
C THR G 174 25.72 36.83 -34.97
N GLY G 181 22.67 30.33 -25.58
CA GLY G 181 22.20 30.25 -26.94
C GLY G 181 22.60 28.95 -27.61
N GLU G 182 23.67 28.35 -27.09
CA GLU G 182 24.02 26.98 -27.41
C GLU G 182 23.24 25.98 -26.59
N GLU G 183 22.41 26.45 -25.66
CA GLU G 183 21.79 25.60 -24.66
C GLU G 183 20.27 25.54 -24.76
N LYS G 184 19.67 26.13 -25.80
CA LYS G 184 18.22 26.21 -25.85
C LYS G 184 17.58 24.89 -26.27
N THR G 185 18.25 24.16 -27.15
CA THR G 185 17.72 22.90 -27.63
C THR G 185 17.71 21.83 -26.56
N TRP G 186 18.61 21.91 -25.58
CA TRP G 186 18.57 20.99 -24.46
C TRP G 186 17.43 21.35 -23.52
N MET G 187 17.16 22.63 -23.35
CA MET G 187 16.07 23.09 -22.50
C MET G 187 14.73 22.65 -23.06
N TRP G 188 14.59 22.67 -24.39
CA TRP G 188 13.39 22.13 -25.01
C TRP G 188 13.09 20.72 -24.50
N TRP G 189 14.07 19.83 -24.68
CA TRP G 189 13.92 18.43 -24.29
C TRP G 189 13.66 18.30 -22.81
N HIS G 190 14.35 19.09 -22.01
CA HIS G 190 14.23 18.97 -20.57
C HIS G 190 12.82 19.32 -20.11
N ASN G 191 12.27 20.39 -20.65
CA ASN G 191 10.93 20.80 -20.28
C ASN G 191 9.89 19.80 -20.75
N PHE G 192 10.05 19.30 -21.97
CA PHE G 192 9.18 18.24 -22.46
C PHE G 192 9.12 17.05 -21.50
N ARG G 193 10.30 16.48 -21.22
CA ARG G 193 10.36 15.30 -20.38
C ARG G 193 9.84 15.56 -18.98
N THR G 194 10.08 16.76 -18.45
CA THR G 194 9.49 17.14 -17.17
C THR G 194 7.97 17.10 -17.23
N LEU G 195 7.38 17.68 -18.26
CA LEU G 195 5.93 17.59 -18.43
C LEU G 195 5.44 16.16 -18.46
N CYS G 196 6.14 15.28 -19.20
CA CYS G 196 5.75 13.88 -19.28
C CYS G 196 6.15 13.05 -18.07
N ASP G 197 6.90 13.62 -17.13
CA ASP G 197 7.20 12.99 -15.84
C ASP G 197 8.22 11.88 -15.96
N TYR G 198 9.34 12.19 -16.61
CA TYR G 198 10.50 11.32 -16.67
C TYR G 198 10.12 9.89 -17.02
N SER G 199 9.36 9.74 -18.08
CA SER G 199 8.87 8.44 -18.47
C SER G 199 9.95 7.60 -19.14
N LYS G 200 9.82 6.28 -18.98
CA LYS G 200 10.79 5.34 -19.52
C LYS G 200 10.65 5.18 -21.02
N ARG G 201 9.44 5.29 -21.54
CA ARG G 201 9.15 5.06 -22.93
C ARG G 201 9.47 6.24 -23.82
N ILE G 202 10.24 7.21 -23.33
CA ILE G 202 10.52 8.45 -24.04
C ILE G 202 12.04 8.65 -24.07
N ALA G 203 12.58 8.89 -25.25
CA ALA G 203 14.01 8.89 -25.45
C ALA G 203 14.40 9.90 -26.53
N VAL G 204 15.69 10.14 -26.63
CA VAL G 204 16.26 11.16 -27.50
C VAL G 204 16.72 10.56 -28.82
N ALA G 205 16.51 11.31 -29.90
CA ALA G 205 17.12 11.04 -31.20
C ALA G 205 17.83 12.31 -31.67
N LEU G 206 19.14 12.35 -31.47
CA LEU G 206 19.94 13.55 -31.68
C LEU G 206 20.35 13.71 -33.13
N GLU G 207 20.00 14.85 -33.71
CA GLU G 207 20.41 15.20 -35.06
C GLU G 207 21.70 16.00 -35.03
N ILE G 208 22.58 15.70 -35.97
CA ILE G 208 23.90 16.29 -36.02
C ILE G 208 24.07 17.04 -37.33
N GLY G 209 24.86 18.10 -37.30
CA GLY G 209 25.10 18.91 -38.47
C GLY G 209 26.56 19.25 -38.67
N ALA G 210 26.81 20.25 -39.50
CA ALA G 210 28.16 20.53 -39.96
C ALA G 210 29.02 21.11 -38.84
N ASP G 211 28.60 22.22 -38.26
CA ASP G 211 29.34 22.85 -37.19
C ASP G 211 28.87 22.30 -35.85
N LEU G 212 29.80 22.17 -34.93
CA LEU G 212 29.54 21.54 -33.66
C LEU G 212 29.66 22.53 -32.53
N PRO G 213 28.90 22.34 -31.45
CA PRO G 213 29.00 23.26 -30.32
C PRO G 213 30.29 23.09 -29.54
N SER G 214 30.30 23.54 -28.30
CA SER G 214 31.50 23.54 -27.50
C SER G 214 31.87 22.15 -27.04
N ASN G 215 31.90 21.92 -25.73
CA ASN G 215 32.45 20.69 -25.20
C ASN G 215 31.83 20.34 -23.86
N HIS G 216 31.71 21.32 -22.98
CA HIS G 216 30.87 21.15 -21.81
C HIS G 216 29.46 20.78 -22.21
N VAL G 217 29.01 21.29 -23.37
CA VAL G 217 27.72 20.97 -23.94
C VAL G 217 27.62 19.49 -24.26
N ILE G 218 28.47 19.02 -25.17
CA ILE G 218 28.50 17.61 -25.52
C ILE G 218 28.50 16.75 -24.27
N ASP G 219 29.21 17.19 -23.24
CA ASP G 219 29.16 16.49 -21.97
C ASP G 219 27.77 16.59 -21.34
N ARG G 220 27.06 17.69 -21.57
CA ARG G 220 25.72 17.84 -21.02
C ARG G 220 24.79 16.75 -21.55
N TRP G 221 24.88 16.46 -22.84
CA TRP G 221 24.06 15.41 -23.42
C TRP G 221 24.49 14.05 -22.91
N LEU G 222 25.57 14.01 -22.13
CA LEU G 222 25.80 12.85 -21.28
C LEU G 222 24.72 12.80 -20.22
N GLY G 223 24.39 11.60 -19.81
CA GLY G 223 23.33 11.39 -18.88
C GLY G 223 21.97 11.26 -19.49
N GLU G 224 21.77 11.79 -20.68
CA GLU G 224 20.48 11.75 -21.31
C GLU G 224 20.25 10.42 -22.03
N PRO G 225 19.02 9.95 -22.08
CA PRO G 225 18.72 8.67 -22.72
C PRO G 225 18.69 8.77 -24.23
N ILE G 226 19.89 8.71 -24.79
CA ILE G 226 20.10 8.77 -26.22
C ILE G 226 20.09 7.36 -26.78
N LYS G 227 19.14 7.08 -27.67
CA LYS G 227 19.03 5.78 -28.32
C LYS G 227 19.47 5.78 -29.76
N ALA G 228 19.52 6.94 -30.42
CA ALA G 228 19.86 6.98 -31.82
C ALA G 228 20.51 8.30 -32.16
N ALA G 229 21.36 8.27 -33.18
CA ALA G 229 22.00 9.45 -33.74
C ALA G 229 21.76 9.49 -35.24
N ILE G 230 21.50 10.68 -35.75
CA ILE G 230 21.10 10.88 -37.13
C ILE G 230 22.22 11.60 -37.86
N LEU G 231 22.72 10.98 -38.92
CA LEU G 231 23.82 11.50 -39.71
C LEU G 231 23.37 11.81 -41.11
N PRO G 232 23.47 13.06 -41.56
CA PRO G 232 23.19 13.37 -42.96
C PRO G 232 24.38 13.12 -43.86
N THR G 233 24.07 12.91 -45.13
CA THR G 233 25.09 12.69 -46.14
C THR G 233 25.97 13.91 -46.36
N SER G 234 25.53 15.07 -45.91
CA SER G 234 26.18 16.33 -46.24
C SER G 234 27.33 16.66 -45.31
N ILE G 235 27.61 15.82 -44.31
CA ILE G 235 28.76 16.04 -43.46
C ILE G 235 29.93 15.15 -43.83
N PHE G 236 29.71 14.17 -44.70
CA PHE G 236 30.79 13.32 -45.18
C PHE G 236 31.54 14.04 -46.29
N LEU G 237 32.82 14.32 -46.04
CA LEU G 237 33.69 14.81 -47.09
C LEU G 237 33.99 13.68 -48.07
N THR G 238 34.68 14.03 -49.14
CA THR G 238 35.07 13.07 -50.16
C THR G 238 36.59 12.95 -50.18
N ASN G 239 37.08 11.72 -50.20
CA ASN G 239 38.49 11.43 -50.22
C ASN G 239 39.05 11.66 -51.63
N LYS G 240 40.37 11.56 -51.74
CA LYS G 240 41.00 11.72 -53.04
C LYS G 240 40.59 10.60 -54.00
N LYS G 241 40.47 9.38 -53.48
CA LYS G 241 39.92 8.28 -54.26
C LYS G 241 38.46 8.47 -54.60
N GLY G 242 37.75 9.30 -53.84
CA GLY G 242 36.33 9.48 -54.04
C GLY G 242 35.46 8.77 -53.03
N PHE G 243 36.02 8.33 -51.95
CA PHE G 243 35.23 7.70 -50.89
C PHE G 243 34.76 8.73 -49.87
N PRO G 244 33.76 8.40 -49.08
CA PRO G 244 33.31 9.32 -48.03
C PRO G 244 34.10 9.17 -46.75
N VAL G 245 34.34 10.29 -46.09
CA VAL G 245 35.09 10.35 -44.85
C VAL G 245 34.50 11.46 -43.98
N LEU G 246 35.06 11.61 -42.78
CA LEU G 246 34.62 12.64 -41.85
C LEU G 246 35.81 13.41 -41.31
N SER G 247 35.50 14.55 -40.71
CA SER G 247 36.49 15.34 -40.01
C SER G 247 36.84 14.67 -38.70
N LYS G 248 37.87 15.21 -38.04
CA LYS G 248 38.36 14.57 -36.83
C LYS G 248 37.50 14.88 -35.61
N MET G 249 36.93 16.07 -35.51
CA MET G 249 36.03 16.34 -34.39
C MET G 249 34.78 15.48 -34.49
N HIS G 250 34.26 15.30 -35.70
CA HIS G 250 33.16 14.37 -35.90
C HIS G 250 33.56 12.96 -35.48
N GLN G 251 34.79 12.57 -35.79
CA GLN G 251 35.27 11.24 -35.40
C GLN G 251 35.31 11.10 -33.89
N ARG G 252 35.77 12.13 -33.20
CA ARG G 252 35.78 12.11 -31.74
C ARG G 252 34.37 11.91 -31.19
N LEU G 253 33.42 12.68 -31.71
CA LEU G 253 32.05 12.56 -31.24
C LEU G 253 31.49 11.17 -31.49
N ILE G 254 31.78 10.61 -32.66
CA ILE G 254 31.34 9.26 -32.99
C ILE G 254 31.92 8.26 -32.00
N PHE G 255 33.20 8.42 -31.68
CA PHE G 255 33.83 7.55 -30.70
C PHE G 255 33.09 7.60 -29.38
N ARG G 256 32.73 8.81 -28.94
CA ARG G 256 32.04 8.94 -27.67
C ARG G 256 30.66 8.31 -27.71
N LEU G 257 29.96 8.46 -28.83
CA LEU G 257 28.64 7.86 -28.95
C LEU G 257 28.68 6.34 -29.02
N LEU G 258 29.73 5.78 -29.62
CA LEU G 258 29.79 4.34 -29.77
C LEU G 258 29.81 3.62 -28.43
N LYS G 259 30.30 4.28 -27.39
CA LYS G 259 30.31 3.68 -26.06
C LYS G 259 28.89 3.49 -25.55
N LEU G 260 28.09 4.56 -25.56
CA LEU G 260 26.70 4.46 -25.15
C LEU G 260 25.93 3.41 -25.94
N GLU G 261 26.46 2.98 -27.08
CA GLU G 261 25.86 1.90 -27.86
C GLU G 261 24.56 2.34 -28.54
N VAL G 262 24.64 3.42 -29.29
CA VAL G 262 23.47 3.94 -30.00
C VAL G 262 23.41 3.34 -31.39
N GLN G 263 22.23 3.44 -31.99
CA GLN G 263 22.02 3.11 -33.38
C GLN G 263 22.09 4.38 -34.22
N PHE G 264 22.74 4.28 -35.36
CA PHE G 264 22.93 5.40 -36.26
C PHE G 264 21.93 5.34 -37.41
N ILE G 265 21.46 6.50 -37.83
CA ILE G 265 20.55 6.62 -38.96
C ILE G 265 21.15 7.58 -39.98
N ILE G 266 21.11 7.16 -41.24
CA ILE G 266 21.56 7.96 -42.36
C ILE G 266 20.33 8.60 -43.01
N THR G 267 20.40 9.91 -43.23
CA THR G 267 19.33 10.62 -43.90
C THR G 267 19.89 11.44 -45.05
N GLY G 268 19.06 11.60 -46.07
CA GLY G 268 19.32 12.47 -47.20
C GLY G 268 19.73 11.70 -48.44
N THR G 269 20.19 12.47 -49.42
CA THR G 269 20.48 11.96 -50.74
C THR G 269 21.94 11.57 -50.89
N ASN G 270 22.18 10.57 -51.74
CA ASN G 270 23.52 10.14 -52.10
C ASN G 270 24.14 11.17 -53.05
N HIS G 271 24.94 12.06 -52.50
CA HIS G 271 25.60 13.06 -53.31
C HIS G 271 26.77 12.48 -54.10
N HIS G 272 27.35 11.38 -53.62
CA HIS G 272 28.41 10.68 -54.32
C HIS G 272 27.80 9.53 -55.13
N SER G 273 27.04 9.94 -56.16
CA SER G 273 26.27 8.98 -56.94
C SER G 273 27.12 7.82 -57.43
N GLU G 274 28.44 7.97 -57.44
CA GLU G 274 29.32 6.86 -57.79
C GLU G 274 29.35 5.78 -56.73
N LYS G 275 29.10 6.13 -55.46
CA LYS G 275 29.33 5.22 -54.35
C LYS G 275 28.00 4.93 -53.66
N GLU G 276 27.64 3.65 -53.59
CA GLU G 276 26.44 3.23 -52.90
C GLU G 276 26.56 3.47 -51.41
N PHE G 277 25.41 3.42 -50.73
CA PHE G 277 25.39 3.66 -49.29
C PHE G 277 26.22 2.64 -48.53
N CYS G 278 26.53 1.50 -49.13
CA CYS G 278 27.32 0.49 -48.44
C CYS G 278 28.68 1.04 -48.02
N SER G 279 29.19 2.03 -48.72
CA SER G 279 30.50 2.58 -48.41
C SER G 279 30.48 3.41 -47.14
N TYR G 280 29.43 4.20 -46.94
CA TYR G 280 29.26 4.90 -45.68
C TYR G 280 29.30 3.92 -44.51
N LEU G 281 28.53 2.84 -44.61
CA LEU G 281 28.46 1.85 -43.55
C LEU G 281 29.81 1.19 -43.31
N GLN G 282 30.57 0.95 -44.39
CA GLN G 282 31.87 0.33 -44.21
C GLN G 282 32.83 1.29 -43.53
N TYR G 283 32.76 2.58 -43.85
CA TYR G 283 33.52 3.57 -43.11
C TYR G 283 33.18 3.52 -41.63
N LEU G 284 31.89 3.41 -41.31
CA LEU G 284 31.48 3.36 -39.92
C LEU G 284 32.06 2.14 -39.21
N GLU G 285 31.97 0.97 -39.86
CA GLU G 285 32.54 -0.24 -39.28
C GLU G 285 34.04 -0.12 -39.09
N TYR G 286 34.73 0.41 -40.09
CA TYR G 286 36.16 0.66 -39.96
C TYR G 286 36.47 1.50 -38.74
N LEU G 287 35.76 2.61 -38.58
CA LEU G 287 35.93 3.44 -37.39
C LEU G 287 35.73 2.62 -36.12
N SER G 288 34.68 1.81 -36.08
CA SER G 288 34.41 1.03 -34.88
C SER G 288 35.55 0.08 -34.56
N GLN G 289 36.06 -0.61 -35.58
CA GLN G 289 37.08 -1.62 -35.34
C GLN G 289 38.33 -1.02 -34.73
N ASN G 290 38.85 0.04 -35.34
CA ASN G 290 40.02 0.73 -34.82
C ASN G 290 39.60 1.66 -33.69
N ARG G 291 39.52 1.09 -32.51
CA ARG G 291 39.30 1.82 -31.26
C ARG G 291 40.18 1.23 -30.18
N PRO G 292 40.59 2.03 -29.21
CA PRO G 292 41.31 1.49 -28.05
C PRO G 292 40.51 0.38 -27.39
N PRO G 293 40.93 -0.88 -27.53
CA PRO G 293 40.09 -2.00 -27.08
C PRO G 293 39.78 -1.91 -25.60
N PRO G 294 38.92 -2.79 -25.09
CA PRO G 294 38.53 -2.71 -23.68
C PRO G 294 39.57 -3.34 -22.77
N ASN G 295 39.89 -2.66 -21.66
CA ASN G 295 40.86 -3.17 -20.71
C ASN G 295 40.32 -4.43 -20.04
N ALA G 296 40.92 -4.83 -18.93
CA ALA G 296 40.41 -5.94 -18.16
C ALA G 296 39.20 -5.54 -17.33
N TYR G 297 39.20 -4.31 -16.83
CA TYR G 297 38.06 -3.80 -16.08
C TYR G 297 36.84 -3.64 -16.99
N GLU G 298 36.96 -2.78 -18.00
CA GLU G 298 35.86 -2.56 -18.94
C GLU G 298 35.30 -3.88 -19.43
N LEU G 299 36.16 -4.87 -19.59
CA LEU G 299 35.72 -6.21 -19.97
C LEU G 299 34.90 -6.84 -18.85
N PHE G 300 35.52 -6.97 -17.67
CA PHE G 300 34.80 -7.48 -16.50
C PHE G 300 33.53 -6.69 -16.26
N ALA G 301 33.56 -5.40 -16.57
CA ALA G 301 32.43 -4.50 -16.32
C ALA G 301 31.37 -4.59 -17.41
N LYS G 302 31.33 -5.70 -18.13
CA LYS G 302 30.40 -5.89 -19.23
C LYS G 302 29.14 -6.57 -18.72
N GLY G 303 28.00 -5.95 -18.96
CA GLY G 303 26.72 -6.46 -18.53
C GLY G 303 26.20 -5.86 -17.25
N TYR G 304 26.97 -5.00 -16.61
CA TYR G 304 26.59 -4.40 -15.35
C TYR G 304 26.33 -2.90 -15.46
N GLU G 305 26.51 -2.33 -16.63
CA GLU G 305 26.35 -0.89 -16.81
C GLU G 305 24.99 -0.44 -16.29
N ASP G 306 25.03 0.46 -15.31
CA ASP G 306 23.82 1.06 -14.76
C ASP G 306 22.87 0.00 -14.21
N TYR G 307 23.43 -0.97 -13.47
CA TYR G 307 22.65 -1.99 -12.80
C TYR G 307 22.79 -1.82 -11.30
N LEU G 308 21.69 -1.48 -10.65
CA LEU G 308 21.70 -1.16 -9.23
C LEU G 308 21.80 -2.42 -8.39
N GLN G 309 22.61 -2.35 -7.33
CA GLN G 309 22.83 -3.46 -6.45
C GLN G 309 22.73 -3.00 -5.00
N SER G 310 22.31 -3.89 -4.17
CA SER G 310 22.29 -3.66 -2.73
C SER G 310 23.67 -3.94 -2.13
N PRO G 311 24.18 -3.07 -1.28
CA PRO G 311 25.48 -3.33 -0.66
C PRO G 311 25.47 -4.54 0.26
N LEU G 312 26.60 -5.21 0.33
CA LEU G 312 26.77 -6.38 1.17
C LEU G 312 27.00 -6.01 2.62
N GLN G 313 26.53 -6.87 3.50
CA GLN G 313 26.71 -6.73 4.94
C GLN G 313 27.27 -8.03 5.49
N PRO G 314 28.60 -8.16 5.56
CA PRO G 314 29.21 -9.40 6.02
C PRO G 314 29.36 -9.55 7.53
N LEU G 315 28.69 -8.72 8.31
CA LEU G 315 28.60 -8.88 9.74
C LEU G 315 27.24 -9.42 10.17
N MET G 316 26.18 -8.85 9.60
CA MET G 316 24.83 -9.26 9.94
C MET G 316 24.42 -10.51 9.17
N ASP G 317 25.00 -10.71 8.01
CA ASP G 317 24.68 -11.83 7.14
C ASP G 317 25.91 -12.70 6.96
N ASN G 318 25.67 -13.87 6.39
CA ASN G 318 26.72 -14.82 6.08
C ASN G 318 26.71 -15.09 4.59
N LEU G 319 27.90 -15.05 4.00
CA LEU G 319 28.05 -15.05 2.56
C LEU G 319 28.18 -16.45 1.99
N GLU G 320 27.78 -16.55 0.73
CA GLU G 320 27.83 -17.75 -0.09
C GLU G 320 29.24 -18.00 -0.62
N SER G 321 29.46 -19.21 -1.12
CA SER G 321 30.75 -19.59 -1.68
C SER G 321 31.06 -18.85 -2.96
N GLN G 322 30.04 -18.59 -3.79
CA GLN G 322 30.24 -17.85 -5.02
C GLN G 322 30.79 -16.45 -4.77
N THR G 323 30.21 -15.75 -3.80
CA THR G 323 30.71 -14.44 -3.42
C THR G 323 32.20 -14.48 -3.09
N TYR G 324 32.60 -15.41 -2.22
CA TYR G 324 34.01 -15.54 -1.89
C TYR G 324 34.84 -15.82 -3.13
N GLU G 325 34.29 -16.61 -4.06
CA GLU G 325 35.03 -16.92 -5.28
C GLU G 325 35.27 -15.68 -6.11
N VAL G 326 34.25 -14.84 -6.26
CA VAL G 326 34.40 -13.62 -7.02
C VAL G 326 35.39 -12.68 -6.33
N PHE G 327 35.35 -12.62 -5.01
CA PHE G 327 36.27 -11.79 -4.27
C PHE G 327 37.71 -12.15 -4.56
N GLU G 328 38.01 -13.44 -4.66
CA GLU G 328 39.36 -13.94 -4.66
C GLU G 328 40.04 -13.84 -6.02
N LYS G 329 39.34 -13.32 -7.01
CA LYS G 329 39.78 -13.33 -8.39
C LYS G 329 40.59 -12.09 -8.80
N ASP G 330 40.64 -11.04 -7.98
CA ASP G 330 41.42 -9.85 -8.30
C ASP G 330 42.82 -9.95 -7.68
N PRO G 331 43.87 -10.14 -8.48
CA PRO G 331 45.20 -10.38 -7.90
C PRO G 331 45.99 -9.13 -7.53
N ILE G 332 45.59 -7.98 -8.08
CA ILE G 332 46.26 -6.73 -7.75
C ILE G 332 46.25 -6.49 -6.25
N LYS G 333 45.05 -6.58 -5.66
CA LYS G 333 44.90 -6.30 -4.24
C LYS G 333 45.76 -7.22 -3.38
N TYR G 334 45.84 -8.50 -3.75
CA TYR G 334 46.58 -9.46 -2.93
C TYR G 334 48.08 -9.30 -3.12
N SER G 335 48.51 -8.95 -4.32
CA SER G 335 49.91 -8.60 -4.52
C SER G 335 50.29 -7.41 -3.67
N GLN G 336 49.42 -6.40 -3.60
CA GLN G 336 49.69 -5.23 -2.78
C GLN G 336 49.78 -5.57 -1.31
N TYR G 337 48.81 -6.35 -0.81
CA TYR G 337 48.85 -6.81 0.56
C TYR G 337 50.15 -7.55 0.86
N GLN G 338 50.54 -8.45 -0.04
CA GLN G 338 51.78 -9.20 0.12
C GLN G 338 52.97 -8.27 0.25
N GLN G 339 53.07 -7.30 -0.65
CA GLN G 339 54.19 -6.38 -0.64
C GLN G 339 54.24 -5.60 0.67
N ALA G 340 53.09 -5.13 1.13
CA ALA G 340 53.04 -4.38 2.37
C ALA G 340 53.50 -5.22 3.56
N ILE G 341 53.06 -6.47 3.62
CA ILE G 341 53.49 -7.35 4.70
C ILE G 341 55.00 -7.56 4.66
N TYR G 342 55.51 -7.88 3.47
CA TYR G 342 56.93 -8.04 3.26
C TYR G 342 57.71 -6.85 3.82
N LYS G 343 57.30 -5.65 3.42
CA LYS G 343 57.99 -4.45 3.85
C LYS G 343 57.92 -4.26 5.36
N CYS G 344 56.73 -4.43 5.93
CA CYS G 344 56.58 -4.29 7.38
C CYS G 344 57.54 -5.22 8.12
N LEU G 345 57.63 -6.46 7.67
CA LEU G 345 58.45 -7.42 8.41
C LEU G 345 59.92 -7.14 8.23
N LEU G 346 60.33 -6.72 7.04
CA LEU G 346 61.73 -6.33 6.87
C LEU G 346 62.08 -5.17 7.80
N ASP G 347 61.13 -4.26 8.01
CA ASP G 347 61.40 -3.10 8.84
C ASP G 347 61.26 -3.39 10.34
N ARG G 348 60.61 -4.47 10.71
CA ARG G 348 60.39 -4.75 12.13
C ARG G 348 61.43 -5.66 12.74
N VAL G 349 62.07 -6.51 11.94
CA VAL G 349 62.95 -7.55 12.45
C VAL G 349 64.31 -7.38 11.78
N PRO G 350 65.37 -7.05 12.52
CA PRO G 350 66.67 -6.86 11.90
C PRO G 350 67.21 -8.12 11.24
N GLU G 351 68.23 -7.95 10.41
CA GLU G 351 68.83 -9.02 9.64
C GLU G 351 69.72 -9.94 10.49
N GLU G 352 69.83 -9.69 11.78
CA GLU G 352 70.73 -10.44 12.64
C GLU G 352 70.02 -11.36 13.61
N GLU G 353 68.74 -11.14 13.87
CA GLU G 353 67.94 -12.00 14.71
C GLU G 353 66.93 -12.79 13.89
N LYS G 354 67.28 -13.06 12.62
CA LYS G 354 66.38 -13.76 11.71
C LYS G 354 65.84 -15.05 12.31
N ASP G 355 66.61 -15.70 13.19
CA ASP G 355 66.32 -17.04 13.63
C ASP G 355 66.02 -17.10 15.12
N THR G 356 65.37 -16.06 15.66
CA THR G 356 65.06 -16.01 17.07
C THR G 356 63.77 -15.28 17.30
N ASN G 357 63.57 -14.18 16.58
CA ASN G 357 62.40 -13.34 16.76
C ASN G 357 61.29 -13.83 15.83
N VAL G 358 60.26 -14.43 16.44
CA VAL G 358 59.08 -14.89 15.71
C VAL G 358 57.98 -13.86 15.88
N GLN G 359 57.43 -13.41 14.77
CA GLN G 359 56.39 -12.39 14.81
C GLN G 359 55.02 -13.06 14.76
N VAL G 360 54.11 -12.54 15.57
CA VAL G 360 52.75 -13.05 15.68
C VAL G 360 51.87 -12.19 14.79
N LEU G 361 51.28 -12.81 13.77
CA LEU G 361 50.33 -12.15 12.89
C LEU G 361 48.92 -12.67 13.16
N MET G 362 47.95 -11.87 12.75
CA MET G 362 46.55 -12.20 12.89
C MET G 362 45.81 -11.73 11.65
N VAL G 363 45.09 -12.64 11.01
CA VAL G 363 44.15 -12.30 9.96
C VAL G 363 42.76 -12.29 10.59
N LEU G 364 42.14 -11.14 10.62
CA LEU G 364 40.82 -10.97 11.20
C LEU G 364 39.82 -10.77 10.07
N GLY G 365 38.97 -11.76 9.86
CA GLY G 365 38.09 -11.79 8.72
C GLY G 365 38.72 -12.58 7.60
N ALA G 366 39.11 -13.80 7.93
CA ALA G 366 39.95 -14.62 7.08
C ALA G 366 39.20 -15.27 5.93
N GLY G 367 37.89 -15.33 5.98
CA GLY G 367 37.13 -15.88 4.88
C GLY G 367 37.55 -17.29 4.54
N ARG G 368 37.98 -17.50 3.30
CA ARG G 368 38.49 -18.77 2.83
C ARG G 368 40.01 -18.83 2.73
N GLY G 369 40.70 -17.74 3.07
CA GLY G 369 42.12 -17.77 3.30
C GLY G 369 43.04 -17.45 2.15
N PRO G 370 42.79 -16.37 1.43
CA PRO G 370 43.80 -15.87 0.49
C PRO G 370 44.79 -14.92 1.15
N LEU G 371 44.33 -14.16 2.15
CA LEU G 371 45.25 -13.34 2.92
C LEU G 371 46.28 -14.18 3.66
N VAL G 372 45.82 -15.28 4.25
CA VAL G 372 46.71 -16.19 4.96
C VAL G 372 47.84 -16.67 4.04
N ASN G 373 47.47 -17.07 2.83
CA ASN G 373 48.47 -17.54 1.88
C ASN G 373 49.39 -16.42 1.44
N ALA G 374 48.83 -15.25 1.20
CA ALA G 374 49.64 -14.09 0.84
C ALA G 374 50.65 -13.79 1.94
N SER G 375 50.24 -13.96 3.18
CA SER G 375 51.11 -13.72 4.31
C SER G 375 52.25 -14.72 4.36
N LEU G 376 51.95 -16.00 4.13
CA LEU G 376 53.00 -17.00 4.10
C LEU G 376 53.99 -16.73 2.96
N ARG G 377 53.46 -16.46 1.77
CA ARG G 377 54.30 -16.07 0.65
C ARG G 377 55.22 -14.92 1.01
N ALA G 378 54.67 -13.91 1.67
CA ALA G 378 55.44 -12.72 1.99
C ALA G 378 56.54 -13.02 3.00
N ALA G 379 56.22 -13.81 4.03
CA ALA G 379 57.24 -14.15 5.01
C ALA G 379 58.37 -14.92 4.36
N LYS G 380 58.04 -15.82 3.44
CA LYS G 380 59.10 -16.50 2.70
C LYS G 380 59.94 -15.49 1.93
N GLN G 381 59.30 -14.73 1.03
CA GLN G 381 59.96 -13.64 0.32
C GLN G 381 60.95 -12.89 1.20
N ALA G 382 60.50 -12.46 2.37
CA ALA G 382 61.37 -11.73 3.29
C ALA G 382 62.34 -12.64 4.02
N ASP G 383 62.06 -13.95 4.07
CA ASP G 383 62.91 -14.89 4.78
C ASP G 383 62.96 -14.54 6.26
N ARG G 384 61.78 -14.45 6.87
CA ARG G 384 61.65 -14.33 8.31
C ARG G 384 60.70 -15.41 8.83
N ARG G 385 60.27 -15.29 10.08
CA ARG G 385 59.49 -16.30 10.75
C ARG G 385 58.26 -15.66 11.37
N ILE G 386 57.10 -16.29 11.19
CA ILE G 386 55.84 -15.75 11.68
C ILE G 386 55.04 -16.85 12.37
N LYS G 387 53.85 -16.48 12.83
CA LYS G 387 52.98 -17.37 13.57
C LYS G 387 51.57 -16.82 13.42
N LEU G 388 50.69 -17.57 12.75
CA LEU G 388 49.44 -17.06 12.25
C LEU G 388 48.25 -17.52 13.07
N TYR G 389 47.36 -16.58 13.37
CA TYR G 389 46.04 -16.85 13.90
C TYR G 389 45.01 -16.37 12.88
N ALA G 390 43.96 -17.15 12.67
CA ALA G 390 42.89 -16.80 11.75
C ALA G 390 41.57 -16.81 12.51
N VAL G 391 40.80 -15.74 12.36
CA VAL G 391 39.53 -15.58 13.05
C VAL G 391 38.45 -15.36 12.00
N GLU G 392 37.39 -16.17 12.07
CA GLU G 392 36.26 -16.07 11.17
C GLU G 392 35.01 -16.50 11.90
N LYS G 393 33.96 -15.70 11.81
CA LYS G 393 32.72 -15.95 12.53
C LYS G 393 31.69 -16.70 11.72
N ASN G 394 31.97 -16.98 10.46
CA ASN G 394 31.09 -17.79 9.65
C ASN G 394 31.53 -19.23 9.70
N PRO G 395 30.68 -20.17 10.13
CA PRO G 395 31.14 -21.56 10.30
C PRO G 395 31.35 -22.28 8.99
N ASN G 396 30.58 -21.94 7.96
CA ASN G 396 30.67 -22.64 6.69
C ASN G 396 32.02 -22.40 6.03
N ALA G 397 32.56 -21.20 6.18
CA ALA G 397 33.90 -20.88 5.72
C ALA G 397 34.97 -21.49 6.61
N VAL G 398 34.71 -21.56 7.90
CA VAL G 398 35.58 -22.27 8.83
C VAL G 398 35.78 -23.71 8.42
N VAL G 399 34.75 -24.34 7.83
CA VAL G 399 34.90 -25.69 7.32
C VAL G 399 36.03 -25.76 6.30
N THR G 400 35.95 -24.90 5.29
CA THR G 400 36.98 -24.80 4.27
C THR G 400 38.35 -24.54 4.86
N LEU G 401 38.41 -23.65 5.86
CA LEU G 401 39.67 -23.30 6.48
C LEU G 401 40.29 -24.49 7.19
N GLU G 402 39.48 -25.22 7.96
CA GLU G 402 40.00 -26.36 8.70
C GLU G 402 40.46 -27.47 7.77
N ASN G 403 39.77 -27.66 6.65
CA ASN G 403 40.25 -28.62 5.67
C ASN G 403 41.60 -28.21 5.12
N TRP G 404 41.70 -26.99 4.61
CA TRP G 404 42.97 -26.52 4.05
C TRP G 404 44.09 -26.54 5.08
N GLN G 405 43.78 -26.29 6.34
CA GLN G 405 44.74 -26.40 7.42
C GLN G 405 45.24 -27.82 7.61
N PHE G 406 44.33 -28.77 7.80
CA PHE G 406 44.74 -30.16 7.99
C PHE G 406 45.57 -30.65 6.81
N GLU G 407 45.24 -30.24 5.60
CA GLU G 407 45.91 -30.77 4.42
C GLU G 407 47.23 -30.08 4.09
N GLU G 408 47.44 -28.84 4.53
CA GLU G 408 48.57 -28.07 4.00
C GLU G 408 49.27 -27.20 5.04
N TRP G 409 48.58 -26.19 5.54
CA TRP G 409 49.20 -25.16 6.38
C TRP G 409 49.95 -25.79 7.54
N GLY G 410 49.25 -26.57 8.35
CA GLY G 410 49.88 -27.27 9.44
C GLY G 410 49.79 -26.56 10.77
N SER G 411 50.89 -26.60 11.52
CA SER G 411 50.93 -26.04 12.86
C SER G 411 51.20 -24.56 12.88
N GLN G 412 51.85 -24.01 11.85
CA GLN G 412 51.98 -22.58 11.71
C GLN G 412 50.66 -21.89 12.01
N VAL G 413 49.58 -22.42 11.48
CA VAL G 413 48.29 -21.75 11.45
C VAL G 413 47.36 -22.34 12.50
N THR G 414 46.77 -21.46 13.30
CA THR G 414 45.71 -21.80 14.24
C THR G 414 44.42 -21.12 13.80
N VAL G 415 43.36 -21.90 13.62
CA VAL G 415 42.07 -21.40 13.22
C VAL G 415 41.21 -21.14 14.45
N VAL G 416 40.45 -20.05 14.40
CA VAL G 416 39.57 -19.63 15.47
C VAL G 416 38.21 -19.29 14.87
N SER G 417 37.16 -19.87 15.44
CA SER G 417 35.79 -19.58 15.04
C SER G 417 35.18 -18.67 16.11
N SER G 418 35.16 -17.38 15.85
CA SER G 418 34.67 -16.41 16.82
C SER G 418 34.56 -15.05 16.14
N ASP G 419 33.96 -14.13 16.87
CA ASP G 419 33.93 -12.72 16.51
C ASP G 419 35.11 -12.01 17.15
N MET G 420 35.75 -11.14 16.38
CA MET G 420 36.81 -10.26 16.87
C MET G 420 36.50 -9.69 18.24
N ARG G 421 35.26 -9.25 18.41
CA ARG G 421 34.86 -8.46 19.55
C ARG G 421 34.53 -9.29 20.77
N GLU G 422 34.64 -10.62 20.68
CA GLU G 422 34.33 -11.51 21.79
C GLU G 422 35.44 -12.49 22.10
N TRP G 423 36.47 -12.55 21.28
CA TRP G 423 37.53 -13.53 21.42
C TRP G 423 38.52 -13.14 22.49
N VAL G 424 38.86 -14.10 23.33
CA VAL G 424 39.89 -13.94 24.35
C VAL G 424 41.19 -14.50 23.79
N ALA G 425 42.10 -13.63 23.44
CA ALA G 425 43.29 -14.07 22.79
C ALA G 425 44.26 -14.70 23.77
N PRO G 426 45.04 -15.66 23.33
CA PRO G 426 46.06 -16.25 24.22
C PRO G 426 47.20 -15.28 24.48
N GLU G 427 47.71 -14.66 23.42
CA GLU G 427 48.89 -13.80 23.52
C GLU G 427 48.63 -12.54 22.70
N LYS G 428 49.68 -11.75 22.53
CA LYS G 428 49.62 -10.48 21.83
C LYS G 428 50.17 -10.62 20.43
N ALA G 429 49.72 -9.73 19.55
CA ALA G 429 50.13 -9.74 18.15
C ALA G 429 51.03 -8.55 17.84
N ASP G 430 51.85 -8.75 16.82
CA ASP G 430 52.68 -7.69 16.27
C ASP G 430 51.99 -6.95 15.13
N ILE G 431 51.23 -7.68 14.31
CA ILE G 431 50.61 -7.16 13.11
C ILE G 431 49.19 -7.72 13.02
N ILE G 432 48.27 -6.91 12.50
CA ILE G 432 46.91 -7.34 12.24
C ILE G 432 46.54 -6.86 10.85
N VAL G 433 45.66 -7.62 10.20
CA VAL G 433 45.39 -7.50 8.79
C VAL G 433 43.92 -7.75 8.55
N SER G 434 43.30 -6.91 7.73
CA SER G 434 41.87 -6.97 7.52
C SER G 434 41.52 -6.54 6.11
N GLU G 435 40.38 -7.04 5.63
CA GLU G 435 39.82 -6.73 4.33
C GLU G 435 38.42 -6.16 4.43
N LEU G 436 38.07 -5.62 5.59
CA LEU G 436 36.74 -5.11 5.84
C LEU G 436 36.48 -3.77 5.17
N LEU G 437 36.69 -3.66 3.87
CA LEU G 437 36.48 -2.42 3.14
C LEU G 437 35.44 -2.60 2.06
N GLY G 438 34.44 -1.73 2.08
CA GLY G 438 33.47 -1.62 1.01
C GLY G 438 33.75 -0.44 0.10
N SER G 439 32.75 -0.15 -0.72
CA SER G 439 32.89 0.89 -1.73
C SER G 439 33.07 2.28 -1.14
N PHE G 440 32.45 2.57 0.01
CA PHE G 440 32.57 3.84 0.68
C PHE G 440 33.47 3.74 1.91
N ALA G 441 34.44 2.84 1.86
CA ALA G 441 35.40 2.62 2.93
C ALA G 441 34.76 2.05 4.19
N ASP G 442 34.04 2.88 4.92
CA ASP G 442 33.62 2.57 6.28
C ASP G 442 32.26 1.92 6.39
N ASN G 443 31.58 1.69 5.28
CA ASN G 443 30.19 1.28 5.28
C ASN G 443 29.98 -0.20 5.59
N GLU G 444 31.04 -0.97 5.85
CA GLU G 444 30.91 -2.35 6.30
C GLU G 444 31.31 -2.53 7.75
N LEU G 445 31.78 -1.46 8.40
CA LEU G 445 31.96 -1.38 9.85
C LEU G 445 33.34 -1.81 10.30
N SER G 446 34.35 -1.47 9.52
CA SER G 446 35.73 -1.71 9.94
C SER G 446 36.13 -0.97 11.20
N PRO G 447 35.77 0.31 11.39
CA PRO G 447 36.19 0.99 12.62
C PRO G 447 35.70 0.30 13.87
N GLU G 448 34.40 0.00 13.92
CA GLU G 448 33.82 -0.69 15.07
C GLU G 448 34.59 -1.95 15.41
N CYS G 449 34.82 -2.79 14.41
CA CYS G 449 35.44 -4.08 14.64
C CYS G 449 36.89 -3.93 15.08
N LEU G 450 37.67 -3.15 14.35
CA LEU G 450 39.07 -3.01 14.69
C LEU G 450 39.25 -2.31 16.02
N ASP G 451 38.31 -1.47 16.42
CA ASP G 451 38.37 -0.87 17.74
C ASP G 451 38.04 -1.90 18.81
N GLY G 452 37.11 -2.81 18.51
CA GLY G 452 36.88 -3.93 19.41
C GLY G 452 38.00 -4.93 19.43
N ALA G 453 38.98 -4.79 18.55
CA ALA G 453 40.08 -5.73 18.49
C ALA G 453 41.42 -5.17 18.96
N GLN G 454 41.53 -3.86 19.20
CA GLN G 454 42.85 -3.26 19.34
C GLN G 454 43.51 -3.57 20.67
N HIS G 455 42.82 -4.24 21.58
CA HIS G 455 43.40 -4.45 22.89
C HIS G 455 44.38 -5.62 22.94
N PHE G 456 44.19 -6.64 22.11
CA PHE G 456 45.20 -7.68 21.98
C PHE G 456 46.20 -7.37 20.87
N LEU G 457 46.30 -6.12 20.48
CA LEU G 457 47.45 -5.60 19.78
C LEU G 457 48.35 -4.88 20.78
N LYS G 458 49.65 -5.06 20.63
CA LYS G 458 50.59 -4.47 21.59
C LYS G 458 50.94 -3.05 21.22
N ASP G 459 51.86 -2.47 21.99
CA ASP G 459 52.15 -1.04 21.89
C ASP G 459 52.83 -0.71 20.57
N ASP G 460 53.84 -1.48 20.18
CA ASP G 460 54.56 -1.24 18.94
C ASP G 460 53.89 -1.98 17.78
N GLY G 461 52.59 -2.17 17.92
CA GLY G 461 51.79 -2.88 16.95
C GLY G 461 51.47 -2.06 15.71
N VAL G 462 51.21 -2.79 14.63
CA VAL G 462 50.92 -2.20 13.33
C VAL G 462 49.59 -2.78 12.83
N SER G 463 48.77 -1.92 12.26
CA SER G 463 47.57 -2.33 11.56
C SER G 463 47.73 -2.16 10.06
N ILE G 464 47.16 -3.10 9.32
CA ILE G 464 47.11 -3.05 7.88
C ILE G 464 45.69 -3.37 7.44
N PRO G 465 44.94 -2.39 6.91
CA PRO G 465 45.29 -0.99 6.68
C PRO G 465 45.48 -0.16 7.92
N GLY G 466 46.17 0.96 7.74
CA GLY G 466 46.34 1.95 8.78
C GLY G 466 45.50 3.18 8.58
N GLU G 467 45.10 3.43 7.34
CA GLU G 467 44.40 4.65 6.98
C GLU G 467 43.44 4.38 5.84
N TYR G 468 42.30 5.05 5.86
CA TYR G 468 41.41 5.05 4.70
C TYR G 468 40.56 6.30 4.71
N THR G 469 40.16 6.71 3.50
CA THR G 469 39.48 7.97 3.25
C THR G 469 38.44 7.78 2.16
N SER G 470 37.30 8.45 2.32
CA SER G 470 36.22 8.41 1.35
C SER G 470 36.08 9.74 0.63
N PHE G 471 35.34 9.70 -0.49
CA PHE G 471 35.22 10.84 -1.39
C PHE G 471 33.80 10.90 -1.94
N LEU G 472 33.38 12.11 -2.30
CA LEU G 472 32.06 12.36 -2.82
C LEU G 472 32.12 13.37 -3.95
N ALA G 473 31.23 13.19 -4.93
CA ALA G 473 31.14 14.09 -6.07
C ALA G 473 29.72 14.11 -6.59
N PRO G 474 29.28 15.21 -7.18
CA PRO G 474 27.92 15.27 -7.73
C PRO G 474 27.81 14.82 -9.18
N ILE G 475 26.59 14.43 -9.53
CA ILE G 475 26.30 13.88 -10.85
C ILE G 475 24.90 14.28 -11.28
N SER G 476 24.64 14.09 -12.57
CA SER G 476 23.33 14.16 -13.16
C SER G 476 23.09 12.92 -14.01
N SER G 477 21.89 12.35 -13.91
CA SER G 477 21.52 11.23 -14.74
C SER G 477 20.06 10.84 -14.65
N SER G 478 19.31 11.08 -15.73
CA SER G 478 17.92 10.66 -15.80
C SER G 478 17.78 9.15 -15.71
N LYS G 479 18.66 8.42 -16.38
CA LYS G 479 18.57 6.96 -16.39
C LYS G 479 18.60 6.41 -14.97
N LEU G 480 19.55 6.86 -14.16
CA LEU G 480 19.65 6.36 -12.80
C LEU G 480 18.47 6.80 -11.95
N TYR G 481 18.03 8.04 -12.12
CA TYR G 481 16.87 8.52 -11.36
C TYR G 481 15.64 7.67 -11.66
N ASN G 482 15.50 7.23 -12.90
CA ASN G 482 14.36 6.43 -13.28
C ASN G 482 14.51 4.99 -12.83
N GLU G 483 15.75 4.51 -12.75
CA GLU G 483 15.97 3.19 -12.19
C GLU G 483 15.68 3.16 -10.70
N VAL G 484 15.95 4.26 -10.01
CA VAL G 484 15.55 4.39 -8.61
C VAL G 484 14.04 4.43 -8.49
N ARG G 485 13.38 5.31 -9.24
CA ARG G 485 11.92 5.36 -9.33
C ARG G 485 11.33 3.96 -9.36
N ALA G 486 11.99 3.05 -10.06
CA ALA G 486 11.48 1.70 -10.29
C ALA G 486 11.70 0.78 -9.12
N CYS G 487 12.60 1.10 -8.20
CA CYS G 487 12.87 0.23 -7.07
C CYS G 487 11.81 0.33 -5.99
N ARG G 488 10.62 0.80 -6.34
CA ARG G 488 9.54 0.83 -5.37
C ARG G 488 8.99 -0.57 -5.14
N GLU G 489 8.51 -0.80 -3.93
CA GLU G 489 7.99 -2.10 -3.57
C GLU G 489 6.93 -1.92 -2.50
N LYS G 490 6.02 -2.86 -2.46
CA LYS G 490 4.87 -2.81 -1.58
C LYS G 490 5.25 -3.04 -0.12
N ASP G 491 4.42 -2.50 0.76
CA ASP G 491 4.55 -2.69 2.20
C ASP G 491 5.68 -1.85 2.77
N ARG G 492 5.80 -0.61 2.32
CA ARG G 492 6.75 0.32 2.89
C ARG G 492 6.48 1.71 2.34
N ASP G 493 7.22 2.67 2.86
CA ASP G 493 7.12 4.06 2.44
C ASP G 493 7.40 4.17 0.94
N PRO G 494 6.57 4.91 0.20
CA PRO G 494 6.78 5.02 -1.25
C PRO G 494 7.91 5.94 -1.66
N GLU G 495 8.72 6.41 -0.71
CA GLU G 495 9.86 7.26 -0.99
C GLU G 495 11.12 6.71 -0.35
N ALA G 496 11.06 5.49 0.18
CA ALA G 496 12.20 4.90 0.87
C ALA G 496 13.35 4.56 -0.08
N GLN G 497 13.04 4.22 -1.32
CA GLN G 497 14.08 3.90 -2.30
C GLN G 497 14.97 5.08 -2.62
N PHE G 498 14.59 6.28 -2.25
CA PHE G 498 15.42 7.45 -2.42
C PHE G 498 16.29 7.72 -1.21
N GLU G 499 16.13 6.95 -0.14
CA GLU G 499 16.76 7.20 1.13
C GLU G 499 17.78 6.12 1.47
N MET G 500 18.33 5.47 0.46
CA MET G 500 19.21 4.37 0.65
C MET G 500 20.19 4.29 -0.50
N PRO G 501 21.43 3.89 -0.24
CA PRO G 501 22.45 3.86 -1.28
C PRO G 501 22.46 2.58 -2.10
N TYR G 502 23.27 2.61 -3.15
CA TYR G 502 23.35 1.55 -4.12
C TYR G 502 24.78 1.46 -4.64
N VAL G 503 25.17 0.26 -4.98
CA VAL G 503 26.43 -0.01 -5.63
C VAL G 503 26.15 -0.27 -7.09
N VAL G 504 26.88 0.40 -7.96
CA VAL G 504 26.50 0.48 -9.36
C VAL G 504 27.69 0.94 -10.18
N ARG G 505 27.88 0.27 -11.31
CA ARG G 505 28.88 0.65 -12.30
C ARG G 505 28.31 1.78 -13.14
N LEU G 506 28.77 3.00 -12.87
CA LEU G 506 28.23 4.19 -13.54
C LEU G 506 28.73 4.30 -14.96
N HIS G 507 27.82 4.63 -15.87
CA HIS G 507 28.13 4.64 -17.28
C HIS G 507 27.58 5.88 -17.97
N ASN G 508 26.27 5.94 -18.16
CA ASN G 508 25.61 7.06 -18.81
C ASN G 508 25.23 8.10 -17.75
N PHE G 509 26.12 9.06 -17.55
CA PHE G 509 25.96 10.04 -16.49
C PHE G 509 26.90 11.20 -16.76
N HIS G 510 26.66 12.30 -16.07
CA HIS G 510 27.53 13.46 -16.14
C HIS G 510 27.96 13.88 -14.75
N GLN G 511 29.27 14.05 -14.58
CA GLN G 511 29.84 14.52 -13.35
C GLN G 511 30.01 16.03 -13.40
N LEU G 512 29.59 16.69 -12.32
CA LEU G 512 29.48 18.14 -12.28
C LEU G 512 30.64 18.84 -11.61
N SER G 513 31.47 18.12 -10.86
CA SER G 513 32.60 18.75 -10.19
C SER G 513 33.44 17.68 -9.54
N ALA G 514 34.72 17.99 -9.36
CA ALA G 514 35.68 17.05 -8.86
C ALA G 514 35.24 16.48 -7.52
N PRO G 515 35.84 15.38 -7.10
CA PRO G 515 35.51 14.81 -5.79
C PRO G 515 36.32 15.43 -4.67
N GLN G 516 35.67 15.55 -3.51
CA GLN G 516 36.27 16.13 -2.34
C GLN G 516 36.20 15.14 -1.19
N PRO G 517 37.10 15.23 -0.22
CA PRO G 517 37.15 14.24 0.85
C PRO G 517 36.05 14.41 1.89
N CYS G 518 35.56 13.27 2.38
CA CYS G 518 34.44 13.24 3.32
C CYS G 518 34.98 12.80 4.68
N PHE G 519 35.03 11.50 4.96
CA PHE G 519 35.40 11.00 6.26
C PHE G 519 36.69 10.21 6.18
N THR G 520 37.40 10.16 7.30
CA THR G 520 38.73 9.54 7.37
C THR G 520 38.88 8.79 8.68
N PHE G 521 39.51 7.63 8.61
CA PHE G 521 39.80 6.82 9.78
C PHE G 521 41.22 6.32 9.74
N SER G 522 41.78 6.09 10.92
CA SER G 522 43.15 5.64 11.07
C SER G 522 43.26 4.68 12.24
N HIS G 523 44.06 3.63 12.06
CA HIS G 523 44.19 2.59 13.07
C HIS G 523 45.65 2.31 13.35
N PRO G 524 46.02 2.08 14.62
CA PRO G 524 45.16 2.09 15.81
C PRO G 524 44.79 3.47 16.30
N ASN G 525 43.71 3.52 17.08
CA ASN G 525 43.19 4.75 17.64
C ASN G 525 43.60 4.84 19.10
N ARG G 526 44.56 5.71 19.38
CA ARG G 526 45.13 5.83 20.72
C ARG G 526 44.52 7.05 21.43
N ASP G 527 43.22 6.96 21.67
CA ASP G 527 42.49 8.06 22.28
C ASP G 527 41.40 7.52 23.19
N PRO G 528 41.29 8.03 24.42
CA PRO G 528 40.20 7.58 25.31
C PRO G 528 38.83 7.90 24.74
N MET G 529 38.70 8.98 23.99
CA MET G 529 37.44 9.39 23.39
C MET G 529 37.36 8.77 22.00
N ILE G 530 36.93 7.52 21.93
CA ILE G 530 36.66 6.88 20.66
C ILE G 530 35.25 7.28 20.22
N ASP G 531 35.17 8.13 19.20
CA ASP G 531 33.90 8.48 18.57
C ASP G 531 34.05 8.31 17.07
N ASN G 532 33.36 7.32 16.53
CA ASN G 532 33.34 7.07 15.11
C ASN G 532 32.22 7.83 14.41
N ASN G 533 31.55 8.72 15.13
CA ASN G 533 30.54 9.58 14.54
C ASN G 533 31.17 10.83 13.95
N ARG G 534 30.56 11.32 12.87
CA ARG G 534 31.20 12.32 12.02
C ARG G 534 30.16 13.25 11.42
N TYR G 535 30.62 14.46 11.09
CA TYR G 535 29.83 15.49 10.45
C TYR G 535 30.73 16.26 9.49
N CYS G 536 30.28 16.42 8.24
CA CYS G 536 31.08 17.12 7.25
C CYS G 536 30.20 18.01 6.38
N THR G 537 30.82 19.07 5.86
CA THR G 537 30.20 20.03 4.97
C THR G 537 31.12 20.25 3.79
N LEU G 538 30.53 20.37 2.60
CA LEU G 538 31.31 20.47 1.37
C LEU G 538 30.64 21.42 0.39
N GLU G 539 31.46 22.14 -0.37
CA GLU G 539 30.99 23.09 -1.37
C GLU G 539 31.63 22.78 -2.71
N PHE G 540 30.79 22.62 -3.73
CA PHE G 540 31.23 22.24 -5.07
C PHE G 540 30.89 23.34 -6.07
N PRO G 541 31.87 23.93 -6.75
CA PRO G 541 31.55 24.89 -7.81
C PRO G 541 31.06 24.25 -9.08
N VAL G 542 30.18 24.97 -9.76
CA VAL G 542 29.53 24.52 -10.98
C VAL G 542 29.89 25.47 -12.11
N GLU G 543 29.93 24.92 -13.34
CA GLU G 543 30.33 25.68 -14.51
C GLU G 543 29.40 25.41 -15.70
N VAL G 544 28.20 24.93 -15.46
CA VAL G 544 27.26 24.65 -16.53
C VAL G 544 25.86 24.60 -15.94
N ASN G 545 24.87 24.88 -16.77
CA ASN G 545 23.49 24.70 -16.33
C ASN G 545 23.09 23.24 -16.49
N THR G 546 22.26 22.77 -15.57
CA THR G 546 21.99 21.34 -15.52
C THR G 546 21.04 20.95 -14.40
N VAL G 547 21.04 19.66 -14.06
CA VAL G 547 20.25 19.14 -12.96
C VAL G 547 21.18 18.37 -12.02
N LEU G 548 20.73 18.23 -10.77
CA LEU G 548 21.40 17.44 -9.76
C LEU G 548 20.52 16.25 -9.41
N HIS G 549 21.10 15.07 -9.48
CA HIS G 549 20.38 13.83 -9.23
C HIS G 549 20.97 12.99 -8.12
N GLY G 550 22.24 13.21 -7.77
CA GLY G 550 22.80 12.49 -6.66
C GLY G 550 24.27 12.77 -6.48
N PHE G 551 24.87 11.98 -5.62
CA PHE G 551 26.28 12.06 -5.28
C PHE G 551 26.89 10.68 -5.41
N ALA G 552 28.07 10.61 -6.03
CA ALA G 552 28.81 9.36 -6.15
C ALA G 552 29.96 9.32 -5.17
N GLY G 553 30.36 8.11 -4.80
CA GLY G 553 31.33 7.91 -3.74
C GLY G 553 32.48 7.03 -4.16
N TYR G 554 33.63 7.25 -3.52
CA TYR G 554 34.87 6.54 -3.82
C TYR G 554 35.66 6.39 -2.54
N PHE G 555 36.90 5.93 -2.66
CA PHE G 555 37.76 5.81 -1.49
C PHE G 555 39.18 5.48 -1.91
N GLU G 556 40.11 5.83 -1.04
CA GLU G 556 41.53 5.53 -1.15
C GLU G 556 42.00 4.98 0.17
N THR G 557 42.94 4.05 0.12
CA THR G 557 43.49 3.46 1.33
C THR G 557 45.00 3.41 1.28
N VAL G 558 45.60 3.50 2.46
CA VAL G 558 47.03 3.33 2.64
C VAL G 558 47.24 2.06 3.45
N LEU G 559 47.86 1.06 2.81
CA LEU G 559 48.12 -0.20 3.48
C LEU G 559 49.33 -0.10 4.39
N TYR G 560 50.46 0.29 3.82
CA TYR G 560 51.67 0.50 4.61
C TYR G 560 52.54 1.48 3.83
N GLN G 561 52.63 2.70 4.36
CA GLN G 561 53.47 3.72 3.76
C GLN G 561 53.12 3.97 2.31
N ASP G 562 53.91 3.48 1.38
CA ASP G 562 53.77 3.80 -0.03
C ASP G 562 52.86 2.84 -0.79
N ILE G 563 52.37 1.79 -0.16
CA ILE G 563 51.45 0.86 -0.82
C ILE G 563 50.03 1.34 -0.61
N THR G 564 49.29 1.50 -1.71
CA THR G 564 48.01 2.18 -1.70
C THR G 564 47.04 1.50 -2.65
N LEU G 565 45.76 1.74 -2.42
CA LEU G 565 44.69 1.30 -3.32
C LEU G 565 43.63 2.39 -3.45
N SER G 566 43.12 2.55 -4.66
CA SER G 566 42.14 3.59 -4.96
C SER G 566 41.18 3.14 -6.03
N ILE G 567 39.93 3.54 -5.90
CA ILE G 567 38.94 3.47 -6.97
C ILE G 567 38.55 4.85 -7.45
N ARG G 568 39.18 5.88 -6.93
CA ARG G 568 38.99 7.24 -7.38
C ARG G 568 39.32 7.35 -8.87
N PRO G 569 38.45 7.95 -9.68
CA PRO G 569 38.66 7.90 -11.13
C PRO G 569 39.91 8.62 -11.60
N GLU G 570 40.51 9.45 -10.76
CA GLU G 570 41.74 10.16 -11.11
C GLU G 570 42.98 9.38 -10.75
N THR G 571 42.87 8.48 -9.79
CA THR G 571 44.01 7.73 -9.26
C THR G 571 43.71 6.25 -9.17
N HIS G 572 42.82 5.77 -10.03
CA HIS G 572 42.39 4.38 -9.94
C HIS G 572 43.57 3.45 -10.08
N SER G 573 43.51 2.35 -9.39
CA SER G 573 44.55 1.36 -9.51
C SER G 573 44.32 0.50 -10.74
N PRO G 574 45.36 0.18 -11.51
CA PRO G 574 45.16 -0.56 -12.76
C PRO G 574 44.73 -1.99 -12.53
N GLY G 575 43.70 -2.40 -13.28
CA GLY G 575 43.23 -3.77 -13.26
C GLY G 575 42.61 -4.23 -11.96
N MET G 576 42.27 -3.31 -11.09
CA MET G 576 41.69 -3.61 -9.78
C MET G 576 40.18 -3.39 -9.89
N PHE G 577 39.43 -4.48 -10.09
CA PHE G 577 38.00 -4.40 -10.37
C PHE G 577 37.15 -4.98 -9.26
N SER G 578 37.68 -5.08 -8.05
CA SER G 578 36.94 -5.65 -6.93
C SER G 578 35.73 -4.79 -6.56
N TRP G 579 35.89 -3.48 -6.59
CA TRP G 579 34.89 -2.54 -6.10
C TRP G 579 34.31 -1.70 -7.23
N PHE G 580 33.04 -1.43 -7.15
CA PHE G 580 32.35 -0.44 -7.95
C PHE G 580 32.05 0.79 -7.11
N PRO G 581 31.57 1.87 -7.72
CA PRO G 581 31.21 3.05 -6.95
C PRO G 581 29.90 2.87 -6.20
N ILE G 582 29.64 3.83 -5.32
CA ILE G 582 28.41 3.87 -4.55
C ILE G 582 27.65 5.16 -4.85
N LEU G 583 26.34 5.03 -4.96
CA LEU G 583 25.46 6.14 -5.29
C LEU G 583 24.48 6.43 -4.15
N PHE G 584 24.48 7.66 -3.71
CA PHE G 584 23.52 8.27 -2.81
C PHE G 584 22.55 9.14 -3.59
N PRO G 585 21.25 8.90 -3.51
CA PRO G 585 20.31 9.71 -4.27
C PRO G 585 19.61 10.79 -3.46
N ILE G 586 18.84 11.65 -4.14
CA ILE G 586 17.94 12.59 -3.50
C ILE G 586 16.55 12.42 -4.09
N LYS G 587 15.55 12.92 -3.38
CA LYS G 587 14.16 12.69 -3.74
C LYS G 587 13.75 13.51 -4.95
N GLN G 588 13.97 14.81 -4.90
CA GLN G 588 13.59 15.70 -5.95
C GLN G 588 14.83 16.25 -6.64
N PRO G 589 14.84 16.31 -7.96
CA PRO G 589 15.97 16.92 -8.65
C PRO G 589 16.02 18.41 -8.38
N ILE G 590 17.24 18.96 -8.43
CA ILE G 590 17.51 20.35 -8.14
C ILE G 590 18.15 20.99 -9.36
N THR G 591 17.61 22.12 -9.77
CA THR G 591 18.14 22.83 -10.93
C THR G 591 19.28 23.73 -10.50
N VAL G 592 20.36 23.71 -11.26
CA VAL G 592 21.54 24.49 -10.97
C VAL G 592 21.88 25.34 -12.20
N ARG G 593 22.54 26.45 -11.95
CA ARG G 593 23.00 27.35 -12.99
C ARG G 593 24.49 27.58 -12.87
N GLU G 594 25.07 28.01 -13.98
CA GLU G 594 26.50 28.24 -14.05
C GLU G 594 26.93 29.27 -13.03
N GLY G 595 28.05 28.99 -12.36
CA GLY G 595 28.58 29.86 -11.35
C GLY G 595 28.05 29.62 -9.95
N GLN G 596 26.90 28.97 -9.83
CA GLN G 596 26.34 28.67 -8.52
C GLN G 596 27.26 27.70 -7.78
N THR G 597 26.82 27.24 -6.62
CA THR G 597 27.66 26.39 -5.78
C THR G 597 26.77 25.45 -4.98
N ILE G 598 26.92 24.15 -5.21
CA ILE G 598 26.21 23.13 -4.44
C ILE G 598 26.92 22.92 -3.12
N CYS G 599 26.15 22.96 -2.03
CA CYS G 599 26.64 22.57 -0.71
C CYS G 599 25.84 21.36 -0.23
N VAL G 600 26.49 20.52 0.56
CA VAL G 600 25.91 19.28 1.02
C VAL G 600 26.46 18.95 2.40
N ARG G 601 25.61 18.36 3.23
CA ARG G 601 25.97 17.92 4.57
C ARG G 601 25.77 16.42 4.67
N PHE G 602 26.71 15.76 5.32
CA PHE G 602 26.63 14.34 5.61
C PHE G 602 26.90 14.12 7.09
N TRP G 603 26.19 13.16 7.65
CA TRP G 603 26.38 12.73 9.01
C TRP G 603 26.62 11.25 9.04
N ARG G 604 27.42 10.81 10.00
CA ARG G 604 27.55 9.41 10.32
C ARG G 604 27.15 9.20 11.76
N CYS G 605 26.14 8.37 11.96
CA CYS G 605 25.41 8.27 13.21
C CYS G 605 25.46 6.83 13.69
N SER G 606 24.92 6.60 14.88
CA SER G 606 25.21 5.39 15.60
C SER G 606 24.27 5.23 16.79
N ASN G 607 24.12 3.97 17.18
CA ASN G 607 23.65 3.58 18.50
C ASN G 607 24.32 2.25 18.82
N SER G 608 23.97 1.66 19.96
CA SER G 608 24.56 0.39 20.32
C SER G 608 24.18 -0.73 19.38
N LYS G 609 23.18 -0.52 18.55
CA LYS G 609 22.68 -1.56 17.67
C LYS G 609 22.97 -1.34 16.20
N LYS G 610 23.10 -0.09 15.75
CA LYS G 610 23.09 0.22 14.34
C LYS G 610 23.97 1.42 14.02
N VAL G 611 24.36 1.49 12.76
CA VAL G 611 25.05 2.62 12.16
C VAL G 611 24.28 3.03 10.91
N TRP G 612 24.33 4.32 10.58
CA TRP G 612 23.69 4.80 9.36
C TRP G 612 24.27 6.16 8.96
N TYR G 613 23.76 6.67 7.85
CA TYR G 613 24.14 7.95 7.27
C TYR G 613 22.91 8.81 7.03
N GLU G 614 23.13 10.12 7.05
CA GLU G 614 22.13 11.10 6.69
C GLU G 614 22.78 12.20 5.87
N TRP G 615 22.06 12.69 4.86
CA TRP G 615 22.58 13.69 3.97
C TRP G 615 21.50 14.67 3.57
N ALA G 616 21.92 15.88 3.19
CA ALA G 616 21.02 16.94 2.80
C ALA G 616 21.76 17.99 1.99
N VAL G 617 21.04 18.61 1.07
CA VAL G 617 21.53 19.72 0.27
C VAL G 617 21.02 21.02 0.88
N THR G 618 21.91 22.00 0.99
CA THR G 618 21.60 23.32 1.53
C THR G 618 21.55 24.41 0.47
N ALA G 619 22.52 24.41 -0.43
CA ALA G 619 22.62 25.35 -1.52
C ALA G 619 22.72 24.61 -2.84
N PRO G 620 22.20 25.20 -3.93
CA PRO G 620 21.61 26.54 -4.03
C PRO G 620 20.21 26.62 -3.48
N VAL G 621 19.54 25.49 -3.42
CA VAL G 621 18.25 25.37 -2.79
C VAL G 621 18.34 24.27 -1.74
N CYS G 622 17.46 24.34 -0.77
CA CYS G 622 17.46 23.37 0.31
C CYS G 622 16.63 22.15 -0.04
N SER G 623 17.03 21.02 0.51
CA SER G 623 16.29 19.79 0.41
C SER G 623 15.84 19.35 1.79
N ALA G 624 15.21 18.19 1.86
CA ALA G 624 14.94 17.54 3.13
C ALA G 624 16.13 16.72 3.59
N ILE G 625 16.12 16.41 4.87
CA ILE G 625 17.10 15.48 5.44
C ILE G 625 16.69 14.07 5.06
N HIS G 626 17.64 13.34 4.48
CA HIS G 626 17.43 11.98 4.01
C HIS G 626 17.85 10.97 5.08
N ASN G 627 16.93 10.05 5.39
CA ASN G 627 17.09 8.87 6.24
C ASN G 627 17.31 9.20 7.70
N PRO G 628 16.43 9.98 8.32
CA PRO G 628 16.50 10.18 9.76
C PRO G 628 16.22 8.91 10.54
N THR G 629 17.02 8.69 11.58
CA THR G 629 16.95 7.56 12.49
C THR G 629 17.12 6.22 11.80
N GLY G 630 17.67 6.22 10.59
CA GLY G 630 17.83 4.98 9.87
C GLY G 630 16.53 4.33 9.47
N ARG G 631 15.48 5.12 9.27
CA ARG G 631 14.16 4.58 8.95
C ARG G 631 14.10 3.84 7.62
N SER G 632 15.15 3.89 6.81
CA SER G 632 15.12 3.21 5.53
C SER G 632 16.37 2.39 5.26
N TYR G 633 17.49 2.77 5.85
CA TYR G 633 18.73 2.01 5.70
C TYR G 633 19.47 1.99 7.02
N THR G 634 19.83 0.79 7.44
CA THR G 634 20.63 0.57 8.63
C THR G 634 21.68 -0.48 8.35
N ILE G 635 22.82 -0.35 9.00
CA ILE G 635 23.90 -1.32 8.96
C ILE G 635 23.96 -1.97 10.33
N GLY G 636 23.53 -3.23 10.39
CA GLY G 636 23.38 -3.89 11.67
C GLY G 636 24.71 -4.33 12.25
N LEU G 637 24.88 -4.08 13.54
CA LEU G 637 26.04 -4.54 14.26
C LEU G 637 25.92 -6.00 14.66
N ALA H 23 -0.67 4.09 -72.80
CA ALA H 23 -0.81 4.90 -71.57
C ALA H 23 -1.43 4.07 -70.46
N PRO H 24 -1.29 4.55 -69.22
CA PRO H 24 -1.80 3.78 -68.07
C PRO H 24 -3.26 3.37 -68.26
N ALA H 25 -3.66 2.37 -67.49
CA ALA H 25 -5.01 1.82 -67.60
C ALA H 25 -6.00 2.66 -66.79
N CYS H 26 -5.68 2.90 -65.52
CA CYS H 26 -6.52 3.68 -64.64
C CYS H 26 -5.78 4.95 -64.24
N MET H 27 -6.54 5.93 -63.75
CA MET H 27 -5.98 7.16 -63.25
C MET H 27 -6.01 7.18 -61.74
N GLU H 28 -5.08 7.91 -61.16
CA GLU H 28 -5.03 8.09 -59.72
C GLU H 28 -6.19 8.98 -59.27
N ARG H 29 -6.62 8.76 -58.03
CA ARG H 29 -7.85 9.38 -57.56
C ARG H 29 -7.64 10.81 -57.09
N GLN H 30 -6.43 11.17 -56.70
CA GLN H 30 -6.12 12.51 -56.20
C GLN H 30 -5.52 13.33 -57.33
N LEU H 31 -6.18 14.42 -57.68
CA LEU H 31 -5.76 15.31 -58.74
C LEU H 31 -5.24 16.60 -58.12
N GLU H 32 -4.05 17.01 -58.53
CA GLU H 32 -3.36 18.11 -57.87
C GLU H 32 -3.13 19.32 -58.74
N ALA H 33 -2.82 19.16 -60.03
CA ALA H 33 -2.48 20.28 -60.88
C ALA H 33 -3.22 20.24 -62.20
N ALA H 34 -3.52 21.43 -62.73
CA ALA H 34 -4.26 21.60 -63.98
C ALA H 34 -3.82 22.91 -64.63
N ARG H 35 -3.26 22.82 -65.84
CA ARG H 35 -2.71 24.00 -66.51
C ARG H 35 -3.04 24.01 -68.00
N TYR H 36 -3.67 25.08 -68.45
CA TYR H 36 -3.92 25.32 -69.85
C TYR H 36 -2.68 25.86 -70.53
N ARG H 37 -2.51 25.52 -71.79
CA ARG H 37 -1.51 26.14 -72.63
C ARG H 37 -2.19 27.04 -73.66
N SER H 38 -1.37 27.69 -74.48
CA SER H 38 -1.85 28.73 -75.37
C SER H 38 -2.96 28.23 -76.30
N ASP H 39 -2.65 27.20 -77.08
CA ASP H 39 -3.59 26.71 -78.09
C ASP H 39 -4.86 26.10 -77.49
N GLY H 40 -4.95 25.99 -76.17
CA GLY H 40 -6.15 25.51 -75.53
C GLY H 40 -6.06 24.14 -74.89
N ALA H 41 -4.99 23.39 -75.13
CA ALA H 41 -4.88 22.07 -74.55
C ALA H 41 -4.71 22.15 -73.04
N LEU H 42 -4.98 21.03 -72.37
CA LEU H 42 -5.05 20.97 -70.92
C LEU H 42 -4.11 19.90 -70.38
N LEU H 43 -3.36 20.27 -69.35
CA LEU H 43 -2.40 19.41 -68.69
C LEU H 43 -2.92 19.07 -67.29
N LEU H 44 -2.90 17.79 -66.95
CA LEU H 44 -3.37 17.30 -65.67
C LEU H 44 -2.29 16.54 -64.94
N GLY H 45 -2.33 16.61 -63.61
CA GLY H 45 -1.41 15.87 -62.76
C GLY H 45 -2.10 15.16 -61.62
N ALA H 46 -1.78 13.89 -61.41
CA ALA H 46 -2.42 13.08 -60.39
C ALA H 46 -1.39 12.30 -59.59
N SER H 47 -1.78 11.96 -58.36
CA SER H 47 -1.00 11.07 -57.52
C SER H 47 -1.93 10.18 -56.71
N SER H 48 -1.41 9.03 -56.32
CA SER H 48 -2.05 8.15 -55.36
C SER H 48 -1.52 8.45 -53.96
N LEU H 49 -2.44 8.67 -53.02
CA LEU H 49 -2.07 8.97 -51.66
C LEU H 49 -2.54 7.93 -50.66
N SER H 50 -3.30 6.93 -51.08
CA SER H 50 -3.72 5.87 -50.20
C SER H 50 -3.68 4.55 -50.96
N GLY H 51 -3.71 3.48 -50.20
CA GLY H 51 -3.67 2.16 -50.76
C GLY H 51 -2.27 1.61 -50.96
N ARG H 52 -2.21 0.58 -51.80
CA ARG H 52 -1.01 -0.22 -51.92
C ARG H 52 0.17 0.58 -52.48
N CYS H 53 -0.03 1.23 -53.62
CA CYS H 53 1.05 1.89 -54.34
C CYS H 53 0.84 3.40 -54.34
N TRP H 54 1.87 4.12 -53.95
CA TRP H 54 1.87 5.59 -53.93
C TRP H 54 2.76 6.08 -55.07
N ALA H 55 2.14 6.46 -56.19
CA ALA H 55 2.88 6.88 -57.38
C ALA H 55 2.11 7.99 -58.08
N GLY H 56 2.48 8.28 -59.33
CA GLY H 56 1.96 9.42 -60.04
C GLY H 56 1.76 9.17 -61.52
N SER H 57 1.16 10.16 -62.17
CA SER H 57 0.87 10.12 -63.59
C SER H 57 0.61 11.52 -64.13
N LEU H 58 0.91 11.70 -65.41
CA LEU H 58 0.64 12.94 -66.11
C LEU H 58 -0.25 12.68 -67.32
N TRP H 59 -0.94 13.72 -67.77
CA TRP H 59 -1.99 13.58 -68.75
C TRP H 59 -2.14 14.86 -69.56
N LEU H 60 -2.36 14.68 -70.87
CA LEU H 60 -2.68 15.79 -71.77
C LEU H 60 -4.02 15.54 -72.43
N PHE H 61 -4.91 16.53 -72.35
CA PHE H 61 -6.22 16.50 -72.97
C PHE H 61 -6.35 17.68 -73.92
N LYS H 62 -6.45 17.41 -75.22
CA LYS H 62 -6.74 18.46 -76.18
C LYS H 62 -8.18 18.94 -76.07
N ASP H 63 -9.12 18.01 -75.89
CA ASP H 63 -10.50 18.35 -75.56
C ASP H 63 -10.69 18.29 -74.05
N PRO H 64 -10.71 19.43 -73.36
CA PRO H 64 -10.76 19.40 -71.89
C PRO H 64 -12.09 18.96 -71.32
N CYS H 65 -13.17 19.01 -72.08
CA CYS H 65 -14.46 18.60 -71.55
C CYS H 65 -14.61 17.09 -71.50
N ALA H 66 -13.66 16.34 -72.07
CA ALA H 66 -13.65 14.89 -72.00
C ALA H 66 -12.83 14.35 -70.84
N ALA H 67 -12.43 15.20 -69.90
CA ALA H 67 -11.69 14.75 -68.75
C ALA H 67 -12.63 14.52 -67.57
N PRO H 68 -12.24 13.65 -66.63
CA PRO H 68 -11.01 12.89 -66.55
C PRO H 68 -11.14 11.43 -67.00
N ASN H 69 -11.40 11.22 -68.29
CA ASN H 69 -11.56 9.88 -68.84
C ASN H 69 -10.28 9.48 -69.56
N GLU H 70 -9.69 8.36 -69.12
CA GLU H 70 -8.39 7.93 -69.61
C GLU H 70 -8.44 7.40 -71.03
N GLY H 71 -9.62 7.21 -71.60
CA GLY H 71 -9.73 6.65 -72.92
C GLY H 71 -9.74 7.71 -73.99
N PHE H 72 -10.17 8.91 -73.62
CA PHE H 72 -10.28 10.03 -74.56
C PHE H 72 -9.14 11.03 -74.37
N CYS H 73 -8.02 10.57 -73.83
CA CYS H 73 -6.85 11.41 -73.69
C CYS H 73 -6.06 11.42 -75.00
N SER H 74 -5.11 12.35 -75.08
CA SER H 74 -4.21 12.43 -76.21
C SER H 74 -2.82 11.91 -75.89
N ALA H 75 -2.39 12.02 -74.63
CA ALA H 75 -1.13 11.45 -74.21
C ALA H 75 -1.13 11.34 -72.69
N GLY H 76 -0.38 10.37 -72.19
CA GLY H 76 -0.32 10.12 -70.76
C GLY H 76 0.86 9.25 -70.39
N VAL H 77 1.32 9.37 -69.14
CA VAL H 77 2.51 8.67 -68.69
C VAL H 77 2.43 8.47 -67.18
N GLN H 78 3.23 7.53 -66.70
CA GLN H 78 3.23 7.13 -65.29
C GLN H 78 4.56 7.51 -64.67
N THR H 79 4.51 8.13 -63.50
CA THR H 79 5.71 8.53 -62.77
C THR H 79 6.06 7.49 -61.71
N GLU H 80 7.33 7.54 -61.30
CA GLU H 80 7.79 6.68 -60.21
C GLU H 80 7.12 7.03 -58.90
N ALA H 81 6.83 8.30 -58.66
CA ALA H 81 6.40 8.76 -57.36
C ALA H 81 5.35 9.84 -57.56
N GLY H 82 5.04 10.53 -56.47
CA GLY H 82 3.95 11.48 -56.49
C GLY H 82 4.32 12.82 -57.09
N VAL H 83 3.29 13.47 -57.62
CA VAL H 83 3.37 14.79 -58.23
C VAL H 83 2.91 15.80 -57.20
N ALA H 84 3.75 16.80 -56.92
CA ALA H 84 3.38 17.88 -56.01
C ALA H 84 3.08 19.18 -56.74
N ASP H 85 3.67 19.41 -57.91
CA ASP H 85 3.47 20.64 -58.66
C ASP H 85 4.03 20.41 -60.06
N LEU H 86 3.67 21.31 -60.96
CA LEU H 86 4.23 21.24 -62.30
C LEU H 86 3.96 22.54 -63.03
N THR H 87 4.71 22.74 -64.12
CA THR H 87 4.66 23.95 -64.91
C THR H 87 4.85 23.58 -66.38
N TRP H 88 4.19 24.32 -67.25
CA TRP H 88 4.57 24.34 -68.65
C TRP H 88 5.90 25.05 -68.82
N VAL H 89 6.77 24.49 -69.65
CA VAL H 89 8.00 25.15 -70.06
C VAL H 89 7.84 25.57 -71.51
N GLY H 90 7.16 26.68 -71.73
CA GLY H 90 6.90 27.15 -73.06
C GLY H 90 5.80 26.37 -73.76
N GLU H 91 6.20 25.43 -74.61
CA GLU H 91 5.24 24.71 -75.46
C GLU H 91 5.38 23.20 -75.38
N ARG H 92 6.59 22.64 -75.35
CA ARG H 92 6.80 21.21 -75.36
C ARG H 92 7.13 20.63 -73.99
N GLY H 93 7.58 21.45 -73.05
CA GLY H 93 8.20 20.95 -71.84
C GLY H 93 7.27 20.92 -70.65
N ILE H 94 7.54 19.98 -69.76
CA ILE H 94 6.82 19.80 -68.52
C ILE H 94 7.83 19.64 -67.40
N LEU H 95 7.74 20.49 -66.41
CA LEU H 95 8.55 20.40 -65.21
C LEU H 95 7.70 19.88 -64.07
N VAL H 96 8.29 18.99 -63.27
CA VAL H 96 7.56 18.29 -62.23
C VAL H 96 8.34 18.35 -60.93
N ALA H 97 7.66 18.72 -59.86
CA ALA H 97 8.15 18.55 -58.50
C ALA H 97 7.66 17.22 -57.95
N SER H 98 8.52 16.51 -57.23
CA SER H 98 8.31 15.11 -56.93
C SER H 98 8.50 14.79 -55.45
N ASP H 99 7.85 13.70 -55.06
CA ASP H 99 8.00 13.16 -53.71
C ASP H 99 9.43 12.66 -53.46
N SER H 100 10.09 12.18 -54.51
CA SER H 100 11.43 11.65 -54.42
C SER H 100 12.45 12.67 -53.92
N GLY H 101 12.18 13.95 -54.08
CA GLY H 101 13.22 14.94 -53.90
C GLY H 101 13.95 15.27 -55.18
N ALA H 102 13.28 15.11 -56.31
CA ALA H 102 13.88 15.32 -57.61
C ALA H 102 13.09 16.35 -58.41
N VAL H 103 13.80 16.98 -59.35
CA VAL H 103 13.20 17.86 -60.34
C VAL H 103 13.32 17.16 -61.68
N GLU H 104 12.22 17.11 -62.42
CA GLU H 104 12.09 16.23 -63.56
C GLU H 104 11.65 17.03 -64.76
N LEU H 105 12.29 16.79 -65.89
CA LEU H 105 11.92 17.41 -67.15
C LEU H 105 11.47 16.34 -68.12
N TRP H 106 10.28 16.54 -68.69
CA TRP H 106 9.77 15.70 -69.76
C TRP H 106 9.49 16.57 -70.97
N GLU H 107 9.56 15.95 -72.14
CA GLU H 107 9.22 16.61 -73.38
C GLU H 107 8.25 15.75 -74.17
N LEU H 108 7.40 16.41 -74.94
CA LEU H 108 6.47 15.71 -75.80
C LEU H 108 7.14 15.29 -77.10
N ASP H 109 6.62 14.22 -77.67
CA ASP H 109 7.04 13.74 -78.98
C ASP H 109 6.51 14.67 -80.07
N GLU H 110 7.17 14.63 -81.23
CA GLU H 110 6.86 15.53 -82.32
C GLU H 110 5.36 15.66 -82.59
N ASN H 111 4.67 14.53 -82.64
CA ASN H 111 3.24 14.51 -82.96
C ASN H 111 2.36 14.50 -81.72
N GLU H 112 2.94 14.76 -80.55
CA GLU H 112 2.17 14.80 -79.31
C GLU H 112 1.44 13.49 -79.06
N THR H 113 2.15 12.39 -79.28
CA THR H 113 1.62 11.05 -79.07
C THR H 113 2.20 10.38 -77.83
N LEU H 114 3.35 10.82 -77.36
CA LEU H 114 4.00 10.26 -76.20
C LEU H 114 4.53 11.36 -75.30
N ILE H 115 5.04 10.95 -74.15
CA ILE H 115 5.73 11.81 -73.21
C ILE H 115 6.99 11.07 -72.78
N VAL H 116 8.11 11.78 -72.73
CA VAL H 116 9.39 11.16 -72.45
C VAL H 116 10.22 12.04 -71.54
N SER H 117 11.08 11.39 -70.76
CA SER H 117 11.94 12.07 -69.79
C SER H 117 13.17 12.64 -70.46
N LYS H 118 13.51 13.87 -70.10
CA LYS H 118 14.79 14.45 -70.47
C LYS H 118 15.83 14.28 -69.37
N PHE H 119 15.46 14.55 -68.13
CA PHE H 119 16.39 14.36 -67.04
C PHE H 119 15.65 14.22 -65.71
N CYS H 120 16.39 13.74 -64.71
CA CYS H 120 15.87 13.52 -63.37
C CYS H 120 17.03 13.69 -62.40
N LYS H 121 17.12 14.86 -61.77
CA LYS H 121 18.20 15.20 -60.87
C LYS H 121 17.73 15.17 -59.43
N TYR H 122 18.40 14.39 -58.60
CA TYR H 122 18.13 14.30 -57.18
C TYR H 122 19.07 15.26 -56.47
N GLU H 123 18.56 16.41 -56.07
CA GLU H 123 19.35 17.42 -55.38
C GLU H 123 18.74 17.87 -54.07
N HIS H 124 17.45 17.67 -53.85
CA HIS H 124 16.84 17.97 -52.58
C HIS H 124 16.84 16.73 -51.70
N ASP H 125 16.94 16.95 -50.39
CA ASP H 125 17.00 15.88 -49.42
C ASP H 125 15.63 15.59 -48.80
N ASP H 126 14.57 16.02 -49.45
CA ASP H 126 13.21 15.79 -49.00
C ASP H 126 12.27 16.27 -50.10
N ILE H 127 10.98 16.30 -49.78
CA ILE H 127 9.95 16.50 -50.80
C ILE H 127 10.10 17.88 -51.43
N VAL H 128 10.00 17.91 -52.75
CA VAL H 128 9.94 19.18 -53.47
C VAL H 128 8.50 19.65 -53.48
N SER H 129 8.25 20.78 -52.85
CA SER H 129 6.90 21.26 -52.65
C SER H 129 6.43 22.18 -53.76
N THR H 130 7.33 22.95 -54.37
CA THR H 130 6.90 23.98 -55.29
C THR H 130 7.99 24.25 -56.32
N VAL H 131 7.55 24.66 -57.50
CA VAL H 131 8.42 24.92 -58.63
C VAL H 131 7.88 26.11 -59.41
N SER H 132 8.77 26.92 -59.97
CA SER H 132 8.36 28.02 -60.82
C SER H 132 9.43 28.33 -61.85
N VAL H 133 8.98 28.65 -63.05
CA VAL H 133 9.85 29.01 -64.18
C VAL H 133 10.02 30.51 -64.21
N LEU H 134 11.11 30.95 -64.81
CA LEU H 134 11.49 32.35 -64.79
C LEU H 134 11.24 33.02 -66.14
N SER H 135 11.13 34.35 -66.10
CA SER H 135 10.74 35.15 -67.25
C SER H 135 11.36 34.65 -68.54
N SER H 136 12.68 34.46 -68.56
CA SER H 136 13.36 34.14 -69.81
C SER H 136 12.88 32.81 -70.39
N GLY H 137 12.48 31.88 -69.54
CA GLY H 137 12.11 30.55 -70.01
C GLY H 137 13.25 29.57 -70.08
N THR H 138 14.38 29.85 -69.42
CA THR H 138 15.55 29.01 -69.47
C THR H 138 16.02 28.53 -68.12
N GLN H 139 15.60 29.18 -67.04
CA GLN H 139 15.96 28.81 -65.69
C GLN H 139 14.70 28.54 -64.89
N ALA H 140 14.89 28.09 -63.65
CA ALA H 140 13.75 27.80 -62.78
C ALA H 140 14.24 27.69 -61.34
N VAL H 141 13.31 27.87 -60.41
CA VAL H 141 13.58 27.82 -58.99
C VAL H 141 12.71 26.75 -58.35
N SER H 142 13.26 26.09 -57.35
CA SER H 142 12.61 25.00 -56.66
C SER H 142 12.76 25.16 -55.15
N GLY H 143 11.73 24.77 -54.43
CA GLY H 143 11.75 24.82 -52.99
C GLY H 143 11.26 23.51 -52.38
N SER H 144 11.75 23.24 -51.18
CA SER H 144 11.54 21.95 -50.55
C SER H 144 11.17 22.10 -49.08
N LYS H 145 10.82 20.97 -48.50
CA LYS H 145 10.61 20.83 -47.07
C LYS H 145 11.92 20.71 -46.31
N ASP H 146 13.02 20.56 -47.01
CA ASP H 146 14.36 20.58 -46.43
C ASP H 146 14.94 21.98 -46.33
N ILE H 147 14.16 23.00 -46.70
CA ILE H 147 14.46 24.40 -46.37
C ILE H 147 15.38 25.05 -47.40
N CYS H 148 15.85 24.28 -48.38
CA CYS H 148 16.75 24.81 -49.38
C CYS H 148 16.00 25.25 -50.63
N ILE H 149 16.43 26.36 -51.20
CA ILE H 149 15.95 26.85 -52.49
C ILE H 149 17.10 26.76 -53.48
N LYS H 150 16.79 26.35 -54.71
CA LYS H 150 17.78 26.21 -55.74
C LYS H 150 17.33 26.86 -57.03
N VAL H 151 18.30 27.15 -57.89
CA VAL H 151 18.08 27.74 -59.20
C VAL H 151 18.72 26.83 -60.23
N TRP H 152 17.98 26.54 -61.28
CA TRP H 152 18.41 25.60 -62.30
C TRP H 152 18.56 26.31 -63.63
N ASP H 153 19.53 25.85 -64.42
CA ASP H 153 19.64 26.20 -65.82
C ASP H 153 19.19 25.00 -66.63
N LEU H 154 18.07 25.15 -67.32
CA LEU H 154 17.37 24.01 -67.89
C LEU H 154 18.04 23.45 -69.14
N ALA H 155 18.98 24.16 -69.72
CA ALA H 155 19.67 23.67 -70.90
C ALA H 155 20.87 22.80 -70.55
N GLN H 156 21.53 23.08 -69.43
CA GLN H 156 22.73 22.38 -69.03
C GLN H 156 22.47 21.29 -68.01
N GLN H 157 21.33 21.32 -67.33
CA GLN H 157 21.00 20.32 -66.34
C GLN H 157 21.93 20.40 -65.16
N VAL H 158 21.97 21.58 -64.52
CA VAL H 158 22.82 21.81 -63.36
C VAL H 158 22.08 22.72 -62.40
N VAL H 159 22.61 22.80 -61.18
CA VAL H 159 22.15 23.78 -60.20
C VAL H 159 23.16 24.91 -60.19
N LEU H 160 22.69 26.12 -60.42
CA LEU H 160 23.55 27.29 -60.35
C LEU H 160 23.76 27.74 -58.93
N SER H 161 22.77 27.51 -58.07
CA SER H 161 22.75 28.12 -56.75
C SER H 161 21.88 27.30 -55.82
N SER H 162 22.32 27.20 -54.57
CA SER H 162 21.49 26.77 -53.46
C SER H 162 21.50 27.85 -52.40
N TYR H 163 20.32 28.29 -51.99
CA TYR H 163 20.16 29.35 -51.00
C TYR H 163 19.38 28.82 -49.81
N ARG H 164 19.99 28.89 -48.63
CA ARG H 164 19.34 28.49 -47.38
C ARG H 164 19.13 29.74 -46.52
N ALA H 165 18.00 30.41 -46.73
CA ALA H 165 17.65 31.63 -46.04
C ALA H 165 16.55 31.45 -45.02
N HIS H 166 15.50 30.72 -45.39
CA HIS H 166 14.41 30.46 -44.48
C HIS H 166 14.88 29.57 -43.33
N ALA H 167 14.02 29.42 -42.33
CA ALA H 167 14.31 28.60 -41.16
C ALA H 167 13.38 27.41 -41.03
N ALA H 168 12.43 27.24 -41.93
CA ALA H 168 11.52 26.11 -41.89
C ALA H 168 11.13 25.75 -43.31
N GLN H 169 10.04 25.01 -43.44
CA GLN H 169 9.61 24.52 -44.72
C GLN H 169 9.13 25.65 -45.62
N VAL H 170 9.46 25.53 -46.89
CA VAL H 170 9.04 26.49 -47.90
C VAL H 170 7.72 26.03 -48.49
N THR H 171 6.77 26.93 -48.59
CA THR H 171 5.43 26.62 -49.03
C THR H 171 5.16 27.06 -50.46
N CYS H 172 5.66 28.23 -50.86
CA CYS H 172 5.37 28.76 -52.18
C CYS H 172 6.52 29.65 -52.64
N VAL H 173 6.91 29.49 -53.90
CA VAL H 173 7.78 30.41 -54.60
C VAL H 173 7.04 30.90 -55.84
N ALA H 174 7.32 32.14 -56.23
CA ALA H 174 6.64 32.74 -57.38
C ALA H 174 7.63 33.63 -58.13
N ALA H 175 7.71 33.43 -59.43
CA ALA H 175 8.57 34.23 -60.28
C ALA H 175 7.84 35.45 -60.81
N SER H 176 8.61 36.49 -61.09
CA SER H 176 7.99 37.68 -61.63
C SER H 176 7.89 37.59 -63.15
N PRO H 177 6.77 37.99 -63.72
CA PRO H 177 6.58 37.86 -65.17
C PRO H 177 7.31 38.90 -66.00
N HIS H 178 8.02 39.83 -65.38
CA HIS H 178 8.65 40.92 -66.10
C HIS H 178 10.15 40.99 -65.93
N LYS H 179 10.73 40.27 -64.98
CA LYS H 179 12.16 40.28 -64.73
C LYS H 179 12.66 38.86 -64.52
N ASP H 180 13.80 38.56 -65.11
CA ASP H 180 14.37 37.21 -65.10
C ASP H 180 15.32 36.99 -63.93
N SER H 181 15.31 37.86 -62.93
CA SER H 181 16.13 37.68 -61.75
C SER H 181 15.35 37.82 -60.46
N VAL H 182 14.05 38.09 -60.52
CA VAL H 182 13.24 38.39 -59.35
C VAL H 182 12.23 37.28 -59.13
N PHE H 183 12.18 36.76 -57.91
CA PHE H 183 11.11 35.88 -57.49
C PHE H 183 10.76 36.16 -56.03
N LEU H 184 9.73 35.46 -55.55
CA LEU H 184 9.28 35.57 -54.18
C LEU H 184 9.34 34.19 -53.51
N SER H 185 9.29 34.21 -52.18
CA SER H 185 9.34 32.99 -51.40
C SER H 185 8.66 33.19 -50.05
N CYS H 186 7.89 32.19 -49.64
CA CYS H 186 7.24 32.17 -48.35
C CYS H 186 7.52 30.86 -47.63
N SER H 187 7.31 30.86 -46.32
CA SER H 187 7.72 29.75 -45.46
C SER H 187 6.80 29.64 -44.26
N GLU H 188 6.99 28.55 -43.52
CA GLU H 188 6.31 28.32 -42.25
C GLU H 188 7.01 28.98 -41.07
N ASP H 189 8.08 29.70 -41.31
CA ASP H 189 8.71 30.52 -40.28
C ASP H 189 8.14 31.94 -40.23
N ASN H 190 7.22 32.28 -41.12
CA ASN H 190 6.46 33.52 -41.09
C ASN H 190 7.17 34.68 -41.77
N ARG H 191 7.99 34.37 -42.77
CA ARG H 191 8.68 35.38 -43.53
C ARG H 191 8.26 35.34 -45.00
N ILE H 192 8.37 36.49 -45.64
CA ILE H 192 8.20 36.64 -47.08
C ILE H 192 9.39 37.40 -47.60
N LEU H 193 10.13 36.79 -48.52
CA LEU H 193 11.35 37.38 -49.05
C LEU H 193 11.17 37.77 -50.49
N LEU H 194 11.86 38.85 -50.87
CA LEU H 194 12.02 39.26 -52.25
C LEU H 194 13.46 39.01 -52.65
N TRP H 195 13.65 38.40 -53.80
CA TRP H 195 14.97 38.03 -54.27
C TRP H 195 15.36 38.80 -55.54
N ASP H 196 16.65 39.06 -55.65
CA ASP H 196 17.27 39.50 -56.89
C ASP H 196 18.67 38.94 -56.90
N THR H 197 18.90 37.91 -57.71
CA THR H 197 20.19 37.26 -57.76
C THR H 197 21.29 38.16 -58.30
N ARG H 198 20.95 39.30 -58.89
CA ARG H 198 21.98 40.23 -59.33
C ARG H 198 22.82 40.75 -58.17
N CYS H 199 22.25 40.77 -56.98
CA CYS H 199 22.89 41.36 -55.81
C CYS H 199 23.65 40.31 -55.02
N PRO H 200 24.52 40.75 -54.09
CA PRO H 200 25.30 39.80 -53.29
C PRO H 200 24.52 39.28 -52.10
N LYS H 201 23.63 40.11 -51.56
CA LYS H 201 22.62 39.69 -50.59
C LYS H 201 21.27 39.69 -51.27
N PRO H 202 20.83 38.56 -51.82
CA PRO H 202 19.67 38.59 -52.73
C PRO H 202 18.33 38.83 -52.04
N ALA H 203 18.15 38.33 -50.83
CA ALA H 203 16.86 38.34 -50.17
C ALA H 203 16.62 39.62 -49.39
N SER H 204 15.35 40.01 -49.32
CA SER H 204 14.90 41.16 -48.55
C SER H 204 13.52 40.87 -48.00
N GLN H 205 13.27 41.30 -46.77
CA GLN H 205 12.03 41.01 -46.08
C GLN H 205 10.98 42.08 -46.33
N ILE H 206 9.73 41.71 -46.08
CA ILE H 206 8.59 42.59 -46.27
C ILE H 206 7.63 42.51 -45.09
N GLY H 212 1.41 38.30 -38.26
CA GLY H 212 0.11 37.75 -37.87
C GLY H 212 0.04 36.25 -38.02
N TYR H 213 -0.72 35.81 -39.01
CA TYR H 213 -0.86 34.39 -39.32
C TYR H 213 0.10 33.99 -40.43
N LEU H 214 0.25 32.68 -40.59
CA LEU H 214 1.23 32.14 -41.51
C LEU H 214 0.80 32.36 -42.96
N PRO H 215 1.75 32.61 -43.85
CA PRO H 215 1.42 32.72 -45.28
C PRO H 215 1.43 31.39 -46.01
N THR H 216 0.58 31.31 -47.03
CA THR H 216 0.33 30.04 -47.71
C THR H 216 0.46 30.08 -49.23
N SER H 217 0.14 31.21 -49.86
CA SER H 217 0.05 31.26 -51.31
C SER H 217 0.41 32.64 -51.82
N LEU H 218 0.95 32.69 -53.04
CA LEU H 218 1.42 33.93 -53.64
C LEU H 218 1.02 34.03 -55.10
N ALA H 219 1.07 35.26 -55.60
CA ALA H 219 0.79 35.56 -57.00
C ALA H 219 1.14 37.00 -57.33
N TRP H 220 1.94 37.19 -58.38
CA TRP H 220 2.25 38.52 -58.87
C TRP H 220 1.08 39.09 -59.66
N HIS H 221 0.95 40.39 -59.62
CA HIS H 221 0.03 41.07 -60.50
C HIS H 221 0.61 41.11 -61.91
N PRO H 222 -0.15 40.72 -62.94
CA PRO H 222 0.46 40.66 -64.27
C PRO H 222 0.89 42.00 -64.80
N GLN H 223 0.01 43.00 -64.78
CA GLN H 223 0.32 44.32 -65.31
C GLN H 223 1.41 45.00 -64.47
N GLN H 224 1.06 45.39 -63.26
CA GLN H 224 2.02 46.05 -62.38
C GLN H 224 3.23 45.15 -62.13
N SER H 225 4.34 45.78 -61.78
CA SER H 225 5.60 45.09 -61.54
C SER H 225 6.04 45.17 -60.09
N GLU H 226 5.22 45.77 -59.23
CA GLU H 226 5.56 45.93 -57.83
C GLU H 226 4.49 45.36 -56.91
N VAL H 227 3.41 44.83 -57.44
CA VAL H 227 2.26 44.43 -56.65
C VAL H 227 2.10 42.92 -56.70
N PHE H 228 1.55 42.37 -55.63
CA PHE H 228 1.33 40.94 -55.51
C PHE H 228 0.34 40.69 -54.39
N VAL H 229 -0.26 39.50 -54.42
CA VAL H 229 -1.21 39.07 -53.40
C VAL H 229 -0.67 37.85 -52.65
N PHE H 230 -1.12 37.70 -51.41
CA PHE H 230 -0.73 36.58 -50.57
C PHE H 230 -1.91 36.16 -49.70
N GLY H 231 -2.00 34.86 -49.48
CA GLY H 231 -3.05 34.29 -48.64
C GLY H 231 -2.50 33.75 -47.33
N ASP H 232 -3.36 33.65 -46.33
CA ASP H 232 -2.94 33.31 -44.99
C ASP H 232 -3.61 32.03 -44.50
N GLU H 233 -3.03 31.52 -43.41
CA GLU H 233 -3.50 30.30 -42.77
C GLU H 233 -4.96 30.36 -42.35
N ASN H 234 -5.45 31.53 -41.93
CA ASN H 234 -6.74 31.65 -41.28
C ASN H 234 -7.88 31.76 -42.28
N GLY H 235 -7.65 32.44 -43.39
CA GLY H 235 -8.65 32.53 -44.43
C GLY H 235 -8.68 33.87 -45.14
N THR H 236 -7.68 34.70 -44.87
CA THR H 236 -7.68 36.10 -45.26
C THR H 236 -6.73 36.31 -46.44
N VAL H 237 -7.21 37.05 -47.43
CA VAL H 237 -6.41 37.47 -48.58
C VAL H 237 -5.99 38.92 -48.39
N SER H 238 -4.92 39.32 -49.07
CA SER H 238 -4.37 40.64 -48.88
C SER H 238 -3.61 41.07 -50.13
N LEU H 239 -3.76 42.34 -50.47
CA LEU H 239 -3.06 42.95 -51.59
C LEU H 239 -1.96 43.85 -51.07
N VAL H 240 -0.80 43.80 -51.71
CA VAL H 240 0.35 44.55 -51.27
C VAL H 240 1.05 45.26 -52.44
N VAL H 248 -2.26 48.68 -46.27
CA VAL H 248 -2.51 47.67 -47.29
C VAL H 248 -4.00 47.32 -47.32
N LEU H 249 -4.34 46.34 -48.13
CA LEU H 249 -5.70 45.92 -48.38
C LEU H 249 -5.88 44.47 -47.94
N SER H 250 -7.08 44.13 -47.49
CA SER H 250 -7.31 42.81 -46.92
C SER H 250 -8.78 42.44 -47.03
N SER H 251 -9.04 41.13 -47.00
CA SER H 251 -10.39 40.62 -47.06
C SER H 251 -10.42 39.18 -46.57
N ALA H 252 -11.51 38.83 -45.88
CA ALA H 252 -11.72 37.49 -45.35
C ALA H 252 -12.66 36.75 -46.29
N VAL H 253 -12.14 35.73 -46.95
CA VAL H 253 -12.80 35.11 -48.08
C VAL H 253 -13.27 33.70 -47.76
N HIS H 254 -12.46 32.92 -47.06
CA HIS H 254 -12.74 31.53 -46.79
C HIS H 254 -12.72 31.30 -45.29
N SER H 255 -12.91 30.04 -44.91
CA SER H 255 -12.87 29.62 -43.51
C SER H 255 -11.56 28.96 -43.13
N GLN H 256 -10.97 28.19 -44.04
CA GLN H 256 -9.76 27.45 -43.81
C GLN H 256 -8.60 28.08 -44.58
N CYS H 257 -7.61 27.26 -44.91
CA CYS H 257 -6.38 27.76 -45.50
C CYS H 257 -6.55 28.05 -46.97
N VAL H 258 -6.07 29.21 -47.38
CA VAL H 258 -6.02 29.57 -48.78
C VAL H 258 -4.89 28.79 -49.44
N THR H 259 -5.23 28.04 -50.49
CA THR H 259 -4.31 27.12 -51.13
C THR H 259 -3.73 27.66 -52.42
N GLY H 260 -4.41 28.57 -53.10
CA GLY H 260 -3.93 29.08 -54.36
C GLY H 260 -4.56 30.40 -54.73
N LEU H 261 -3.88 31.10 -55.62
CA LEU H 261 -4.34 32.38 -56.13
C LEU H 261 -3.91 32.50 -57.58
N VAL H 262 -4.87 32.79 -58.46
CA VAL H 262 -4.61 32.89 -59.89
C VAL H 262 -5.34 34.09 -60.47
N PHE H 263 -4.67 34.80 -61.37
CA PHE H 263 -5.21 35.98 -62.00
C PHE H 263 -5.78 35.65 -63.36
N SER H 264 -6.86 36.33 -63.72
CA SER H 264 -7.49 36.15 -65.01
C SER H 264 -6.66 36.83 -66.10
N PRO H 265 -6.81 36.38 -67.34
CA PRO H 265 -6.06 36.98 -68.45
C PRO H 265 -6.73 38.22 -69.02
N HIS H 266 -7.65 38.81 -68.27
CA HIS H 266 -8.34 39.99 -68.75
C HIS H 266 -7.38 41.18 -68.81
N SER H 267 -7.74 42.16 -69.62
CA SER H 267 -6.95 43.38 -69.69
C SER H 267 -6.98 44.10 -68.35
N VAL H 268 -8.09 43.95 -67.62
CA VAL H 268 -8.13 44.21 -66.18
C VAL H 268 -8.54 42.90 -65.50
N PRO H 269 -7.68 42.29 -64.69
CA PRO H 269 -7.88 40.90 -64.32
C PRO H 269 -8.72 40.69 -63.08
N PHE H 270 -9.39 39.55 -63.06
CA PHE H 270 -10.03 39.02 -61.86
C PHE H 270 -9.09 38.06 -61.16
N LEU H 271 -9.40 37.78 -59.91
CA LEU H 271 -8.57 36.92 -59.08
C LEU H 271 -9.40 35.76 -58.54
N ALA H 272 -8.99 34.55 -58.89
CA ALA H 272 -9.60 33.33 -58.37
C ALA H 272 -8.90 32.88 -57.09
N SER H 273 -9.70 32.46 -56.12
CA SER H 273 -9.22 32.03 -54.81
C SER H 273 -9.82 30.68 -54.49
N LEU H 274 -8.97 29.74 -54.10
CA LEU H 274 -9.39 28.39 -53.77
C LEU H 274 -8.78 27.96 -52.45
N SER H 275 -9.55 27.19 -51.68
CA SER H 275 -9.26 26.97 -50.29
C SER H 275 -9.40 25.51 -49.94
N GLU H 276 -9.27 25.25 -48.65
CA GLU H 276 -9.37 23.93 -48.06
C GLU H 276 -10.76 23.63 -47.53
N ASP H 277 -11.59 24.66 -47.41
CA ASP H 277 -12.99 24.53 -47.04
C ASP H 277 -13.85 24.01 -48.18
N CYS H 278 -13.22 23.58 -49.27
CA CYS H 278 -13.87 22.96 -50.41
C CYS H 278 -14.64 23.96 -51.26
N SER H 279 -14.30 25.25 -51.20
CA SER H 279 -14.99 26.26 -51.99
C SER H 279 -14.04 27.00 -52.92
N LEU H 280 -14.64 27.71 -53.86
CA LEU H 280 -13.94 28.58 -54.81
C LEU H 280 -14.61 29.94 -54.79
N ALA H 281 -13.84 30.96 -55.13
CA ALA H 281 -14.33 32.33 -55.18
C ALA H 281 -13.55 33.12 -56.21
N VAL H 282 -14.25 34.03 -56.89
CA VAL H 282 -13.65 34.94 -57.85
C VAL H 282 -13.85 36.36 -57.35
N LEU H 283 -12.75 37.11 -57.29
CA LEU H 283 -12.74 38.45 -56.74
C LEU H 283 -12.44 39.47 -57.82
N ASP H 284 -12.91 40.69 -57.60
CA ASP H 284 -12.56 41.80 -58.48
C ASP H 284 -11.36 42.55 -57.91
N SER H 285 -10.98 43.62 -58.58
CA SER H 285 -9.82 44.44 -58.27
C SER H 285 -9.91 45.13 -56.94
N SER H 286 -10.99 44.93 -56.17
CA SER H 286 -11.15 45.56 -54.87
C SER H 286 -11.24 44.56 -53.74
N LEU H 287 -11.01 43.27 -54.02
CA LEU H 287 -11.18 42.21 -53.03
C LEU H 287 -12.63 42.05 -52.63
N SER H 288 -13.53 42.39 -53.55
CA SER H 288 -14.96 42.18 -53.36
C SER H 288 -15.39 40.93 -54.11
N GLU H 289 -16.30 40.18 -53.50
CA GLU H 289 -16.66 38.86 -53.97
C GLU H 289 -17.72 38.96 -55.06
N LEU H 290 -17.52 38.20 -56.13
CA LEU H 290 -18.40 38.21 -57.29
C LEU H 290 -19.01 36.85 -57.58
N PHE H 291 -18.37 35.77 -57.16
CA PHE H 291 -18.81 34.44 -57.50
C PHE H 291 -18.29 33.46 -56.46
N ARG H 292 -19.06 32.41 -56.22
CA ARG H 292 -18.73 31.41 -55.22
C ARG H 292 -19.36 30.09 -55.61
N SER H 293 -18.61 29.01 -55.43
CA SER H 293 -19.01 27.69 -55.88
C SER H 293 -18.75 26.65 -54.79
N GLN H 294 -19.70 25.74 -54.62
CA GLN H 294 -19.60 24.61 -53.69
C GLN H 294 -19.70 23.30 -54.45
N ALA H 295 -19.15 23.28 -55.66
CA ALA H 295 -19.30 22.11 -56.52
C ALA H 295 -18.54 20.91 -56.01
N HIS H 296 -17.44 21.14 -55.31
CA HIS H 296 -16.54 20.05 -54.96
C HIS H 296 -16.88 19.48 -53.60
N ARG H 297 -16.56 18.20 -53.41
CA ARG H 297 -16.79 17.48 -52.18
C ARG H 297 -15.51 17.20 -51.41
N ASP H 298 -14.46 17.95 -51.66
CA ASP H 298 -13.16 17.67 -51.10
C ASP H 298 -12.26 18.85 -51.43
N PHE H 299 -10.97 18.72 -51.17
CA PHE H 299 -10.04 19.82 -51.31
C PHE H 299 -9.87 20.23 -52.78
N VAL H 300 -10.03 21.51 -53.05
CA VAL H 300 -9.74 22.07 -54.37
C VAL H 300 -8.26 22.42 -54.44
N ARG H 301 -7.65 22.08 -55.57
CA ARG H 301 -6.21 22.04 -55.71
C ARG H 301 -5.64 23.02 -56.71
N ASP H 302 -6.38 23.41 -57.74
CA ASP H 302 -5.83 24.27 -58.76
C ASP H 302 -6.93 24.84 -59.63
N ALA H 303 -6.62 25.98 -60.25
CA ALA H 303 -7.51 26.65 -61.17
C ALA H 303 -6.71 27.17 -62.36
N THR H 304 -7.34 27.18 -63.52
CA THR H 304 -6.70 27.65 -64.73
C THR H 304 -7.74 28.29 -65.63
N TRP H 305 -7.43 29.49 -66.13
CA TRP H 305 -8.30 30.21 -67.03
C TRP H 305 -8.02 29.81 -68.46
N SER H 306 -9.08 29.64 -69.23
CA SER H 306 -8.91 29.27 -70.62
C SER H 306 -8.49 30.48 -71.44
N PRO H 307 -7.59 30.31 -72.41
CA PRO H 307 -7.12 31.43 -73.20
C PRO H 307 -8.04 31.77 -74.36
N LEU H 308 -8.85 30.81 -74.81
CA LEU H 308 -9.80 31.08 -75.88
C LEU H 308 -10.94 31.94 -75.36
N ASN H 309 -11.72 31.42 -74.43
CA ASN H 309 -12.81 32.14 -73.80
C ASN H 309 -12.33 32.62 -72.43
N HIS H 310 -12.23 33.93 -72.27
CA HIS H 310 -11.82 34.52 -71.02
C HIS H 310 -12.92 34.53 -69.98
N SER H 311 -14.03 33.86 -70.26
CA SER H 311 -15.15 33.76 -69.33
C SER H 311 -15.18 32.43 -68.60
N LEU H 312 -14.30 31.51 -68.97
CA LEU H 312 -14.35 30.13 -68.52
C LEU H 312 -13.21 29.84 -67.56
N LEU H 313 -13.48 29.01 -66.55
CA LEU H 313 -12.50 28.63 -65.55
C LEU H 313 -12.70 27.18 -65.15
N THR H 314 -11.59 26.46 -65.04
CA THR H 314 -11.59 25.05 -64.70
C THR H 314 -10.91 24.82 -63.36
N THR H 315 -11.39 23.83 -62.62
CA THR H 315 -10.88 23.50 -61.29
C THR H 315 -10.87 22.01 -61.10
N VAL H 316 -9.94 21.53 -60.27
CA VAL H 316 -9.78 20.12 -59.97
C VAL H 316 -9.62 19.94 -58.47
N GLY H 317 -9.64 18.69 -58.06
CA GLY H 317 -9.67 18.39 -56.64
C GLY H 317 -9.45 16.92 -56.38
N TRP H 318 -9.50 16.57 -55.11
CA TRP H 318 -9.22 15.23 -54.63
C TRP H 318 -10.44 14.32 -54.68
N ASP H 319 -11.59 14.84 -55.11
CA ASP H 319 -12.77 14.03 -55.34
C ASP H 319 -12.85 13.47 -56.75
N HIS H 320 -11.85 13.72 -57.58
CA HIS H 320 -11.73 13.22 -58.94
C HIS H 320 -12.65 13.94 -59.91
N GLN H 321 -13.06 15.16 -59.59
CA GLN H 321 -13.90 15.96 -60.47
C GLN H 321 -13.08 16.98 -61.24
N VAL H 322 -13.42 17.13 -62.51
CA VAL H 322 -13.00 18.28 -63.31
C VAL H 322 -14.24 19.11 -63.57
N VAL H 323 -14.32 20.27 -62.93
CA VAL H 323 -15.50 21.13 -62.98
C VAL H 323 -15.19 22.37 -63.81
N HIS H 324 -16.08 22.68 -64.74
CA HIS H 324 -15.95 23.83 -65.61
C HIS H 324 -16.91 24.92 -65.16
N HIS H 325 -16.39 26.12 -64.99
CA HIS H 325 -17.16 27.26 -64.50
C HIS H 325 -17.20 28.33 -65.57
N VAL H 326 -18.40 28.85 -65.83
CA VAL H 326 -18.59 30.00 -66.69
C VAL H 326 -18.83 31.19 -65.77
N VAL H 327 -18.00 32.20 -65.89
CA VAL H 327 -17.90 33.28 -64.92
C VAL H 327 -18.43 34.56 -65.55
N PRO H 328 -19.27 35.33 -64.83
CA PRO H 328 -19.78 36.60 -65.35
C PRO H 328 -18.70 37.66 -65.47
C14 YJG I . -48.18 4.43 35.65
C28 YJG I . -41.55 1.24 40.74
C27 YJG I . -41.88 -0.08 41.01
C16 YJG I . -47.90 3.99 37.03
C01 YJG I . -44.39 -3.98 40.26
C02 YJG I . -44.80 -2.55 40.16
C03 YJG I . -44.45 -1.86 38.98
C04 YJG I . -44.78 -0.53 38.79
C05 YJG I . -45.48 0.18 39.77
C07 YJG I . -45.60 2.37 38.57
C09 YJG I . -46.15 3.77 38.77
C12 YJG I . -45.91 5.11 35.49
C13 YJG I . -47.23 4.96 34.89
C18 YJG I . -45.83 -0.50 40.95
C19 YJG I . -45.49 -1.84 41.14
C23 YJG I . -43.50 -1.89 43.64
C25 YJG I . -42.30 -1.88 42.71
C26 YJG I . -41.94 -0.48 42.34
C29 YJG I . -41.30 2.12 41.79
C30 YJG I . -41.39 1.64 43.08
N06 YJG I . -45.86 1.53 39.66
N10 YJG I . -46.59 4.19 37.45
N11 YJG I . -45.60 4.73 36.68
N23 YJG I . -44.46 -2.96 43.32
N31 YJG I . -41.71 0.36 43.38
O08 YJG I . -45.02 2.08 37.55
O17 YJG I . -48.79 3.48 37.72
O21 YJG I . -46.66 -3.85 42.34
O22 YJG I . -46.63 -1.62 43.48
S20 YJG I . -45.98 -2.61 42.67
CL1 YJG I . -49.78 4.22 35.06
H28 YJG I . -41.54 1.60 39.72
H27 YJG I . -42.08 -0.77 40.20
H013 YJG I . -43.87 -4.19 41.19
H011 YJG I . -43.69 -4.25 39.46
H012 YJG I . -45.26 -4.65 40.16
H03 YJG I . -44.07 -2.41 38.14
H04 YJG I . -44.66 -0.15 37.79
H091 YJG I . -45.37 4.45 39.12
H092 YJG I . -46.98 3.75 39.47
H12 YJG I . -45.32 5.92 35.07
H18 YJG I . -46.32 0.07 41.73
H231 YJG I . -43.16 -2.04 44.67
H232 YJG I . -44.01 -0.91 43.60
H252 YJG I . -42.49 -2.49 41.80
H251 YJG I . -41.45 -2.34 43.22
H29 YJG I . -40.88 3.11 41.58
H30 YJG I . -41.20 2.28 43.92
H06 YJG I . -45.99 2.00 40.55
H23 YJG I . -44.19 -3.93 43.54
C14 YJG J . 22.36 -51.92 -20.42
C28 YJG J . 14.78 -50.46 -24.96
C27 YJG J . 13.88 -51.41 -24.50
C16 YJG J . 21.49 -52.51 -21.46
C01 YJG J . 12.47 -54.69 -21.44
C02 YJG J . 13.85 -54.35 -21.92
C03 YJG J . 14.48 -53.25 -21.31
C04 YJG J . 15.76 -52.84 -21.68
C05 YJG J . 16.46 -53.53 -22.66
C07 YJG J . 18.53 -52.13 -22.62
C09 YJG J . 19.88 -52.04 -23.29
C12 YJG J . 21.60 -49.78 -21.17
C13 YJG J . 22.40 -50.60 -20.25
C18 YJG J . 15.85 -54.63 -23.27
C19 YJG J . 14.55 -55.03 -22.90
C23 YJG J . 12.75 -54.66 -25.51
C25 YJG J . 12.29 -53.29 -25.01
C26 YJG J . 13.27 -52.24 -25.43
C29 YJG J . 15.06 -50.36 -26.32
C30 YJG J . 14.41 -51.23 -27.17
N06 YJG J . 17.76 -53.19 -23.10
N10 YJG J . 20.80 -51.60 -22.25
N11 YJG J . 20.84 -50.25 -22.09
N23 YJG J . 12.54 -55.72 -24.51
N31 YJG J . 13.52 -52.17 -26.76
O08 YJG J . 18.23 -51.34 -21.75
O17 YJG J . 21.44 -53.74 -21.61
O21 YJG J . 13.37 -57.35 -22.71
O22 YJG J . 14.80 -56.90 -24.72
S20 YJG J . 13.86 -56.44 -23.73
CL1 YJG J . 23.26 -52.97 -19.42
H28 YJG J . 15.31 -49.83 -24.26
H27 YJG J . 13.65 -51.50 -23.44
H013 YJG J . 11.78 -54.80 -22.27
H011 YJG J . 12.06 -53.89 -20.82
H012 YJG J . 12.48 -55.61 -20.84
H03 YJG J . 14.04 -52.80 -20.44
H04 YJG J . 16.23 -52.12 -21.03
H091 YJG J . 19.88 -51.31 -24.10
H092 YJG J . 20.18 -53.03 -23.67
H12 YJG J . 22.01 -48.77 -21.33
H18 YJG J . 16.37 -55.13 -24.08
H231 YJG J . 12.18 -54.92 -26.40
H232 YJG J . 13.81 -54.61 -25.80
H252 YJG J . 12.16 -53.28 -23.92
H251 YJG J . 11.31 -53.06 -25.45
H29 YJG J . 15.63 -49.52 -26.70
H30 YJG J . 14.60 -51.20 -28.24
H06 YJG J . 17.96 -53.50 -24.04
H23 YJG J . 11.59 -56.02 -24.32
C14 YJG K . -4.94 47.45 36.45
C28 YJG K . -10.09 49.19 29.34
C27 YJG K . -9.45 50.21 28.65
C16 YJG K . -5.83 48.49 35.89
C01 YJG K . -5.72 52.92 27.73
C02 YJG K . -6.18 52.34 29.03
C03 YJG K . -5.86 51.01 29.29
C04 YJG K . -6.25 50.37 30.47
C05 YJG K . -6.98 51.06 31.43
C07 YJG K . -7.20 49.20 33.09
C09 YJG K . -7.80 48.91 34.45
C12 YJG K . -6.25 45.83 35.30
C13 YJG K . -5.12 46.17 36.16
C18 YJG K . -7.32 52.39 31.18
C19 YJG K . -6.93 53.03 29.99
C23 YJG K . -9.63 53.78 28.48
C25 YJG K . -9.53 52.51 27.64
C26 YJG K . -10.16 51.36 28.38
C29 YJG K . -11.40 49.34 29.74
C30 YJG K . -12.03 50.53 29.44
N06 YJG K . -7.42 50.50 32.64
N10 YJG K . -6.86 48.01 35.09
N11 YJG K . -7.05 46.69 34.78
N23 YJG K . -8.40 54.58 28.42
N31 YJG K . -11.45 51.54 28.76
O08 YJG K . -6.58 48.33 32.49
O17 YJG K . -5.65 49.67 36.16
O21 YJG K . -6.20 55.46 29.40
O22 YJG K . -8.18 55.14 30.91
S20 YJG K . -7.40 54.72 29.76
CL1 YJG K . -3.65 47.96 37.47
H28 YJG K . -9.55 48.28 29.59
H27 YJG K . -8.43 50.09 28.32
H013 YJG K . -6.51 53.43 27.20
H011 YJG K . -5.37 52.13 27.06
H012 YJG K . -4.88 53.61 27.89
H03 YJG K . -5.16 50.50 28.66
H04 YJG K . -5.79 49.42 30.68
H091 YJG K . -8.77 48.42 34.36
H092 YJG K . -7.89 49.84 35.01
H12 YJG K . -6.65 44.82 35.46
H18 YJG K . -7.95 52.92 31.89
H231 YJG K . -10.45 54.39 28.09
H232 YJG K . -9.87 53.51 29.51
H252 YJG K . -8.50 52.27 27.38
H251 YJG K . -10.07 52.65 26.70
H29 YJG K . -11.97 48.50 30.12
H30 YJG K . -13.06 50.71 29.73
H06 YJG K . -8.24 50.96 33.03
H23 YJG K . -8.21 55.12 27.56
C14 YJG L . 30.82 -0.09 -51.60
C28 YJG L . 36.89 -0.07 -45.02
C27 YJG L . 37.48 1.18 -45.06
C16 YJG L . 32.28 -0.09 -51.37
C01 YJG L . 37.65 5.67 -46.45
C02 YJG L . 37.16 4.46 -47.18
C03 YJG L . 35.87 4.02 -46.87
C04 YJG L . 35.31 2.89 -47.49
C05 YJG L . 36.04 2.18 -48.44
C07 YJG L . 34.31 0.45 -48.96
C09 YJG L . 34.10 -0.76 -49.84
C12 YJG L . 30.60 -1.28 -49.55
C13 YJG L . 29.99 -0.65 -50.72
C18 YJG L . 37.33 2.62 -48.75
C19 YJG L . 37.89 3.74 -48.13
C23 YJG L . 40.41 2.67 -46.49
C25 YJG L . 39.57 2.57 -45.22
C26 YJG L . 38.87 1.25 -45.18
C29 YJG L . 37.68 -1.21 -45.11
C30 YJG L . 39.04 -1.05 -45.23
N06 YJG L . 35.56 1.04 -49.12
N10 YJG L . 32.70 -0.72 -50.22
N11 YJG L . 31.87 -1.30 -49.30
N23 YJG L . 40.34 4.00 -47.11
N31 YJG L . 39.65 0.16 -45.26
O08 YJG L . 33.42 0.82 -48.20
O17 YJG L . 33.04 0.45 -52.18
O21 YJG L . 39.51 5.63 -48.91
O22 YJG L . 40.04 3.27 -49.55
S20 YJG L . 39.53 4.22 -48.58
CL1 YJG L . 30.22 0.65 -53.01
H28 YJG L . 35.81 -0.17 -44.99
H27 YJG L . 36.87 2.08 -44.99
H013 YJG L . 38.64 5.51 -46.01
H011 YJG L . 36.98 5.92 -45.61
H012 YJG L . 37.68 6.54 -47.11
H03 YJG L . 35.22 4.63 -46.27
H04 YJG L . 34.26 2.75 -47.34
H091 YJG L . 34.30 -1.69 -49.29
H092 YJG L . 34.74 -0.69 -50.72
H12 YJG L . 30.01 -2.10 -49.13
H18 YJG L . 37.92 2.03 -49.45
H231 YJG L . 41.45 2.47 -46.23
H232 YJG L . 40.08 1.89 -47.20
H252 YJG L . 38.85 3.40 -45.16
H251 YJG L . 40.22 2.65 -44.34
H29 YJG L . 37.25 -2.20 -44.92
H30 YJG L . 39.70 -1.90 -45.30
H06 YJG L . 36.29 0.43 -49.46
H23 YJG L . 40.81 4.77 -46.65
#